data_8OZ5
#
_entry.id   8OZ5
#
_cell.length_a   1.00
_cell.length_b   1.00
_cell.length_c   1.00
_cell.angle_alpha   90.00
_cell.angle_beta   90.00
_cell.angle_gamma   90.00
#
_symmetry.space_group_name_H-M   'P 1'
#
loop_
_entity.id
_entity.type
_entity.pdbx_description
1 polymer 'Phthaloyl-CoA decarboxylase (Pcd)'
2 non-polymer 'hydroxylated prenyl-FMN'
3 non-polymer '2-CN-benzoyl coenzyme A'
4 non-polymer 'FE (III) ION'
5 non-polymer 'POTASSIUM ION'
6 non-polymer 'CALCIUM ION'
7 water water
#
_entity_poly.entity_id   1
_entity_poly.type   'polypeptide(L)'
_entity_poly.pdbx_seq_one_letter_code
;ERVGEKDLRAALEWFRSKGYLVETNKEVNPDLEITGLQKIFDGSLPMLFNNVKDMPHARAITNLFGDIRVVEELFGWENS
LDRVKKVARAIDHPLKPVIIGQDEAPVQEEVLTTDLDVNKWLTAIRHTPLETEMTIGSGISCVVGPYFDGGSHIGYNRMN
FRWGNVGTFQISPGSHMWQVMTEHYKDDEPIPLTMCFGVPPSCTYVAGAGFDYAILPKGCDEIGIAGAIQGSPVRLVKCR
TIDAYTLADAEYVLEGYLHPRDKRYETAESEAADIQGRFHFHPEWAGYMGKAYKAPTFHVTAITMRRRESKPIIFPLGVH
TADDANIDTSVRESAIFALCERLQPGIVQNVHIPYCMTDWGGCIIQVKKRNQIEEGWQRNFLAAILACSQGMRLAIAVSE
DVDIYSMDDIMWCLTTRVNPQTDILNPLPGGRGQTFMPAERMTSGDKQWTASNTQFEGGMGIDATVPYGYESDFHRPVYG
VDLVKPENFFDAKDIDKMKSRMAGWVLSLARTGR
;
_entity_poly.pdbx_strand_id   A,B,C,D,E,F
#
# COMPACT_ATOMS: atom_id res chain seq x y z
N GLU A 1 23.58 3.81 63.62
CA GLU A 1 23.01 4.00 62.29
C GLU A 1 23.90 3.40 61.21
N ARG A 2 24.27 2.14 61.36
CA ARG A 2 25.19 1.51 60.42
C ARG A 2 24.76 0.10 60.04
N VAL A 3 23.47 -0.09 59.73
CA VAL A 3 23.01 -1.39 59.24
C VAL A 3 21.90 -1.20 58.21
N GLY A 4 22.18 -1.59 56.96
CA GLY A 4 21.16 -1.61 55.94
C GLY A 4 20.37 -2.90 56.01
N GLU A 5 19.06 -2.79 55.78
CA GLU A 5 18.19 -3.83 56.28
C GLU A 5 18.22 -5.01 55.30
N LYS A 6 17.66 -4.85 54.11
CA LYS A 6 17.95 -5.71 52.96
C LYS A 6 18.82 -4.95 51.96
N ASP A 7 20.01 -4.57 52.38
CA ASP A 7 20.82 -3.63 51.62
C ASP A 7 21.75 -4.36 50.65
N LEU A 8 22.62 -3.60 50.00
CA LEU A 8 23.57 -4.19 49.05
C LEU A 8 24.59 -5.06 49.75
N ARG A 9 24.99 -4.69 50.96
CA ARG A 9 25.97 -5.47 51.70
C ARG A 9 25.43 -6.84 52.07
N ALA A 10 24.15 -6.91 52.44
CA ALA A 10 23.53 -8.20 52.71
C ALA A 10 23.49 -9.05 51.45
N ALA A 11 23.24 -8.43 50.29
CA ALA A 11 23.27 -9.18 49.04
C ALA A 11 24.67 -9.69 48.75
N LEU A 12 25.69 -8.89 49.04
CA LEU A 12 27.06 -9.34 48.86
C LEU A 12 27.37 -10.52 49.76
N GLU A 13 26.90 -10.47 51.01
CA GLU A 13 27.10 -11.58 51.93
C GLU A 13 26.41 -12.84 51.42
N TRP A 14 25.20 -12.69 50.89
CA TRP A 14 24.49 -13.84 50.35
C TRP A 14 25.22 -14.43 49.15
N PHE A 15 25.71 -13.56 48.26
CA PHE A 15 26.49 -14.02 47.10
C PHE A 15 27.73 -14.78 47.57
N ARG A 16 28.43 -14.25 48.57
CA ARG A 16 29.62 -14.91 49.07
C ARG A 16 29.28 -16.26 49.69
N SER A 17 28.16 -16.34 50.41
CA SER A 17 27.76 -17.61 50.99
C SER A 17 27.38 -18.63 49.92
N LYS A 18 26.77 -18.19 48.83
CA LYS A 18 26.41 -19.09 47.75
C LYS A 18 27.57 -19.40 46.82
N GLY A 19 28.72 -18.77 47.00
CA GLY A 19 29.85 -18.95 46.11
C GLY A 19 29.74 -18.22 44.80
N TYR A 20 28.85 -17.22 44.69
CA TYR A 20 28.63 -16.49 43.46
C TYR A 20 29.45 -15.22 43.37
N LEU A 21 30.26 -14.90 44.38
CA LEU A 21 30.99 -13.65 44.44
C LEU A 21 32.45 -13.89 44.08
N VAL A 22 32.98 -13.04 43.21
CA VAL A 22 34.38 -13.08 42.80
C VAL A 22 35.03 -11.78 43.25
N GLU A 23 35.97 -11.88 44.18
CA GLU A 23 36.66 -10.73 44.75
C GLU A 23 38.07 -10.62 44.20
N THR A 24 38.64 -9.42 44.33
CA THR A 24 40.02 -9.17 43.96
C THR A 24 40.49 -7.92 44.67
N ASN A 25 41.76 -7.93 45.07
CA ASN A 25 42.37 -6.79 45.74
C ASN A 25 43.26 -5.97 44.83
N LYS A 26 43.51 -6.44 43.60
CA LYS A 26 44.28 -5.67 42.65
C LYS A 26 43.57 -4.38 42.32
N GLU A 27 44.32 -3.28 42.24
CA GLU A 27 43.72 -1.99 41.96
C GLU A 27 43.20 -1.95 40.52
N VAL A 28 41.91 -1.70 40.37
CA VAL A 28 41.27 -1.60 39.07
C VAL A 28 41.17 -0.13 38.69
N ASN A 29 41.42 0.16 37.42
CA ASN A 29 41.37 1.53 36.94
C ASN A 29 39.95 1.82 36.44
N PRO A 30 39.29 2.88 36.94
CA PRO A 30 37.95 3.18 36.44
C PRO A 30 37.92 3.57 34.97
N ASP A 31 39.10 3.89 34.42
CA ASP A 31 39.23 4.28 33.02
C ASP A 31 39.50 3.03 32.18
N LEU A 32 38.44 2.50 31.58
CA LEU A 32 38.48 1.44 30.58
C LEU A 32 38.72 0.04 31.14
N GLU A 33 38.94 -0.08 32.44
CA GLU A 33 39.27 -1.40 32.98
C GLU A 33 38.05 -2.08 33.59
N ILE A 34 37.21 -1.33 34.31
CA ILE A 34 36.03 -1.93 34.92
C ILE A 34 35.06 -2.40 33.83
N THR A 35 34.76 -1.53 32.87
CA THR A 35 33.84 -1.93 31.80
C THR A 35 34.48 -2.99 30.91
N GLY A 36 35.80 -2.94 30.72
CA GLY A 36 36.46 -3.98 29.95
C GLY A 36 36.34 -5.34 30.60
N LEU A 37 36.59 -5.43 31.91
CA LEU A 37 36.44 -6.70 32.61
C LEU A 37 34.99 -7.15 32.64
N GLN A 38 34.05 -6.20 32.74
CA GLN A 38 32.65 -6.56 32.74
C GLN A 38 32.24 -7.14 31.38
N LYS A 39 32.77 -6.58 30.30
CA LYS A 39 32.43 -7.10 28.98
C LYS A 39 33.15 -8.41 28.68
N ILE A 40 34.33 -8.62 29.26
CA ILE A 40 35.01 -9.89 29.08
C ILE A 40 34.22 -11.02 29.72
N PHE A 41 33.51 -10.73 30.81
CA PHE A 41 32.68 -11.71 31.50
C PHE A 41 31.21 -11.31 31.45
N ASP A 42 30.74 -10.88 30.29
CA ASP A 42 29.37 -10.41 30.12
C ASP A 42 28.37 -11.49 30.49
N GLY A 43 27.42 -11.14 31.34
CA GLY A 43 26.42 -12.09 31.78
C GLY A 43 26.92 -13.12 32.75
N SER A 44 27.92 -12.77 33.58
CA SER A 44 28.50 -13.73 34.49
C SER A 44 28.32 -13.28 35.94
N LEU A 45 28.98 -13.97 36.87
CA LEU A 45 28.82 -13.71 38.30
C LEU A 45 29.24 -12.28 38.64
N PRO A 46 28.82 -11.80 39.81
CA PRO A 46 29.22 -10.45 40.23
C PRO A 46 30.69 -10.39 40.61
N MET A 47 31.33 -9.28 40.28
CA MET A 47 32.74 -9.04 40.59
C MET A 47 32.84 -7.87 41.55
N LEU A 48 33.60 -8.06 42.62
CA LEU A 48 33.80 -7.03 43.64
C LEU A 48 35.25 -6.59 43.63
N PHE A 49 35.48 -5.32 43.34
CA PHE A 49 36.82 -4.74 43.33
C PHE A 49 37.01 -3.96 44.63
N ASN A 50 37.92 -4.44 45.48
CA ASN A 50 38.13 -3.80 46.78
C ASN A 50 38.99 -2.54 46.68
N ASN A 51 39.80 -2.40 45.65
CA ASN A 51 40.68 -1.27 45.48
C ASN A 51 40.43 -0.61 44.13
N VAL A 52 39.96 0.63 44.15
CA VAL A 52 39.71 1.41 42.94
C VAL A 52 40.75 2.50 42.85
N LYS A 53 41.33 2.66 41.65
CA LYS A 53 42.40 3.62 41.46
C LYS A 53 41.90 5.04 41.70
N ASP A 54 42.62 5.78 42.54
CA ASP A 54 42.32 7.16 42.91
C ASP A 54 41.05 7.30 43.74
N MET A 55 40.54 6.20 44.29
CA MET A 55 39.36 6.22 45.15
C MET A 55 39.61 5.32 46.34
N PRO A 56 40.42 5.78 47.30
CA PRO A 56 40.79 4.91 48.43
C PRO A 56 39.64 4.59 49.36
N HIS A 57 38.51 5.28 49.24
CA HIS A 57 37.38 5.11 50.15
C HIS A 57 36.27 4.27 49.53
N ALA A 58 36.40 3.86 48.27
CA ALA A 58 35.30 3.27 47.54
C ALA A 58 35.63 1.84 47.12
N ARG A 59 34.61 0.99 47.14
CA ARG A 59 34.65 -0.33 46.52
C ARG A 59 33.69 -0.35 45.35
N ALA A 60 34.03 -1.12 44.32
CA ALA A 60 33.23 -1.17 43.11
C ALA A 60 32.81 -2.61 42.85
N ILE A 61 31.50 -2.79 42.62
CA ILE A 61 30.94 -4.09 42.24
C ILE A 61 30.35 -3.94 40.85
N THR A 62 30.44 -5.01 40.06
CA THR A 62 29.95 -5.02 38.70
C THR A 62 29.41 -6.40 38.37
N ASN A 63 28.57 -6.46 37.34
CA ASN A 63 27.90 -7.70 36.94
C ASN A 63 27.01 -8.23 38.06
N LEU A 64 26.43 -7.31 38.84
CA LEU A 64 25.54 -7.70 39.92
C LEU A 64 24.30 -8.40 39.39
N PHE A 65 23.71 -7.86 38.31
CA PHE A 65 22.57 -8.48 37.66
C PHE A 65 22.97 -9.15 36.34
N GLY A 66 24.25 -9.47 36.17
CA GLY A 66 24.71 -10.01 34.90
C GLY A 66 24.10 -11.36 34.57
N ASP A 67 23.95 -12.22 35.57
CA ASP A 67 23.33 -13.53 35.39
C ASP A 67 21.93 -13.47 35.96
N ILE A 68 20.92 -13.66 35.11
CA ILE A 68 19.54 -13.58 35.57
C ILE A 68 19.23 -14.73 36.53
N ARG A 69 19.95 -15.85 36.42
CA ARG A 69 19.70 -16.98 37.31
C ARG A 69 20.06 -16.63 38.76
N VAL A 70 21.21 -15.98 38.96
CA VAL A 70 21.60 -15.63 40.32
C VAL A 70 20.69 -14.55 40.88
N VAL A 71 20.19 -13.66 40.02
CA VAL A 71 19.23 -12.65 40.47
C VAL A 71 17.93 -13.32 40.93
N GLU A 72 17.44 -14.27 40.12
CA GLU A 72 16.22 -14.97 40.49
C GLU A 72 16.41 -15.77 41.77
N GLU A 73 17.60 -16.34 41.97
CA GLU A 73 17.87 -17.06 43.21
C GLU A 73 17.93 -16.10 44.39
N LEU A 74 18.48 -14.90 44.18
CA LEU A 74 18.55 -13.91 45.24
C LEU A 74 17.16 -13.45 45.67
N PHE A 75 16.27 -13.25 44.71
CA PHE A 75 14.92 -12.81 45.02
C PHE A 75 13.95 -13.94 45.26
N GLY A 76 14.39 -15.19 45.15
CA GLY A 76 13.53 -16.31 45.49
C GLY A 76 12.55 -16.71 44.41
N TRP A 77 12.96 -16.64 43.15
CA TRP A 77 12.10 -17.04 42.05
C TRP A 77 12.65 -18.31 41.40
N GLU A 78 11.73 -19.15 40.92
CA GLU A 78 12.10 -20.44 40.37
C GLU A 78 12.72 -20.29 38.97
N ASN A 79 12.12 -19.45 38.13
CA ASN A 79 12.56 -19.29 36.75
C ASN A 79 12.04 -17.95 36.24
N SER A 80 12.27 -17.67 34.96
CA SER A 80 11.93 -16.36 34.41
C SER A 80 10.42 -16.15 34.37
N LEU A 81 9.66 -17.21 34.09
CA LEU A 81 8.21 -17.07 34.05
C LEU A 81 7.65 -16.79 35.43
N ASP A 82 8.15 -17.51 36.44
CA ASP A 82 7.76 -17.23 37.82
C ASP A 82 8.14 -15.82 38.22
N ARG A 83 9.32 -15.36 37.80
CA ARG A 83 9.74 -14.00 38.08
C ARG A 83 8.79 -12.98 37.47
N VAL A 84 8.41 -13.21 36.21
CA VAL A 84 7.52 -12.28 35.51
C VAL A 84 6.16 -12.20 36.22
N LYS A 85 5.60 -13.36 36.57
CA LYS A 85 4.29 -13.36 37.21
C LYS A 85 4.35 -12.74 38.61
N LYS A 86 5.38 -13.08 39.39
CA LYS A 86 5.51 -12.52 40.73
C LYS A 86 5.73 -11.02 40.68
N VAL A 87 6.50 -10.54 39.70
CA VAL A 87 6.74 -9.10 39.61
C VAL A 87 5.50 -8.37 39.15
N ALA A 88 4.68 -8.99 38.29
CA ALA A 88 3.41 -8.38 37.95
C ALA A 88 2.51 -8.26 39.18
N ARG A 89 2.44 -9.34 39.98
CA ARG A 89 1.65 -9.29 41.21
C ARG A 89 2.18 -8.21 42.15
N ALA A 90 3.50 -8.08 42.24
CA ALA A 90 4.08 -7.03 43.08
C ALA A 90 3.74 -5.64 42.55
N ILE A 91 3.69 -5.50 41.23
CA ILE A 91 3.30 -4.22 40.63
C ILE A 91 1.88 -3.88 41.04
N ASP A 92 1.00 -4.88 41.11
CA ASP A 92 -0.36 -4.59 41.52
C ASP A 92 -0.54 -4.48 43.04
N HIS A 93 0.47 -4.81 43.83
CA HIS A 93 0.39 -4.76 45.29
C HIS A 93 1.67 -4.19 45.88
N PRO A 94 1.82 -2.88 45.87
CA PRO A 94 3.04 -2.27 46.43
C PRO A 94 3.01 -2.26 47.96
N LEU A 95 4.21 -2.26 48.54
CA LEU A 95 4.40 -2.12 49.98
C LEU A 95 4.80 -0.68 50.28
N LYS A 96 4.02 0.00 51.10
CA LYS A 96 4.28 1.39 51.41
C LYS A 96 5.63 1.53 52.11
N PRO A 97 6.51 2.42 51.64
CA PRO A 97 7.81 2.57 52.29
C PRO A 97 7.68 3.17 53.67
N VAL A 98 8.60 2.81 54.56
CA VAL A 98 8.61 3.27 55.94
C VAL A 98 9.68 4.35 56.09
N ILE A 99 9.37 5.37 56.90
CA ILE A 99 10.30 6.46 57.15
C ILE A 99 10.97 6.23 58.50
N ILE A 100 12.30 6.34 58.53
CA ILE A 100 13.06 6.16 59.75
C ILE A 100 13.72 7.48 60.13
N GLY A 101 14.27 7.51 61.34
CA GLY A 101 14.86 8.74 61.84
C GLY A 101 16.17 9.08 61.16
N GLN A 102 16.51 10.36 61.16
CA GLN A 102 17.72 10.83 60.53
C GLN A 102 18.99 10.34 61.22
N ASP A 103 18.88 9.81 62.43
CA ASP A 103 20.04 9.38 63.20
C ASP A 103 20.23 7.86 63.15
N GLU A 104 19.37 7.14 62.45
CA GLU A 104 19.53 5.69 62.29
C GLU A 104 19.64 5.28 60.84
N ALA A 105 19.72 6.23 59.91
CA ALA A 105 19.88 5.92 58.50
C ALA A 105 21.34 5.63 58.21
N PRO A 106 21.69 4.43 57.72
CA PRO A 106 23.11 4.14 57.47
C PRO A 106 23.75 5.05 56.44
N VAL A 107 22.97 5.61 55.53
CA VAL A 107 23.53 6.43 54.46
C VAL A 107 23.86 7.84 54.92
N GLN A 108 23.48 8.21 56.14
CA GLN A 108 23.73 9.54 56.66
C GLN A 108 24.73 9.56 57.81
N GLU A 109 25.65 8.60 57.84
CA GLU A 109 26.69 8.61 58.86
C GLU A 109 27.63 9.80 58.65
N GLU A 110 27.91 10.13 57.40
CA GLU A 110 28.74 11.27 57.05
C GLU A 110 27.95 12.21 56.15
N VAL A 111 27.92 13.49 56.50
CA VAL A 111 27.12 14.47 55.80
C VAL A 111 28.06 15.61 55.40
N LEU A 112 28.35 15.71 54.10
CA LEU A 112 29.19 16.78 53.59
C LEU A 112 28.31 17.86 52.96
N THR A 113 28.17 18.98 53.66
CA THR A 113 27.41 20.12 53.16
C THR A 113 28.29 21.17 52.50
N THR A 114 29.60 21.09 52.65
CA THR A 114 30.54 21.89 51.90
C THR A 114 31.50 20.94 51.20
N ASP A 115 32.55 21.52 50.61
CA ASP A 115 33.60 20.80 49.86
C ASP A 115 32.99 19.79 48.89
N LEU A 116 31.93 20.24 48.22
CA LEU A 116 31.13 19.37 47.36
C LEU A 116 31.82 19.20 46.02
N ASP A 117 32.77 18.26 45.97
CA ASP A 117 33.38 17.81 44.72
C ASP A 117 32.89 16.39 44.48
N VAL A 118 31.88 16.24 43.62
CA VAL A 118 31.26 14.94 43.42
C VAL A 118 32.25 13.95 42.82
N ASN A 119 33.07 14.42 41.88
CA ASN A 119 34.01 13.54 41.21
C ASN A 119 35.07 12.99 42.16
N LYS A 120 35.30 13.64 43.29
CA LYS A 120 36.26 13.16 44.27
C LYS A 120 35.72 12.00 45.11
N TRP A 121 34.41 11.93 45.30
CA TRP A 121 33.79 10.88 46.12
C TRP A 121 33.10 9.81 45.31
N LEU A 122 32.39 10.17 44.24
CA LEU A 122 31.71 9.21 43.40
C LEU A 122 32.61 8.80 42.23
N THR A 123 32.68 7.50 41.99
CA THR A 123 33.60 6.97 40.99
C THR A 123 33.02 7.15 39.59
N ALA A 124 33.62 8.03 38.81
CA ALA A 124 33.30 8.16 37.40
C ALA A 124 34.19 7.24 36.59
N ILE A 125 33.64 6.72 35.49
CA ILE A 125 34.31 5.73 34.68
C ILE A 125 34.25 6.14 33.21
N ARG A 126 35.15 5.55 32.42
CA ARG A 126 35.11 5.65 30.98
C ARG A 126 34.85 4.26 30.41
N HIS A 127 33.93 4.18 29.44
CA HIS A 127 33.50 2.88 28.94
C HIS A 127 34.39 2.40 27.81
N THR A 128 34.63 3.25 26.82
CA THR A 128 35.39 2.90 25.63
C THR A 128 36.49 3.92 25.40
N PRO A 129 37.55 3.53 24.69
CA PRO A 129 38.65 4.48 24.44
C PRO A 129 38.23 5.67 23.58
N LEU A 130 37.12 5.57 22.84
CA LEU A 130 36.67 6.66 21.99
C LEU A 130 36.06 7.81 22.77
N GLU A 131 35.79 7.64 24.06
CA GLU A 131 35.20 8.71 24.86
C GLU A 131 36.27 9.67 25.37
N THR A 132 35.83 10.87 25.70
CA THR A 132 36.71 11.91 26.24
C THR A 132 36.46 12.23 27.70
N GLU A 133 35.21 12.11 28.15
CA GLU A 133 34.83 12.44 29.52
C GLU A 133 34.65 11.17 30.34
N MET A 134 34.78 11.32 31.66
CA MET A 134 34.46 10.27 32.61
C MET A 134 33.18 10.66 33.33
N THR A 135 32.16 9.82 33.22
CA THR A 135 30.82 10.15 33.67
C THR A 135 30.40 9.26 34.82
N ILE A 136 29.33 9.67 35.50
CA ILE A 136 28.77 8.94 36.63
C ILE A 136 27.45 8.35 36.19
N GLY A 137 27.40 7.02 36.11
CA GLY A 137 26.19 6.33 35.69
C GLY A 137 25.80 5.23 36.64
N SER A 138 26.01 5.44 37.94
CA SER A 138 25.72 4.43 38.94
C SER A 138 24.59 4.84 39.88
N GLY A 139 24.09 6.06 39.78
CA GLY A 139 23.10 6.58 40.72
C GLY A 139 21.71 6.58 40.11
N ILE A 140 20.71 6.35 40.97
CA ILE A 140 19.31 6.34 40.56
C ILE A 140 18.63 7.56 41.14
N SER A 141 17.87 8.26 40.29
CA SER A 141 17.08 9.39 40.76
C SER A 141 15.98 8.90 41.70
N CYS A 142 15.68 9.72 42.70
CA CYS A 142 14.65 9.36 43.68
C CYS A 142 13.79 10.58 43.97
N VAL A 143 12.54 10.54 43.50
CA VAL A 143 11.58 11.61 43.70
C VAL A 143 10.40 11.02 44.47
N VAL A 144 10.15 11.55 45.67
CA VAL A 144 9.12 11.04 46.56
C VAL A 144 8.27 12.20 47.03
N GLY A 145 6.95 12.02 47.02
CA GLY A 145 6.04 12.96 47.62
C GLY A 145 5.35 13.86 46.62
N PRO A 146 5.35 15.17 46.91
CA PRO A 146 4.52 16.10 46.12
C PRO A 146 4.92 16.21 44.67
N TYR A 147 6.21 16.07 44.35
CA TYR A 147 6.64 16.22 42.97
C TYR A 147 6.34 15.01 42.11
N PHE A 148 5.88 13.92 42.71
CA PHE A 148 5.43 12.77 41.93
C PHE A 148 4.00 12.41 42.29
N ASP A 149 3.19 13.42 42.61
CA ASP A 149 1.77 13.23 42.87
C ASP A 149 1.54 12.28 44.04
N GLY A 150 2.36 12.40 45.07
CA GLY A 150 2.22 11.56 46.24
C GLY A 150 2.76 10.16 46.09
N GLY A 151 3.34 9.83 44.95
CA GLY A 151 3.94 8.51 44.75
C GLY A 151 5.43 8.54 44.96
N SER A 152 6.15 7.67 44.24
CA SER A 152 7.60 7.63 44.33
C SER A 152 8.16 7.12 43.01
N HIS A 153 9.26 7.73 42.58
CA HIS A 153 9.94 7.35 41.35
C HIS A 153 11.40 7.05 41.65
N ILE A 154 11.90 5.98 41.06
CA ILE A 154 13.33 5.67 41.07
C ILE A 154 13.75 5.28 39.67
N GLY A 155 14.87 5.81 39.22
CA GLY A 155 15.36 5.52 37.88
C GLY A 155 16.76 6.05 37.71
N TYR A 156 17.43 5.49 36.70
CA TYR A 156 18.81 5.85 36.43
C TYR A 156 18.88 7.12 35.59
N ASN A 157 19.87 7.95 35.85
CA ASN A 157 20.16 9.13 35.05
C ASN A 157 21.66 9.35 35.03
N ARG A 158 22.22 9.42 33.83
CA ARG A 158 23.66 9.61 33.70
C ARG A 158 24.00 11.08 33.94
N MET A 159 25.04 11.31 34.74
CA MET A 159 25.45 12.65 35.12
C MET A 159 26.92 12.85 34.82
N ASN A 160 27.25 14.05 34.33
CA ASN A 160 28.63 14.44 34.07
C ASN A 160 28.90 15.71 34.87
N PHE A 161 29.61 15.56 35.99
CA PHE A 161 29.90 16.68 36.88
C PHE A 161 31.19 17.36 36.40
N ARG A 162 31.04 18.29 35.47
CA ARG A 162 32.17 19.04 34.94
C ARG A 162 32.19 20.48 35.43
N TRP A 163 31.48 20.78 36.51
CA TRP A 163 31.52 22.09 37.15
C TRP A 163 31.59 21.93 38.66
N GLY A 164 32.28 20.88 39.11
CA GLY A 164 32.51 20.67 40.53
C GLY A 164 31.34 20.04 41.25
N ASN A 165 30.30 20.82 41.52
CA ASN A 165 29.11 20.34 42.20
C ASN A 165 27.87 20.51 41.33
N VAL A 166 28.08 20.84 40.06
CA VAL A 166 27.01 20.97 39.09
C VAL A 166 27.32 20.08 37.90
N GLY A 167 26.38 19.20 37.56
CA GLY A 167 26.57 18.29 36.45
C GLY A 167 25.31 18.18 35.61
N THR A 168 25.49 17.66 34.40
CA THR A 168 24.36 17.44 33.53
C THR A 168 23.50 16.30 34.04
N PHE A 169 22.24 16.29 33.62
CA PHE A 169 21.25 15.32 34.08
C PHE A 169 20.48 14.84 32.86
N GLN A 170 20.81 13.65 32.38
CA GLN A 170 20.21 13.11 31.17
C GLN A 170 18.82 12.56 31.49
N ILE A 171 17.81 13.09 30.79
CA ILE A 171 16.42 12.72 31.01
C ILE A 171 15.84 12.22 29.68
N SER A 172 15.25 11.04 29.71
CA SER A 172 14.62 10.51 28.52
C SER A 172 13.31 11.26 28.28
N PRO A 173 13.08 11.79 27.07
CA PRO A 173 11.79 12.40 26.77
C PRO A 173 10.67 11.38 26.89
N GLY A 174 9.65 11.71 27.69
CA GLY A 174 8.53 10.84 27.94
C GLY A 174 8.60 10.07 29.24
N SER A 175 9.76 9.99 29.86
CA SER A 175 9.93 9.23 31.08
C SER A 175 9.27 9.94 32.26
N HIS A 176 9.37 9.32 33.44
CA HIS A 176 8.79 9.93 34.64
C HIS A 176 9.46 11.26 34.97
N MET A 177 10.79 11.29 34.92
CA MET A 177 11.51 12.53 35.18
C MET A 177 11.15 13.58 34.14
N TRP A 178 10.96 13.17 32.88
CA TRP A 178 10.54 14.11 31.86
C TRP A 178 9.16 14.68 32.18
N GLN A 179 8.25 13.85 32.67
CA GLN A 179 6.91 14.34 33.00
C GLN A 179 6.96 15.30 34.18
N VAL A 180 7.78 14.99 35.18
CA VAL A 180 7.94 15.87 36.33
C VAL A 180 8.53 17.21 35.89
N MET A 181 9.57 17.17 35.07
CA MET A 181 10.19 18.39 34.59
C MET A 181 9.25 19.20 33.71
N THR A 182 8.40 18.53 32.92
CA THR A 182 7.45 19.24 32.09
C THR A 182 6.37 19.90 32.93
N GLU A 183 5.91 19.23 33.99
CA GLU A 183 4.91 19.87 34.85
C GLU A 183 5.47 21.07 35.58
N HIS A 184 6.77 21.09 35.87
CA HIS A 184 7.40 22.16 36.63
C HIS A 184 8.46 22.88 35.79
N TYR A 185 8.28 22.92 34.48
CA TYR A 185 9.26 23.54 33.61
C TYR A 185 9.33 25.05 33.78
N LYS A 186 8.26 25.69 34.22
CA LYS A 186 8.21 27.14 34.33
C LYS A 186 8.03 27.60 35.78
N ASP A 187 8.31 26.72 36.74
CA ASP A 187 8.27 27.16 38.12
C ASP A 187 9.48 28.04 38.44
N ASP A 188 9.41 28.73 39.57
CA ASP A 188 10.51 29.56 40.02
C ASP A 188 11.53 28.75 40.80
N GLU A 189 11.06 27.86 41.68
CA GLU A 189 11.95 27.02 42.46
C GLU A 189 12.40 25.82 41.64
N PRO A 190 13.62 25.34 41.87
CA PRO A 190 14.07 24.11 41.21
C PRO A 190 13.41 22.90 41.84
N ILE A 191 13.57 21.76 41.16
CA ILE A 191 12.99 20.51 41.61
C ILE A 191 13.95 19.84 42.58
N PRO A 192 13.57 19.63 43.84
CA PRO A 192 14.46 18.96 44.79
C PRO A 192 14.40 17.45 44.62
N LEU A 193 15.57 16.85 44.36
CA LEU A 193 15.66 15.42 44.20
C LEU A 193 17.02 14.96 44.71
N THR A 194 17.16 13.65 44.87
CA THR A 194 18.38 13.04 45.35
C THR A 194 18.78 11.88 44.44
N MET A 195 20.08 11.68 44.32
CA MET A 195 20.64 10.55 43.57
C MET A 195 21.26 9.59 44.55
N CYS A 196 20.81 8.34 44.53
CA CYS A 196 21.24 7.32 45.46
C CYS A 196 22.19 6.34 44.76
N PHE A 197 23.23 5.92 45.47
CA PHE A 197 24.24 5.04 44.94
C PHE A 197 24.39 3.82 45.85
N GLY A 198 24.68 2.68 45.24
CA GLY A 198 24.79 1.44 46.00
C GLY A 198 23.51 1.08 46.74
N VAL A 199 22.37 1.19 46.07
CA VAL A 199 21.07 1.00 46.70
C VAL A 199 20.78 -0.48 46.85
N PRO A 200 19.72 -0.87 47.55
CA PRO A 200 19.39 -2.29 47.64
C PRO A 200 19.07 -2.85 46.27
N PRO A 201 19.29 -4.15 46.06
CA PRO A 201 19.09 -4.73 44.73
C PRO A 201 17.67 -4.59 44.21
N SER A 202 16.66 -4.66 45.08
CA SER A 202 15.29 -4.48 44.62
C SER A 202 15.07 -3.08 44.07
N CYS A 203 15.69 -2.07 44.65
CA CYS A 203 15.56 -0.71 44.14
C CYS A 203 16.20 -0.57 42.77
N THR A 204 17.35 -1.23 42.56
CA THR A 204 17.94 -1.26 41.22
C THR A 204 17.01 -1.95 40.23
N TYR A 205 16.47 -3.10 40.63
CA TYR A 205 15.55 -3.85 39.79
C TYR A 205 14.37 -3.00 39.35
N VAL A 206 13.78 -2.24 40.28
CA VAL A 206 12.64 -1.39 39.93
C VAL A 206 13.05 -0.12 39.20
N ALA A 207 14.26 0.40 39.45
CA ALA A 207 14.73 1.56 38.72
C ALA A 207 15.02 1.22 37.27
N GLY A 208 15.30 -0.04 36.97
CA GLY A 208 15.47 -0.44 35.60
C GLY A 208 14.24 -0.27 34.72
N ALA A 209 13.06 -0.23 35.33
CA ALA A 209 11.83 -0.09 34.56
C ALA A 209 11.78 1.26 33.85
N GLY A 210 11.02 1.32 32.77
CA GLY A 210 10.86 2.56 32.04
C GLY A 210 9.94 2.40 30.86
N PHE A 211 9.18 3.45 30.57
CA PHE A 211 8.28 3.49 29.43
C PHE A 211 7.26 2.35 29.49
N ASP A 212 6.63 2.22 30.65
CA ASP A 212 5.56 1.25 30.89
C ASP A 212 4.45 1.93 31.66
N TYR A 213 4.11 3.15 31.24
CA TYR A 213 3.29 4.05 32.05
C TYR A 213 1.81 3.76 31.93
N ALA A 214 1.40 2.82 31.10
CA ALA A 214 0.03 2.31 31.21
C ALA A 214 -0.14 1.45 32.45
N ILE A 215 0.96 0.87 32.95
CA ILE A 215 0.95 0.08 34.16
C ILE A 215 1.55 0.84 35.34
N LEU A 216 2.60 1.62 35.08
CA LEU A 216 3.29 2.41 36.10
C LEU A 216 3.21 3.88 35.74
N PRO A 217 2.02 4.48 35.83
CA PRO A 217 1.87 5.89 35.47
C PRO A 217 2.48 6.81 36.51
N LYS A 218 2.57 8.08 36.16
CA LYS A 218 3.03 9.09 37.10
C LYS A 218 2.11 9.16 38.30
N GLY A 219 2.68 9.08 39.49
CA GLY A 219 1.91 8.97 40.72
C GLY A 219 1.93 7.59 41.33
N CYS A 220 2.47 6.59 40.63
CA CYS A 220 2.59 5.25 41.19
C CYS A 220 3.65 5.24 42.28
N ASP A 221 3.86 4.06 42.87
CA ASP A 221 4.81 3.88 43.96
C ASP A 221 5.85 2.86 43.51
N GLU A 222 6.90 3.35 42.85
CA GLU A 222 7.96 2.46 42.39
C GLU A 222 8.77 1.92 43.56
N ILE A 223 9.02 2.74 44.58
CA ILE A 223 9.69 2.24 45.78
C ILE A 223 8.80 1.22 46.49
N GLY A 224 7.49 1.43 46.45
CA GLY A 224 6.59 0.42 46.98
C GLY A 224 6.68 -0.89 46.20
N ILE A 225 6.85 -0.81 44.89
CA ILE A 225 7.03 -2.01 44.08
C ILE A 225 8.32 -2.70 44.45
N ALA A 226 9.39 -1.94 44.67
CA ALA A 226 10.65 -2.54 45.10
C ALA A 226 10.50 -3.24 46.45
N GLY A 227 9.80 -2.59 47.38
CA GLY A 227 9.57 -3.22 48.68
C GLY A 227 8.77 -4.51 48.55
N ALA A 228 7.73 -4.50 47.71
CA ALA A 228 6.96 -5.71 47.49
C ALA A 228 7.80 -6.80 46.84
N ILE A 229 8.75 -6.41 46.00
CA ILE A 229 9.62 -7.38 45.34
C ILE A 229 10.56 -8.01 46.36
N GLN A 230 11.11 -7.21 47.27
CA GLN A 230 12.03 -7.73 48.28
C GLN A 230 11.31 -8.33 49.48
N GLY A 231 9.99 -8.23 49.55
CA GLY A 231 9.25 -8.85 50.63
C GLY A 231 9.22 -8.06 51.92
N SER A 232 9.59 -6.78 51.87
CA SER A 232 9.56 -5.93 53.06
C SER A 232 9.67 -4.48 52.64
N PRO A 233 9.18 -3.54 53.46
CA PRO A 233 9.17 -2.14 53.05
C PRO A 233 10.57 -1.57 52.93
N VAL A 234 10.76 -0.69 51.94
CA VAL A 234 12.01 0.01 51.76
C VAL A 234 12.04 1.22 52.71
N ARG A 235 13.19 1.44 53.33
CA ARG A 235 13.31 2.49 54.34
C ARG A 235 13.70 3.81 53.69
N LEU A 236 12.98 4.86 54.07
CA LEU A 236 13.25 6.22 53.62
C LEU A 236 13.73 7.06 54.79
N VAL A 237 14.40 8.17 54.47
CA VAL A 237 14.90 9.09 55.48
C VAL A 237 14.85 10.50 54.91
N LYS A 238 14.50 11.44 55.77
CA LYS A 238 14.44 12.84 55.37
C LYS A 238 15.84 13.36 55.05
N CYS A 239 15.95 14.10 53.95
CA CYS A 239 17.23 14.66 53.56
C CYS A 239 17.71 15.69 54.57
N ARG A 240 18.98 16.09 54.44
CA ARG A 240 19.57 17.03 55.38
C ARG A 240 19.39 18.48 54.92
N THR A 241 19.64 18.75 53.64
CA THR A 241 19.66 20.12 53.14
C THR A 241 18.49 20.48 52.26
N ILE A 242 17.67 19.52 51.86
CA ILE A 242 16.53 19.77 50.99
C ILE A 242 15.29 19.13 51.61
N ASP A 243 14.13 19.48 51.06
CA ASP A 243 12.85 18.93 51.51
C ASP A 243 12.51 17.77 50.58
N ALA A 244 13.03 16.60 50.92
CA ALA A 244 12.82 15.40 50.11
C ALA A 244 13.16 14.19 50.96
N TYR A 245 13.15 13.01 50.34
CA TYR A 245 13.49 11.76 51.00
C TYR A 245 14.46 10.98 50.15
N THR A 246 15.19 10.07 50.80
CA THR A 246 16.19 9.25 50.13
C THR A 246 16.09 7.82 50.63
N LEU A 247 16.74 6.91 49.91
CA LEU A 247 16.85 5.54 50.36
C LEU A 247 17.83 5.47 51.53
N ALA A 248 17.32 5.13 52.71
CA ALA A 248 18.15 5.17 53.91
C ALA A 248 19.29 4.16 53.87
N ASP A 249 19.11 3.06 53.13
CA ASP A 249 20.08 1.97 53.11
C ASP A 249 21.02 2.04 51.91
N ALA A 250 21.14 3.21 51.29
CA ALA A 250 22.05 3.38 50.17
C ALA A 250 23.47 3.51 50.70
N GLU A 251 24.44 3.67 49.79
CA GLU A 251 25.83 3.88 50.17
C GLU A 251 26.28 5.33 50.01
N TYR A 252 25.84 6.00 48.95
CA TYR A 252 26.05 7.42 48.77
C TYR A 252 24.72 8.08 48.44
N VAL A 253 24.63 9.37 48.70
CA VAL A 253 23.45 10.15 48.36
C VAL A 253 23.89 11.55 47.98
N LEU A 254 23.37 12.04 46.86
CA LEU A 254 23.59 13.41 46.41
C LEU A 254 22.29 14.19 46.51
N GLU A 255 22.23 15.13 47.43
CA GLU A 255 21.08 16.01 47.56
C GLU A 255 21.32 17.29 46.77
N GLY A 256 20.27 17.76 46.11
CA GLY A 256 20.41 18.94 45.29
C GLY A 256 19.11 19.31 44.61
N TYR A 257 19.22 20.16 43.60
CA TYR A 257 18.07 20.66 42.87
C TYR A 257 18.29 20.50 41.38
N LEU A 258 17.25 20.09 40.67
CA LEU A 258 17.29 19.98 39.22
C LEU A 258 16.77 21.27 38.60
N HIS A 259 17.60 21.88 37.76
CA HIS A 259 17.23 23.14 37.10
C HIS A 259 16.80 22.83 35.67
N PRO A 260 15.51 22.75 35.38
CA PRO A 260 15.07 22.36 34.04
C PRO A 260 15.50 23.33 32.95
N ARG A 261 15.49 24.63 33.22
CA ARG A 261 15.80 25.63 32.22
C ARG A 261 17.29 25.94 32.13
N ASP A 262 18.11 25.37 33.01
CA ASP A 262 19.56 25.58 32.99
C ASP A 262 20.20 24.39 32.29
N LYS A 263 20.22 24.43 30.96
CA LYS A 263 20.73 23.35 30.15
C LYS A 263 22.16 23.64 29.69
N ARG A 264 23.01 22.63 29.79
CA ARG A 264 24.41 22.72 29.37
C ARG A 264 24.78 21.45 28.62
N TYR A 265 25.90 21.52 27.90
CA TYR A 265 26.33 20.40 27.08
C TYR A 265 26.99 19.33 27.95
N GLU A 266 26.87 18.08 27.51
CA GLU A 266 27.36 16.96 28.31
C GLU A 266 28.86 16.77 28.15
N THR A 267 29.43 17.18 27.02
CA THR A 267 30.86 17.06 26.78
C THR A 267 31.43 18.40 26.34
N ALA A 268 32.71 18.60 26.62
CA ALA A 268 33.38 19.84 26.21
C ALA A 268 33.46 19.95 24.70
N GLU A 269 33.63 18.82 24.01
CA GLU A 269 33.75 18.84 22.56
C GLU A 269 32.46 19.32 21.90
N SER A 270 31.33 18.74 22.30
CA SER A 270 30.06 19.16 21.74
C SER A 270 29.71 20.58 22.15
N GLU A 271 30.11 20.98 23.36
CA GLU A 271 29.90 22.35 23.80
C GLU A 271 30.67 23.32 22.91
N ALA A 272 31.90 22.96 22.55
CA ALA A 272 32.70 23.78 21.65
C ALA A 272 32.05 23.85 20.28
N ALA A 273 31.82 22.70 19.65
CA ALA A 273 31.20 22.70 18.33
C ALA A 273 29.74 23.11 18.37
N ASP A 274 29.07 22.96 19.50
CA ASP A 274 27.70 23.48 19.69
C ASP A 274 26.70 22.74 18.81
N ILE A 275 26.76 21.41 18.78
CA ILE A 275 25.77 20.59 18.08
C ILE A 275 25.48 19.38 18.94
N GLN A 276 24.25 18.86 18.84
CA GLN A 276 23.85 17.66 19.55
C GLN A 276 23.72 16.49 18.59
N GLY A 277 23.67 15.28 19.16
CA GLY A 277 23.52 14.09 18.37
C GLY A 277 24.80 13.55 17.77
N ARG A 278 25.91 14.26 17.90
CA ARG A 278 27.21 13.78 17.45
C ARG A 278 28.16 13.83 18.64
N PHE A 279 29.45 13.61 18.37
CA PHE A 279 30.45 13.75 19.43
C PHE A 279 30.21 12.76 20.57
N HIS A 280 30.52 11.49 20.30
CA HIS A 280 30.24 10.32 21.15
C HIS A 280 30.38 10.57 22.65
N PHE A 281 29.44 10.02 23.43
CA PHE A 281 29.41 10.19 24.87
C PHE A 281 29.81 8.90 25.56
N HIS A 282 29.07 7.83 25.30
CA HIS A 282 29.47 6.46 25.63
C HIS A 282 28.39 5.52 25.08
N PRO A 283 28.64 4.21 25.08
CA PRO A 283 27.67 3.28 24.49
C PRO A 283 26.31 3.37 25.18
N GLU A 284 25.26 3.37 24.36
CA GLU A 284 23.88 3.48 24.82
C GLU A 284 23.13 2.15 24.71
N TRP A 285 21.85 2.20 25.08
CA TRP A 285 21.05 0.99 25.25
C TRP A 285 20.76 0.28 23.94
N ALA A 286 20.76 0.99 22.82
CA ALA A 286 20.49 0.37 21.53
C ALA A 286 21.68 -0.41 20.98
N GLY A 287 22.79 -0.48 21.73
CA GLY A 287 23.95 -1.21 21.28
C GLY A 287 24.89 -0.44 20.39
N TYR A 288 24.70 0.87 20.23
CA TYR A 288 25.53 1.69 19.38
C TYR A 288 26.38 2.62 20.22
N MET A 289 27.45 3.13 19.62
CA MET A 289 28.24 4.17 20.27
C MET A 289 27.41 5.42 20.45
N GLY A 290 27.63 6.12 21.55
CA GLY A 290 26.74 7.18 21.96
C GLY A 290 26.98 8.53 21.33
N LYS A 291 26.16 9.48 21.75
CA LYS A 291 26.24 10.87 21.33
C LYS A 291 25.97 11.77 22.54
N ALA A 292 26.36 13.04 22.41
CA ALA A 292 26.22 14.01 23.49
C ALA A 292 25.15 15.04 23.13
N TYR A 293 24.39 15.47 24.14
CA TYR A 293 23.29 16.41 23.97
C TYR A 293 23.37 17.47 25.07
N LYS A 294 22.53 18.48 24.94
CA LYS A 294 22.28 19.40 26.04
C LYS A 294 21.33 18.73 27.04
N ALA A 295 21.44 19.12 28.30
CA ALA A 295 20.65 18.51 29.35
C ALA A 295 20.52 19.49 30.50
N PRO A 296 19.47 19.36 31.30
CA PRO A 296 19.37 20.18 32.51
C PRO A 296 20.49 19.83 33.48
N THR A 297 20.65 20.70 34.47
CA THR A 297 21.76 20.59 35.41
C THR A 297 21.26 20.22 36.80
N PHE A 298 22.06 19.43 37.50
CA PHE A 298 21.79 19.01 38.86
C PHE A 298 22.75 19.72 39.80
N HIS A 299 22.22 20.57 40.66
CA HIS A 299 23.02 21.40 41.55
C HIS A 299 23.09 20.72 42.91
N VAL A 300 24.23 20.09 43.21
CA VAL A 300 24.37 19.34 44.45
C VAL A 300 24.57 20.31 45.61
N THR A 301 23.93 20.00 46.74
CA THR A 301 24.07 20.80 47.95
C THR A 301 24.52 19.99 49.16
N ALA A 302 24.71 18.68 49.02
CA ALA A 302 25.17 17.85 50.13
C ALA A 302 25.51 16.47 49.60
N ILE A 303 26.53 15.87 50.19
CA ILE A 303 26.99 14.53 49.81
C ILE A 303 27.00 13.67 51.06
N THR A 304 25.94 12.89 51.26
CA THR A 304 25.83 11.98 52.39
C THR A 304 26.32 10.60 51.96
N MET A 305 26.88 9.86 52.92
CA MET A 305 27.41 8.54 52.63
C MET A 305 27.60 7.80 53.95
N ARG A 306 27.85 6.50 53.84
CA ARG A 306 28.22 5.69 55.00
C ARG A 306 29.62 6.07 55.48
N ARG A 307 30.02 5.49 56.60
CA ARG A 307 31.33 5.74 57.18
C ARG A 307 32.44 5.40 56.19
N ARG A 308 33.30 6.38 55.92
CA ARG A 308 34.29 6.24 54.86
C ARG A 308 35.31 5.14 55.15
N GLU A 309 35.45 4.73 56.41
CA GLU A 309 36.32 3.60 56.73
C GLU A 309 35.68 2.28 56.35
N SER A 310 34.36 2.24 56.22
CA SER A 310 33.65 1.05 55.77
C SER A 310 33.74 0.86 54.25
N LYS A 311 34.30 1.82 53.53
CA LYS A 311 34.45 1.77 52.08
C LYS A 311 33.12 1.49 51.40
N PRO A 312 32.22 2.47 51.33
CA PRO A 312 30.92 2.26 50.70
C PRO A 312 31.05 1.80 49.25
N ILE A 313 30.13 0.92 48.85
CA ILE A 313 30.20 0.26 47.55
C ILE A 313 29.45 1.08 46.52
N ILE A 314 29.98 1.13 45.31
CA ILE A 314 29.32 1.75 44.17
C ILE A 314 29.21 0.73 43.06
N PHE A 315 28.12 0.83 42.28
CA PHE A 315 27.78 -0.14 41.26
C PHE A 315 27.90 0.49 39.88
N PRO A 316 29.11 0.58 39.32
CA PRO A 316 29.26 1.06 37.94
C PRO A 316 29.12 -0.10 36.96
N LEU A 317 28.44 0.18 35.85
CA LEU A 317 28.18 -0.86 34.87
C LEU A 317 28.14 -0.26 33.47
N GLY A 318 28.73 -0.98 32.53
CA GLY A 318 28.62 -0.59 31.14
C GLY A 318 27.19 -0.72 30.64
N VAL A 319 26.84 0.10 29.66
CA VAL A 319 25.47 0.14 29.19
C VAL A 319 25.14 -1.12 28.39
N HIS A 320 25.95 -1.44 27.38
CA HIS A 320 25.70 -2.60 26.54
C HIS A 320 26.29 -3.84 27.20
N THR A 321 25.59 -4.29 28.24
CA THR A 321 25.96 -5.51 28.95
C THR A 321 24.70 -6.25 29.34
N ALA A 322 24.85 -7.53 29.66
CA ALA A 322 23.72 -8.31 30.15
C ALA A 322 23.19 -7.76 31.47
N ASP A 323 24.06 -7.10 32.23
CA ASP A 323 23.65 -6.48 33.48
C ASP A 323 22.56 -5.43 33.26
N ASP A 324 22.89 -4.40 32.46
CA ASP A 324 21.93 -3.34 32.15
C ASP A 324 20.69 -3.89 31.47
N ALA A 325 20.88 -4.87 30.58
CA ALA A 325 19.76 -5.46 29.87
C ALA A 325 18.78 -6.12 30.83
N ASN A 326 19.30 -6.92 31.78
CA ASN A 326 18.44 -7.51 32.79
C ASN A 326 17.74 -6.44 33.61
N ILE A 327 18.51 -5.46 34.08
CA ILE A 327 18.02 -4.40 34.96
C ILE A 327 16.81 -3.68 34.36
N ASP A 328 16.86 -3.40 33.06
CA ASP A 328 15.71 -2.76 32.43
C ASP A 328 14.61 -3.75 32.03
N THR A 329 14.98 -4.77 31.26
CA THR A 329 13.98 -5.63 30.63
C THR A 329 13.22 -6.49 31.61
N SER A 330 13.69 -6.68 32.85
CA SER A 330 12.93 -7.51 33.77
C SER A 330 11.58 -6.89 34.11
N VAL A 331 11.58 -5.68 34.64
CA VAL A 331 10.31 -5.05 34.95
C VAL A 331 9.58 -4.64 33.67
N ARG A 332 10.31 -4.41 32.57
CA ARG A 332 9.61 -4.21 31.30
C ARG A 332 8.76 -5.43 30.93
N GLU A 333 9.33 -6.63 31.04
CA GLU A 333 8.59 -7.85 30.75
C GLU A 333 7.39 -7.98 31.67
N SER A 334 7.60 -7.72 32.96
CA SER A 334 6.48 -7.86 33.90
C SER A 334 5.35 -6.88 33.59
N ALA A 335 5.69 -5.65 33.19
CA ALA A 335 4.66 -4.67 32.90
C ALA A 335 3.92 -4.99 31.61
N ILE A 336 4.64 -5.49 30.59
CA ILE A 336 3.97 -5.88 29.36
C ILE A 336 3.04 -7.06 29.61
N PHE A 337 3.47 -8.01 30.44
CA PHE A 337 2.59 -9.10 30.83
C PHE A 337 1.35 -8.58 31.54
N ALA A 338 1.52 -7.63 32.46
CA ALA A 338 0.37 -7.08 33.17
C ALA A 338 -0.60 -6.39 32.23
N LEU A 339 -0.08 -5.65 31.24
CA LEU A 339 -0.95 -4.98 30.28
C LEU A 339 -1.73 -5.99 29.46
N CYS A 340 -1.04 -7.03 28.94
CA CYS A 340 -1.72 -8.03 28.14
C CYS A 340 -2.77 -8.78 28.96
N GLU A 341 -2.48 -9.02 30.25
CA GLU A 341 -3.47 -9.67 31.10
C GLU A 341 -4.65 -8.76 31.39
N ARG A 342 -4.43 -7.45 31.48
CA ARG A 342 -5.54 -6.54 31.68
C ARG A 342 -6.45 -6.51 30.45
N LEU A 343 -5.86 -6.49 29.26
CA LEU A 343 -6.67 -6.40 28.05
C LEU A 343 -7.57 -7.63 27.89
N GLN A 344 -6.99 -8.82 28.01
CA GLN A 344 -7.75 -10.06 27.94
C GLN A 344 -6.99 -11.13 28.72
N PRO A 345 -7.46 -11.49 29.91
CA PRO A 345 -6.70 -12.41 30.75
C PRO A 345 -6.70 -13.82 30.19
N GLY A 346 -5.61 -14.54 30.45
CA GLY A 346 -5.49 -15.94 30.12
C GLY A 346 -4.95 -16.25 28.75
N ILE A 347 -4.69 -15.25 27.91
CA ILE A 347 -4.21 -15.50 26.56
C ILE A 347 -2.69 -15.48 26.49
N VAL A 348 -2.06 -14.48 27.11
CA VAL A 348 -0.61 -14.38 27.10
C VAL A 348 -0.04 -15.35 28.12
N GLN A 349 0.88 -16.20 27.69
CA GLN A 349 1.49 -17.20 28.55
C GLN A 349 2.85 -16.78 29.08
N ASN A 350 3.57 -15.93 28.36
CA ASN A 350 4.91 -15.55 28.76
C ASN A 350 5.34 -14.34 27.95
N VAL A 351 6.17 -13.50 28.56
CA VAL A 351 6.75 -12.34 27.90
C VAL A 351 8.25 -12.35 28.15
N HIS A 352 9.02 -12.05 27.11
CA HIS A 352 10.46 -12.09 27.20
C HIS A 352 11.05 -10.97 26.36
N ILE A 353 11.95 -10.20 26.97
CA ILE A 353 12.72 -9.20 26.24
C ILE A 353 14.16 -9.67 26.21
N PRO A 354 14.62 -10.30 25.13
CA PRO A 354 15.98 -10.84 25.10
C PRO A 354 17.01 -9.73 25.09
N TYR A 355 18.24 -10.12 25.46
CA TYR A 355 19.37 -9.20 25.47
C TYR A 355 19.55 -8.56 24.10
N CYS A 356 19.36 -9.32 23.04
CA CYS A 356 19.59 -8.83 21.67
C CYS A 356 18.57 -7.80 21.22
N MET A 357 17.57 -7.47 22.03
CA MET A 357 16.49 -6.61 21.58
C MET A 357 16.47 -5.24 22.24
N THR A 358 17.62 -4.73 22.71
CA THR A 358 17.79 -3.29 22.87
C THR A 358 16.77 -2.65 23.81
N ASP A 359 17.02 -2.75 25.11
CA ASP A 359 16.04 -2.84 26.19
C ASP A 359 14.68 -2.22 25.84
N TRP A 360 14.67 -1.01 25.29
CA TRP A 360 13.43 -0.34 24.89
C TRP A 360 13.07 -0.62 23.44
N GLY A 361 13.73 -1.58 22.79
CA GLY A 361 13.57 -1.76 21.37
C GLY A 361 12.49 -2.74 20.97
N GLY A 362 12.42 -3.90 21.64
CA GLY A 362 11.46 -4.90 21.25
C GLY A 362 11.11 -5.83 22.38
N CYS A 363 10.25 -6.79 22.07
CA CYS A 363 9.80 -7.77 23.05
C CYS A 363 9.22 -8.96 22.31
N ILE A 364 9.00 -10.05 23.04
CA ILE A 364 8.37 -11.25 22.52
C ILE A 364 7.28 -11.68 23.49
N ILE A 365 6.08 -11.89 22.96
CA ILE A 365 4.97 -12.38 23.76
C ILE A 365 4.54 -13.73 23.21
N GLN A 366 4.19 -14.64 24.12
CA GLN A 366 3.74 -15.97 23.77
C GLN A 366 2.27 -16.10 24.11
N VAL A 367 1.44 -16.35 23.11
CA VAL A 367 0.00 -16.38 23.28
C VAL A 367 -0.51 -17.79 23.00
N LYS A 368 -1.58 -18.16 23.70
CA LYS A 368 -2.25 -19.43 23.49
C LYS A 368 -3.73 -19.17 23.26
N LYS A 369 -4.21 -19.46 22.06
CA LYS A 369 -5.61 -19.26 21.71
C LYS A 369 -6.41 -20.48 22.15
N ARG A 370 -7.39 -20.26 23.02
CA ARG A 370 -8.15 -21.37 23.59
C ARG A 370 -9.35 -21.74 22.74
N ASN A 371 -9.87 -20.81 21.94
CA ASN A 371 -11.02 -21.09 21.09
C ASN A 371 -11.00 -20.10 19.93
N GLN A 372 -11.95 -20.27 19.02
CA GLN A 372 -12.01 -19.44 17.83
C GLN A 372 -12.34 -17.98 18.13
N ILE A 373 -13.02 -17.70 19.25
CA ILE A 373 -13.36 -16.33 19.61
C ILE A 373 -12.16 -15.55 20.13
N GLU A 374 -11.03 -16.22 20.37
CA GLU A 374 -9.82 -15.55 20.81
C GLU A 374 -8.83 -15.30 19.69
N GLU A 375 -9.11 -15.78 18.49
CA GLU A 375 -8.23 -15.52 17.35
C GLU A 375 -8.23 -14.04 17.02
N GLY A 376 -7.04 -13.45 16.92
CA GLY A 376 -6.90 -12.04 16.66
C GLY A 376 -6.48 -11.22 17.86
N TRP A 377 -6.54 -11.77 19.07
CA TRP A 377 -6.12 -11.02 20.24
C TRP A 377 -4.63 -10.72 20.23
N GLN A 378 -3.84 -11.54 19.56
CA GLN A 378 -2.40 -11.27 19.50
C GLN A 378 -2.12 -9.96 18.77
N ARG A 379 -2.98 -9.60 17.81
CA ARG A 379 -2.77 -8.35 17.09
C ARG A 379 -3.15 -7.15 17.96
N ASN A 380 -4.23 -7.27 18.73
CA ASN A 380 -4.54 -6.24 19.72
C ASN A 380 -3.40 -6.08 20.71
N PHE A 381 -2.82 -7.20 21.17
CA PHE A 381 -1.72 -7.15 22.11
C PHE A 381 -0.51 -6.45 21.49
N LEU A 382 -0.18 -6.80 20.24
CA LEU A 382 0.96 -6.19 19.58
C LEU A 382 0.76 -4.69 19.41
N ALA A 383 -0.43 -4.28 18.95
CA ALA A 383 -0.69 -2.86 18.76
C ALA A 383 -0.64 -2.11 20.09
N ALA A 384 -1.24 -2.68 21.13
CA ALA A 384 -1.23 -2.02 22.44
C ALA A 384 0.18 -1.93 23.00
N ILE A 385 1.00 -2.96 22.80
CA ILE A 385 2.37 -2.93 23.30
C ILE A 385 3.18 -1.88 22.55
N LEU A 386 3.01 -1.82 21.23
CA LEU A 386 3.77 -0.83 20.46
C LEU A 386 3.33 0.59 20.78
N ALA A 387 2.05 0.78 21.08
CA ALA A 387 1.56 2.12 21.37
C ALA A 387 1.83 2.58 22.80
N CYS A 388 1.80 1.66 23.76
CA CYS A 388 1.97 2.02 25.17
C CYS A 388 3.42 1.89 25.64
N SER A 389 4.33 1.49 24.77
CA SER A 389 5.75 1.43 25.07
C SER A 389 6.45 2.30 24.04
N GLN A 390 6.72 3.54 24.41
CA GLN A 390 7.18 4.57 23.48
C GLN A 390 8.46 4.17 22.79
N GLY A 391 8.45 4.21 21.46
CA GLY A 391 9.65 3.94 20.69
C GLY A 391 9.99 2.48 20.51
N MET A 392 9.15 1.57 20.97
CA MET A 392 9.39 0.15 20.73
C MET A 392 9.31 -0.13 19.23
N ARG A 393 10.32 -0.83 18.72
CA ARG A 393 10.47 -0.98 17.28
C ARG A 393 10.02 -2.33 16.75
N LEU A 394 10.08 -3.39 17.56
CA LEU A 394 9.80 -4.73 17.05
C LEU A 394 9.17 -5.57 18.13
N ALA A 395 7.86 -5.80 18.03
CA ALA A 395 7.15 -6.72 18.91
C ALA A 395 6.76 -7.95 18.12
N ILE A 396 7.01 -9.13 18.70
CA ILE A 396 6.76 -10.39 18.04
C ILE A 396 5.86 -11.24 18.92
N ALA A 397 4.84 -11.84 18.32
CA ALA A 397 3.94 -12.75 19.00
C ALA A 397 4.14 -14.15 18.43
N VAL A 398 4.27 -15.13 19.31
CA VAL A 398 4.49 -16.52 18.92
C VAL A 398 3.52 -17.40 19.70
N SER A 399 3.38 -18.64 19.23
CA SER A 399 2.46 -19.59 19.83
C SER A 399 3.13 -20.33 20.99
N GLU A 400 2.36 -21.20 21.64
CA GLU A 400 2.82 -21.86 22.86
C GLU A 400 3.78 -23.02 22.60
N ASP A 401 3.94 -23.45 21.35
CA ASP A 401 4.89 -24.51 21.01
C ASP A 401 6.24 -23.94 20.59
N VAL A 402 6.60 -22.79 21.15
CA VAL A 402 7.79 -22.05 20.77
C VAL A 402 8.61 -21.80 22.01
N ASP A 403 9.93 -21.94 21.89
CA ASP A 403 10.84 -21.64 22.99
C ASP A 403 11.13 -20.14 22.96
N ILE A 404 10.51 -19.39 23.87
CA ILE A 404 10.59 -17.94 23.82
C ILE A 404 11.98 -17.42 24.13
N TYR A 405 12.83 -18.24 24.75
CA TYR A 405 14.16 -17.80 25.14
C TYR A 405 15.23 -18.09 24.10
N SER A 406 14.88 -18.77 23.01
CA SER A 406 15.82 -19.12 21.96
C SER A 406 15.59 -18.20 20.76
N MET A 407 16.60 -17.41 20.41
CA MET A 407 16.46 -16.56 19.23
C MET A 407 16.42 -17.37 17.96
N ASP A 408 17.04 -18.55 17.94
CA ASP A 408 16.94 -19.43 16.79
C ASP A 408 15.50 -19.89 16.58
N ASP A 409 14.79 -20.20 17.67
CA ASP A 409 13.42 -20.66 17.54
C ASP A 409 12.51 -19.52 17.09
N ILE A 410 12.80 -18.30 17.55
CA ILE A 410 12.07 -17.13 17.08
C ILE A 410 12.32 -16.90 15.60
N MET A 411 13.57 -17.06 15.16
CA MET A 411 13.86 -16.92 13.74
C MET A 411 13.17 -17.99 12.91
N TRP A 412 13.05 -19.20 13.45
CA TRP A 412 12.30 -20.24 12.77
C TRP A 412 10.82 -19.86 12.63
N CYS A 413 10.24 -19.30 13.70
CA CYS A 413 8.87 -18.83 13.64
C CYS A 413 8.71 -17.73 12.59
N LEU A 414 9.68 -16.81 12.54
CA LEU A 414 9.65 -15.74 11.55
C LEU A 414 9.72 -16.31 10.14
N THR A 415 10.50 -17.37 9.96
CA THR A 415 10.68 -17.94 8.62
C THR A 415 9.43 -18.70 8.16
N THR A 416 8.78 -19.40 9.08
CA THR A 416 7.75 -20.33 8.65
C THR A 416 6.32 -19.90 8.99
N ARG A 417 6.13 -18.94 9.88
CA ARG A 417 4.79 -18.64 10.36
C ARG A 417 4.36 -17.18 10.14
N VAL A 418 5.04 -16.45 9.26
CA VAL A 418 4.74 -15.04 9.03
C VAL A 418 4.30 -14.87 7.58
N ASN A 419 3.06 -14.44 7.39
CA ASN A 419 2.58 -14.01 6.08
C ASN A 419 3.03 -12.57 5.88
N PRO A 420 3.96 -12.29 4.97
CA PRO A 420 4.49 -10.92 4.86
C PRO A 420 3.46 -9.90 4.41
N GLN A 421 2.32 -10.34 3.86
CA GLN A 421 1.32 -9.41 3.38
C GLN A 421 0.28 -9.05 4.42
N THR A 422 0.13 -9.85 5.47
CA THR A 422 -0.90 -9.60 6.48
C THR A 422 -0.41 -9.69 7.91
N ASP A 423 0.77 -10.26 8.16
CA ASP A 423 1.22 -10.55 9.51
C ASP A 423 2.25 -9.54 10.03
N ILE A 424 2.48 -8.46 9.33
CA ILE A 424 3.45 -7.45 9.74
C ILE A 424 2.69 -6.16 9.99
N LEU A 425 2.52 -5.80 11.25
CA LEU A 425 1.80 -4.59 11.62
C LEU A 425 2.73 -3.39 11.64
N ASN A 426 2.20 -2.25 11.21
CA ASN A 426 2.89 -0.96 11.29
C ASN A 426 1.91 0.03 11.89
N PRO A 427 1.69 -0.04 13.20
CA PRO A 427 0.49 0.60 13.78
C PRO A 427 0.53 2.12 13.77
N LEU A 428 1.63 2.74 14.18
CA LEU A 428 1.65 4.18 14.47
C LEU A 428 2.84 4.84 13.78
N PRO A 429 2.80 4.95 12.45
CA PRO A 429 3.81 5.74 11.75
C PRO A 429 3.66 7.22 12.07
N GLY A 430 4.79 7.85 12.39
CA GLY A 430 4.77 9.24 12.78
C GLY A 430 4.53 9.51 14.24
N GLY A 431 4.49 8.47 15.07
CA GLY A 431 4.36 8.64 16.50
C GLY A 431 5.67 8.97 17.16
N ARG A 432 5.68 8.87 18.49
CA ARG A 432 6.88 9.13 19.26
C ARG A 432 7.82 7.93 19.23
N GLY A 433 9.10 8.19 19.00
CA GLY A 433 10.10 7.15 19.00
C GLY A 433 11.16 7.39 20.05
N GLN A 434 12.32 6.76 19.90
CA GLN A 434 13.45 6.94 20.80
C GLN A 434 14.58 7.57 20.01
N THR A 435 15.09 8.71 20.50
CA THR A 435 16.11 9.44 19.77
C THR A 435 17.42 8.65 19.69
N PHE A 436 17.65 7.76 20.63
CA PHE A 436 18.92 7.03 20.68
C PHE A 436 18.99 5.89 19.66
N MET A 437 17.92 5.62 18.92
CA MET A 437 17.99 4.64 17.85
C MET A 437 18.53 5.33 16.59
N PRO A 438 19.67 4.89 16.06
CA PRO A 438 20.24 5.58 14.88
C PRO A 438 19.34 5.54 13.67
N ALA A 439 18.58 4.46 13.49
CA ALA A 439 17.65 4.39 12.36
C ALA A 439 16.58 5.47 12.46
N GLU A 440 16.16 5.79 13.69
CA GLU A 440 15.19 6.85 13.89
C GLU A 440 15.85 8.22 13.84
N ARG A 441 17.01 8.34 14.50
CA ARG A 441 17.70 9.62 14.57
C ARG A 441 18.18 10.09 13.21
N MET A 442 18.44 9.18 12.28
CA MET A 442 18.86 9.57 10.94
C MET A 442 17.72 10.16 10.12
N THR A 443 16.48 10.05 10.60
CA THR A 443 15.34 10.69 9.94
C THR A 443 15.30 12.20 10.16
N SER A 444 16.19 12.73 11.00
CA SER A 444 16.27 14.18 11.19
C SER A 444 16.71 14.88 9.92
N GLY A 445 17.41 14.19 9.03
CA GLY A 445 17.85 14.80 7.79
C GLY A 445 18.98 15.78 7.98
N ASP A 446 18.71 17.06 7.69
CA ASP A 446 19.70 18.12 7.85
C ASP A 446 19.44 18.98 9.07
N LYS A 447 18.51 18.59 9.93
CA LYS A 447 18.22 19.30 11.16
C LYS A 447 19.10 18.77 12.30
N GLN A 448 18.93 19.35 13.49
CA GLN A 448 19.59 18.81 14.66
C GLN A 448 19.07 17.41 14.96
N TRP A 449 19.99 16.49 15.23
CA TRP A 449 19.63 15.08 15.46
C TRP A 449 19.23 14.90 16.93
N THR A 450 18.09 15.49 17.27
CA THR A 450 17.52 15.42 18.61
C THR A 450 16.11 14.84 18.53
N ALA A 451 15.44 14.80 19.68
CA ALA A 451 14.08 14.29 19.73
C ALA A 451 13.07 15.23 19.09
N SER A 452 13.45 16.46 18.80
CA SER A 452 12.53 17.41 18.17
C SER A 452 12.45 17.24 16.66
N ASN A 453 13.36 16.47 16.06
CA ASN A 453 13.41 16.34 14.62
C ASN A 453 13.29 14.91 14.11
N THR A 454 13.43 13.91 14.98
CA THR A 454 13.30 12.54 14.52
C THR A 454 11.86 12.25 14.12
N GLN A 455 11.70 11.30 13.20
CA GLN A 455 10.38 10.90 12.71
C GLN A 455 10.28 9.37 12.79
N PHE A 456 9.50 8.89 13.75
CA PHE A 456 9.34 7.47 13.96
C PHE A 456 8.69 6.80 12.77
N GLU A 457 9.15 5.59 12.45
CA GLU A 457 8.64 4.85 11.30
C GLU A 457 7.37 4.06 11.62
N GLY A 458 7.00 3.93 12.89
CA GLY A 458 5.74 3.34 13.27
C GLY A 458 5.85 2.02 13.98
N GLY A 459 7.05 1.49 14.15
CA GLY A 459 7.22 0.20 14.79
C GLY A 459 6.85 -0.94 13.87
N MET A 460 7.09 -2.15 14.36
CA MET A 460 6.87 -3.35 13.56
C MET A 460 6.33 -4.44 14.47
N GLY A 461 5.07 -4.78 14.30
CA GLY A 461 4.48 -5.88 15.02
C GLY A 461 4.33 -7.10 14.14
N ILE A 462 5.01 -8.19 14.50
CA ILE A 462 5.04 -9.40 13.69
C ILE A 462 4.19 -10.46 14.37
N ASP A 463 3.12 -10.86 13.70
CA ASP A 463 2.22 -11.90 14.21
C ASP A 463 2.70 -13.24 13.65
N ALA A 464 3.59 -13.89 14.38
CA ALA A 464 4.12 -15.19 13.99
C ALA A 464 3.42 -16.33 14.71
N THR A 465 2.15 -16.16 15.05
CA THR A 465 1.39 -17.19 15.73
C THR A 465 0.71 -18.11 14.71
N VAL A 466 0.31 -19.28 15.18
CA VAL A 466 -0.43 -20.24 14.37
C VAL A 466 -1.90 -19.87 14.38
N PRO A 467 -2.57 -19.81 13.23
CA PRO A 467 -4.00 -19.53 13.22
C PRO A 467 -4.77 -20.63 13.94
N TYR A 468 -5.81 -20.23 14.67
CA TYR A 468 -6.60 -21.21 15.42
C TYR A 468 -7.30 -22.16 14.47
N GLY A 469 -7.31 -23.44 14.82
CA GLY A 469 -7.87 -24.47 13.98
C GLY A 469 -6.92 -25.08 12.98
N TYR A 470 -5.69 -24.58 12.90
CA TYR A 470 -4.67 -25.13 12.02
C TYR A 470 -3.49 -25.65 12.82
N GLU A 471 -3.74 -26.02 14.08
CA GLU A 471 -2.66 -26.51 14.94
C GLU A 471 -2.13 -27.86 14.50
N SER A 472 -2.91 -28.62 13.74
CA SER A 472 -2.43 -29.90 13.24
C SER A 472 -1.50 -29.71 12.04
N ASP A 473 -1.76 -28.69 11.22
CA ASP A 473 -0.91 -28.44 10.07
C ASP A 473 0.38 -27.74 10.45
N PHE A 474 0.38 -26.96 11.54
CA PHE A 474 1.56 -26.27 12.03
C PHE A 474 2.20 -27.00 13.20
N HIS A 475 2.10 -28.33 13.22
CA HIS A 475 2.56 -29.10 14.36
C HIS A 475 4.03 -29.48 14.20
N ARG A 476 4.87 -29.03 15.14
CA ARG A 476 6.25 -29.47 15.27
C ARG A 476 6.28 -30.82 15.98
N PRO A 477 6.45 -31.93 15.25
CA PRO A 477 5.79 -33.16 15.68
C PRO A 477 6.22 -33.72 17.03
N VAL A 478 7.33 -34.48 17.07
CA VAL A 478 8.18 -34.67 18.24
C VAL A 478 9.18 -35.75 17.81
N TYR A 479 10.41 -35.68 18.30
CA TYR A 479 11.22 -36.87 18.14
C TYR A 479 11.23 -37.67 19.43
N GLY A 480 11.39 -38.98 19.31
CA GLY A 480 11.31 -39.88 20.44
C GLY A 480 12.54 -39.82 21.34
N VAL A 481 12.80 -38.65 21.93
CA VAL A 481 13.97 -38.48 22.79
C VAL A 481 13.74 -39.01 24.20
N ASP A 482 12.51 -39.34 24.55
CA ASP A 482 12.19 -39.90 25.86
C ASP A 482 11.99 -41.42 25.81
N LEU A 483 11.96 -42.00 24.61
CA LEU A 483 11.70 -43.41 24.43
C LEU A 483 12.96 -44.26 24.36
N VAL A 484 14.13 -43.63 24.34
CA VAL A 484 15.40 -44.33 24.23
C VAL A 484 16.37 -43.72 25.23
N LYS A 485 17.22 -44.57 25.81
CA LYS A 485 18.16 -44.12 26.82
C LYS A 485 19.58 -44.30 26.31
N PRO A 486 20.37 -43.23 26.23
CA PRO A 486 21.72 -43.34 25.66
C PRO A 486 22.64 -44.25 26.46
N GLU A 487 22.35 -44.46 27.76
CA GLU A 487 23.20 -45.32 28.56
C GLU A 487 23.13 -46.77 28.09
N ASN A 488 22.01 -47.17 27.48
CA ASN A 488 21.89 -48.54 26.99
C ASN A 488 22.78 -48.79 25.79
N PHE A 489 23.21 -47.73 25.10
CA PHE A 489 23.96 -47.87 23.85
C PHE A 489 25.42 -47.46 23.98
N PHE A 490 25.70 -46.37 24.69
CA PHE A 490 27.06 -45.87 24.85
C PHE A 490 27.41 -45.76 26.32
N ASP A 491 28.70 -45.63 26.59
CA ASP A 491 29.19 -45.41 27.95
C ASP A 491 29.16 -43.91 28.27
N ALA A 492 29.46 -43.60 29.54
CA ALA A 492 29.34 -42.23 30.00
C ALA A 492 30.33 -41.32 29.30
N LYS A 493 31.51 -41.86 28.96
CA LYS A 493 32.56 -41.07 28.35
C LYS A 493 32.14 -40.54 26.98
N ASP A 494 31.60 -41.42 26.13
CA ASP A 494 31.17 -40.99 24.80
C ASP A 494 29.97 -40.07 24.87
N ILE A 495 29.08 -40.32 25.83
CA ILE A 495 27.90 -39.46 26.00
C ILE A 495 28.34 -38.06 26.39
N ASP A 496 29.30 -37.94 27.31
CA ASP A 496 29.80 -36.62 27.68
C ASP A 496 30.51 -35.94 26.53
N LYS A 497 31.25 -36.69 25.71
CA LYS A 497 31.88 -36.08 24.54
C LYS A 497 30.83 -35.49 23.60
N MET A 498 29.84 -36.32 23.22
CA MET A 498 28.81 -35.86 22.30
C MET A 498 28.03 -34.69 22.88
N LYS A 499 27.73 -34.72 24.19
CA LYS A 499 27.04 -33.61 24.81
C LYS A 499 27.88 -32.35 24.83
N SER A 500 29.20 -32.49 25.03
CA SER A 500 30.07 -31.33 25.07
C SER A 500 30.18 -30.68 23.70
N ARG A 501 30.01 -31.45 22.64
CA ARG A 501 30.05 -30.85 21.31
C ARG A 501 28.77 -30.12 20.92
N MET A 502 27.77 -30.06 21.79
CA MET A 502 26.48 -29.46 21.46
C MET A 502 26.34 -28.07 22.07
N ALA A 503 25.76 -27.16 21.30
CA ALA A 503 25.52 -25.80 21.77
C ALA A 503 24.54 -25.11 20.83
N GLY A 504 23.76 -24.20 21.39
CA GLY A 504 22.86 -23.38 20.60
C GLY A 504 21.44 -23.91 20.50
N TRP A 505 20.88 -23.88 19.28
CA TRP A 505 19.50 -24.32 19.09
C TRP A 505 19.34 -25.81 19.38
N VAL A 506 20.41 -26.59 19.20
CA VAL A 506 20.30 -28.03 19.41
C VAL A 506 20.04 -28.36 20.86
N LEU A 507 20.46 -27.49 21.79
CA LEU A 507 20.18 -27.73 23.19
C LEU A 507 18.69 -27.62 23.47
N SER A 508 18.02 -26.67 22.82
CA SER A 508 16.57 -26.53 22.98
C SER A 508 15.83 -27.63 22.24
N LEU A 509 16.32 -28.00 21.06
CA LEU A 509 15.62 -29.01 20.26
C LEU A 509 15.74 -30.39 20.89
N ALA A 510 16.93 -30.73 21.40
CA ALA A 510 17.14 -32.06 21.96
C ALA A 510 16.30 -32.27 23.23
N ARG A 511 16.12 -31.01 24.26
CA ARG A 511 15.30 -31.09 25.47
C ARG A 511 13.86 -31.47 25.15
N THR A 512 13.28 -30.82 24.12
CA THR A 512 11.91 -31.07 23.73
C THR A 512 11.78 -32.14 22.65
N GLY A 513 12.89 -32.58 22.07
CA GLY A 513 12.82 -33.51 20.96
C GLY A 513 12.07 -32.93 19.77
N ARG A 514 12.18 -31.62 19.57
CA ARG A 514 11.37 -30.93 18.58
C ARG A 514 12.22 -30.33 17.47
N GLU B 1 37.67 -56.22 -6.42
CA GLU B 1 36.73 -55.12 -6.51
C GLU B 1 36.14 -54.78 -5.15
N ARG B 2 37.00 -54.57 -4.16
CA ARG B 2 36.51 -54.31 -2.81
C ARG B 2 37.27 -53.18 -2.13
N VAL B 3 37.47 -52.06 -2.82
CA VAL B 3 38.08 -50.89 -2.19
C VAL B 3 37.47 -49.62 -2.77
N GLY B 4 36.76 -48.86 -1.92
CA GLY B 4 36.28 -47.55 -2.30
C GLY B 4 37.37 -46.52 -2.09
N GLU B 5 37.43 -45.57 -3.03
CA GLU B 5 38.68 -44.84 -3.17
C GLU B 5 38.76 -43.74 -2.10
N LYS B 6 37.91 -42.71 -2.22
CA LYS B 6 37.59 -41.82 -1.10
C LYS B 6 36.16 -42.11 -0.61
N ASP B 7 35.94 -43.33 -0.14
CA ASP B 7 34.59 -43.80 0.13
C ASP B 7 34.17 -43.49 1.56
N LEU B 8 32.98 -44.00 1.93
CA LEU B 8 32.48 -43.77 3.28
C LEU B 8 33.31 -44.50 4.33
N ARG B 9 33.84 -45.67 3.97
CA ARG B 9 34.66 -46.43 4.92
C ARG B 9 35.95 -45.69 5.25
N ALA B 10 36.57 -45.05 4.25
CA ALA B 10 37.74 -44.24 4.51
C ALA B 10 37.42 -43.07 5.42
N ALA B 11 36.23 -42.48 5.24
CA ALA B 11 35.81 -41.40 6.13
C ALA B 11 35.61 -41.91 7.55
N LEU B 12 35.05 -43.11 7.69
CA LEU B 12 34.90 -43.71 9.02
C LEU B 12 36.26 -43.95 9.67
N GLU B 13 37.23 -44.43 8.89
CA GLU B 13 38.57 -44.64 9.42
C GLU B 13 39.20 -43.32 9.85
N TRP B 14 39.00 -42.27 9.07
CA TRP B 14 39.53 -40.96 9.44
C TRP B 14 38.88 -40.45 10.72
N PHE B 15 37.55 -40.60 10.84
CA PHE B 15 36.85 -40.21 12.06
C PHE B 15 37.39 -40.97 13.26
N ARG B 16 37.60 -42.27 13.10
CA ARG B 16 38.12 -43.08 14.20
C ARG B 16 39.53 -42.64 14.58
N SER B 17 40.36 -42.31 13.59
CA SER B 17 41.72 -41.85 13.88
C SER B 17 41.70 -40.50 14.60
N LYS B 18 40.77 -39.62 14.25
CA LYS B 18 40.67 -38.33 14.90
C LYS B 18 39.94 -38.38 16.24
N GLY B 19 39.39 -39.53 16.60
CA GLY B 19 38.60 -39.64 17.81
C GLY B 19 37.20 -39.08 17.73
N TYR B 20 36.69 -38.88 16.52
CA TYR B 20 35.37 -38.30 16.31
C TYR B 20 34.27 -39.33 16.14
N LEU B 21 34.60 -40.62 16.20
CA LEU B 21 33.65 -41.69 15.94
C LEU B 21 33.21 -42.32 17.25
N VAL B 22 31.91 -42.52 17.39
CA VAL B 22 31.31 -43.16 18.55
C VAL B 22 30.64 -44.43 18.08
N GLU B 23 31.15 -45.59 18.52
CA GLU B 23 30.64 -46.88 18.11
C GLU B 23 29.84 -47.52 19.23
N THR B 24 29.03 -48.50 18.85
CA THR B 24 28.27 -49.28 19.82
C THR B 24 27.85 -50.58 19.15
N ASN B 25 27.84 -51.66 19.93
CA ASN B 25 27.44 -52.97 19.45
C ASN B 25 26.04 -53.34 19.89
N LYS B 26 25.41 -52.56 20.76
CA LYS B 26 24.04 -52.83 21.16
C LYS B 26 23.12 -52.71 19.95
N GLU B 27 22.17 -53.64 19.85
CA GLU B 27 21.25 -53.63 18.72
C GLU B 27 20.33 -52.43 18.79
N VAL B 28 20.35 -51.59 17.76
CA VAL B 28 19.49 -50.42 17.67
C VAL B 28 18.29 -50.78 16.83
N ASN B 29 17.12 -50.29 17.25
CA ASN B 29 15.89 -50.55 16.53
C ASN B 29 15.67 -49.46 15.50
N PRO B 30 15.49 -49.77 14.22
CA PRO B 30 15.24 -48.72 13.22
C PRO B 30 13.94 -47.97 13.45
N ASP B 31 13.06 -48.54 14.28
CA ASP B 31 11.77 -47.94 14.60
C ASP B 31 11.93 -47.06 15.83
N LEU B 32 12.09 -45.75 15.60
CA LEU B 32 12.06 -44.71 16.62
C LEU B 32 13.33 -44.60 17.45
N GLU B 33 14.29 -45.49 17.26
CA GLU B 33 15.47 -45.46 18.12
C GLU B 33 16.64 -44.73 17.46
N ILE B 34 16.85 -44.96 16.17
CA ILE B 34 17.95 -44.28 15.49
C ILE B 34 17.71 -42.78 15.45
N THR B 35 16.52 -42.36 15.01
CA THR B 35 16.23 -40.94 14.96
C THR B 35 16.14 -40.34 16.35
N GLY B 36 15.66 -41.11 17.33
CA GLY B 36 15.64 -40.62 18.70
C GLY B 36 17.03 -40.34 19.24
N LEU B 37 17.96 -41.27 19.03
CA LEU B 37 19.33 -41.06 19.48
C LEU B 37 19.99 -39.93 18.70
N GLN B 38 19.66 -39.78 17.41
CA GLN B 38 20.22 -38.69 16.63
C GLN B 38 19.72 -37.34 17.14
N LYS B 39 18.45 -37.27 17.54
CA LYS B 39 17.93 -36.01 18.04
C LYS B 39 18.41 -35.73 19.46
N ILE B 40 18.68 -36.77 20.25
CA ILE B 40 19.23 -36.56 21.58
C ILE B 40 20.62 -35.94 21.50
N PHE B 41 21.37 -36.26 20.44
CA PHE B 41 22.71 -35.71 20.22
C PHE B 41 22.75 -34.89 18.94
N ASP B 42 21.74 -34.05 18.73
CA ASP B 42 21.63 -33.26 17.51
C ASP B 42 22.83 -32.35 17.34
N GLY B 43 23.44 -32.40 16.16
CA GLY B 43 24.61 -31.60 15.88
C GLY B 43 25.87 -32.08 16.55
N SER B 44 26.00 -33.39 16.78
CA SER B 44 27.15 -33.93 17.49
C SER B 44 27.94 -34.88 16.60
N LEU B 45 28.91 -35.58 17.19
CA LEU B 45 29.79 -36.47 16.45
C LEU B 45 29.01 -37.58 15.76
N PRO B 46 29.62 -38.23 14.77
CA PRO B 46 28.94 -39.35 14.09
C PRO B 46 28.84 -40.56 14.98
N MET B 47 27.72 -41.27 14.87
CA MET B 47 27.46 -42.49 15.62
C MET B 47 27.36 -43.67 14.66
N LEU B 48 28.08 -44.74 14.97
CA LEU B 48 28.08 -45.94 14.14
C LEU B 48 27.45 -47.08 14.92
N PHE B 49 26.35 -47.61 14.41
CA PHE B 49 25.66 -48.74 15.01
C PHE B 49 26.03 -50.00 14.24
N ASN B 50 26.74 -50.91 14.91
CA ASN B 50 27.21 -52.13 14.25
C ASN B 50 26.11 -53.18 14.11
N ASN B 51 25.09 -53.14 14.95
CA ASN B 51 24.01 -54.13 14.93
C ASN B 51 22.68 -53.41 14.80
N VAL B 52 21.98 -53.66 13.70
CA VAL B 52 20.66 -53.08 13.43
C VAL B 52 19.63 -54.19 13.54
N LYS B 53 18.54 -53.91 14.26
CA LYS B 53 17.52 -54.92 14.50
C LYS B 53 16.88 -55.36 13.18
N ASP B 54 16.84 -56.68 12.97
CA ASP B 54 16.26 -57.30 11.78
C ASP B 54 17.06 -57.04 10.52
N MET B 55 18.30 -56.57 10.64
CA MET B 55 19.16 -56.32 9.49
C MET B 55 20.55 -56.82 9.84
N PRO B 56 20.76 -58.14 9.82
CA PRO B 56 22.05 -58.69 10.25
C PRO B 56 23.20 -58.37 9.31
N HIS B 57 22.92 -57.87 8.11
CA HIS B 57 23.95 -57.59 7.11
C HIS B 57 24.32 -56.12 7.04
N ALA B 58 23.64 -55.26 7.78
CA ALA B 58 23.77 -53.82 7.62
C ALA B 58 24.33 -53.16 8.86
N ARG B 59 25.14 -52.13 8.65
CA ARG B 59 25.56 -51.21 9.69
C ARG B 59 24.95 -49.85 9.40
N ALA B 60 24.64 -49.10 10.46
CA ALA B 60 23.99 -47.81 10.32
C ALA B 60 24.84 -46.74 10.98
N ILE B 61 25.10 -45.66 10.24
CA ILE B 61 25.81 -44.50 10.75
C ILE B 61 24.85 -43.31 10.70
N THR B 62 24.97 -42.43 11.69
CA THR B 62 24.12 -41.26 11.78
C THR B 62 24.92 -40.09 12.35
N ASN B 63 24.41 -38.88 12.12
CA ASN B 63 25.09 -37.66 12.54
C ASN B 63 26.44 -37.53 11.85
N LEU B 64 26.53 -38.03 10.62
CA LEU B 64 27.78 -37.94 9.86
C LEU B 64 28.14 -36.49 9.58
N PHE B 65 27.15 -35.68 9.18
CA PHE B 65 27.35 -34.25 8.96
C PHE B 65 26.75 -33.42 10.10
N GLY B 66 26.54 -34.02 11.26
CA GLY B 66 25.89 -33.30 12.35
C GLY B 66 26.67 -32.11 12.84
N ASP B 67 28.00 -32.24 12.94
CA ASP B 67 28.87 -31.15 13.35
C ASP B 67 29.57 -30.61 12.12
N ILE B 68 29.32 -29.34 11.80
CA ILE B 68 29.92 -28.75 10.61
C ILE B 68 31.43 -28.63 10.77
N ARG B 69 31.91 -28.55 12.02
CA ARG B 69 33.36 -28.45 12.24
C ARG B 69 34.07 -29.71 11.81
N VAL B 70 33.54 -30.88 12.16
CA VAL B 70 34.19 -32.13 11.78
C VAL B 70 34.09 -32.33 10.27
N VAL B 71 33.01 -31.88 9.66
CA VAL B 71 32.89 -31.96 8.20
C VAL B 71 33.95 -31.10 7.54
N GLU B 72 34.11 -29.86 8.02
CA GLU B 72 35.12 -28.98 7.46
C GLU B 72 36.53 -29.54 7.67
N GLU B 73 36.77 -30.19 8.81
CA GLU B 73 38.06 -30.82 9.03
C GLU B 73 38.26 -32.01 8.10
N LEU B 74 37.20 -32.76 7.82
CA LEU B 74 37.30 -33.89 6.91
C LEU B 74 37.63 -33.44 5.50
N PHE B 75 37.01 -32.35 5.05
CA PHE B 75 37.25 -31.86 3.70
C PHE B 75 38.40 -30.86 3.62
N GLY B 76 39.04 -30.54 4.74
CA GLY B 76 40.22 -29.69 4.71
C GLY B 76 39.93 -28.22 4.61
N TRP B 77 38.90 -27.74 5.27
CA TRP B 77 38.56 -26.33 5.27
C TRP B 77 38.80 -25.73 6.65
N GLU B 78 39.22 -24.46 6.66
CA GLU B 78 39.58 -23.80 7.91
C GLU B 78 38.35 -23.41 8.72
N ASN B 79 37.33 -22.87 8.06
CA ASN B 79 36.13 -22.40 8.72
C ASN B 79 35.00 -22.33 7.69
N SER B 80 33.85 -21.81 8.12
CA SER B 80 32.68 -21.82 7.24
C SER B 80 32.86 -20.90 6.05
N LEU B 81 33.53 -19.76 6.25
CA LEU B 81 33.75 -18.84 5.13
C LEU B 81 34.68 -19.46 4.10
N ASP B 82 35.76 -20.09 4.57
CA ASP B 82 36.66 -20.79 3.67
C ASP B 82 35.93 -21.90 2.93
N ARG B 83 35.05 -22.62 3.64
CA ARG B 83 34.27 -23.67 3.00
C ARG B 83 33.38 -23.11 1.91
N VAL B 84 32.72 -21.99 2.19
CA VAL B 84 31.81 -21.38 1.20
C VAL B 84 32.59 -20.97 -0.04
N LYS B 85 33.72 -20.31 0.15
CA LYS B 85 34.49 -19.85 -1.00
C LYS B 85 35.07 -21.01 -1.80
N LYS B 86 35.62 -22.01 -1.11
CA LYS B 86 36.17 -23.16 -1.80
C LYS B 86 35.10 -23.93 -2.55
N VAL B 87 33.91 -24.04 -1.98
CA VAL B 87 32.84 -24.78 -2.64
C VAL B 87 32.32 -24.00 -3.84
N ALA B 88 32.30 -22.67 -3.76
CA ALA B 88 31.95 -21.89 -4.94
C ALA B 88 32.97 -22.11 -6.05
N ARG B 89 34.26 -22.07 -5.71
CA ARG B 89 35.30 -22.34 -6.71
C ARG B 89 35.14 -23.73 -7.30
N ALA B 90 34.82 -24.72 -6.47
CA ALA B 90 34.60 -26.07 -6.98
C ALA B 90 33.38 -26.13 -7.89
N ILE B 91 32.35 -25.34 -7.58
CA ILE B 91 31.17 -25.28 -8.45
C ILE B 91 31.56 -24.74 -9.82
N ASP B 92 32.48 -23.77 -9.86
CA ASP B 92 32.90 -23.26 -11.15
C ASP B 92 33.96 -24.11 -11.84
N HIS B 93 34.51 -25.13 -11.17
CA HIS B 93 35.55 -25.98 -11.74
C HIS B 93 35.30 -27.44 -11.36
N PRO B 94 34.40 -28.12 -12.06
CA PRO B 94 34.13 -29.52 -11.75
C PRO B 94 35.21 -30.44 -12.27
N LEU B 95 35.34 -31.59 -11.61
CA LEU B 95 36.24 -32.66 -12.04
C LEU B 95 35.41 -33.73 -12.73
N LYS B 96 35.75 -34.02 -13.99
CA LYS B 96 34.98 -34.99 -14.75
C LYS B 96 35.09 -36.37 -14.11
N PRO B 97 33.96 -37.05 -13.85
CA PRO B 97 34.03 -38.38 -13.23
C PRO B 97 34.66 -39.39 -14.16
N VAL B 98 35.31 -40.39 -13.56
CA VAL B 98 36.00 -41.44 -14.30
C VAL B 98 35.16 -42.71 -14.24
N ILE B 99 35.14 -43.45 -15.34
CA ILE B 99 34.38 -44.69 -15.43
C ILE B 99 35.35 -45.86 -15.26
N ILE B 100 34.99 -46.79 -14.39
CA ILE B 100 35.81 -47.97 -14.13
C ILE B 100 35.06 -49.21 -14.60
N GLY B 101 35.76 -50.33 -14.63
CA GLY B 101 35.18 -51.56 -15.13
C GLY B 101 34.18 -52.15 -14.16
N GLN B 102 33.25 -52.94 -14.71
CA GLN B 102 32.21 -53.56 -13.91
C GLN B 102 32.73 -54.60 -12.93
N ASP B 103 33.97 -55.04 -13.09
CA ASP B 103 34.54 -56.08 -12.24
C ASP B 103 35.46 -55.52 -11.16
N GLU B 104 35.63 -54.21 -11.10
CA GLU B 104 36.43 -53.58 -10.05
C GLU B 104 35.63 -52.57 -9.23
N ALA B 105 34.32 -52.48 -9.46
CA ALA B 105 33.47 -51.58 -8.68
C ALA B 105 33.12 -52.24 -7.36
N PRO B 106 33.47 -51.64 -6.22
CA PRO B 106 33.16 -52.28 -4.93
C PRO B 106 31.68 -52.49 -4.70
N VAL B 107 30.83 -51.64 -5.30
CA VAL B 107 29.40 -51.73 -5.04
C VAL B 107 28.72 -52.83 -5.83
N GLN B 108 29.45 -53.51 -6.73
CA GLN B 108 28.88 -54.56 -7.55
C GLN B 108 29.46 -55.94 -7.22
N GLU B 109 29.91 -56.13 -5.97
CA GLU B 109 30.38 -57.46 -5.58
C GLU B 109 29.24 -58.47 -5.56
N GLU B 110 28.05 -58.03 -5.15
CA GLU B 110 26.86 -58.86 -5.14
C GLU B 110 25.78 -58.19 -5.98
N VAL B 111 25.21 -58.94 -6.91
CA VAL B 111 24.23 -58.42 -7.86
C VAL B 111 22.99 -59.29 -7.74
N LEU B 112 21.93 -58.74 -7.17
CA LEU B 112 20.66 -59.44 -7.06
C LEU B 112 19.70 -58.95 -8.15
N THR B 113 19.50 -59.78 -9.17
CA THR B 113 18.57 -59.46 -10.24
C THR B 113 17.20 -60.08 -10.04
N THR B 114 17.06 -61.02 -9.10
CA THR B 114 15.77 -61.52 -8.67
C THR B 114 15.68 -61.31 -7.17
N ASP B 115 14.63 -61.90 -6.58
CA ASP B 115 14.32 -61.81 -5.14
C ASP B 115 14.43 -60.37 -4.64
N LEU B 116 13.90 -59.46 -5.45
CA LEU B 116 14.04 -58.03 -5.21
C LEU B 116 13.03 -57.58 -4.16
N ASP B 117 13.39 -57.76 -2.89
CA ASP B 117 12.64 -57.19 -1.77
C ASP B 117 13.53 -56.11 -1.17
N VAL B 118 13.23 -54.85 -1.52
CA VAL B 118 14.09 -53.74 -1.10
C VAL B 118 14.07 -53.59 0.41
N ASN B 119 12.90 -53.77 1.03
CA ASN B 119 12.79 -53.59 2.47
C ASN B 119 13.58 -54.63 3.25
N LYS B 120 13.91 -55.76 2.64
CA LYS B 120 14.71 -56.78 3.30
C LYS B 120 16.18 -56.43 3.35
N TRP B 121 16.68 -55.65 2.39
CA TRP B 121 18.09 -55.30 2.32
C TRP B 121 18.39 -53.87 2.76
N LEU B 122 17.54 -52.91 2.38
CA LEU B 122 17.73 -51.53 2.76
C LEU B 122 16.95 -51.22 4.03
N THR B 123 17.61 -50.56 4.97
CA THR B 123 17.04 -50.30 6.29
C THR B 123 16.05 -49.15 6.22
N ALA B 124 14.77 -49.45 6.37
CA ALA B 124 13.74 -48.44 6.52
C ALA B 124 13.57 -48.11 7.99
N ILE B 125 13.25 -46.85 8.28
CA ILE B 125 13.16 -46.36 9.64
C ILE B 125 11.85 -45.61 9.82
N ARG B 126 11.46 -45.45 11.09
CA ARG B 126 10.36 -44.58 11.49
C ARG B 126 10.93 -43.45 12.32
N HIS B 127 10.50 -42.22 12.03
CA HIS B 127 11.09 -41.06 12.69
C HIS B 127 10.39 -40.74 14.00
N THR B 128 9.07 -40.67 13.98
CA THR B 128 8.27 -40.28 15.12
C THR B 128 7.18 -41.31 15.37
N PRO B 129 6.68 -41.40 16.60
CA PRO B 129 5.61 -42.38 16.88
C PRO B 129 4.32 -42.10 16.14
N LEU B 130 4.11 -40.89 15.64
CA LEU B 130 2.90 -40.54 14.93
C LEU B 130 2.83 -41.12 13.53
N GLU B 131 3.93 -41.66 13.02
CA GLU B 131 3.95 -42.23 11.68
C GLU B 131 3.43 -43.66 11.69
N THR B 132 2.99 -44.11 10.52
CA THR B 132 2.49 -45.47 10.34
C THR B 132 3.39 -46.33 9.48
N GLU B 133 4.07 -45.74 8.51
CA GLU B 133 4.93 -46.47 7.58
C GLU B 133 6.39 -46.31 7.97
N MET B 134 7.20 -47.26 7.54
CA MET B 134 8.65 -47.18 7.63
C MET B 134 9.22 -46.95 6.24
N THR B 135 9.93 -45.85 6.06
CA THR B 135 10.34 -45.39 4.75
C THR B 135 11.85 -45.43 4.61
N ILE B 136 12.32 -45.32 3.38
CA ILE B 136 13.73 -45.33 3.04
C ILE B 136 14.12 -43.92 2.61
N GLY B 137 14.94 -43.26 3.42
CA GLY B 137 15.38 -41.92 3.11
C GLY B 137 16.88 -41.75 3.19
N SER B 138 17.61 -42.78 2.78
CA SER B 138 19.07 -42.77 2.86
C SER B 138 19.74 -42.78 1.49
N GLY B 139 18.98 -42.93 0.42
CA GLY B 139 19.53 -43.07 -0.92
C GLY B 139 19.43 -41.78 -1.71
N ILE B 140 20.42 -41.55 -2.57
CA ILE B 140 20.47 -40.38 -3.43
C ILE B 140 20.23 -40.82 -4.88
N SER B 141 19.35 -40.11 -5.56
CA SER B 141 19.13 -40.37 -6.97
C SER B 141 20.37 -40.01 -7.77
N CYS B 142 20.63 -40.79 -8.83
CA CYS B 142 21.80 -40.55 -9.66
C CYS B 142 21.40 -40.69 -11.12
N VAL B 143 21.40 -39.57 -11.83
CA VAL B 143 21.06 -39.53 -13.25
C VAL B 143 22.27 -38.97 -13.99
N VAL B 144 22.84 -39.77 -14.89
CA VAL B 144 24.05 -39.42 -15.61
C VAL B 144 23.82 -39.66 -17.09
N GLY B 145 24.25 -38.70 -17.92
CA GLY B 145 24.27 -38.89 -19.34
C GLY B 145 23.12 -38.22 -20.07
N PRO B 146 22.47 -38.97 -20.96
CA PRO B 146 21.49 -38.34 -21.87
C PRO B 146 20.28 -37.76 -21.16
N TYR B 147 19.84 -38.35 -20.06
CA TYR B 147 18.65 -37.87 -19.40
C TYR B 147 18.90 -36.60 -18.57
N PHE B 148 20.15 -36.19 -18.43
CA PHE B 148 20.44 -34.91 -17.79
C PHE B 148 21.28 -34.04 -18.71
N ASP B 149 21.04 -34.14 -20.02
CA ASP B 149 21.67 -33.28 -21.02
C ASP B 149 23.19 -33.43 -20.98
N GLY B 150 23.66 -34.66 -20.80
CA GLY B 150 25.08 -34.92 -20.77
C GLY B 150 25.77 -34.57 -19.47
N GLY B 151 25.03 -34.10 -18.47
CA GLY B 151 25.62 -33.81 -17.18
C GLY B 151 25.39 -34.92 -16.18
N SER B 152 25.29 -34.57 -14.90
CA SER B 152 25.04 -35.56 -13.87
C SER B 152 24.30 -34.91 -12.71
N HIS B 153 23.34 -35.62 -12.17
CA HIS B 153 22.55 -35.14 -11.04
C HIS B 153 22.62 -36.16 -9.91
N ILE B 154 22.77 -35.66 -8.68
CA ILE B 154 22.66 -36.47 -7.48
C ILE B 154 21.81 -35.71 -6.47
N GLY B 155 20.88 -36.41 -5.85
CA GLY B 155 20.00 -35.79 -4.89
C GLY B 155 19.20 -36.83 -4.14
N TYR B 156 18.69 -36.41 -2.98
CA TYR B 156 17.93 -37.31 -2.12
C TYR B 156 16.48 -37.38 -2.59
N ASN B 157 15.90 -38.56 -2.46
CA ASN B 157 14.48 -38.77 -2.73
C ASN B 157 13.97 -39.84 -1.78
N ARG B 158 12.94 -39.52 -1.02
CA ARG B 158 12.38 -40.47 -0.07
C ARG B 158 11.51 -41.48 -0.79
N MET B 159 11.69 -42.75 -0.46
CA MET B 159 10.99 -43.83 -1.13
C MET B 159 10.30 -44.71 -0.09
N ASN B 160 9.09 -45.15 -0.42
CA ASN B 160 8.32 -46.07 0.41
C ASN B 160 8.00 -47.30 -0.43
N PHE B 161 8.73 -48.38 -0.21
CA PHE B 161 8.56 -49.61 -0.98
C PHE B 161 7.49 -50.45 -0.32
N ARG B 162 6.23 -50.20 -0.69
CA ARG B 162 5.10 -50.94 -0.17
C ARG B 162 4.49 -51.89 -1.19
N TRP B 163 5.25 -52.21 -2.25
CA TRP B 163 4.83 -53.21 -3.23
C TRP B 163 6.01 -54.11 -3.58
N GLY B 164 6.86 -54.38 -2.59
CA GLY B 164 7.96 -55.31 -2.76
C GLY B 164 9.17 -54.71 -3.45
N ASN B 165 9.09 -54.53 -4.77
CA ASN B 165 10.17 -53.95 -5.55
C ASN B 165 9.71 -52.68 -6.25
N VAL B 166 8.54 -52.18 -5.89
CA VAL B 166 8.01 -50.94 -6.42
C VAL B 166 7.66 -50.03 -5.25
N GLY B 167 8.22 -48.81 -5.28
CA GLY B 167 7.97 -47.86 -4.22
C GLY B 167 7.74 -46.47 -4.77
N THR B 168 7.17 -45.61 -3.93
CA THR B 168 6.95 -44.24 -4.31
C THR B 168 8.27 -43.49 -4.40
N PHE B 169 8.26 -42.40 -5.15
CA PHE B 169 9.47 -41.61 -5.42
C PHE B 169 9.08 -40.14 -5.28
N GLN B 170 9.45 -39.55 -4.15
CA GLN B 170 9.07 -38.17 -3.85
C GLN B 170 9.98 -37.21 -4.62
N ILE B 171 9.37 -36.36 -5.44
CA ILE B 171 10.09 -35.41 -6.28
C ILE B 171 9.60 -34.01 -5.95
N SER B 172 10.53 -33.12 -5.66
CA SER B 172 10.17 -31.73 -5.40
C SER B 172 9.81 -31.05 -6.71
N PRO B 173 8.65 -30.40 -6.80
CA PRO B 173 8.34 -29.63 -8.00
C PRO B 173 9.36 -28.52 -8.21
N GLY B 174 9.95 -28.48 -9.40
CA GLY B 174 10.95 -27.52 -9.76
C GLY B 174 12.38 -28.03 -9.68
N SER B 175 12.61 -29.14 -8.99
CA SER B 175 13.95 -29.67 -8.81
C SER B 175 14.48 -30.26 -10.11
N HIS B 176 15.71 -30.79 -10.05
CA HIS B 176 16.30 -31.40 -11.23
C HIS B 176 15.51 -32.63 -11.68
N MET B 177 15.15 -33.49 -10.72
CA MET B 177 14.35 -34.66 -11.06
C MET B 177 12.99 -34.25 -11.62
N TRP B 178 12.41 -33.17 -11.09
CA TRP B 178 11.16 -32.68 -11.63
C TRP B 178 11.33 -32.22 -13.07
N GLN B 179 12.45 -31.55 -13.38
CA GLN B 179 12.67 -31.10 -14.75
C GLN B 179 12.88 -32.27 -15.69
N VAL B 180 13.61 -33.29 -15.24
CA VAL B 180 13.82 -34.48 -16.06
C VAL B 180 12.48 -35.18 -16.30
N MET B 181 11.68 -35.34 -15.26
CA MET B 181 10.38 -36.00 -15.41
C MET B 181 9.44 -35.20 -16.28
N THR B 182 9.51 -33.86 -16.22
CA THR B 182 8.67 -33.03 -17.08
C THR B 182 9.09 -33.12 -18.53
N GLU B 183 10.39 -33.19 -18.80
CA GLU B 183 10.83 -33.33 -20.18
C GLU B 183 10.44 -34.68 -20.77
N HIS B 184 10.33 -35.71 -19.94
CA HIS B 184 10.02 -37.07 -20.40
C HIS B 184 8.71 -37.56 -19.81
N TYR B 185 7.78 -36.66 -19.52
CA TYR B 185 6.52 -37.04 -18.91
C TYR B 185 5.63 -37.85 -19.85
N LYS B 186 5.78 -37.69 -21.15
CA LYS B 186 4.92 -38.36 -22.13
C LYS B 186 5.70 -39.34 -23.01
N ASP B 187 6.90 -39.72 -22.58
CA ASP B 187 7.61 -40.75 -23.34
C ASP B 187 6.97 -42.11 -23.11
N ASP B 188 7.35 -43.06 -23.96
CA ASP B 188 6.88 -44.43 -23.83
C ASP B 188 7.73 -45.22 -22.86
N GLU B 189 9.05 -45.06 -22.94
CA GLU B 189 9.96 -45.75 -22.04
C GLU B 189 10.05 -45.02 -20.71
N PRO B 190 10.25 -45.75 -19.62
CA PRO B 190 10.48 -45.12 -18.33
C PRO B 190 11.88 -44.52 -18.26
N ILE B 191 12.10 -43.73 -17.21
CA ILE B 191 13.38 -43.07 -17.02
C ILE B 191 14.30 -44.00 -16.23
N PRO B 192 15.42 -44.43 -16.80
CA PRO B 192 16.34 -45.31 -16.06
C PRO B 192 17.21 -44.51 -15.11
N LEU B 193 17.15 -44.85 -13.83
CA LEU B 193 17.96 -44.18 -12.83
C LEU B 193 18.32 -45.20 -11.75
N THR B 194 19.25 -44.81 -10.89
CA THR B 194 19.71 -45.64 -9.80
C THR B 194 19.73 -44.84 -8.50
N MET B 195 19.48 -45.53 -7.40
CA MET B 195 19.55 -44.95 -6.07
C MET B 195 20.74 -45.54 -5.35
N CYS B 196 21.65 -44.67 -4.90
CA CYS B 196 22.89 -45.08 -4.27
C CYS B 196 22.80 -44.85 -2.77
N PHE B 197 23.35 -45.79 -2.00
CA PHE B 197 23.31 -45.73 -0.55
C PHE B 197 24.72 -45.86 0.01
N GLY B 198 24.98 -45.17 1.12
CA GLY B 198 26.30 -45.17 1.70
C GLY B 198 27.37 -44.64 0.77
N VAL B 199 27.08 -43.52 0.10
CA VAL B 199 27.97 -42.97 -0.92
C VAL B 199 29.11 -42.23 -0.26
N PRO B 200 30.12 -41.78 -1.01
CA PRO B 200 31.19 -41.00 -0.42
C PRO B 200 30.65 -39.70 0.15
N PRO B 201 31.30 -39.16 1.17
CA PRO B 201 30.77 -37.95 1.83
C PRO B 201 30.64 -36.76 0.90
N SER B 202 31.53 -36.60 -0.08
CA SER B 202 31.42 -35.50 -1.01
C SER B 202 30.15 -35.62 -1.85
N CYS B 203 29.76 -36.84 -2.21
CA CYS B 203 28.54 -37.02 -2.98
C CYS B 203 27.31 -36.67 -2.14
N THR B 204 27.33 -37.00 -0.85
CA THR B 204 26.25 -36.56 0.03
C THR B 204 26.20 -35.04 0.12
N TYR B 205 27.38 -34.42 0.31
CA TYR B 205 27.48 -32.97 0.38
C TYR B 205 26.88 -32.30 -0.84
N VAL B 206 27.18 -32.82 -2.04
CA VAL B 206 26.64 -32.23 -3.26
C VAL B 206 25.18 -32.60 -3.50
N ALA B 207 24.75 -33.78 -3.04
CA ALA B 207 23.34 -34.15 -3.19
C ALA B 207 22.45 -33.30 -2.29
N GLY B 208 23.01 -32.75 -1.21
CA GLY B 208 22.24 -31.84 -0.38
C GLY B 208 21.79 -30.58 -1.09
N ALA B 209 22.48 -30.18 -2.15
CA ALA B 209 22.12 -28.96 -2.87
C ALA B 209 20.74 -29.09 -3.51
N GLY B 210 20.09 -27.95 -3.73
CA GLY B 210 18.80 -27.94 -4.37
C GLY B 210 18.27 -26.54 -4.53
N PHE B 211 17.56 -26.33 -5.63
CA PHE B 211 16.91 -25.05 -5.92
C PHE B 211 17.94 -23.92 -5.98
N ASP B 212 19.01 -24.16 -6.73
CA ASP B 212 20.06 -23.18 -6.97
C ASP B 212 20.43 -23.22 -8.45
N TYR B 213 19.41 -23.28 -9.30
CA TYR B 213 19.59 -23.63 -10.70
C TYR B 213 20.03 -22.46 -11.56
N ALA B 214 20.16 -21.25 -11.00
CA ALA B 214 20.88 -20.21 -11.70
C ALA B 214 22.38 -20.49 -11.70
N ILE B 215 22.86 -21.25 -10.72
CA ILE B 215 24.26 -21.64 -10.64
C ILE B 215 24.46 -23.10 -11.07
N LEU B 216 23.52 -23.97 -10.71
CA LEU B 216 23.57 -25.39 -11.04
C LEU B 216 22.36 -25.77 -11.89
N PRO B 217 22.31 -25.30 -13.13
CA PRO B 217 21.16 -25.59 -13.98
C PRO B 217 21.18 -27.04 -14.45
N LYS B 218 20.06 -27.44 -15.06
CA LYS B 218 19.96 -28.77 -15.65
C LYS B 218 21.00 -28.92 -16.75
N GLY B 219 21.76 -30.00 -16.69
CA GLY B 219 22.90 -30.20 -17.57
C GLY B 219 24.24 -29.97 -16.92
N CYS B 220 24.27 -29.46 -15.70
CA CYS B 220 25.52 -29.30 -14.96
C CYS B 220 26.06 -30.67 -14.55
N ASP B 221 27.21 -30.64 -13.88
CA ASP B 221 27.89 -31.87 -13.44
C ASP B 221 28.00 -31.83 -11.92
N GLU B 222 26.95 -32.32 -11.25
CA GLU B 222 26.97 -32.34 -9.80
C GLU B 222 27.97 -33.36 -9.26
N ILE B 223 28.11 -34.52 -9.93
CA ILE B 223 29.13 -35.46 -9.53
C ILE B 223 30.52 -34.88 -9.79
N GLY B 224 30.66 -34.07 -10.84
CA GLY B 224 31.91 -33.36 -11.03
C GLY B 224 32.19 -32.38 -9.91
N ILE B 225 31.16 -31.72 -9.41
CA ILE B 225 31.33 -30.82 -8.28
C ILE B 225 31.75 -31.59 -7.04
N ALA B 226 31.16 -32.76 -6.82
CA ALA B 226 31.56 -33.59 -5.69
C ALA B 226 33.02 -34.01 -5.82
N GLY B 227 33.43 -34.41 -7.02
CA GLY B 227 34.83 -34.77 -7.23
C GLY B 227 35.77 -33.61 -6.97
N ALA B 228 35.40 -32.41 -7.44
CA ALA B 228 36.22 -31.24 -7.18
C ALA B 228 36.27 -30.92 -5.68
N ILE B 229 35.18 -31.20 -4.97
CA ILE B 229 35.16 -30.94 -3.53
C ILE B 229 36.08 -31.91 -2.81
N GLN B 230 36.08 -33.18 -3.21
CA GLN B 230 36.93 -34.17 -2.56
C GLN B 230 38.35 -34.18 -3.11
N GLY B 231 38.64 -33.39 -4.13
CA GLY B 231 40.01 -33.30 -4.64
C GLY B 231 40.41 -34.41 -5.58
N SER B 232 39.45 -35.18 -6.08
CA SER B 232 39.75 -36.26 -7.01
C SER B 232 38.47 -36.73 -7.69
N PRO B 233 38.56 -37.32 -8.88
CA PRO B 233 37.35 -37.67 -9.62
C PRO B 233 36.56 -38.77 -8.92
N VAL B 234 35.24 -38.66 -9.00
CA VAL B 234 34.35 -39.69 -8.48
C VAL B 234 34.23 -40.81 -9.50
N ARG B 235 34.26 -42.05 -9.03
CA ARG B 235 34.27 -43.20 -9.91
C ARG B 235 32.84 -43.64 -10.24
N LEU B 236 32.59 -43.86 -11.52
CA LEU B 236 31.32 -44.36 -12.01
C LEU B 236 31.50 -45.76 -12.57
N VAL B 237 30.38 -46.48 -12.67
CA VAL B 237 30.39 -47.84 -13.21
C VAL B 237 29.07 -48.07 -13.92
N LYS B 238 29.14 -48.80 -15.04
CA LYS B 238 27.94 -49.11 -15.80
C LYS B 238 27.06 -50.06 -15.01
N CYS B 239 25.75 -49.79 -15.03
CA CYS B 239 24.81 -50.64 -14.31
C CYS B 239 24.75 -52.02 -14.95
N ARG B 240 24.10 -52.94 -14.25
CA ARG B 240 24.02 -54.32 -14.71
C ARG B 240 22.78 -54.55 -15.56
N THR B 241 21.62 -54.06 -15.14
CA THR B 241 20.36 -54.37 -15.80
C THR B 241 19.76 -53.20 -16.57
N ILE B 242 20.29 -52.00 -16.43
CA ILE B 242 19.77 -50.82 -17.11
C ILE B 242 20.92 -50.12 -17.82
N ASP B 243 20.57 -49.18 -18.69
CA ASP B 243 21.54 -48.36 -19.41
C ASP B 243 21.73 -47.06 -18.64
N ALA B 244 22.62 -47.09 -17.65
CA ALA B 244 22.88 -45.95 -16.80
C ALA B 244 24.21 -46.16 -16.09
N TYR B 245 24.52 -45.25 -15.17
CA TYR B 245 25.75 -45.33 -14.39
C TYR B 245 25.42 -45.11 -12.92
N THR B 246 26.31 -45.59 -12.06
CA THR B 246 26.14 -45.47 -10.62
C THR B 246 27.46 -45.09 -9.98
N LEU B 247 27.39 -44.68 -8.72
CA LEU B 247 28.59 -44.43 -7.94
C LEU B 247 29.24 -45.76 -7.58
N ALA B 248 30.44 -46.01 -8.12
CA ALA B 248 31.07 -47.30 -7.95
C ALA B 248 31.44 -47.57 -6.50
N ASP B 249 31.68 -46.53 -5.71
CA ASP B 249 32.16 -46.68 -4.34
C ASP B 249 31.03 -46.58 -3.32
N ALA B 250 29.79 -46.79 -3.74
CA ALA B 250 28.67 -46.79 -2.82
C ALA B 250 28.62 -48.11 -2.05
N GLU B 251 27.65 -48.25 -1.16
CA GLU B 251 27.45 -49.49 -0.42
C GLU B 251 26.28 -50.31 -0.94
N TYR B 252 25.19 -49.66 -1.31
CA TYR B 252 24.07 -50.32 -1.98
C TYR B 252 23.71 -49.53 -3.22
N VAL B 253 23.08 -50.20 -4.17
CA VAL B 253 22.59 -49.55 -5.39
C VAL B 253 21.29 -50.22 -5.81
N LEU B 254 20.29 -49.41 -6.11
CA LEU B 254 19.02 -49.88 -6.64
C LEU B 254 18.88 -49.42 -8.08
N GLU B 255 18.94 -50.36 -9.02
CA GLU B 255 18.72 -50.07 -10.42
C GLU B 255 17.26 -50.29 -10.77
N GLY B 256 16.72 -49.41 -11.60
CA GLY B 256 15.32 -49.52 -11.95
C GLY B 256 14.90 -48.41 -12.88
N TYR B 257 13.59 -48.23 -12.99
CA TYR B 257 12.99 -47.25 -13.88
C TYR B 257 11.98 -46.41 -13.13
N LEU B 258 11.99 -45.12 -13.40
CA LEU B 258 11.02 -44.20 -12.83
C LEU B 258 9.84 -44.04 -13.78
N HIS B 259 8.65 -44.34 -13.29
CA HIS B 259 7.43 -44.23 -14.10
C HIS B 259 6.71 -42.95 -13.75
N PRO B 260 6.85 -41.89 -14.55
CA PRO B 260 6.24 -40.60 -14.16
C PRO B 260 4.73 -40.63 -14.10
N ARG B 261 4.07 -41.37 -14.99
CA ARG B 261 2.63 -41.40 -15.05
C ARG B 261 2.01 -42.46 -14.14
N ASP B 262 2.82 -43.29 -13.49
CA ASP B 262 2.33 -44.31 -12.59
C ASP B 262 2.47 -43.79 -11.15
N LYS B 263 1.48 -43.01 -10.73
CA LYS B 263 1.50 -42.37 -9.43
C LYS B 263 0.65 -43.15 -8.44
N ARG B 264 1.18 -43.33 -7.23
CA ARG B 264 0.50 -44.03 -6.16
C ARG B 264 0.70 -43.25 -4.86
N TYR B 265 -0.12 -43.58 -3.86
CA TYR B 265 -0.07 -42.88 -2.59
C TYR B 265 1.10 -43.37 -1.76
N GLU B 266 1.62 -42.48 -0.92
CA GLU B 266 2.82 -42.80 -0.15
C GLU B 266 2.49 -43.62 1.09
N THR B 267 1.28 -43.46 1.62
CA THR B 267 0.84 -44.21 2.80
C THR B 267 -0.48 -44.89 2.54
N ALA B 268 -0.71 -46.00 3.24
CA ALA B 268 -1.97 -46.72 3.08
C ALA B 268 -3.14 -45.90 3.58
N GLU B 269 -2.93 -45.10 4.62
CA GLU B 269 -4.02 -44.30 5.17
C GLU B 269 -4.50 -43.26 4.17
N SER B 270 -3.57 -42.50 3.59
CA SER B 270 -3.95 -41.50 2.59
C SER B 270 -4.52 -42.16 1.34
N GLU B 271 -4.00 -43.34 0.98
CA GLU B 271 -4.54 -44.07 -0.16
C GLU B 271 -6.00 -44.45 0.09
N ALA B 272 -6.30 -44.87 1.32
CA ALA B 272 -7.66 -45.21 1.69
C ALA B 272 -8.55 -43.97 1.64
N ALA B 273 -8.20 -42.93 2.38
CA ALA B 273 -8.99 -41.72 2.37
C ALA B 273 -8.90 -40.95 1.06
N ASP B 274 -7.83 -41.15 0.29
CA ASP B 274 -7.71 -40.59 -1.06
C ASP B 274 -7.63 -39.06 -1.04
N ILE B 275 -6.79 -38.50 -0.17
CA ILE B 275 -6.52 -37.07 -0.15
C ILE B 275 -5.04 -36.87 0.10
N GLN B 276 -4.49 -35.78 -0.42
CA GLN B 276 -3.10 -35.43 -0.20
C GLN B 276 -2.99 -34.24 0.73
N GLY B 277 -1.78 -34.03 1.25
CA GLY B 277 -1.53 -32.91 2.15
C GLY B 277 -1.89 -33.16 3.59
N ARG B 278 -2.53 -34.28 3.91
CA ARG B 278 -2.84 -34.65 5.28
C ARG B 278 -2.24 -36.02 5.54
N PHE B 279 -2.59 -36.61 6.68
CA PHE B 279 -2.16 -37.97 6.97
C PHE B 279 -0.64 -38.09 7.04
N HIS B 280 -0.06 -37.57 8.12
CA HIS B 280 1.38 -37.40 8.36
C HIS B 280 2.26 -38.52 7.80
N PHE B 281 3.39 -38.14 7.22
CA PHE B 281 4.32 -39.08 6.62
C PHE B 281 5.58 -39.20 7.47
N HIS B 282 6.26 -38.08 7.68
CA HIS B 282 7.31 -37.94 8.70
C HIS B 282 7.78 -36.49 8.69
N PRO B 283 8.58 -36.08 9.67
CA PRO B 283 9.00 -34.68 9.74
C PRO B 283 9.75 -34.24 8.48
N GLU B 284 9.42 -33.05 8.00
CA GLU B 284 9.98 -32.47 6.79
C GLU B 284 10.95 -31.33 7.10
N TRP B 285 11.48 -30.74 6.04
CA TRP B 285 12.59 -29.79 6.14
C TRP B 285 12.18 -28.48 6.80
N ALA B 286 10.91 -28.10 6.73
CA ALA B 286 10.45 -26.86 7.35
C ALA B 286 10.31 -26.98 8.86
N GLY B 287 10.62 -28.12 9.45
CA GLY B 287 10.52 -28.30 10.88
C GLY B 287 9.15 -28.71 11.38
N TYR B 288 8.23 -29.05 10.49
CA TYR B 288 6.87 -29.43 10.87
C TYR B 288 6.67 -30.92 10.62
N MET B 289 5.66 -31.48 11.28
CA MET B 289 5.25 -32.85 11.00
C MET B 289 4.75 -32.95 9.56
N GLY B 290 5.04 -34.08 8.93
CA GLY B 290 4.85 -34.21 7.50
C GLY B 290 3.44 -34.58 7.06
N LYS B 291 3.31 -34.71 5.75
CA LYS B 291 2.08 -35.13 5.09
C LYS B 291 2.42 -36.08 3.95
N ALA B 292 1.41 -36.80 3.48
CA ALA B 292 1.57 -37.79 2.43
C ALA B 292 0.90 -37.32 1.15
N TYR B 293 1.51 -37.63 0.01
CA TYR B 293 1.02 -37.23 -1.29
C TYR B 293 1.09 -38.41 -2.25
N LYS B 294 0.53 -38.23 -3.44
CA LYS B 294 0.79 -39.14 -4.54
C LYS B 294 2.15 -38.83 -5.14
N ALA B 295 2.77 -39.85 -5.72
CA ALA B 295 4.12 -39.70 -6.25
C ALA B 295 4.33 -40.76 -7.32
N PRO B 296 5.23 -40.50 -8.27
CA PRO B 296 5.59 -41.54 -9.24
C PRO B 296 6.25 -42.72 -8.54
N THR B 297 6.35 -43.81 -9.28
CA THR B 297 6.83 -45.06 -8.74
C THR B 297 8.20 -45.43 -9.32
N PHE B 298 9.03 -46.04 -8.50
CA PHE B 298 10.34 -46.51 -8.89
C PHE B 298 10.34 -48.03 -8.93
N HIS B 299 10.51 -48.58 -10.12
CA HIS B 299 10.42 -50.02 -10.35
C HIS B 299 11.82 -50.60 -10.33
N VAL B 300 12.19 -51.26 -9.23
CA VAL B 300 13.53 -51.78 -9.08
C VAL B 300 13.69 -53.05 -9.91
N THR B 301 14.85 -53.19 -10.55
CA THR B 301 15.17 -54.37 -11.34
C THR B 301 16.46 -55.05 -10.92
N ALA B 302 17.17 -54.52 -9.94
CA ALA B 302 18.40 -55.14 -9.46
C ALA B 302 18.84 -54.43 -8.20
N ILE B 303 19.43 -55.20 -7.29
CA ILE B 303 19.94 -54.69 -6.02
C ILE B 303 21.39 -55.09 -5.89
N THR B 304 22.29 -54.17 -6.23
CA THR B 304 23.73 -54.38 -6.12
C THR B 304 24.22 -53.85 -4.79
N MET B 305 25.26 -54.48 -4.25
CA MET B 305 25.80 -54.08 -2.96
C MET B 305 27.18 -54.69 -2.80
N ARG B 306 27.89 -54.22 -1.79
CA ARG B 306 29.17 -54.82 -1.42
C ARG B 306 28.94 -56.20 -0.81
N ARG B 307 30.04 -56.89 -0.53
CA ARG B 307 29.99 -58.21 0.07
C ARG B 307 29.24 -58.18 1.39
N ARG B 308 28.20 -59.01 1.50
CA ARG B 308 27.31 -58.96 2.64
C ARG B 308 27.99 -59.33 3.95
N GLU B 309 29.13 -60.00 3.90
CA GLU B 309 29.90 -60.29 5.11
C GLU B 309 30.65 -59.05 5.58
N SER B 310 30.89 -58.09 4.71
CA SER B 310 31.50 -56.82 5.07
C SER B 310 30.53 -55.87 5.76
N LYS B 311 29.24 -56.21 5.80
CA LYS B 311 28.21 -55.39 6.43
C LYS B 311 28.21 -53.97 5.86
N PRO B 312 27.72 -53.79 4.64
CA PRO B 312 27.72 -52.44 4.05
C PRO B 312 26.95 -51.44 4.90
N ILE B 313 27.45 -50.21 4.92
CA ILE B 313 26.94 -49.17 5.80
C ILE B 313 25.83 -48.40 5.09
N ILE B 314 24.81 -48.02 5.85
CA ILE B 314 23.74 -47.17 5.37
C ILE B 314 23.64 -45.96 6.28
N PHE B 315 23.26 -44.82 5.69
CA PHE B 315 23.25 -43.53 6.39
C PHE B 315 21.81 -43.05 6.53
N PRO B 316 21.07 -43.54 7.53
CA PRO B 316 19.74 -42.99 7.80
C PRO B 316 19.83 -41.80 8.73
N LEU B 317 19.01 -40.79 8.45
CA LEU B 317 19.05 -39.56 9.22
C LEU B 317 17.66 -38.95 9.28
N GLY B 318 17.31 -38.44 10.46
CA GLY B 318 16.08 -37.68 10.60
C GLY B 318 16.15 -36.38 9.82
N VAL B 319 14.98 -35.91 9.39
CA VAL B 319 14.94 -34.73 8.54
C VAL B 319 15.27 -33.48 9.34
N HIS B 320 14.58 -33.26 10.45
CA HIS B 320 14.78 -32.05 11.25
C HIS B 320 15.94 -32.31 12.22
N THR B 321 17.15 -32.30 11.67
CA THR B 321 18.36 -32.44 12.44
C THR B 321 19.43 -31.52 11.86
N ALA B 322 20.46 -31.26 12.65
CA ALA B 322 21.59 -30.47 12.16
C ALA B 322 22.29 -31.18 11.01
N ASP B 323 22.21 -32.51 10.97
CA ASP B 323 22.79 -33.28 9.88
C ASP B 323 22.19 -32.89 8.53
N ASP B 324 20.87 -33.06 8.40
CA ASP B 324 20.17 -32.70 7.16
C ASP B 324 20.35 -31.23 6.83
N ALA B 325 20.30 -30.39 7.86
CA ALA B 325 20.44 -28.94 7.66
C ALA B 325 21.80 -28.61 7.05
N ASN B 326 22.86 -29.18 7.59
CA ASN B 326 24.18 -28.97 7.01
C ASN B 326 24.23 -29.49 5.58
N ILE B 327 23.75 -30.72 5.37
CA ILE B 327 23.81 -31.40 4.09
C ILE B 327 23.18 -30.55 2.98
N ASP B 328 22.05 -29.91 3.26
CA ASP B 328 21.44 -29.04 2.26
C ASP B 328 22.07 -27.64 2.21
N THR B 329 22.10 -26.97 3.35
CA THR B 329 22.43 -25.55 3.36
C THR B 329 23.89 -25.27 3.03
N SER B 330 24.78 -26.26 3.07
CA SER B 330 26.18 -25.96 2.74
C SER B 330 26.32 -25.54 1.28
N VAL B 331 25.90 -26.42 0.36
CA VAL B 331 26.00 -26.04 -1.04
C VAL B 331 25.00 -24.95 -1.39
N ARG B 332 23.88 -24.86 -0.65
CA ARG B 332 23.01 -23.71 -0.86
C ARG B 332 23.73 -22.40 -0.60
N GLU B 333 24.47 -22.30 0.51
CA GLU B 333 25.24 -21.10 0.83
C GLU B 333 26.26 -20.82 -0.25
N SER B 334 26.97 -21.87 -0.69
CA SER B 334 28.00 -21.65 -1.71
C SER B 334 27.39 -21.14 -3.02
N ALA B 335 26.21 -21.66 -3.40
CA ALA B 335 25.60 -21.23 -4.65
C ALA B 335 25.06 -19.81 -4.55
N ILE B 336 24.49 -19.45 -3.40
CA ILE B 336 24.02 -18.07 -3.23
C ILE B 336 25.19 -17.11 -3.26
N PHE B 337 26.31 -17.49 -2.64
CA PHE B 337 27.51 -16.67 -2.72
C PHE B 337 27.97 -16.52 -4.17
N ALA B 338 27.96 -17.61 -4.93
CA ALA B 338 28.38 -17.53 -6.33
C ALA B 338 27.48 -16.61 -7.14
N LEU B 339 26.17 -16.68 -6.90
CA LEU B 339 25.24 -15.79 -7.62
C LEU B 339 25.49 -14.33 -7.28
N CYS B 340 25.64 -14.02 -5.99
CA CYS B 340 25.88 -12.65 -5.59
C CYS B 340 27.21 -12.14 -6.15
N GLU B 341 28.22 -13.01 -6.23
CA GLU B 341 29.49 -12.60 -6.81
C GLU B 341 29.37 -12.38 -8.31
N ARG B 342 28.53 -13.17 -8.99
CA ARG B 342 28.32 -12.97 -10.41
C ARG B 342 27.64 -11.63 -10.68
N LEU B 343 26.63 -11.29 -9.88
CA LEU B 343 25.89 -10.05 -10.11
C LEU B 343 26.80 -8.82 -9.94
N GLN B 344 27.53 -8.76 -8.84
CA GLN B 344 28.47 -7.67 -8.60
C GLN B 344 29.56 -8.18 -7.66
N PRO B 345 30.75 -8.45 -8.17
CA PRO B 345 31.79 -9.06 -7.33
C PRO B 345 32.31 -8.10 -6.27
N GLY B 346 32.71 -8.66 -5.14
CA GLY B 346 33.37 -7.92 -4.09
C GLY B 346 32.46 -7.31 -3.05
N ILE B 347 31.15 -7.39 -3.22
CA ILE B 347 30.23 -6.77 -2.27
C ILE B 347 29.81 -7.74 -1.17
N VAL B 348 29.45 -8.97 -1.54
CA VAL B 348 29.04 -9.95 -0.54
C VAL B 348 30.28 -10.54 0.11
N GLN B 349 30.32 -10.50 1.45
CA GLN B 349 31.45 -11.00 2.20
C GLN B 349 31.24 -12.41 2.75
N ASN B 350 29.99 -12.80 2.98
CA ASN B 350 29.72 -14.09 3.58
C ASN B 350 28.24 -14.41 3.41
N VAL B 351 27.94 -15.70 3.29
CA VAL B 351 26.57 -16.19 3.21
C VAL B 351 26.41 -17.31 4.21
N HIS B 352 25.29 -17.31 4.92
CA HIS B 352 25.04 -18.31 5.94
C HIS B 352 23.56 -18.67 5.96
N ILE B 353 23.28 -19.97 5.92
CA ILE B 353 21.92 -20.46 6.10
C ILE B 353 21.87 -21.19 7.44
N PRO B 354 21.41 -20.55 8.50
CA PRO B 354 21.42 -21.18 9.82
C PRO B 354 20.45 -22.35 9.89
N TYR B 355 20.69 -23.20 10.89
CA TYR B 355 19.83 -24.36 11.12
C TYR B 355 18.38 -23.93 11.32
N CYS B 356 18.16 -22.81 11.99
CA CYS B 356 16.81 -22.34 12.31
C CYS B 356 16.04 -21.84 11.10
N MET B 357 16.64 -21.82 9.92
CA MET B 357 16.01 -21.22 8.76
C MET B 357 15.58 -22.20 7.68
N THR B 358 15.31 -23.46 8.04
CA THR B 358 14.44 -24.31 7.23
C THR B 358 14.94 -24.50 5.79
N ASP B 359 15.88 -25.42 5.60
CA ASP B 359 16.94 -25.39 4.59
C ASP B 359 16.60 -24.56 3.36
N TRP B 360 15.41 -24.75 2.79
CA TRP B 360 14.98 -23.97 1.63
C TRP B 360 14.20 -22.72 2.02
N GLY B 361 14.21 -22.35 3.28
CA GLY B 361 13.36 -21.28 3.75
C GLY B 361 13.96 -19.89 3.72
N GLY B 362 15.21 -19.76 4.14
CA GLY B 362 15.81 -18.46 4.21
C GLY B 362 17.32 -18.52 4.16
N CYS B 363 17.93 -17.34 4.23
CA CYS B 363 19.38 -17.20 4.20
C CYS B 363 19.76 -15.85 4.74
N ILE B 364 21.05 -15.68 5.02
CA ILE B 364 21.61 -14.42 5.47
C ILE B 364 22.84 -14.11 4.64
N ILE B 365 22.88 -12.91 4.08
CA ILE B 365 24.05 -12.45 3.32
C ILE B 365 24.63 -11.25 4.03
N GLN B 366 25.95 -11.17 4.03
CA GLN B 366 26.69 -10.08 4.65
C GLN B 366 27.36 -9.27 3.55
N VAL B 367 27.00 -8.00 3.44
CA VAL B 367 27.49 -7.14 2.37
C VAL B 367 28.33 -6.02 2.97
N LYS B 368 29.31 -5.58 2.20
CA LYS B 368 30.16 -4.46 2.57
C LYS B 368 30.16 -3.46 1.42
N LYS B 369 29.60 -2.28 1.65
CA LYS B 369 29.55 -1.23 0.64
C LYS B 369 30.85 -0.44 0.66
N ARG B 370 31.56 -0.43 -0.46
CA ARG B 370 32.87 0.21 -0.50
C ARG B 370 32.78 1.68 -0.86
N ASN B 371 31.73 2.10 -1.54
CA ASN B 371 31.56 3.50 -1.91
C ASN B 371 30.08 3.77 -2.13
N GLN B 372 29.75 5.03 -2.40
CA GLN B 372 28.36 5.44 -2.56
C GLN B 372 27.70 4.82 -3.79
N ILE B 373 28.48 4.46 -4.82
CA ILE B 373 27.91 3.87 -6.02
C ILE B 373 27.50 2.42 -5.81
N GLU B 374 27.85 1.82 -4.68
CA GLU B 374 27.44 0.46 -4.36
C GLU B 374 26.24 0.40 -3.44
N GLU B 375 25.76 1.52 -2.94
CA GLU B 375 24.58 1.52 -2.10
C GLU B 375 23.36 1.09 -2.90
N GLY B 376 22.64 0.10 -2.37
CA GLY B 376 21.49 -0.45 -3.06
C GLY B 376 21.70 -1.82 -3.66
N TRP B 377 22.95 -2.28 -3.76
CA TRP B 377 23.20 -3.60 -4.31
C TRP B 377 22.66 -4.71 -3.43
N GLN B 378 22.52 -4.46 -2.12
CA GLN B 378 21.97 -5.47 -1.24
C GLN B 378 20.52 -5.79 -1.60
N ARG B 379 19.79 -4.80 -2.11
CA ARG B 379 18.41 -5.03 -2.50
C ARG B 379 18.33 -5.84 -3.79
N ASN B 380 19.22 -5.56 -4.75
CA ASN B 380 19.32 -6.41 -5.92
C ASN B 380 19.66 -7.84 -5.54
N PHE B 381 20.59 -8.00 -4.60
CA PHE B 381 20.97 -9.34 -4.14
C PHE B 381 19.79 -10.05 -3.50
N LEU B 382 19.05 -9.35 -2.64
CA LEU B 382 17.90 -9.97 -1.97
C LEU B 382 16.84 -10.38 -2.98
N ALA B 383 16.53 -9.50 -3.94
CA ALA B 383 15.51 -9.83 -4.94
C ALA B 383 15.97 -11.01 -5.80
N ALA B 384 17.24 -11.01 -6.22
CA ALA B 384 17.73 -12.10 -7.05
C ALA B 384 17.74 -13.42 -6.28
N ILE B 385 18.08 -13.37 -5.00
CA ILE B 385 18.11 -14.60 -4.21
C ILE B 385 16.69 -15.13 -4.01
N LEU B 386 15.74 -14.24 -3.74
CA LEU B 386 14.37 -14.69 -3.54
C LEU B 386 13.76 -15.23 -4.83
N ALA B 387 14.15 -14.65 -5.97
CA ALA B 387 13.59 -15.09 -7.24
C ALA B 387 14.26 -16.34 -7.79
N CYS B 388 15.56 -16.52 -7.58
CA CYS B 388 16.29 -17.65 -8.13
C CYS B 388 16.38 -18.83 -7.18
N SER B 389 15.81 -18.72 -5.99
CA SER B 389 15.73 -19.81 -5.02
C SER B 389 14.25 -20.02 -4.73
N GLN B 390 13.64 -20.96 -5.43
CA GLN B 390 12.19 -21.15 -5.42
C GLN B 390 11.66 -21.41 -4.02
N GLY B 391 10.69 -20.59 -3.61
CA GLY B 391 10.03 -20.78 -2.33
C GLY B 391 10.77 -20.26 -1.13
N MET B 392 11.91 -19.59 -1.33
CA MET B 392 12.60 -18.99 -0.21
C MET B 392 11.74 -17.88 0.41
N ARG B 393 11.59 -17.93 1.72
CA ARG B 393 10.62 -17.08 2.40
C ARG B 393 11.24 -15.86 3.08
N LEU B 394 12.49 -15.93 3.51
CA LEU B 394 13.07 -14.86 4.30
C LEU B 394 14.56 -14.74 4.00
N ALA B 395 14.94 -13.71 3.25
CA ALA B 395 16.33 -13.39 3.00
C ALA B 395 16.67 -12.11 3.74
N ILE B 396 17.80 -12.11 4.45
CA ILE B 396 18.22 -10.99 5.28
C ILE B 396 19.61 -10.57 4.86
N ALA B 397 19.80 -9.27 4.70
CA ALA B 397 21.11 -8.68 4.38
C ALA B 397 21.57 -7.85 5.57
N VAL B 398 22.82 -8.07 5.98
CA VAL B 398 23.40 -7.36 7.12
C VAL B 398 24.76 -6.81 6.71
N SER B 399 25.27 -5.90 7.52
CA SER B 399 26.53 -5.24 7.25
C SER B 399 27.70 -6.06 7.80
N GLU B 400 28.91 -5.58 7.57
CA GLU B 400 30.11 -6.34 7.90
C GLU B 400 30.46 -6.30 9.39
N ASP B 401 29.81 -5.46 10.18
CA ASP B 401 30.05 -5.41 11.62
C ASP B 401 29.06 -6.29 12.38
N VAL B 402 28.62 -7.37 11.74
CA VAL B 402 27.59 -8.24 12.27
C VAL B 402 28.13 -9.66 12.30
N ASP B 403 27.82 -10.38 13.38
CA ASP B 403 28.20 -11.79 13.48
C ASP B 403 27.13 -12.61 12.77
N ILE B 404 27.44 -13.10 11.57
CA ILE B 404 26.42 -13.75 10.74
C ILE B 404 25.99 -15.09 11.32
N TYR B 405 26.76 -15.66 12.23
CA TYR B 405 26.45 -16.97 12.79
C TYR B 405 25.65 -16.91 14.07
N SER B 406 25.40 -15.71 14.60
CA SER B 406 24.65 -15.54 15.84
C SER B 406 23.25 -15.05 15.51
N MET B 407 22.24 -15.85 15.85
CA MET B 407 20.86 -15.41 15.62
C MET B 407 20.48 -14.23 16.51
N ASP B 408 21.12 -14.12 17.68
CA ASP B 408 20.88 -12.95 18.53
C ASP B 408 21.37 -11.68 17.84
N ASP B 409 22.52 -11.75 17.18
CA ASP B 409 23.05 -10.56 16.52
C ASP B 409 22.18 -10.19 15.31
N ILE B 410 21.65 -11.20 14.62
CA ILE B 410 20.71 -10.94 13.53
C ILE B 410 19.44 -10.30 14.06
N MET B 411 18.94 -10.78 15.20
CA MET B 411 17.76 -10.17 15.79
C MET B 411 18.04 -8.73 16.22
N TRP B 412 19.24 -8.45 16.71
CA TRP B 412 19.61 -7.08 17.03
C TRP B 412 19.60 -6.21 15.78
N CYS B 413 20.14 -6.71 14.68
CA CYS B 413 20.10 -5.97 13.42
C CYS B 413 18.67 -5.73 12.97
N LEU B 414 17.80 -6.73 13.12
CA LEU B 414 16.39 -6.56 12.77
C LEU B 414 15.74 -5.49 13.63
N THR B 415 16.13 -5.43 14.91
CA THR B 415 15.51 -4.49 15.82
C THR B 415 15.96 -3.06 15.55
N THR B 416 17.24 -2.88 15.21
CA THR B 416 17.78 -1.53 15.19
C THR B 416 18.06 -0.98 13.79
N ARG B 417 18.11 -1.82 12.76
CA ARG B 417 18.57 -1.37 11.44
C ARG B 417 17.55 -1.59 10.33
N VAL B 418 16.29 -1.82 10.65
CA VAL B 418 15.27 -2.10 9.64
C VAL B 418 14.22 -1.00 9.70
N ASN B 419 14.10 -0.25 8.61
CA ASN B 419 12.98 0.68 8.44
C ASN B 419 11.79 -0.13 7.94
N PRO B 420 10.74 -0.30 8.73
CA PRO B 420 9.63 -1.18 8.31
C PRO B 420 8.88 -0.66 7.10
N GLN B 421 9.04 0.60 6.73
CA GLN B 421 8.31 1.16 5.60
C GLN B 421 9.07 1.04 4.29
N THR B 422 10.39 0.84 4.32
CA THR B 422 11.18 0.80 3.10
C THR B 422 12.16 -0.36 3.04
N ASP B 423 12.42 -1.05 4.15
CA ASP B 423 13.48 -2.05 4.21
C ASP B 423 12.97 -3.48 4.16
N ILE B 424 11.68 -3.68 3.89
CA ILE B 424 11.10 -5.02 3.83
C ILE B 424 10.60 -5.23 2.40
N LEU B 425 11.31 -6.05 1.65
CA LEU B 425 10.95 -6.32 0.27
C LEU B 425 9.97 -7.48 0.19
N ASN B 426 9.03 -7.36 -0.75
CA ASN B 426 8.07 -8.42 -1.07
C ASN B 426 8.08 -8.58 -2.58
N PRO B 427 9.12 -9.22 -3.13
CA PRO B 427 9.39 -9.07 -4.56
C PRO B 427 8.38 -9.75 -5.47
N LEU B 428 8.01 -11.00 -5.20
CA LEU B 428 7.27 -11.82 -6.16
C LEU B 428 6.06 -12.46 -5.50
N PRO B 429 5.05 -11.67 -5.15
CA PRO B 429 3.80 -12.26 -4.67
C PRO B 429 3.08 -12.99 -5.79
N GLY B 430 2.64 -14.21 -5.49
CA GLY B 430 2.01 -15.05 -6.48
C GLY B 430 2.93 -15.90 -7.29
N GLY B 431 4.22 -15.94 -6.97
CA GLY B 431 5.17 -16.80 -7.64
C GLY B 431 5.12 -18.22 -7.11
N ARG B 432 6.14 -18.98 -7.48
CA ARG B 432 6.25 -20.36 -7.03
C ARG B 432 6.79 -20.43 -5.62
N GLY B 433 6.15 -21.24 -4.79
CA GLY B 433 6.60 -21.45 -3.43
C GLY B 433 6.96 -22.90 -3.17
N GLN B 434 7.00 -23.28 -1.89
CA GLN B 434 7.26 -24.66 -1.49
C GLN B 434 6.01 -25.21 -0.81
N THR B 435 5.50 -26.33 -1.31
CA THR B 435 4.26 -26.88 -0.77
C THR B 435 4.41 -27.34 0.67
N PHE B 436 5.63 -27.68 1.08
CA PHE B 436 5.84 -28.22 2.41
C PHE B 436 5.85 -27.15 3.50
N MET B 437 5.74 -25.88 3.14
CA MET B 437 5.59 -24.84 4.15
C MET B 437 4.12 -24.72 4.52
N PRO B 438 3.75 -24.94 5.79
CA PRO B 438 2.33 -24.90 6.16
C PRO B 438 1.69 -23.54 5.94
N ALA B 439 2.44 -22.46 6.13
CA ALA B 439 1.90 -21.13 5.88
C ALA B 439 1.51 -20.97 4.41
N GLU B 440 2.28 -21.57 3.50
CA GLU B 440 1.95 -21.52 2.09
C GLU B 440 0.87 -22.54 1.75
N ARG B 441 0.99 -23.75 2.28
CA ARG B 441 0.04 -24.82 1.97
C ARG B 441 -1.36 -24.50 2.47
N MET B 442 -1.49 -23.70 3.52
CA MET B 442 -2.80 -23.31 4.02
C MET B 442 -3.51 -22.33 3.11
N THR B 443 -2.81 -21.76 2.13
CA THR B 443 -3.44 -20.89 1.14
C THR B 443 -4.26 -21.65 0.12
N SER B 444 -4.20 -22.99 0.15
CA SER B 444 -5.04 -23.79 -0.74
C SER B 444 -6.53 -23.61 -0.45
N GLY B 445 -6.87 -23.23 0.78
CA GLY B 445 -8.26 -23.01 1.12
C GLY B 445 -9.03 -24.31 1.26
N ASP B 446 -10.01 -24.51 0.39
CA ASP B 446 -10.83 -25.71 0.40
C ASP B 446 -10.46 -26.68 -0.73
N LYS B 447 -9.36 -26.42 -1.43
CA LYS B 447 -8.89 -27.30 -2.49
C LYS B 447 -7.93 -28.33 -1.91
N GLN B 448 -7.42 -29.20 -2.77
CA GLN B 448 -6.38 -30.13 -2.35
C GLN B 448 -5.12 -29.35 -1.97
N TRP B 449 -4.53 -29.72 -0.82
CA TRP B 449 -3.36 -29.01 -0.30
C TRP B 449 -2.09 -29.57 -0.97
N THR B 450 -1.97 -29.29 -2.26
CA THR B 450 -0.83 -29.71 -3.05
C THR B 450 -0.18 -28.49 -3.69
N ALA B 451 0.83 -28.72 -4.53
CA ALA B 451 1.52 -27.64 -5.21
C ALA B 451 0.67 -26.98 -6.29
N SER B 452 -0.43 -27.60 -6.68
CA SER B 452 -1.29 -27.03 -7.71
C SER B 452 -2.24 -25.98 -7.17
N ASN B 453 -2.38 -25.87 -5.84
CA ASN B 453 -3.35 -24.96 -5.25
C ASN B 453 -2.74 -23.95 -4.30
N THR B 454 -1.50 -24.12 -3.87
CA THR B 454 -0.88 -23.16 -2.96
C THR B 454 -0.65 -21.85 -3.69
N GLN B 455 -0.65 -20.76 -2.92
CA GLN B 455 -0.43 -19.41 -3.45
C GLN B 455 0.64 -18.73 -2.61
N PHE B 456 1.83 -18.59 -3.20
CA PHE B 456 2.96 -18.00 -2.50
C PHE B 456 2.70 -16.55 -2.16
N GLU B 457 3.15 -16.13 -0.98
CA GLU B 457 2.93 -14.76 -0.52
C GLU B 457 3.97 -13.77 -1.05
N GLY B 458 5.05 -14.25 -1.65
CA GLY B 458 6.00 -13.39 -2.32
C GLY B 458 7.36 -13.33 -1.67
N GLY B 459 7.56 -14.00 -0.54
CA GLY B 459 8.82 -13.93 0.16
C GLY B 459 8.99 -12.62 0.90
N MET B 460 10.08 -12.56 1.66
CA MET B 460 10.35 -11.40 2.50
C MET B 460 11.84 -11.12 2.49
N GLY B 461 12.24 -10.03 1.85
CA GLY B 461 13.62 -9.61 1.86
C GLY B 461 13.83 -8.44 2.79
N ILE B 462 14.62 -8.63 3.84
CA ILE B 462 14.83 -7.62 4.87
C ILE B 462 16.21 -7.02 4.68
N ASP B 463 16.25 -5.73 4.39
CA ASP B 463 17.51 -5.00 4.20
C ASP B 463 17.87 -4.38 5.55
N ALA B 464 18.62 -5.13 6.36
CA ALA B 464 19.07 -4.67 7.66
C ALA B 464 20.50 -4.15 7.63
N THR B 465 20.93 -3.61 6.49
CA THR B 465 22.27 -3.06 6.36
C THR B 465 22.30 -1.60 6.77
N VAL B 466 23.50 -1.11 7.04
CA VAL B 466 23.72 0.29 7.38
C VAL B 466 23.82 1.09 6.09
N PRO B 467 23.11 2.21 5.96
CA PRO B 467 23.27 3.04 4.75
C PRO B 467 24.67 3.58 4.65
N TYR B 468 25.18 3.64 3.42
CA TYR B 468 26.54 4.13 3.21
C TYR B 468 26.65 5.60 3.61
N GLY B 469 27.74 5.94 4.26
CA GLY B 469 27.95 7.28 4.76
C GLY B 469 27.41 7.53 6.14
N TYR B 470 26.74 6.55 6.75
CA TYR B 470 26.23 6.66 8.11
C TYR B 470 26.87 5.62 9.01
N GLU B 471 28.09 5.18 8.65
CA GLU B 471 28.77 4.15 9.43
C GLU B 471 29.21 4.66 10.79
N SER B 472 29.35 5.98 10.95
CA SER B 472 29.72 6.53 12.25
C SER B 472 28.52 6.58 13.19
N ASP B 473 27.32 6.79 12.65
CA ASP B 473 26.13 6.84 13.48
C ASP B 473 25.64 5.45 13.86
N PHE B 474 25.91 4.45 13.02
CA PHE B 474 25.54 3.07 13.28
C PHE B 474 26.70 2.25 13.80
N HIS B 475 27.62 2.87 14.53
CA HIS B 475 28.83 2.22 14.97
C HIS B 475 28.62 1.50 16.31
N ARG B 476 28.80 0.18 16.32
CA ARG B 476 28.88 -0.61 17.54
C ARG B 476 30.26 -0.47 18.14
N PRO B 477 30.42 0.35 19.20
CA PRO B 477 31.70 1.06 19.34
C PRO B 477 32.93 0.19 19.55
N VAL B 478 33.20 -0.23 20.79
CA VAL B 478 33.96 -1.42 21.14
C VAL B 478 34.13 -1.35 22.65
N TYR B 479 34.15 -2.48 23.33
CA TYR B 479 34.64 -2.39 24.70
C TYR B 479 36.09 -2.84 24.77
N GLY B 480 36.82 -2.30 25.74
CA GLY B 480 38.23 -2.56 25.85
C GLY B 480 38.56 -3.93 26.40
N VAL B 481 38.15 -4.97 25.68
CA VAL B 481 38.40 -6.35 26.13
C VAL B 481 39.80 -6.84 25.83
N ASP B 482 40.55 -6.10 25.02
CA ASP B 482 41.94 -6.44 24.71
C ASP B 482 42.93 -5.62 25.52
N LEU B 483 42.47 -4.61 26.24
CA LEU B 483 43.33 -3.71 26.98
C LEU B 483 43.54 -4.12 28.43
N VAL B 484 42.84 -5.16 28.89
CA VAL B 484 42.93 -5.61 30.27
C VAL B 484 43.02 -7.13 30.27
N LYS B 485 43.80 -7.67 31.19
CA LYS B 485 44.01 -9.11 31.27
C LYS B 485 43.42 -9.65 32.56
N PRO B 486 42.48 -10.59 32.49
CA PRO B 486 41.84 -11.08 33.73
C PRO B 486 42.80 -11.78 34.66
N GLU B 487 43.92 -12.29 34.16
CA GLU B 487 44.88 -12.96 35.04
C GLU B 487 45.50 -11.99 36.03
N ASN B 488 45.58 -10.72 35.69
CA ASN B 488 46.16 -9.74 36.60
C ASN B 488 45.25 -9.47 37.79
N PHE B 489 43.97 -9.79 37.67
CA PHE B 489 42.99 -9.46 38.70
C PHE B 489 42.48 -10.68 39.45
N PHE B 490 42.20 -11.78 38.76
CA PHE B 490 41.67 -12.98 39.37
C PHE B 490 42.58 -14.16 39.07
N ASP B 491 42.38 -15.23 39.82
CA ASP B 491 43.09 -16.49 39.60
C ASP B 491 42.36 -17.32 38.55
N ALA B 492 42.99 -18.42 38.15
CA ALA B 492 42.45 -19.24 37.07
C ALA B 492 41.12 -19.86 37.46
N LYS B 493 40.96 -20.19 38.73
CA LYS B 493 39.75 -20.86 39.21
C LYS B 493 38.52 -19.96 39.03
N ASP B 494 38.62 -18.70 39.47
CA ASP B 494 37.47 -17.80 39.34
C ASP B 494 37.21 -17.45 37.88
N ILE B 495 38.26 -17.34 37.08
CA ILE B 495 38.09 -17.06 35.66
C ILE B 495 37.35 -18.19 34.98
N ASP B 496 37.70 -19.43 35.30
CA ASP B 496 36.99 -20.57 34.72
C ASP B 496 35.55 -20.63 35.19
N LYS B 497 35.29 -20.29 36.45
CA LYS B 497 33.90 -20.24 36.91
C LYS B 497 33.08 -19.24 36.12
N MET B 498 33.58 -17.99 36.03
CA MET B 498 32.86 -16.95 35.31
C MET B 498 32.69 -17.31 33.85
N LYS B 499 33.71 -17.89 33.22
CA LYS B 499 33.59 -18.31 31.83
C LYS B 499 32.58 -19.43 31.66
N SER B 500 32.52 -20.36 32.62
CA SER B 500 31.58 -21.46 32.51
C SER B 500 30.15 -20.98 32.65
N ARG B 501 29.93 -19.87 33.36
CA ARG B 501 28.57 -19.35 33.46
C ARG B 501 28.12 -18.59 32.21
N MET B 502 28.93 -18.49 31.17
CA MET B 502 28.61 -17.70 29.99
C MET B 502 28.16 -18.60 28.85
N ALA B 503 27.15 -18.13 28.11
CA ALA B 503 26.64 -18.86 26.96
C ALA B 503 25.75 -17.95 26.14
N GLY B 504 25.72 -18.18 24.83
CA GLY B 504 24.83 -17.45 23.94
C GLY B 504 25.44 -16.23 23.28
N TRP B 505 24.68 -15.12 23.26
CA TRP B 505 25.15 -13.91 22.61
C TRP B 505 26.37 -13.32 23.32
N VAL B 506 26.51 -13.58 24.62
CA VAL B 506 27.62 -13.01 25.37
C VAL B 506 28.95 -13.58 24.89
N LEU B 507 28.94 -14.80 24.37
CA LEU B 507 30.17 -15.39 23.84
C LEU B 507 30.64 -14.62 22.60
N SER B 508 29.71 -14.19 21.76
CA SER B 508 30.07 -13.42 20.59
C SER B 508 30.44 -11.98 20.98
N LEU B 509 29.71 -11.41 21.94
CA LEU B 509 29.97 -10.03 22.33
C LEU B 509 31.30 -9.90 23.06
N ALA B 510 31.62 -10.83 23.94
CA ALA B 510 32.84 -10.74 24.73
C ALA B 510 34.08 -10.87 23.84
N ARG B 511 34.04 -11.93 22.60
CA ARG B 511 35.15 -12.11 21.66
C ARG B 511 35.49 -10.80 20.96
N THR B 512 34.48 -10.08 20.49
CA THR B 512 34.68 -8.81 19.79
C THR B 512 34.64 -7.60 20.70
N GLY B 513 34.26 -7.78 21.96
CA GLY B 513 34.08 -6.64 22.85
C GLY B 513 33.02 -5.68 22.35
N ARG B 514 31.99 -6.20 21.69
CA ARG B 514 31.02 -5.36 21.01
C ARG B 514 29.62 -5.51 21.61
N GLU C 1 50.67 -10.42 -44.09
CA GLU C 1 49.80 -10.15 -42.96
C GLU C 1 48.67 -9.19 -43.35
N ARG C 2 47.95 -9.51 -44.41
CA ARG C 2 46.91 -8.61 -44.89
C ARG C 2 45.63 -9.35 -45.28
N VAL C 3 45.18 -10.28 -44.43
CA VAL C 3 43.91 -10.95 -44.68
C VAL C 3 43.21 -11.23 -43.35
N GLY C 4 42.05 -10.59 -43.14
CA GLY C 4 41.21 -10.90 -42.01
C GLY C 4 40.33 -12.09 -42.33
N GLU C 5 40.13 -12.95 -41.32
CA GLU C 5 39.70 -14.30 -41.66
C GLU C 5 38.20 -14.30 -41.89
N LYS C 6 37.40 -14.10 -40.84
CA LYS C 6 36.00 -13.68 -40.97
C LYS C 6 35.86 -12.22 -40.56
N ASP C 7 36.52 -11.34 -41.30
CA ASP C 7 36.67 -9.95 -40.87
C ASP C 7 35.54 -9.08 -41.41
N LEU C 8 35.65 -7.78 -41.17
CA LEU C 8 34.64 -6.84 -41.65
C LEU C 8 34.63 -6.74 -43.16
N ARG C 9 35.80 -6.86 -43.80
CA ARG C 9 35.87 -6.77 -45.24
C ARG C 9 35.17 -7.95 -45.90
N ALA C 10 35.29 -9.15 -45.33
CA ALA C 10 34.55 -10.29 -45.85
C ALA C 10 33.05 -10.08 -45.71
N ALA C 11 32.62 -9.46 -44.61
CA ALA C 11 31.20 -9.16 -44.44
C ALA C 11 30.74 -8.15 -45.48
N LEU C 12 31.58 -7.16 -45.80
CA LEU C 12 31.24 -6.19 -46.84
C LEU C 12 31.13 -6.88 -48.19
N GLU C 13 32.03 -7.82 -48.48
CA GLU C 13 31.95 -8.55 -49.73
C GLU C 13 30.67 -9.37 -49.80
N TRP C 14 30.30 -10.01 -48.69
CA TRP C 14 29.06 -10.78 -48.65
C TRP C 14 27.85 -9.88 -48.87
N PHE C 15 27.82 -8.72 -48.22
CA PHE C 15 26.74 -7.76 -48.41
C PHE C 15 26.65 -7.34 -49.87
N ARG C 16 27.79 -7.05 -50.49
CA ARG C 16 27.80 -6.65 -51.88
C ARG C 16 27.30 -7.76 -52.79
N SER C 17 27.68 -9.00 -52.49
CA SER C 17 27.20 -10.13 -53.29
C SER C 17 25.70 -10.33 -53.14
N LYS C 18 25.17 -10.10 -51.94
CA LYS C 18 23.74 -10.25 -51.72
C LYS C 18 22.93 -9.03 -52.18
N GLY C 19 23.59 -7.97 -52.61
CA GLY C 19 22.90 -6.74 -52.99
C GLY C 19 22.45 -5.90 -51.82
N TYR C 20 22.98 -6.12 -50.63
CA TYR C 20 22.56 -5.41 -49.43
C TYR C 20 23.44 -4.20 -49.13
N LEU C 21 24.44 -3.92 -49.96
CA LEU C 21 25.39 -2.85 -49.70
C LEU C 21 25.08 -1.66 -50.57
N VAL C 22 25.08 -0.47 -49.97
CA VAL C 22 24.87 0.78 -50.67
C VAL C 22 26.14 1.62 -50.52
N GLU C 23 26.80 1.87 -51.64
CA GLU C 23 28.05 2.61 -51.65
C GLU C 23 27.84 4.01 -52.21
N THR C 24 28.81 4.87 -51.91
CA THR C 24 28.81 6.24 -52.44
C THR C 24 30.22 6.79 -52.34
N ASN C 25 30.60 7.57 -53.34
CA ASN C 25 31.91 8.20 -53.38
C ASN C 25 31.87 9.67 -53.00
N LYS C 26 30.69 10.24 -52.82
CA LYS C 26 30.59 11.62 -52.38
C LYS C 26 31.17 11.77 -50.97
N GLU C 27 31.92 12.84 -50.76
CA GLU C 27 32.55 13.05 -49.46
C GLU C 27 31.49 13.35 -48.40
N VAL C 28 31.46 12.53 -47.37
CA VAL C 28 30.52 12.69 -46.26
C VAL C 28 31.25 13.41 -45.13
N ASN C 29 30.55 14.33 -44.48
CA ASN C 29 31.13 15.09 -43.39
C ASN C 29 30.85 14.35 -42.09
N PRO C 30 31.88 14.05 -41.29
CA PRO C 30 31.63 13.37 -40.01
C PRO C 30 30.82 14.21 -39.03
N ASP C 31 30.72 15.51 -39.30
CA ASP C 31 29.98 16.44 -38.46
C ASP C 31 28.55 16.53 -38.95
N LEU C 32 27.66 15.77 -38.31
CA LEU C 32 26.21 15.83 -38.47
C LEU C 32 25.68 15.16 -39.74
N GLU C 33 26.56 14.67 -40.61
CA GLU C 33 26.09 14.12 -41.86
C GLU C 33 25.97 12.60 -41.80
N ILE C 34 26.94 11.93 -41.19
CA ILE C 34 26.88 10.47 -41.10
C ILE C 34 25.69 10.04 -40.24
N THR C 35 25.56 10.62 -39.06
CA THR C 35 24.44 10.26 -38.19
C THR C 35 23.12 10.73 -38.78
N GLY C 36 23.12 11.86 -39.49
CA GLY C 36 21.90 12.31 -40.14
C GLY C 36 21.43 11.34 -41.21
N LEU C 37 22.34 10.87 -42.05
CA LEU C 37 21.98 9.90 -43.08
C LEU C 37 21.58 8.57 -42.45
N GLN C 38 22.23 8.19 -41.35
CA GLN C 38 21.87 6.95 -40.68
C GLN C 38 20.46 7.03 -40.09
N LYS C 39 20.09 8.20 -39.56
CA LYS C 39 18.75 8.35 -38.99
C LYS C 39 17.70 8.50 -40.09
N ILE C 40 18.07 9.04 -41.24
CA ILE C 40 17.12 9.13 -42.35
C ILE C 40 16.76 7.74 -42.85
N PHE C 41 17.68 6.80 -42.76
CA PHE C 41 17.46 5.41 -43.18
C PHE C 41 17.58 4.47 -41.98
N ASP C 42 16.99 4.84 -40.85
CA ASP C 42 17.09 4.05 -39.63
C ASP C 42 16.53 2.65 -39.83
N GLY C 43 17.32 1.65 -39.44
CA GLY C 43 16.91 0.28 -39.60
C GLY C 43 16.96 -0.22 -41.03
N SER C 44 17.87 0.30 -41.85
CA SER C 44 17.94 -0.08 -43.25
C SER C 44 19.27 -0.73 -43.59
N LEU C 45 19.52 -0.95 -44.87
CA LEU C 45 20.73 -1.63 -45.31
C LEU C 45 21.98 -0.88 -44.90
N PRO C 46 23.14 -1.57 -44.92
CA PRO C 46 24.40 -0.89 -44.57
C PRO C 46 24.81 0.10 -45.65
N MET C 47 25.40 1.21 -45.22
CA MET C 47 25.88 2.25 -46.12
C MET C 47 27.39 2.36 -45.96
N LEU C 48 28.11 2.37 -47.08
CA LEU C 48 29.56 2.46 -47.09
C LEU C 48 29.96 3.78 -47.74
N PHE C 49 30.64 4.62 -46.97
CA PHE C 49 31.13 5.90 -47.46
C PHE C 49 32.63 5.77 -47.76
N ASN C 50 32.99 5.85 -49.04
CA ASN C 50 34.37 5.67 -49.44
C ASN C 50 35.24 6.90 -49.17
N ASN C 51 34.64 8.09 -49.08
CA ASN C 51 35.37 9.33 -48.87
C ASN C 51 34.81 10.04 -47.66
N VAL C 52 35.64 10.20 -46.63
CA VAL C 52 35.27 10.89 -45.40
C VAL C 52 36.02 12.21 -45.35
N LYS C 53 35.31 13.29 -45.03
CA LYS C 53 35.91 14.61 -45.03
C LYS C 53 37.01 14.70 -43.98
N ASP C 54 38.20 15.16 -44.42
CA ASP C 54 39.38 15.34 -43.58
C ASP C 54 39.98 14.02 -43.11
N MET C 55 39.59 12.90 -43.72
CA MET C 55 40.14 11.59 -43.38
C MET C 55 40.40 10.84 -44.68
N PRO C 56 41.48 11.20 -45.39
CA PRO C 56 41.73 10.59 -46.71
C PRO C 56 42.10 9.12 -46.64
N HIS C 57 42.40 8.60 -45.45
CA HIS C 57 42.85 7.21 -45.30
C HIS C 57 41.74 6.30 -44.80
N ALA C 58 40.56 6.82 -44.49
CA ALA C 58 39.53 6.07 -43.79
C ALA C 58 38.28 5.93 -44.66
N ARG C 59 37.64 4.78 -44.52
CA ARG C 59 36.30 4.55 -45.04
C ARG C 59 35.36 4.35 -43.86
N ALA C 60 34.11 4.79 -44.04
CA ALA C 60 33.13 4.72 -42.97
C ALA C 60 31.93 3.91 -43.43
N ILE C 61 31.53 2.95 -42.61
CA ILE C 61 30.33 2.15 -42.84
C ILE C 61 29.37 2.41 -41.70
N THR C 62 28.07 2.41 -42.00
CA THR C 62 27.04 2.67 -41.01
C THR C 62 25.82 1.83 -41.34
N ASN C 63 24.96 1.64 -40.34
CA ASN C 63 23.77 0.80 -40.47
C ASN C 63 24.16 -0.64 -40.78
N LEU C 64 25.31 -1.07 -40.25
CA LEU C 64 25.75 -2.44 -40.47
C LEU C 64 24.80 -3.45 -39.83
N PHE C 65 24.34 -3.16 -38.62
CA PHE C 65 23.35 -3.99 -37.94
C PHE C 65 21.97 -3.33 -37.94
N GLY C 66 21.73 -2.39 -38.85
CA GLY C 66 20.47 -1.66 -38.84
C GLY C 66 19.27 -2.54 -39.10
N ASP C 67 19.39 -3.50 -40.01
CA ASP C 67 18.31 -4.44 -40.32
C ASP C 67 18.67 -5.77 -39.69
N ILE C 68 17.83 -6.22 -38.75
CA ILE C 68 18.11 -7.49 -38.07
C ILE C 68 18.01 -8.65 -39.03
N ARG C 69 17.22 -8.51 -40.10
CA ARG C 69 17.08 -9.59 -41.07
C ARG C 69 18.39 -9.86 -41.80
N VAL C 70 19.08 -8.80 -42.23
CA VAL C 70 20.33 -8.99 -42.95
C VAL C 70 21.41 -9.52 -41.99
N VAL C 71 21.35 -9.12 -40.73
CA VAL C 71 22.28 -9.66 -39.74
C VAL C 71 22.06 -11.15 -39.55
N GLU C 72 20.79 -11.55 -39.41
CA GLU C 72 20.49 -12.97 -39.25
C GLU C 72 20.89 -13.77 -40.49
N GLU C 73 20.73 -13.17 -41.67
CA GLU C 73 21.16 -13.85 -42.88
C GLU C 73 22.68 -13.96 -42.94
N LEU C 74 23.38 -12.94 -42.45
CA LEU C 74 24.84 -12.97 -42.44
C LEU C 74 25.36 -14.06 -41.50
N PHE C 75 24.73 -14.22 -40.35
CA PHE C 75 25.15 -15.22 -39.38
C PHE C 75 24.47 -16.57 -39.57
N GLY C 76 23.58 -16.69 -40.55
CA GLY C 76 22.99 -17.98 -40.84
C GLY C 76 21.86 -18.40 -39.94
N TRP C 77 21.02 -17.46 -39.52
CA TRP C 77 19.88 -17.75 -38.67
C TRP C 77 18.59 -17.56 -39.47
N GLU C 78 17.60 -18.39 -39.15
CA GLU C 78 16.34 -18.38 -39.88
C GLU C 78 15.48 -17.19 -39.48
N ASN C 79 15.39 -16.90 -38.19
CA ASN C 79 14.54 -15.82 -37.69
C ASN C 79 15.05 -15.42 -36.30
N SER C 80 14.31 -14.52 -35.65
CA SER C 80 14.78 -13.99 -34.37
C SER C 80 14.78 -15.04 -33.28
N LEU C 81 13.79 -15.93 -33.30
CA LEU C 81 13.75 -16.99 -32.28
C LEU C 81 14.91 -17.96 -32.45
N ASP C 82 15.18 -18.35 -33.69
CA ASP C 82 16.35 -19.19 -33.97
C ASP C 82 17.63 -18.50 -33.56
N ARG C 83 17.73 -17.19 -33.81
CA ARG C 83 18.90 -16.44 -33.40
C ARG C 83 19.06 -16.45 -31.89
N VAL C 84 17.97 -16.25 -31.16
CA VAL C 84 18.03 -16.22 -29.70
C VAL C 84 18.49 -17.56 -29.16
N LYS C 85 17.92 -18.65 -29.67
CA LYS C 85 18.28 -19.97 -29.17
C LYS C 85 19.72 -20.33 -29.53
N LYS C 86 20.14 -20.05 -30.76
CA LYS C 86 21.50 -20.35 -31.17
C LYS C 86 22.51 -19.53 -30.38
N VAL C 87 22.18 -18.26 -30.10
CA VAL C 87 23.12 -17.44 -29.35
C VAL C 87 23.19 -17.87 -27.90
N ALA C 88 22.07 -18.35 -27.33
CA ALA C 88 22.14 -18.93 -25.99
C ALA C 88 23.05 -20.16 -25.98
N ARG C 89 22.89 -21.04 -26.96
CA ARG C 89 23.75 -22.21 -27.06
C ARG C 89 25.21 -21.81 -27.21
N ALA C 90 25.48 -20.77 -28.00
CA ALA C 90 26.85 -20.28 -28.16
C ALA C 90 27.38 -19.72 -26.85
N ILE C 91 26.51 -19.06 -26.08
CA ILE C 91 26.92 -18.55 -24.76
C ILE C 91 27.35 -19.70 -23.87
N ASP C 92 26.64 -20.82 -23.95
CA ASP C 92 27.03 -21.97 -23.13
C ASP C 92 28.19 -22.77 -23.70
N HIS C 93 28.63 -22.50 -24.94
CA HIS C 93 29.71 -23.25 -25.58
C HIS C 93 30.62 -22.30 -26.34
N PRO C 94 31.54 -21.62 -25.63
CA PRO C 94 32.45 -20.70 -26.31
C PRO C 94 33.56 -21.43 -27.04
N LEU C 95 34.08 -20.78 -28.09
CA LEU C 95 35.24 -21.26 -28.84
C LEU C 95 36.46 -20.49 -28.37
N LYS C 96 37.47 -21.21 -27.88
CA LYS C 96 38.66 -20.57 -27.36
C LYS C 96 39.37 -19.80 -28.47
N PRO C 97 39.70 -18.52 -28.26
CA PRO C 97 40.38 -17.76 -29.32
C PRO C 97 41.78 -18.28 -29.56
N VAL C 98 42.25 -18.12 -30.79
CA VAL C 98 43.58 -18.58 -31.21
C VAL C 98 44.51 -17.38 -31.31
N ILE C 99 45.75 -17.57 -30.91
CA ILE C 99 46.76 -16.52 -30.96
C ILE C 99 47.63 -16.73 -32.19
N ILE C 100 47.83 -15.68 -32.96
CA ILE C 100 48.66 -15.74 -34.17
C ILE C 100 49.89 -14.86 -33.96
N GLY C 101 50.83 -14.99 -34.89
CA GLY C 101 52.08 -14.26 -34.78
C GLY C 101 51.91 -12.79 -35.07
N GLN C 102 52.82 -11.99 -34.50
CA GLN C 102 52.78 -10.54 -34.68
C GLN C 102 53.04 -10.10 -36.10
N ASP C 103 53.56 -10.98 -36.96
CA ASP C 103 53.90 -10.63 -38.33
C ASP C 103 52.85 -11.09 -39.34
N GLU C 104 51.78 -11.73 -38.88
CA GLU C 104 50.70 -12.14 -39.76
C GLU C 104 49.36 -11.54 -39.36
N ALA C 105 49.35 -10.62 -38.38
CA ALA C 105 48.11 -9.97 -37.97
C ALA C 105 47.82 -8.81 -38.92
N PRO C 106 46.67 -8.82 -39.61
CA PRO C 106 46.39 -7.73 -40.55
C PRO C 106 46.33 -6.35 -39.90
N VAL C 107 45.98 -6.29 -38.62
CA VAL C 107 45.81 -5.00 -37.95
C VAL C 107 47.13 -4.39 -37.53
N GLN C 108 48.25 -5.11 -37.69
CA GLN C 108 49.56 -4.60 -37.29
C GLN C 108 50.47 -4.36 -38.49
N GLU C 109 49.91 -4.07 -39.66
CA GLU C 109 50.75 -3.74 -40.80
C GLU C 109 51.48 -2.42 -40.59
N GLU C 110 50.81 -1.46 -39.94
CA GLU C 110 51.41 -0.18 -39.61
C GLU C 110 51.33 0.03 -38.11
N VAL C 111 52.46 0.36 -37.49
CA VAL C 111 52.55 0.49 -36.04
C VAL C 111 53.10 1.89 -35.75
N LEU C 112 52.26 2.77 -35.24
CA LEU C 112 52.68 4.11 -34.87
C LEU C 112 52.90 4.18 -33.36
N THR C 113 54.16 4.21 -32.94
CA THR C 113 54.50 4.34 -31.54
C THR C 113 54.81 5.77 -31.13
N THR C 114 54.98 6.67 -32.08
CA THR C 114 55.05 8.10 -31.81
C THR C 114 53.97 8.78 -32.64
N ASP C 115 54.02 10.11 -32.67
CA ASP C 115 53.07 10.97 -33.38
C ASP C 115 51.63 10.54 -33.11
N LEU C 116 51.36 10.23 -31.85
CA LEU C 116 50.09 9.65 -31.44
C LEU C 116 49.04 10.76 -31.32
N ASP C 117 48.44 11.13 -32.45
CA ASP C 117 47.27 12.00 -32.47
C ASP C 117 46.09 11.13 -32.91
N VAL C 118 45.28 10.71 -31.94
CA VAL C 118 44.20 9.78 -32.22
C VAL C 118 43.16 10.41 -33.13
N ASN C 119 42.87 11.69 -32.90
CA ASN C 119 41.85 12.38 -33.70
C ASN C 119 42.24 12.52 -35.16
N LYS C 120 43.53 12.43 -35.48
CA LYS C 120 44.00 12.50 -36.85
C LYS C 120 43.77 11.21 -37.62
N TRP C 121 43.75 10.06 -36.93
CA TRP C 121 43.59 8.77 -37.58
C TRP C 121 42.21 8.16 -37.39
N LEU C 122 41.63 8.28 -36.20
CA LEU C 122 40.31 7.74 -35.93
C LEU C 122 39.25 8.82 -36.16
N THR C 123 38.19 8.46 -36.86
CA THR C 123 37.17 9.42 -37.26
C THR C 123 36.24 9.71 -36.10
N ALA C 124 36.32 10.92 -35.56
CA ALA C 124 35.36 11.39 -34.58
C ALA C 124 34.21 12.08 -35.29
N ILE C 125 33.01 11.95 -34.71
CA ILE C 125 31.80 12.46 -35.33
C ILE C 125 31.01 13.27 -34.31
N ARG C 126 30.11 14.10 -34.84
CA ARG C 126 29.11 14.80 -34.04
C ARG C 126 27.74 14.27 -34.41
N HIS C 127 26.91 14.00 -33.41
CA HIS C 127 25.63 13.36 -33.67
C HIS C 127 24.54 14.39 -33.95
N THR C 128 24.42 15.40 -33.11
CA THR C 128 23.37 16.40 -33.20
C THR C 128 23.99 17.79 -33.17
N PRO C 129 23.29 18.79 -33.72
CA PRO C 129 23.84 20.15 -33.70
C PRO C 129 24.00 20.74 -32.31
N LEU C 130 23.32 20.19 -31.31
CA LEU C 130 23.41 20.69 -29.95
C LEU C 130 24.72 20.34 -29.26
N GLU C 131 25.51 19.45 -29.83
CA GLU C 131 26.77 19.05 -29.23
C GLU C 131 27.87 20.04 -29.57
N THR C 132 28.92 20.04 -28.75
CA THR C 132 30.07 20.90 -28.94
C THR C 132 31.33 20.14 -29.31
N GLU C 133 31.49 18.91 -28.82
CA GLU C 133 32.67 18.10 -29.06
C GLU C 133 32.38 17.05 -30.12
N MET C 134 33.45 16.59 -30.76
CA MET C 134 33.41 15.45 -31.66
C MET C 134 34.10 14.28 -30.98
N THR C 135 33.37 13.19 -30.80
CA THR C 135 33.81 12.07 -29.98
C THR C 135 34.01 10.83 -30.82
N ILE C 136 34.70 9.85 -30.24
CA ILE C 136 34.98 8.58 -30.88
C ILE C 136 34.15 7.52 -30.19
N GLY C 137 33.18 6.96 -30.92
CA GLY C 137 32.32 5.94 -30.36
C GLY C 137 32.22 4.71 -31.25
N SER C 138 33.33 4.35 -31.90
CA SER C 138 33.35 3.23 -32.82
C SER C 138 34.23 2.07 -32.33
N GLY C 139 34.95 2.25 -31.23
CA GLY C 139 35.90 1.26 -30.77
C GLY C 139 35.35 0.46 -29.59
N ILE C 140 35.74 -0.81 -29.53
CA ILE C 140 35.33 -1.70 -28.46
C ILE C 140 36.52 -2.01 -27.57
N SER C 141 36.33 -1.89 -26.26
CA SER C 141 37.38 -2.25 -25.32
C SER C 141 37.64 -3.76 -25.39
N CYS C 142 38.91 -4.13 -25.21
CA CYS C 142 39.29 -5.53 -25.26
C CYS C 142 40.26 -5.83 -24.14
N VAL C 143 39.80 -6.59 -23.14
CA VAL C 143 40.61 -6.99 -22.00
C VAL C 143 40.67 -8.51 -21.99
N VAL C 144 41.88 -9.05 -22.11
CA VAL C 144 42.10 -10.49 -22.21
C VAL C 144 43.17 -10.89 -21.22
N GLY C 145 42.94 -11.98 -20.49
CA GLY C 145 43.94 -12.56 -19.66
C GLY C 145 43.79 -12.26 -18.19
N PRO C 146 44.88 -11.84 -17.55
CA PRO C 146 44.88 -11.73 -16.08
C PRO C 146 43.93 -10.68 -15.54
N TYR C 147 43.70 -9.60 -16.28
CA TYR C 147 42.85 -8.53 -15.76
C TYR C 147 41.37 -8.86 -15.87
N PHE C 148 41.02 -9.96 -16.54
CA PHE C 148 39.63 -10.42 -16.56
C PHE C 148 39.54 -11.85 -16.05
N ASP C 149 40.40 -12.21 -15.10
CA ASP C 149 40.35 -13.52 -14.45
C ASP C 149 40.53 -14.65 -15.46
N GLY C 150 41.43 -14.45 -16.41
CA GLY C 150 41.69 -15.46 -17.41
C GLY C 150 40.67 -15.55 -18.52
N GLY C 151 39.65 -14.70 -18.51
CA GLY C 151 38.67 -14.69 -19.58
C GLY C 151 38.94 -13.62 -20.60
N SER C 152 37.88 -13.09 -21.22
CA SER C 152 38.04 -12.02 -22.19
C SER C 152 36.77 -11.18 -22.21
N HIS C 153 36.97 -9.87 -22.31
CA HIS C 153 35.87 -8.92 -22.35
C HIS C 153 35.99 -8.05 -23.60
N ILE C 154 34.86 -7.82 -24.26
CA ILE C 154 34.77 -6.87 -25.36
C ILE C 154 33.52 -6.04 -25.15
N GLY C 155 33.65 -4.72 -25.32
CA GLY C 155 32.52 -3.84 -25.14
C GLY C 155 32.85 -2.45 -25.62
N TYR C 156 31.80 -1.68 -25.87
CA TYR C 156 31.95 -0.33 -26.38
C TYR C 156 32.20 0.65 -25.25
N ASN C 157 33.04 1.65 -25.51
CA ASN C 157 33.29 2.73 -24.57
C ASN C 157 33.54 3.99 -25.37
N ARG C 158 32.76 5.04 -25.11
CA ARG C 158 32.92 6.29 -25.82
C ARG C 158 34.12 7.06 -25.28
N MET C 159 34.94 7.57 -26.18
CA MET C 159 36.16 8.27 -25.83
C MET C 159 36.19 9.63 -26.48
N ASN C 160 36.68 10.63 -25.73
CA ASN C 160 36.87 11.98 -26.24
C ASN C 160 38.33 12.34 -26.04
N PHE C 161 39.10 12.30 -27.12
CA PHE C 161 40.54 12.56 -27.08
C PHE C 161 40.75 14.07 -27.24
N ARG C 162 40.69 14.79 -26.13
CA ARG C 162 40.91 16.23 -26.13
C ARG C 162 42.25 16.62 -25.52
N TRP C 163 43.19 15.67 -25.43
CA TRP C 163 44.55 15.95 -24.99
C TRP C 163 45.54 15.21 -25.89
N GLY C 164 45.21 15.10 -27.17
CA GLY C 164 46.11 14.52 -28.14
C GLY C 164 46.11 13.01 -28.14
N ASN C 165 46.77 12.40 -27.16
CA ASN C 165 46.84 10.95 -27.03
C ASN C 165 46.23 10.48 -25.71
N VAL C 166 45.54 11.38 -25.02
CA VAL C 166 44.85 11.07 -23.78
C VAL C 166 43.40 11.50 -23.93
N GLY C 167 42.48 10.57 -23.70
CA GLY C 167 41.07 10.86 -23.81
C GLY C 167 40.29 10.24 -22.67
N THR C 168 39.06 10.73 -22.50
CA THR C 168 38.19 10.19 -21.48
C THR C 168 37.71 8.79 -21.89
N PHE C 169 37.30 8.02 -20.88
CA PHE C 169 36.90 6.63 -21.07
C PHE C 169 35.62 6.41 -20.28
N GLN C 170 34.49 6.40 -20.97
CA GLN C 170 33.19 6.28 -20.30
C GLN C 170 32.95 4.83 -19.91
N ILE C 171 32.72 4.59 -18.61
CA ILE C 171 32.52 3.26 -18.06
C ILE C 171 31.18 3.24 -17.35
N SER C 172 30.34 2.28 -17.71
CA SER C 172 29.07 2.12 -17.02
C SER C 172 29.30 1.54 -15.64
N PRO C 173 28.76 2.16 -14.58
CA PRO C 173 28.85 1.55 -13.25
C PRO C 173 28.16 0.21 -13.22
N GLY C 174 28.89 -0.82 -12.78
CA GLY C 174 28.39 -2.16 -12.73
C GLY C 174 28.82 -3.06 -13.87
N SER C 175 29.30 -2.48 -14.97
CA SER C 175 29.68 -3.25 -16.13
C SER C 175 30.97 -4.03 -15.87
N HIS C 176 31.42 -4.78 -16.88
CA HIS C 176 32.66 -5.54 -16.75
C HIS C 176 33.85 -4.62 -16.54
N MET C 177 33.95 -3.56 -17.34
CA MET C 177 35.04 -2.61 -17.17
C MET C 177 34.98 -1.94 -15.81
N TRP C 178 33.77 -1.67 -15.31
CA TRP C 178 33.63 -1.12 -13.96
C TRP C 178 34.15 -2.09 -12.92
N GLN C 179 33.86 -3.38 -13.09
CA GLN C 179 34.33 -4.37 -12.11
C GLN C 179 35.85 -4.49 -12.16
N VAL C 180 36.43 -4.46 -13.37
CA VAL C 180 37.88 -4.52 -13.49
C VAL C 180 38.52 -3.30 -12.85
N MET C 181 37.97 -2.11 -13.12
CA MET C 181 38.51 -0.89 -12.54
C MET C 181 38.35 -0.86 -11.02
N THR C 182 37.25 -1.42 -10.51
CA THR C 182 37.06 -1.48 -9.07
C THR C 182 38.03 -2.44 -8.41
N GLU C 183 38.32 -3.57 -9.05
CA GLU C 183 39.30 -4.49 -8.48
C GLU C 183 40.70 -3.91 -8.46
N HIS C 184 41.01 -3.03 -9.41
CA HIS C 184 42.35 -2.45 -9.54
C HIS C 184 42.31 -0.94 -9.36
N TYR C 185 41.37 -0.43 -8.57
CA TYR C 185 41.24 1.00 -8.39
C TYR C 185 42.41 1.61 -7.61
N LYS C 186 43.08 0.83 -6.76
CA LYS C 186 44.15 1.34 -5.92
C LYS C 186 45.49 0.71 -6.26
N ASP C 187 45.62 0.10 -7.43
CA ASP C 187 46.92 -0.40 -7.82
C ASP C 187 47.84 0.76 -8.22
N ASP C 188 49.13 0.44 -8.32
CA ASP C 188 50.10 1.43 -8.74
C ASP C 188 50.19 1.52 -10.26
N GLU C 189 50.20 0.37 -10.93
CA GLU C 189 50.25 0.33 -12.37
C GLU C 189 48.87 0.56 -12.98
N PRO C 190 48.81 1.20 -14.14
CA PRO C 190 47.53 1.35 -14.84
C PRO C 190 47.10 0.04 -15.46
N ILE C 191 45.85 0.01 -15.91
CA ILE C 191 45.26 -1.18 -16.51
C ILE C 191 45.59 -1.18 -18.00
N PRO C 192 46.34 -2.16 -18.50
CA PRO C 192 46.64 -2.20 -19.94
C PRO C 192 45.48 -2.78 -20.73
N LEU C 193 44.98 -2.01 -21.68
CA LEU C 193 43.88 -2.47 -22.53
C LEU C 193 44.05 -1.86 -23.90
N THR C 194 43.28 -2.37 -24.85
CA THR C 194 43.31 -1.90 -26.23
C THR C 194 41.89 -1.65 -26.72
N MET C 195 41.76 -0.66 -27.60
CA MET C 195 40.50 -0.35 -28.25
C MET C 195 40.60 -0.74 -29.71
N CYS C 196 39.68 -1.60 -30.16
CA CYS C 196 39.70 -2.13 -31.51
C CYS C 196 38.60 -1.47 -32.34
N PHE C 197 38.91 -1.18 -33.60
CA PHE C 197 37.99 -0.51 -34.50
C PHE C 197 37.84 -1.33 -35.78
N GLY C 198 36.64 -1.30 -36.35
CA GLY C 198 36.36 -2.09 -37.53
C GLY C 198 36.55 -3.58 -37.31
N VAL C 199 36.05 -4.10 -36.19
CA VAL C 199 36.29 -5.49 -35.80
C VAL C 199 35.35 -6.40 -36.59
N PRO C 200 35.51 -7.72 -36.50
CA PRO C 200 34.58 -8.62 -37.19
C PRO C 200 33.18 -8.44 -36.64
N PRO C 201 32.16 -8.71 -37.46
CA PRO C 201 30.78 -8.48 -37.01
C PRO C 201 30.38 -9.28 -35.79
N SER C 202 30.90 -10.50 -35.62
CA SER C 202 30.58 -11.26 -34.43
C SER C 202 31.11 -10.59 -33.18
N CYS C 203 32.27 -9.96 -33.26
CA CYS C 203 32.82 -9.26 -32.10
C CYS C 203 31.97 -8.05 -31.75
N THR C 204 31.45 -7.34 -32.75
CA THR C 204 30.51 -6.26 -32.48
C THR C 204 29.25 -6.79 -31.82
N TYR C 205 28.70 -7.88 -32.37
CA TYR C 205 27.51 -8.51 -31.82
C TYR C 205 27.69 -8.86 -30.35
N VAL C 206 28.83 -9.45 -29.99
CA VAL C 206 29.08 -9.80 -28.59
C VAL C 206 29.44 -8.60 -27.72
N ALA C 207 30.08 -7.57 -28.29
CA ALA C 207 30.38 -6.38 -27.52
C ALA C 207 29.11 -5.61 -27.19
N GLY C 208 28.05 -5.78 -27.98
CA GLY C 208 26.79 -5.15 -27.65
C GLY C 208 26.18 -5.61 -26.33
N ALA C 209 26.55 -6.81 -25.86
CA ALA C 209 26.00 -7.33 -24.63
C ALA C 209 26.40 -6.48 -23.44
N GLY C 210 25.59 -6.52 -22.39
CA GLY C 210 25.91 -5.78 -21.18
C GLY C 210 24.85 -6.00 -20.11
N PHE C 211 25.31 -6.01 -18.87
CA PHE C 211 24.43 -6.15 -17.71
C PHE C 211 23.63 -7.44 -17.77
N ASP C 212 24.33 -8.53 -18.04
CA ASP C 212 23.75 -9.88 -18.07
C ASP C 212 24.69 -10.83 -17.34
N TYR C 213 25.20 -10.38 -16.20
CA TYR C 213 26.33 -11.02 -15.55
C TYR C 213 25.95 -12.24 -14.73
N ALA C 214 24.65 -12.56 -14.62
CA ALA C 214 24.28 -13.87 -14.12
C ALA C 214 24.59 -14.96 -15.15
N ILE C 215 24.64 -14.58 -16.43
CA ILE C 215 24.98 -15.50 -17.50
C ILE C 215 26.40 -15.28 -18.00
N LEU C 216 26.83 -14.01 -18.07
CA LEU C 216 28.17 -13.64 -18.54
C LEU C 216 28.90 -12.91 -17.42
N PRO C 217 29.28 -13.62 -16.36
CA PRO C 217 29.96 -12.97 -15.24
C PRO C 217 31.40 -12.62 -15.60
N LYS C 218 32.02 -11.85 -14.71
CA LYS C 218 33.42 -11.51 -14.87
C LYS C 218 34.27 -12.78 -14.85
N GLY C 219 35.13 -12.93 -15.84
CA GLY C 219 35.89 -14.16 -16.03
C GLY C 219 35.39 -15.01 -17.17
N CYS C 220 34.24 -14.69 -17.76
CA CYS C 220 33.75 -15.41 -18.92
C CYS C 220 34.61 -15.11 -20.14
N ASP C 221 34.25 -15.72 -21.26
CA ASP C 221 34.99 -15.57 -22.51
C ASP C 221 34.05 -14.98 -23.55
N GLU C 222 33.99 -13.65 -23.59
CA GLU C 222 33.13 -12.99 -24.56
C GLU C 222 33.67 -13.13 -25.97
N ILE C 223 34.99 -13.08 -26.15
CA ILE C 223 35.57 -13.35 -27.46
C ILE C 223 35.33 -14.80 -27.86
N GLY C 224 35.33 -15.72 -26.89
CA GLY C 224 34.95 -17.08 -27.20
C GLY C 224 33.51 -17.19 -27.66
N ILE C 225 32.63 -16.40 -27.06
CA ILE C 225 31.24 -16.38 -27.49
C ILE C 225 31.12 -15.84 -28.91
N ALA C 226 31.89 -14.80 -29.23
CA ALA C 226 31.89 -14.28 -30.59
C ALA C 226 32.38 -15.32 -31.58
N GLY C 227 33.45 -16.04 -31.22
CA GLY C 227 33.94 -17.10 -32.09
C GLY C 227 32.91 -18.20 -32.30
N ALA C 228 32.22 -18.60 -31.22
CA ALA C 228 31.17 -19.59 -31.36
C ALA C 228 30.03 -19.09 -32.22
N ILE C 229 29.75 -17.79 -32.16
CA ILE C 229 28.69 -17.21 -32.97
C ILE C 229 29.06 -17.23 -34.44
N GLN C 230 30.31 -16.91 -34.75
CA GLN C 230 30.76 -16.89 -36.14
C GLN C 230 31.17 -18.26 -36.65
N GLY C 231 31.18 -19.28 -35.80
CA GLY C 231 31.49 -20.62 -36.24
C GLY C 231 32.96 -20.93 -36.38
N SER C 232 33.83 -20.09 -35.82
CA SER C 232 35.27 -20.32 -35.88
C SER C 232 35.97 -19.42 -34.87
N PRO C 233 37.16 -19.81 -34.42
CA PRO C 233 37.82 -19.02 -33.36
C PRO C 233 38.23 -17.65 -33.84
N VAL C 234 38.14 -16.68 -32.95
CA VAL C 234 38.58 -15.33 -33.22
C VAL C 234 40.08 -15.24 -32.98
N ARG C 235 40.78 -14.56 -33.88
CA ARG C 235 42.24 -14.51 -33.83
C ARG C 235 42.70 -13.35 -32.97
N LEU C 236 43.64 -13.64 -32.07
CA LEU C 236 44.26 -12.65 -31.20
C LEU C 236 45.72 -12.49 -31.58
N VAL C 237 46.30 -11.36 -31.17
CA VAL C 237 47.70 -11.06 -31.44
C VAL C 237 48.25 -10.24 -30.28
N LYS C 238 49.49 -10.53 -29.92
CA LYS C 238 50.14 -9.79 -28.85
C LYS C 238 50.38 -8.35 -29.26
N CYS C 239 50.09 -7.43 -28.34
CA CYS C 239 50.29 -6.02 -28.61
C CYS C 239 51.77 -5.70 -28.80
N ARG C 240 52.03 -4.49 -29.28
CA ARG C 240 53.41 -4.09 -29.55
C ARG C 240 54.05 -3.40 -28.36
N THR C 241 53.33 -2.48 -27.72
CA THR C 241 53.90 -1.65 -26.66
C THR C 241 53.42 -1.99 -25.26
N ILE C 242 52.40 -2.84 -25.13
CA ILE C 242 51.85 -3.21 -23.83
C ILE C 242 51.77 -4.73 -23.74
N ASP C 243 51.53 -5.21 -22.54
CA ASP C 243 51.38 -6.65 -22.28
C ASP C 243 49.88 -6.96 -22.30
N ALA C 244 49.36 -7.21 -23.50
CA ALA C 244 47.95 -7.48 -23.69
C ALA C 244 47.76 -8.14 -25.05
N TYR C 245 46.50 -8.33 -25.44
CA TYR C 245 46.16 -8.92 -26.73
C TYR C 245 45.09 -8.08 -27.39
N THR C 246 44.99 -8.20 -28.71
CA THR C 246 44.02 -7.45 -29.49
C THR C 246 43.40 -8.37 -30.54
N LEU C 247 42.31 -7.91 -31.13
CA LEU C 247 41.71 -8.61 -32.25
C LEU C 247 42.58 -8.43 -33.48
N ALA C 248 43.17 -9.53 -33.96
CA ALA C 248 44.13 -9.43 -35.05
C ALA C 248 43.50 -8.96 -36.35
N ASP C 249 42.20 -9.21 -36.54
CA ASP C 249 41.53 -8.90 -37.79
C ASP C 249 40.76 -7.58 -37.73
N ALA C 250 41.12 -6.70 -36.80
CA ALA C 250 40.51 -5.39 -36.71
C ALA C 250 41.08 -4.48 -37.80
N GLU C 251 40.60 -3.24 -37.86
CA GLU C 251 41.13 -2.24 -38.79
C GLU C 251 42.03 -1.22 -38.12
N TYR C 252 41.69 -0.78 -36.92
CA TYR C 252 42.55 0.07 -36.11
C TYR C 252 42.64 -0.53 -34.72
N VAL C 253 43.72 -0.19 -34.02
CA VAL C 253 43.92 -0.62 -32.64
C VAL C 253 44.63 0.49 -31.88
N LEU C 254 44.11 0.82 -30.70
CA LEU C 254 44.74 1.78 -29.81
C LEU C 254 45.23 1.05 -28.57
N GLU C 255 46.55 0.96 -28.42
CA GLU C 255 47.15 0.38 -27.24
C GLU C 255 47.46 1.47 -26.23
N GLY C 256 47.23 1.18 -24.96
CA GLY C 256 47.45 2.17 -23.93
C GLY C 256 47.11 1.63 -22.56
N TYR C 257 46.96 2.56 -21.62
CA TYR C 257 46.69 2.23 -20.23
C TYR C 257 45.50 3.04 -19.74
N LEU C 258 44.64 2.39 -18.97
CA LEU C 258 43.51 3.06 -18.34
C LEU C 258 43.90 3.50 -16.93
N HIS C 259 43.77 4.79 -16.67
CA HIS C 259 44.12 5.35 -15.37
C HIS C 259 42.84 5.57 -14.57
N PRO C 260 42.48 4.67 -13.65
CA PRO C 260 41.19 4.81 -12.95
C PRO C 260 41.10 6.05 -12.09
N ARG C 261 42.19 6.46 -11.44
CA ARG C 261 42.17 7.60 -10.55
C ARG C 261 42.43 8.93 -11.25
N ASP C 262 42.74 8.91 -12.55
CA ASP C 262 42.98 10.12 -13.32
C ASP C 262 41.71 10.45 -14.10
N LYS C 263 40.79 11.12 -13.41
CA LYS C 263 39.48 11.45 -13.98
C LYS C 263 39.46 12.89 -14.47
N ARG C 264 38.90 13.08 -15.67
CA ARG C 264 38.77 14.40 -16.28
C ARG C 264 37.39 14.52 -16.90
N TYR C 265 37.01 15.75 -17.20
CA TYR C 265 35.68 16.01 -17.74
C TYR C 265 35.63 15.66 -19.23
N GLU C 266 34.45 15.26 -19.68
CA GLU C 266 34.30 14.79 -21.06
C GLU C 266 34.18 15.95 -22.04
N THR C 267 33.67 17.09 -21.59
CA THR C 267 33.53 18.27 -22.44
C THR C 267 34.16 19.47 -21.77
N ALA C 268 34.61 20.43 -22.59
CA ALA C 268 35.21 21.64 -22.07
C ALA C 268 34.20 22.47 -21.31
N GLU C 269 32.94 22.46 -21.76
CA GLU C 269 31.90 23.25 -21.10
C GLU C 269 31.66 22.77 -19.68
N SER C 270 31.45 21.46 -19.51
CA SER C 270 31.24 20.91 -18.18
C SER C 270 32.49 21.04 -17.32
N GLU C 271 33.66 20.94 -17.93
CA GLU C 271 34.90 21.15 -17.19
C GLU C 271 34.99 22.57 -16.65
N ALA C 272 34.56 23.54 -17.45
CA ALA C 272 34.53 24.94 -17.03
C ALA C 272 33.54 25.12 -15.89
N ALA C 273 32.27 24.76 -16.12
CA ALA C 273 31.27 24.90 -15.08
C ALA C 273 31.46 23.93 -13.93
N ASP C 274 32.13 22.80 -14.16
CA ASP C 274 32.51 21.87 -13.10
C ASP C 274 31.30 21.20 -12.46
N ILE C 275 30.38 20.71 -13.28
CA ILE C 275 29.23 19.93 -12.81
C ILE C 275 29.00 18.79 -13.78
N GLN C 276 28.48 17.67 -13.26
CA GLN C 276 28.14 16.52 -14.09
C GLN C 276 26.64 16.39 -14.24
N GLY C 277 26.23 15.58 -15.21
CA GLY C 277 24.82 15.34 -15.44
C GLY C 277 24.11 16.39 -16.27
N ARG C 278 24.79 17.49 -16.60
CA ARG C 278 24.24 18.51 -17.48
C ARG C 278 25.20 18.69 -18.64
N PHE C 279 24.96 19.74 -19.44
CA PHE C 279 25.89 20.06 -20.52
C PHE C 279 26.03 18.93 -21.53
N HIS C 280 24.99 18.76 -22.36
CA HIS C 280 24.79 17.65 -23.30
C HIS C 280 26.06 17.15 -23.98
N PHE C 281 26.18 15.83 -24.10
CA PHE C 281 27.34 15.19 -24.70
C PHE C 281 26.99 14.62 -26.07
N HIS C 282 26.01 13.74 -26.12
CA HIS C 282 25.34 13.31 -27.34
C HIS C 282 24.21 12.35 -26.96
N PRO C 283 23.35 12.00 -27.91
CA PRO C 283 22.21 11.13 -27.57
C PRO C 283 22.66 9.79 -27.00
N GLU C 284 21.99 9.35 -25.94
CA GLU C 284 22.29 8.12 -25.23
C GLU C 284 21.25 7.04 -25.49
N TRP C 285 21.45 5.89 -24.85
CA TRP C 285 20.69 4.68 -25.15
C TRP C 285 19.22 4.79 -24.75
N ALA C 286 18.90 5.61 -23.76
CA ALA C 286 17.52 5.76 -23.33
C ALA C 286 16.69 6.61 -24.27
N GLY C 287 17.26 7.09 -25.37
CA GLY C 287 16.53 7.89 -26.33
C GLY C 287 16.47 9.38 -26.01
N TYR C 288 17.23 9.83 -25.03
CA TYR C 288 17.24 11.23 -24.63
C TYR C 288 18.56 11.88 -25.03
N MET C 289 18.55 13.21 -25.09
CA MET C 289 19.79 13.94 -25.29
C MET C 289 20.71 13.74 -24.09
N GLY C 290 22.01 13.67 -24.36
CA GLY C 290 22.97 13.23 -23.39
C GLY C 290 23.44 14.28 -22.42
N LYS C 291 24.34 13.85 -21.53
CA LYS C 291 24.99 14.70 -20.55
C LYS C 291 26.46 14.28 -20.44
N ALA C 292 27.26 15.17 -19.86
CA ALA C 292 28.69 14.96 -19.71
C ALA C 292 29.05 14.73 -18.25
N TYR C 293 30.02 13.84 -18.02
CA TYR C 293 30.46 13.48 -16.69
C TYR C 293 31.99 13.46 -16.64
N LYS C 294 32.52 13.29 -15.44
CA LYS C 294 33.93 12.95 -15.28
C LYS C 294 34.12 11.46 -15.58
N ALA C 295 35.31 11.11 -16.04
CA ALA C 295 35.58 9.75 -16.44
C ALA C 295 37.08 9.51 -16.34
N PRO C 296 37.50 8.26 -16.15
CA PRO C 296 38.93 7.94 -16.20
C PRO C 296 39.49 8.21 -17.59
N THR C 297 40.82 8.23 -17.67
CA THR C 297 41.51 8.60 -18.89
C THR C 297 42.21 7.39 -19.49
N PHE C 298 42.26 7.36 -20.81
CA PHE C 298 42.93 6.31 -21.57
C PHE C 298 44.17 6.91 -22.22
N HIS C 299 45.34 6.44 -21.79
CA HIS C 299 46.61 6.99 -22.25
C HIS C 299 47.14 6.10 -23.37
N VAL C 300 47.02 6.59 -24.61
CA VAL C 300 47.43 5.80 -25.77
C VAL C 300 48.94 5.79 -25.89
N THR C 301 49.50 4.64 -26.23
CA THR C 301 50.93 4.51 -26.44
C THR C 301 51.29 3.94 -27.81
N ALA C 302 50.32 3.61 -28.65
CA ALA C 302 50.60 3.09 -29.97
C ALA C 302 49.29 3.03 -30.76
N ILE C 303 49.38 3.29 -32.06
CA ILE C 303 48.23 3.26 -32.96
C ILE C 303 48.56 2.31 -34.10
N THR C 304 48.08 1.08 -34.00
CA THR C 304 48.27 0.08 -35.03
C THR C 304 47.06 0.08 -35.97
N MET C 305 47.30 -0.25 -37.23
CA MET C 305 46.23 -0.25 -38.22
C MET C 305 46.69 -1.03 -39.44
N ARG C 306 45.75 -1.34 -40.32
CA ARG C 306 46.06 -1.94 -41.60
C ARG C 306 46.78 -0.93 -42.48
N ARG C 307 47.23 -1.39 -43.65
CA ARG C 307 47.92 -0.55 -44.61
C ARG C 307 47.06 0.63 -45.02
N ARG C 308 47.60 1.84 -44.83
CA ARG C 308 46.81 3.05 -45.02
C ARG C 308 46.36 3.25 -46.46
N GLU C 309 46.99 2.59 -47.42
CA GLU C 309 46.53 2.64 -48.79
C GLU C 309 45.29 1.76 -49.00
N SER C 310 45.07 0.80 -48.14
CA SER C 310 43.88 -0.03 -48.17
C SER C 310 42.66 0.67 -47.60
N LYS C 311 42.83 1.85 -47.00
CA LYS C 311 41.74 2.63 -46.42
C LYS C 311 40.96 1.80 -45.41
N PRO C 312 41.51 1.56 -44.23
CA PRO C 312 40.80 0.76 -43.22
C PRO C 312 39.45 1.36 -42.86
N ILE C 313 38.49 0.47 -42.61
CA ILE C 313 37.10 0.87 -42.41
C ILE C 313 36.85 1.12 -40.92
N ILE C 314 36.04 2.12 -40.63
CA ILE C 314 35.59 2.41 -39.28
C ILE C 314 34.07 2.42 -39.26
N PHE C 315 33.50 2.01 -38.14
CA PHE C 315 32.05 1.81 -38.01
C PHE C 315 31.51 2.83 -37.02
N PRO C 316 31.26 4.07 -37.45
CA PRO C 316 30.59 5.03 -36.57
C PRO C 316 29.08 4.92 -36.69
N LEU C 317 28.41 5.03 -35.54
CA LEU C 317 26.96 4.85 -35.51
C LEU C 317 26.36 5.75 -34.44
N GLY C 318 25.22 6.35 -34.76
CA GLY C 318 24.47 7.08 -33.77
C GLY C 318 23.91 6.17 -32.71
N VAL C 319 23.74 6.71 -31.51
CA VAL C 319 23.30 5.88 -30.39
C VAL C 319 21.84 5.48 -30.54
N HIS C 320 20.95 6.45 -30.75
CA HIS C 320 19.53 6.17 -30.86
C HIS C 320 19.20 5.79 -32.30
N THR C 321 19.59 4.58 -32.66
CA THR C 321 19.31 4.02 -33.97
C THR C 321 18.99 2.53 -33.81
N ALA C 322 18.36 1.97 -34.85
CA ALA C 322 18.10 0.54 -34.84
C ALA C 322 19.39 -0.26 -34.83
N ASP C 323 20.47 0.32 -35.36
CA ASP C 323 21.77 -0.34 -35.34
C ASP C 323 22.25 -0.63 -33.92
N ASP C 324 22.39 0.43 -33.11
CA ASP C 324 22.81 0.28 -31.73
C ASP C 324 21.85 -0.60 -30.94
N ALA C 325 20.55 -0.43 -31.20
CA ALA C 325 19.53 -1.21 -30.50
C ALA C 325 19.71 -2.70 -30.76
N ASN C 326 19.89 -3.08 -32.03
CA ASN C 326 20.15 -4.47 -32.35
C ASN C 326 21.43 -4.96 -31.68
N ILE C 327 22.51 -4.17 -31.80
CA ILE C 327 23.82 -4.53 -31.30
C ILE C 327 23.78 -4.88 -29.82
N ASP C 328 23.04 -4.10 -29.03
CA ASP C 328 22.92 -4.44 -27.61
C ASP C 328 21.88 -5.51 -27.33
N THR C 329 20.64 -5.29 -27.78
CA THR C 329 19.53 -6.11 -27.35
C THR C 329 19.59 -7.53 -27.87
N SER C 330 20.40 -7.83 -28.89
CA SER C 330 20.45 -9.20 -29.39
C SER C 330 21.00 -10.15 -28.32
N VAL C 331 22.22 -9.90 -27.87
CA VAL C 331 22.78 -10.76 -26.84
C VAL C 331 22.07 -10.55 -25.51
N ARG C 332 21.49 -9.36 -25.28
CA ARG C 332 20.65 -9.23 -24.09
C ARG C 332 19.49 -10.22 -24.10
N GLU C 333 18.78 -10.32 -25.23
CA GLU C 333 17.68 -11.27 -25.35
C GLU C 333 18.16 -12.69 -25.14
N SER C 334 19.30 -13.05 -25.75
CA SER C 334 19.79 -14.41 -25.61
C SER C 334 20.14 -14.72 -24.15
N ALA C 335 20.72 -13.76 -23.43
CA ALA C 335 21.11 -14.02 -22.05
C ALA C 335 19.88 -14.10 -21.14
N ILE C 336 18.87 -13.27 -21.39
CA ILE C 336 17.65 -13.37 -20.59
C ILE C 336 16.97 -14.70 -20.83
N PHE C 337 16.95 -15.15 -22.09
CA PHE C 337 16.42 -16.47 -22.38
C PHE C 337 17.19 -17.56 -21.64
N ALA C 338 18.52 -17.46 -21.64
CA ALA C 338 19.33 -18.46 -20.94
C ALA C 338 19.03 -18.47 -19.45
N LEU C 339 18.87 -17.30 -18.84
CA LEU C 339 18.55 -17.25 -17.42
C LEU C 339 17.20 -17.87 -17.12
N CYS C 340 16.18 -17.53 -17.91
CA CYS C 340 14.86 -18.09 -17.70
C CYS C 340 14.86 -19.61 -17.91
N GLU C 341 15.66 -20.10 -18.86
CA GLU C 341 15.76 -21.53 -19.06
C GLU C 341 16.48 -22.21 -17.91
N ARG C 342 17.47 -21.54 -17.30
CA ARG C 342 18.15 -22.10 -16.16
C ARG C 342 17.21 -22.21 -14.96
N LEU C 343 16.41 -21.18 -14.72
CA LEU C 343 15.51 -21.20 -13.56
C LEU C 343 14.49 -22.33 -13.66
N GLN C 344 13.82 -22.44 -14.80
CA GLN C 344 12.86 -23.51 -15.03
C GLN C 344 12.75 -23.75 -16.53
N PRO C 345 13.34 -24.82 -17.04
CA PRO C 345 13.38 -25.02 -18.49
C PRO C 345 12.00 -25.34 -19.06
N GLY C 346 11.80 -24.91 -20.30
CA GLY C 346 10.61 -25.26 -21.05
C GLY C 346 9.44 -24.30 -20.91
N ILE C 347 9.54 -23.30 -20.04
CA ILE C 347 8.42 -22.39 -19.83
C ILE C 347 8.50 -21.17 -20.73
N VAL C 348 9.68 -20.55 -20.83
CA VAL C 348 9.84 -19.38 -21.68
C VAL C 348 9.98 -19.83 -23.13
N GLN C 349 9.15 -19.28 -24.01
CA GLN C 349 9.15 -19.63 -25.41
C GLN C 349 9.93 -18.65 -26.28
N ASN C 350 10.03 -17.40 -25.87
CA ASN C 350 10.69 -16.39 -26.68
C ASN C 350 10.97 -15.17 -25.81
N VAL C 351 12.05 -14.47 -26.15
CA VAL C 351 12.40 -13.22 -25.48
C VAL C 351 12.68 -12.18 -26.55
N HIS C 352 12.20 -10.97 -26.34
CA HIS C 352 12.36 -9.90 -27.32
C HIS C 352 12.56 -8.58 -26.60
N ILE C 353 13.59 -7.85 -27.00
CA ILE C 353 13.80 -6.49 -26.51
C ILE C 353 13.57 -5.55 -27.70
N PRO C 354 12.39 -4.95 -27.81
CA PRO C 354 12.11 -4.12 -28.98
C PRO C 354 12.94 -2.84 -28.97
N TYR C 355 13.03 -2.24 -30.15
CA TYR C 355 13.75 -0.98 -30.32
C TYR C 355 13.21 0.08 -29.36
N CYS C 356 11.91 0.12 -29.17
CA CYS C 356 11.27 1.15 -28.35
C CYS C 356 11.57 1.01 -26.86
N MET C 357 12.30 -0.01 -26.45
CA MET C 357 12.47 -0.28 -25.03
C MET C 357 13.89 -0.03 -24.51
N THR C 358 14.67 0.85 -25.16
CA THR C 358 15.78 1.50 -24.49
C THR C 358 16.82 0.54 -23.93
N ASP C 359 17.72 0.07 -24.79
CA ASP C 359 18.36 -1.24 -24.76
C ASP C 359 18.43 -1.87 -23.37
N TRP C 360 18.86 -1.10 -22.36
CA TRP C 360 18.92 -1.60 -20.99
C TRP C 360 17.65 -1.31 -20.21
N GLY C 361 16.58 -0.88 -20.88
CA GLY C 361 15.40 -0.42 -20.18
C GLY C 361 14.36 -1.47 -19.89
N GLY C 362 14.06 -2.32 -20.87
CA GLY C 362 13.02 -3.29 -20.68
C GLY C 362 13.18 -4.50 -21.57
N CYS C 363 12.23 -5.42 -21.46
CA CYS C 363 12.22 -6.64 -22.25
C CYS C 363 10.84 -7.24 -22.22
N ILE C 364 10.61 -8.20 -23.11
CA ILE C 364 9.36 -8.94 -23.18
C ILE C 364 9.69 -10.43 -23.23
N ILE C 365 9.07 -11.20 -22.34
CA ILE C 365 9.22 -12.65 -22.33
C ILE C 365 7.86 -13.28 -22.60
N GLN C 366 7.89 -14.36 -23.36
CA GLN C 366 6.68 -15.10 -23.71
C GLN C 366 6.74 -16.46 -23.04
N VAL C 367 5.78 -16.73 -22.16
CA VAL C 367 5.76 -17.95 -21.37
C VAL C 367 4.56 -18.79 -21.77
N LYS C 368 4.72 -20.09 -21.65
CA LYS C 368 3.65 -21.06 -21.89
C LYS C 368 3.55 -21.98 -20.68
N LYS C 369 2.44 -21.90 -19.96
CA LYS C 369 2.22 -22.73 -18.80
C LYS C 369 1.64 -24.07 -19.24
N ARG C 370 2.35 -25.16 -18.93
CA ARG C 370 1.94 -26.47 -19.40
C ARG C 370 0.98 -27.16 -18.44
N ASN C 371 1.00 -26.79 -17.17
CA ASN C 371 0.11 -27.39 -16.19
C ASN C 371 -0.07 -26.43 -15.03
N GLN C 372 -0.92 -26.80 -14.08
CA GLN C 372 -1.22 -25.92 -12.95
C GLN C 372 -0.03 -25.71 -12.03
N ILE C 373 0.92 -26.64 -11.98
CA ILE C 373 2.09 -26.52 -11.12
C ILE C 373 3.09 -25.51 -11.68
N GLU C 374 2.90 -25.02 -12.90
CA GLU C 374 3.78 -24.02 -13.47
C GLU C 374 3.21 -22.62 -13.39
N GLU C 375 1.98 -22.46 -12.91
CA GLU C 375 1.40 -21.14 -12.75
C GLU C 375 2.18 -20.36 -11.69
N GLY C 376 2.59 -19.15 -12.04
CA GLY C 376 3.38 -18.32 -11.15
C GLY C 376 4.84 -18.22 -11.51
N TRP C 377 5.34 -19.07 -12.41
CA TRP C 377 6.74 -19.00 -12.80
C TRP C 377 7.05 -17.71 -13.55
N GLN C 378 6.06 -17.12 -14.21
CA GLN C 378 6.31 -15.86 -14.92
C GLN C 378 6.70 -14.76 -13.95
N ARG C 379 6.18 -14.81 -12.72
CA ARG C 379 6.53 -13.78 -11.74
C ARG C 379 7.95 -13.98 -11.22
N ASN C 380 8.35 -15.24 -11.00
CA ASN C 380 9.74 -15.52 -10.68
C ASN C 380 10.65 -15.04 -11.79
N PHE C 381 10.27 -15.29 -13.04
CA PHE C 381 11.09 -14.85 -14.17
C PHE C 381 11.20 -13.34 -14.22
N LEU C 382 10.08 -12.64 -14.01
CA LEU C 382 10.11 -11.18 -14.03
C LEU C 382 10.99 -10.62 -12.91
N ALA C 383 10.84 -11.16 -11.70
CA ALA C 383 11.66 -10.68 -10.59
C ALA C 383 13.14 -10.96 -10.83
N ALA C 384 13.46 -12.15 -11.32
CA ALA C 384 14.87 -12.49 -11.57
C ALA C 384 15.44 -11.62 -12.68
N ILE C 385 14.65 -11.33 -13.71
CA ILE C 385 15.15 -10.49 -14.80
C ILE C 385 15.38 -9.07 -14.31
N LEU C 386 14.45 -8.54 -13.51
CA LEU C 386 14.61 -7.18 -13.02
C LEU C 386 15.79 -7.08 -12.05
N ALA C 387 16.05 -8.13 -11.28
CA ALA C 387 17.13 -8.10 -10.30
C ALA C 387 18.49 -8.37 -10.91
N CYS C 388 18.58 -9.24 -11.93
CA CYS C 388 19.85 -9.62 -12.52
C CYS C 388 20.22 -8.78 -13.74
N SER C 389 19.38 -7.82 -14.12
CA SER C 389 19.66 -6.89 -15.20
C SER C 389 19.57 -5.50 -14.60
N GLN C 390 20.71 -4.95 -14.20
CA GLN C 390 20.77 -3.72 -13.42
C GLN C 390 20.10 -2.56 -14.13
N GLY C 391 19.15 -1.93 -13.44
CA GLY C 391 18.50 -0.75 -13.96
C GLY C 391 17.39 -1.00 -14.96
N MET C 392 17.05 -2.26 -15.20
CA MET C 392 15.92 -2.54 -16.08
C MET C 392 14.63 -2.01 -15.47
N ARG C 393 13.86 -1.29 -16.26
CA ARG C 393 12.73 -0.55 -15.73
C ARG C 393 11.39 -1.21 -16.00
N LEU C 394 11.25 -1.98 -17.07
CA LEU C 394 9.94 -2.52 -17.44
C LEU C 394 10.12 -3.88 -18.09
N ALA C 395 9.78 -4.94 -17.36
CA ALA C 395 9.74 -6.29 -17.89
C ALA C 395 8.29 -6.73 -18.00
N ILE C 396 7.93 -7.30 -19.15
CA ILE C 396 6.56 -7.70 -19.43
C ILE C 396 6.55 -9.18 -19.81
N ALA C 397 5.63 -9.93 -19.22
CA ALA C 397 5.43 -11.33 -19.53
C ALA C 397 4.07 -11.49 -20.22
N VAL C 398 4.06 -12.22 -21.34
CA VAL C 398 2.85 -12.44 -22.12
C VAL C 398 2.73 -13.93 -22.42
N SER C 399 1.53 -14.34 -22.84
CA SER C 399 1.25 -15.73 -23.13
C SER C 399 1.64 -16.07 -24.57
N GLU C 400 1.45 -17.34 -24.93
CA GLU C 400 1.93 -17.84 -26.22
C GLU C 400 1.03 -17.45 -27.38
N ASP C 401 -0.16 -16.91 -27.13
CA ASP C 401 -1.06 -16.46 -28.18
C ASP C 401 -0.87 -14.98 -28.48
N VAL C 402 0.35 -14.49 -28.30
CA VAL C 402 0.67 -13.08 -28.41
C VAL C 402 1.81 -12.93 -29.40
N ASP C 403 1.73 -11.91 -30.25
CA ASP C 403 2.79 -11.60 -31.18
C ASP C 403 3.82 -10.73 -30.45
N ILE C 404 4.95 -11.34 -30.07
CA ILE C 404 5.91 -10.65 -29.22
C ILE C 404 6.60 -9.50 -29.94
N TYR C 405 6.55 -9.47 -31.27
CA TYR C 405 7.24 -8.45 -32.04
C TYR C 405 6.36 -7.24 -32.37
N SER C 406 5.09 -7.28 -32.01
CA SER C 406 4.17 -6.20 -32.29
C SER C 406 3.90 -5.43 -31.01
N MET C 407 4.26 -4.15 -30.98
CA MET C 407 3.99 -3.34 -29.81
C MET C 407 2.49 -3.10 -29.64
N ASP C 408 1.73 -3.11 -30.73
CA ASP C 408 0.28 -3.01 -30.60
C ASP C 408 -0.30 -4.22 -29.88
N ASP C 409 0.22 -5.41 -30.17
CA ASP C 409 -0.29 -6.60 -29.52
C ASP C 409 0.09 -6.62 -28.04
N ILE C 410 1.28 -6.10 -27.71
CA ILE C 410 1.68 -5.95 -26.32
C ILE C 410 0.79 -4.96 -25.60
N MET C 411 0.45 -3.85 -26.26
CA MET C 411 -0.47 -2.89 -25.66
C MET C 411 -1.85 -3.49 -25.45
N TRP C 412 -2.30 -4.34 -26.38
CA TRP C 412 -3.57 -5.03 -26.19
C TRP C 412 -3.51 -5.94 -24.97
N CYS C 413 -2.40 -6.67 -24.80
CA CYS C 413 -2.24 -7.51 -23.62
C CYS C 413 -2.25 -6.67 -22.34
N LEU C 414 -1.59 -5.52 -22.38
CA LEU C 414 -1.58 -4.63 -21.22
C LEU C 414 -2.98 -4.14 -20.90
N THR C 415 -3.78 -3.88 -21.94
CA THR C 415 -5.12 -3.36 -21.73
C THR C 415 -6.06 -4.41 -21.18
N THR C 416 -5.94 -5.66 -21.65
CA THR C 416 -6.97 -6.64 -21.35
C THR C 416 -6.53 -7.71 -20.35
N ARG C 417 -5.24 -7.89 -20.10
CA ARG C 417 -4.79 -9.02 -19.31
C ARG C 417 -4.00 -8.65 -18.06
N VAL C 418 -4.08 -7.40 -17.62
CA VAL C 418 -3.31 -6.94 -16.46
C VAL C 418 -4.28 -6.51 -15.37
N ASN C 419 -4.22 -7.21 -14.24
CA ASN C 419 -4.92 -6.77 -13.03
C ASN C 419 -4.04 -5.73 -12.35
N PRO C 420 -4.45 -4.46 -12.32
CA PRO C 420 -3.54 -3.43 -11.77
C PRO C 420 -3.26 -3.59 -10.29
N GLN C 421 -4.04 -4.38 -9.57
CA GLN C 421 -3.84 -4.55 -8.13
C GLN C 421 -2.91 -5.69 -7.79
N THR C 422 -2.70 -6.65 -8.70
CA THR C 422 -1.88 -7.82 -8.40
C THR C 422 -0.87 -8.16 -9.48
N ASP C 423 -0.98 -7.59 -10.68
CA ASP C 423 -0.16 -8.01 -11.80
C ASP C 423 0.98 -7.05 -12.12
N ILE C 424 1.23 -6.07 -11.25
CA ILE C 424 2.29 -5.09 -11.47
C ILE C 424 3.29 -5.26 -10.33
N LEU C 425 4.45 -5.85 -10.64
CA LEU C 425 5.48 -6.08 -9.65
C LEU C 425 6.38 -4.86 -9.52
N ASN C 426 6.81 -4.60 -8.29
CA ASN C 426 7.80 -3.56 -7.99
C ASN C 426 8.84 -4.18 -7.07
N PRO C 427 9.72 -5.01 -7.63
CA PRO C 427 10.49 -5.94 -6.79
C PRO C 427 11.52 -5.27 -5.89
N LEU C 428 12.33 -4.36 -6.41
CA LEU C 428 13.52 -3.88 -5.72
C LEU C 428 13.57 -2.36 -5.71
N PRO C 429 12.67 -1.71 -4.97
CA PRO C 429 12.78 -0.27 -4.78
C PRO C 429 14.01 0.09 -3.97
N GLY C 430 14.77 1.06 -4.45
CA GLY C 430 16.00 1.45 -3.80
C GLY C 430 17.22 0.69 -4.21
N GLY C 431 17.12 -0.18 -5.21
CA GLY C 431 18.26 -0.89 -5.74
C GLY C 431 19.07 -0.05 -6.71
N ARG C 432 19.96 -0.71 -7.42
CA ARG C 432 20.80 -0.04 -8.41
C ARG C 432 20.02 0.19 -9.69
N GLY C 433 20.13 1.42 -10.22
CA GLY C 433 19.51 1.75 -11.48
C GLY C 433 20.51 2.17 -12.52
N GLN C 434 20.05 2.88 -13.55
CA GLN C 434 20.92 3.40 -14.60
C GLN C 434 20.87 4.91 -14.54
N THR C 435 22.05 5.54 -14.43
CA THR C 435 22.09 6.99 -14.26
C THR C 435 21.60 7.71 -15.52
N PHE C 436 21.69 7.07 -16.68
CA PHE C 436 21.32 7.72 -17.93
C PHE C 436 19.82 7.78 -18.15
N MET C 437 19.01 7.20 -17.28
CA MET C 437 17.57 7.36 -17.36
C MET C 437 17.17 8.66 -16.67
N PRO C 438 16.57 9.62 -17.39
CA PRO C 438 16.22 10.90 -16.75
C PRO C 438 15.25 10.76 -15.60
N ALA C 439 14.31 9.81 -15.69
CA ALA C 439 13.38 9.59 -14.58
C ALA C 439 14.11 9.17 -13.32
N GLU C 440 15.18 8.40 -13.47
CA GLU C 440 15.97 7.99 -12.31
C GLU C 440 16.93 9.10 -11.89
N ARG C 441 17.58 9.72 -12.87
CA ARG C 441 18.56 10.77 -12.58
C ARG C 441 17.94 11.99 -11.92
N MET C 442 16.66 12.25 -12.17
CA MET C 442 15.97 13.37 -11.54
C MET C 442 15.70 13.12 -10.05
N THR C 443 15.87 11.89 -9.57
CA THR C 443 15.75 11.59 -8.16
C THR C 443 16.93 12.08 -7.34
N SER C 444 17.98 12.59 -7.99
CA SER C 444 19.10 13.17 -7.27
C SER C 444 18.70 14.42 -6.49
N GLY C 445 17.63 15.09 -6.90
CA GLY C 445 17.18 16.27 -6.20
C GLY C 445 18.09 17.47 -6.41
N ASP C 446 18.72 17.93 -5.34
CA ASP C 446 19.63 19.06 -5.40
C ASP C 446 21.09 18.64 -5.32
N LYS C 447 21.38 17.34 -5.41
CA LYS C 447 22.74 16.83 -5.40
C LYS C 447 23.26 16.76 -6.84
N GLN C 448 24.50 16.31 -6.98
CA GLN C 448 25.04 16.04 -8.30
C GLN C 448 24.26 14.90 -8.96
N TRP C 449 23.90 15.10 -10.22
CA TRP C 449 23.08 14.11 -10.95
C TRP C 449 24.00 13.04 -11.54
N THR C 450 24.56 12.24 -10.64
CA THR C 450 25.44 11.14 -10.99
C THR C 450 24.89 9.84 -10.41
N ALA C 451 25.64 8.75 -10.59
CA ALA C 451 25.22 7.46 -10.07
C ALA C 451 25.31 7.37 -8.55
N SER C 452 25.98 8.33 -7.89
CA SER C 452 26.09 8.31 -6.45
C SER C 452 24.87 8.90 -5.75
N ASN C 453 23.98 9.56 -6.48
CA ASN C 453 22.85 10.24 -5.88
C ASN C 453 21.50 9.79 -6.40
N THR C 454 21.45 9.06 -7.52
CA THR C 454 20.18 8.59 -8.04
C THR C 454 19.57 7.56 -7.11
N GLN C 455 18.24 7.47 -7.11
CA GLN C 455 17.51 6.52 -6.29
C GLN C 455 16.52 5.77 -7.17
N PHE C 456 16.82 4.50 -7.45
CA PHE C 456 16.00 3.68 -8.32
C PHE C 456 14.63 3.47 -7.71
N GLU C 457 13.60 3.48 -8.57
CA GLU C 457 12.22 3.32 -8.13
C GLU C 457 11.81 1.86 -7.96
N GLY C 458 12.62 0.91 -8.42
CA GLY C 458 12.39 -0.49 -8.18
C GLY C 458 12.02 -1.30 -9.40
N GLY C 459 11.88 -0.67 -10.56
CA GLY C 459 11.47 -1.39 -11.75
C GLY C 459 10.01 -1.72 -11.74
N MET C 460 9.55 -2.26 -12.87
CA MET C 460 8.13 -2.55 -13.05
C MET C 460 8.00 -3.86 -13.82
N GLY C 461 7.54 -4.90 -13.14
CA GLY C 461 7.28 -6.16 -13.80
C GLY C 461 5.79 -6.37 -14.00
N ILE C 462 5.36 -6.46 -15.25
CA ILE C 462 3.94 -6.55 -15.59
C ILE C 462 3.66 -7.98 -16.03
N ASP C 463 2.81 -8.66 -15.26
CA ASP C 463 2.40 -10.03 -15.58
C ASP C 463 1.12 -9.96 -16.39
N ALA C 464 1.27 -9.89 -17.72
CA ALA C 464 0.14 -9.84 -18.63
C ALA C 464 -0.17 -11.20 -19.24
N THR C 465 0.10 -12.27 -18.50
CA THR C 465 -0.18 -13.61 -18.98
C THR C 465 -1.60 -14.03 -18.61
N VAL C 466 -2.08 -15.06 -19.28
CA VAL C 466 -3.38 -15.64 -18.99
C VAL C 466 -3.23 -16.63 -17.84
N PRO C 467 -4.09 -16.57 -16.83
CA PRO C 467 -4.00 -17.57 -15.75
C PRO C 467 -4.29 -18.97 -16.29
N TYR C 468 -3.57 -19.95 -15.76
CA TYR C 468 -3.75 -21.33 -16.22
C TYR C 468 -5.15 -21.81 -15.87
N GLY C 469 -5.77 -22.52 -16.82
CA GLY C 469 -7.12 -23.00 -16.65
C GLY C 469 -8.20 -22.04 -17.12
N TYR C 470 -7.81 -20.83 -17.56
CA TYR C 470 -8.75 -19.86 -18.09
C TYR C 470 -8.43 -19.54 -19.55
N GLU C 471 -7.79 -20.49 -20.24
CA GLU C 471 -7.41 -20.26 -21.63
C GLU C 471 -8.61 -20.20 -22.56
N SER C 472 -9.76 -20.77 -22.15
CA SER C 472 -10.95 -20.69 -22.97
C SER C 472 -11.63 -19.33 -22.84
N ASP C 473 -11.54 -18.71 -21.67
CA ASP C 473 -12.14 -17.40 -21.47
C ASP C 473 -11.28 -16.28 -22.05
N PHE C 474 -9.97 -16.49 -22.13
CA PHE C 474 -9.05 -15.51 -22.69
C PHE C 474 -8.65 -15.88 -24.12
N HIS C 475 -9.54 -16.53 -24.86
CA HIS C 475 -9.21 -17.02 -26.18
C HIS C 475 -9.47 -15.97 -27.25
N ARG C 476 -8.41 -15.58 -27.97
CA ARG C 476 -8.52 -14.75 -29.17
C ARG C 476 -8.92 -15.63 -30.34
N PRO C 477 -10.19 -15.62 -30.75
CA PRO C 477 -10.77 -16.84 -31.30
C PRO C 477 -10.14 -17.39 -32.57
N VAL C 478 -10.54 -16.87 -33.74
CA VAL C 478 -9.76 -16.84 -34.97
C VAL C 478 -10.72 -16.31 -36.03
N TYR C 479 -10.23 -15.57 -37.00
CA TYR C 479 -11.10 -15.37 -38.15
C TYR C 479 -10.70 -16.32 -39.27
N GLY C 480 -11.69 -16.67 -40.10
CA GLY C 480 -11.46 -17.64 -41.15
C GLY C 480 -10.68 -17.10 -42.33
N VAL C 481 -9.43 -16.68 -42.09
CA VAL C 481 -8.61 -16.12 -43.15
C VAL C 481 -7.96 -17.19 -44.02
N ASP C 482 -8.02 -18.45 -43.62
CA ASP C 482 -7.48 -19.55 -44.41
C ASP C 482 -8.56 -20.30 -45.16
N LEU C 483 -9.84 -20.01 -44.89
CA LEU C 483 -10.96 -20.72 -45.48
C LEU C 483 -11.47 -20.06 -46.75
N VAL C 484 -10.98 -18.88 -47.10
CA VAL C 484 -11.44 -18.14 -48.27
C VAL C 484 -10.23 -17.61 -49.01
N LYS C 485 -10.31 -17.58 -50.33
CA LYS C 485 -9.21 -17.14 -51.16
C LYS C 485 -9.58 -15.87 -51.90
N PRO C 486 -8.84 -14.78 -51.71
CA PRO C 486 -9.24 -13.52 -52.35
C PRO C 486 -9.20 -13.56 -53.86
N GLU C 487 -8.43 -14.48 -54.46
CA GLU C 487 -8.36 -14.57 -55.91
C GLU C 487 -9.70 -15.01 -56.49
N ASN C 488 -10.50 -15.74 -55.73
CA ASN C 488 -11.80 -16.18 -56.24
C ASN C 488 -12.78 -15.03 -56.34
N PHE C 489 -12.52 -13.92 -55.64
CA PHE C 489 -13.47 -12.81 -55.57
C PHE C 489 -12.97 -11.57 -56.31
N PHE C 490 -11.70 -11.23 -56.19
CA PHE C 490 -11.14 -10.05 -56.81
C PHE C 490 -9.96 -10.44 -57.71
N ASP C 491 -9.57 -9.51 -58.57
CA ASP C 491 -8.40 -9.67 -59.42
C ASP C 491 -7.15 -9.23 -58.67
N ALA C 492 -6.00 -9.47 -59.29
CA ALA C 492 -4.73 -9.21 -58.63
C ALA C 492 -4.54 -7.72 -58.36
N LYS C 493 -5.06 -6.88 -59.25
CA LYS C 493 -4.88 -5.44 -59.12
C LYS C 493 -5.56 -4.90 -57.87
N ASP C 494 -6.81 -5.28 -57.64
CA ASP C 494 -7.52 -4.80 -56.46
C ASP C 494 -6.92 -5.39 -55.18
N ILE C 495 -6.48 -6.63 -55.24
CA ILE C 495 -5.86 -7.26 -54.08
C ILE C 495 -4.58 -6.52 -53.70
N ASP C 496 -3.76 -6.16 -54.69
CA ASP C 496 -2.55 -5.40 -54.40
C ASP C 496 -2.87 -4.03 -53.86
N LYS C 497 -3.91 -3.38 -54.37
CA LYS C 497 -4.30 -2.07 -53.82
C LYS C 497 -4.67 -2.20 -52.34
N MET C 498 -5.58 -3.12 -52.03
CA MET C 498 -6.02 -3.30 -50.64
C MET C 498 -4.85 -3.69 -49.74
N LYS C 499 -3.95 -4.55 -50.23
CA LYS C 499 -2.80 -4.93 -49.43
C LYS C 499 -1.85 -3.75 -49.22
N SER C 500 -1.70 -2.90 -50.23
CA SER C 500 -0.81 -1.74 -50.10
C SER C 500 -1.36 -0.74 -49.11
N ARG C 501 -2.68 -0.68 -48.93
CA ARG C 501 -3.22 0.23 -47.94
C ARG C 501 -3.10 -0.28 -46.50
N MET C 502 -2.51 -1.45 -46.28
CA MET C 502 -2.44 -2.04 -44.94
C MET C 502 -1.06 -1.84 -44.32
N ALA C 503 -1.04 -1.55 -43.02
CA ALA C 503 0.22 -1.39 -42.29
C ALA C 503 -0.08 -1.42 -40.79
N GLY C 504 0.90 -1.91 -40.04
CA GLY C 504 0.80 -1.89 -38.58
C GLY C 504 0.25 -3.16 -37.97
N TRP C 505 -0.65 -3.01 -37.00
CA TRP C 505 -1.19 -4.17 -36.30
C TRP C 505 -2.02 -5.04 -37.22
N VAL C 506 -2.59 -4.47 -38.28
CA VAL C 506 -3.44 -5.24 -39.18
C VAL C 506 -2.62 -6.28 -39.94
N LEU C 507 -1.33 -6.02 -40.13
CA LEU C 507 -0.48 -7.01 -40.80
C LEU C 507 -0.32 -8.26 -39.93
N SER C 508 -0.20 -8.06 -38.62
CA SER C 508 -0.10 -9.20 -37.72
C SER C 508 -1.45 -9.88 -37.54
N LEU C 509 -2.53 -9.10 -37.47
CA LEU C 509 -3.85 -9.68 -37.26
C LEU C 509 -4.32 -10.46 -38.47
N ALA C 510 -4.09 -9.93 -39.67
CA ALA C 510 -4.58 -10.58 -40.88
C ALA C 510 -3.86 -11.93 -41.11
N ARG C 511 -2.27 -12.03 -40.74
CA ARG C 511 -1.50 -13.28 -40.89
C ARG C 511 -2.11 -14.39 -40.04
N THR C 512 -2.45 -14.08 -38.79
CA THR C 512 -3.02 -15.06 -37.88
C THR C 512 -4.54 -15.09 -37.90
N GLY C 513 -5.18 -14.15 -38.57
CA GLY C 513 -6.63 -14.06 -38.53
C GLY C 513 -7.15 -13.83 -37.13
N ARG C 514 -6.40 -13.11 -36.31
CA ARG C 514 -6.71 -12.98 -34.90
C ARG C 514 -7.03 -11.54 -34.52
N GLU D 1 -40.12 8.65 -54.16
CA GLU D 1 -39.50 8.43 -52.86
C GLU D 1 -38.34 7.46 -52.96
N ARG D 2 -37.40 7.74 -53.87
CA ARG D 2 -36.28 6.83 -54.09
C ARG D 2 -34.95 7.56 -54.22
N VAL D 3 -34.69 8.52 -53.33
CA VAL D 3 -33.38 9.19 -53.32
C VAL D 3 -32.97 9.52 -51.89
N GLY D 4 -31.90 8.89 -51.41
CA GLY D 4 -31.31 9.24 -50.14
C GLY D 4 -30.38 10.42 -50.30
N GLU D 5 -30.40 11.32 -49.31
CA GLU D 5 -29.91 12.65 -49.59
C GLU D 5 -28.38 12.66 -49.50
N LYS D 6 -27.82 12.49 -48.31
CA LYS D 6 -26.43 12.08 -48.12
C LYS D 6 -26.38 10.63 -47.64
N ASP D 7 -26.88 9.72 -48.46
CA ASP D 7 -27.12 8.35 -48.02
C ASP D 7 -25.91 7.47 -48.29
N LEU D 8 -26.06 6.17 -48.03
CA LEU D 8 -24.98 5.22 -48.25
C LEU D 8 -24.66 5.07 -49.72
N ARG D 9 -25.67 5.17 -50.59
CA ARG D 9 -25.42 5.02 -52.02
C ARG D 9 -24.59 6.18 -52.57
N ALA D 10 -24.83 7.39 -52.07
CA ALA D 10 -23.99 8.52 -52.45
C ALA D 10 -22.56 8.32 -51.99
N ALA D 11 -22.37 7.75 -50.81
CA ALA D 11 -21.03 7.45 -50.33
C ALA D 11 -20.35 6.41 -51.22
N LEU D 12 -21.12 5.41 -51.67
CA LEU D 12 -20.57 4.41 -52.58
C LEU D 12 -20.16 5.04 -53.90
N GLU D 13 -20.98 5.97 -54.41
CA GLU D 13 -20.64 6.66 -55.63
C GLU D 13 -19.38 7.49 -55.47
N TRP D 14 -19.24 8.16 -54.32
CA TRP D 14 -18.03 8.93 -54.05
C TRP D 14 -16.80 8.03 -53.97
N PHE D 15 -16.93 6.90 -53.29
CA PHE D 15 -15.82 5.94 -53.22
C PHE D 15 -15.44 5.46 -54.61
N ARG D 16 -16.42 5.14 -55.44
CA ARG D 16 -16.13 4.70 -56.80
C ARG D 16 -15.45 5.78 -57.61
N SER D 17 -15.88 7.03 -57.44
CA SER D 17 -15.24 8.13 -58.16
C SER D 17 -13.81 8.35 -57.70
N LYS D 18 -13.53 8.16 -56.41
CA LYS D 18 -12.18 8.32 -55.90
C LYS D 18 -11.30 7.09 -56.13
N GLY D 19 -11.87 6.01 -56.66
CA GLY D 19 -11.12 4.78 -56.83
C GLY D 19 -10.91 3.97 -55.58
N TYR D 20 -11.69 4.23 -54.52
CA TYR D 20 -11.54 3.56 -53.25
C TYR D 20 -12.47 2.36 -53.09
N LEU D 21 -13.27 2.06 -54.10
CA LEU D 21 -14.26 0.99 -54.01
C LEU D 21 -13.77 -0.23 -54.77
N VAL D 22 -13.91 -1.39 -54.13
CA VAL D 22 -13.55 -2.68 -54.72
C VAL D 22 -14.82 -3.52 -54.82
N GLU D 23 -15.24 -3.80 -56.05
CA GLU D 23 -16.47 -4.54 -56.31
C GLU D 23 -16.15 -5.97 -56.74
N THR D 24 -17.15 -6.82 -56.63
CA THR D 24 -17.06 -8.20 -57.10
C THR D 24 -18.46 -8.75 -57.28
N ASN D 25 -18.62 -9.57 -58.31
CA ASN D 25 -19.90 -10.21 -58.60
C ASN D 25 -19.94 -11.67 -58.17
N LYS D 26 -18.82 -12.23 -57.73
CA LYS D 26 -18.82 -13.59 -57.22
C LYS D 26 -19.69 -13.69 -55.98
N GLU D 27 -20.47 -14.75 -55.88
CA GLU D 27 -21.36 -14.93 -54.75
C GLU D 27 -20.56 -15.18 -53.48
N VAL D 28 -20.73 -14.32 -52.49
CA VAL D 28 -20.06 -14.44 -51.20
C VAL D 28 -21.01 -15.12 -50.22
N ASN D 29 -20.47 -16.01 -49.41
CA ASN D 29 -21.27 -16.74 -48.44
C ASN D 29 -21.28 -15.96 -47.14
N PRO D 30 -22.44 -15.63 -46.57
CA PRO D 30 -22.47 -14.90 -45.29
C PRO D 30 -21.88 -15.71 -44.15
N ASP D 31 -21.75 -17.02 -44.35
CA ASP D 31 -21.20 -17.92 -43.33
C ASP D 31 -19.69 -18.01 -43.51
N LEU D 32 -18.95 -17.23 -42.72
CA LEU D 32 -17.51 -17.30 -42.57
C LEU D 32 -16.72 -16.67 -43.72
N GLU D 33 -17.39 -16.21 -44.76
CA GLU D 33 -16.65 -15.70 -45.92
C GLU D 33 -16.54 -14.18 -45.89
N ILE D 34 -17.62 -13.49 -45.51
CA ILE D 34 -17.58 -12.03 -45.47
C ILE D 34 -16.60 -11.56 -44.40
N THR D 35 -16.73 -12.10 -43.18
CA THR D 35 -15.82 -11.71 -42.12
C THR D 35 -14.40 -12.19 -42.39
N GLY D 36 -14.25 -13.35 -43.05
CA GLY D 36 -12.93 -13.81 -43.41
C GLY D 36 -12.24 -12.87 -44.39
N LEU D 37 -12.95 -12.44 -45.43
CA LEU D 37 -12.37 -11.51 -46.38
C LEU D 37 -12.11 -10.16 -45.73
N GLN D 38 -12.98 -9.74 -44.80
CA GLN D 38 -12.76 -8.48 -44.11
C GLN D 38 -11.50 -8.54 -43.24
N LYS D 39 -11.27 -9.67 -42.60
CA LYS D 39 -10.07 -9.81 -41.76
C LYS D 39 -8.82 -9.98 -42.60
N ILE D 40 -8.94 -10.58 -43.78
CA ILE D 40 -7.78 -10.70 -44.66
C ILE D 40 -7.31 -9.33 -45.13
N PHE D 41 -8.22 -8.38 -45.27
CA PHE D 41 -7.91 -7.01 -45.66
C PHE D 41 -8.29 -6.02 -44.57
N ASP D 42 -7.94 -6.36 -43.33
CA ASP D 42 -8.30 -5.53 -42.18
C ASP D 42 -7.72 -4.14 -42.30
N GLY D 43 -8.56 -3.12 -42.13
CA GLY D 43 -8.12 -1.75 -42.25
C GLY D 43 -7.86 -1.30 -43.67
N SER D 44 -8.57 -1.86 -44.64
CA SER D 44 -8.35 -1.52 -46.04
C SER D 44 -9.58 -0.90 -46.68
N LEU D 45 -9.55 -0.72 -47.99
CA LEU D 45 -10.63 -0.06 -48.70
C LEU D 45 -11.96 -0.79 -48.54
N PRO D 46 -13.07 -0.13 -48.83
CA PRO D 46 -14.38 -0.79 -48.73
C PRO D 46 -14.56 -1.81 -49.84
N MET D 47 -15.22 -2.92 -49.50
CA MET D 47 -15.52 -3.98 -50.44
C MET D 47 -17.02 -4.10 -50.61
N LEU D 48 -17.48 -4.15 -51.85
CA LEU D 48 -18.90 -4.24 -52.17
C LEU D 48 -19.16 -5.59 -52.84
N PHE D 49 -19.98 -6.41 -52.20
CA PHE D 49 -20.38 -7.71 -52.75
C PHE D 49 -21.77 -7.59 -53.36
N ASN D 50 -21.85 -7.72 -54.67
CA ASN D 50 -23.12 -7.56 -55.37
C ASN D 50 -24.02 -8.78 -55.25
N ASN D 51 -23.46 -9.96 -54.99
CA ASN D 51 -24.23 -11.20 -54.90
C ASN D 51 -23.95 -11.87 -53.57
N VAL D 52 -24.97 -11.99 -52.73
CA VAL D 52 -24.87 -12.63 -51.43
C VAL D 52 -25.63 -13.95 -51.50
N LYS D 53 -25.00 -15.01 -51.00
CA LYS D 53 -25.60 -16.35 -51.07
C LYS D 53 -26.90 -16.41 -50.28
N ASP D 54 -27.96 -16.88 -50.94
CA ASP D 54 -29.29 -17.03 -50.37
C ASP D 54 -29.97 -15.70 -50.09
N MET D 55 -29.46 -14.61 -50.64
CA MET D 55 -30.06 -13.27 -50.47
C MET D 55 -30.04 -12.58 -51.81
N PRO D 56 -30.94 -12.96 -52.72
CA PRO D 56 -30.91 -12.40 -54.08
C PRO D 56 -31.28 -10.93 -54.14
N HIS D 57 -31.83 -10.37 -53.07
CA HIS D 57 -32.29 -8.98 -53.06
C HIS D 57 -31.31 -8.04 -52.37
N ALA D 58 -30.22 -8.56 -51.81
CA ALA D 58 -29.35 -7.78 -50.93
C ALA D 58 -27.96 -7.66 -51.52
N ARG D 59 -27.35 -6.50 -51.29
CA ARG D 59 -25.93 -6.29 -51.52
C ARG D 59 -25.26 -6.05 -50.18
N ALA D 60 -24.01 -6.48 -50.06
CA ALA D 60 -23.27 -6.37 -48.82
C ALA D 60 -21.99 -5.58 -49.04
N ILE D 61 -21.78 -4.58 -48.19
CA ILE D 61 -20.55 -3.79 -48.19
C ILE D 61 -19.86 -4.00 -46.85
N THR D 62 -18.54 -4.02 -46.88
CA THR D 62 -17.73 -4.23 -45.70
C THR D 62 -16.46 -3.40 -45.78
N ASN D 63 -15.84 -3.18 -44.63
CA ASN D 63 -14.65 -2.33 -44.53
C ASN D 63 -14.95 -0.90 -44.97
N LEU D 64 -16.19 -0.45 -44.71
CA LEU D 64 -16.57 0.90 -45.06
C LEU D 64 -15.77 1.93 -44.27
N PHE D 65 -15.57 1.69 -42.98
CA PHE D 65 -14.75 2.54 -42.14
C PHE D 65 -13.40 1.89 -41.82
N GLY D 66 -12.97 0.92 -42.63
CA GLY D 66 -11.75 0.20 -42.33
C GLY D 66 -10.52 1.08 -42.36
N ASP D 67 -10.44 2.00 -43.30
CA ASP D 67 -9.33 2.93 -43.42
C ASP D 67 -9.79 4.29 -42.91
N ILE D 68 -9.18 4.78 -41.84
CA ILE D 68 -9.59 6.05 -41.28
C ILE D 68 -9.28 7.19 -42.23
N ARG D 69 -8.29 7.01 -43.11
CA ARG D 69 -7.94 8.07 -44.06
C ARG D 69 -9.06 8.29 -45.06
N VAL D 70 -9.64 7.22 -45.60
CA VAL D 70 -10.72 7.37 -46.56
C VAL D 70 -11.96 7.93 -45.88
N VAL D 71 -12.18 7.58 -44.62
CA VAL D 71 -13.30 8.15 -43.87
C VAL D 71 -13.11 9.66 -43.69
N GLU D 72 -11.91 10.06 -43.30
CA GLU D 72 -11.63 11.48 -43.13
C GLU D 72 -11.76 12.24 -44.45
N GLU D 73 -11.36 11.60 -45.55
CA GLU D 73 -11.52 12.24 -46.85
C GLU D 73 -13.00 12.34 -47.23
N LEU D 74 -13.79 11.33 -46.87
CA LEU D 74 -15.22 11.36 -47.16
C LEU D 74 -15.92 12.48 -46.39
N PHE D 75 -15.55 12.68 -45.14
CA PHE D 75 -16.16 13.71 -44.32
C PHE D 75 -15.46 15.05 -44.41
N GLY D 76 -14.37 15.15 -45.18
CA GLY D 76 -13.73 16.43 -45.39
C GLY D 76 -12.81 16.88 -44.28
N TRP D 77 -12.09 15.96 -43.66
CA TRP D 77 -11.15 16.29 -42.60
C TRP D 77 -9.72 16.07 -43.09
N GLU D 78 -8.81 16.92 -42.61
CA GLU D 78 -7.43 16.89 -43.05
C GLU D 78 -6.68 15.70 -42.44
N ASN D 79 -6.87 15.46 -41.15
CA ASN D 79 -6.14 14.42 -40.44
C ASN D 79 -6.93 14.06 -39.18
N SER D 80 -6.36 13.19 -38.36
CA SER D 80 -7.09 12.69 -37.19
C SER D 80 -7.32 13.78 -36.17
N LEU D 81 -6.35 14.69 -35.99
CA LEU D 81 -6.51 15.77 -35.03
C LEU D 81 -7.61 16.73 -35.48
N ASP D 82 -7.62 17.08 -36.77
CA ASP D 82 -8.69 17.91 -37.30
C ASP D 82 -10.04 17.22 -37.14
N ARG D 83 -10.07 15.91 -37.38
CA ARG D 83 -11.32 15.16 -37.20
C ARG D 83 -11.79 15.23 -35.76
N VAL D 84 -10.89 15.05 -34.81
CA VAL D 84 -11.26 15.07 -33.39
C VAL D 84 -11.82 16.43 -33.01
N LYS D 85 -11.14 17.51 -33.43
CA LYS D 85 -11.60 18.84 -33.06
C LYS D 85 -12.92 19.18 -33.72
N LYS D 86 -13.07 18.85 -35.02
CA LYS D 86 -14.31 19.14 -35.71
C LYS D 86 -15.47 18.33 -35.13
N VAL D 87 -15.21 17.08 -34.73
CA VAL D 87 -16.28 16.28 -34.17
C VAL D 87 -16.66 16.77 -32.78
N ALA D 88 -15.70 17.28 -32.01
CA ALA D 88 -16.05 17.90 -30.73
C ALA D 88 -16.93 19.12 -30.95
N ARG D 89 -16.56 19.97 -31.92
CA ARG D 89 -17.38 21.14 -32.23
C ARG D 89 -18.78 20.72 -32.68
N ALA D 90 -18.88 19.66 -33.48
CA ALA D 90 -20.19 19.16 -33.90
C ALA D 90 -20.98 18.63 -32.71
N ILE D 91 -20.30 18.01 -31.74
CA ILE D 91 -20.98 17.55 -30.54
C ILE D 91 -21.57 18.73 -29.78
N ASP D 92 -20.86 19.85 -29.76
CA ASP D 92 -21.42 21.01 -29.08
C ASP D 92 -22.43 21.79 -29.91
N HIS D 93 -22.59 21.48 -31.20
CA HIS D 93 -23.52 22.20 -32.08
C HIS D 93 -24.25 21.22 -32.99
N PRO D 94 -25.29 20.57 -32.48
CA PRO D 94 -26.04 19.62 -33.30
C PRO D 94 -26.97 20.32 -34.27
N LEU D 95 -27.25 19.63 -35.38
CA LEU D 95 -28.22 20.09 -36.37
C LEU D 95 -29.53 19.32 -36.15
N LYS D 96 -30.61 20.06 -35.91
CA LYS D 96 -31.90 19.42 -35.63
C LYS D 96 -32.36 18.62 -36.84
N PRO D 97 -32.72 17.35 -36.66
CA PRO D 97 -33.16 16.55 -37.80
C PRO D 97 -34.49 17.05 -38.35
N VAL D 98 -34.69 16.84 -39.65
CA VAL D 98 -35.88 17.29 -40.35
C VAL D 98 -36.77 16.08 -40.61
N ILE D 99 -38.08 16.28 -40.49
CA ILE D 99 -39.06 15.22 -40.72
C ILE D 99 -39.65 15.40 -42.11
N ILE D 100 -39.68 14.31 -42.88
CA ILE D 100 -40.23 14.33 -44.22
C ILE D 100 -41.48 13.45 -44.27
N GLY D 101 -42.21 13.55 -45.38
CA GLY D 101 -43.46 12.82 -45.49
C GLY D 101 -43.24 11.33 -45.69
N GLN D 102 -44.25 10.55 -45.30
CA GLN D 102 -44.17 9.10 -45.41
C GLN D 102 -44.14 8.61 -46.85
N ASP D 103 -44.45 9.46 -47.83
CA ASP D 103 -44.50 9.05 -49.22
C ASP D 103 -43.26 9.48 -50.00
N GLU D 104 -42.30 10.14 -49.35
CA GLU D 104 -41.06 10.53 -50.00
C GLU D 104 -39.84 9.93 -49.30
N ALA D 105 -40.04 9.07 -48.30
CA ALA D 105 -38.92 8.42 -47.62
C ALA D 105 -38.44 7.24 -48.45
N PRO D 106 -37.17 7.23 -48.88
CA PRO D 106 -36.71 6.10 -49.71
C PRO D 106 -36.79 4.76 -49.01
N VAL D 107 -36.71 4.73 -47.67
CA VAL D 107 -36.69 3.47 -46.95
C VAL D 107 -38.08 2.86 -46.79
N GLN D 108 -39.13 3.57 -47.21
CA GLN D 108 -40.49 3.08 -47.08
C GLN D 108 -41.14 2.79 -48.44
N GLU D 109 -40.34 2.47 -49.45
CA GLU D 109 -40.92 2.09 -50.73
C GLU D 109 -41.68 0.77 -50.64
N GLU D 110 -41.18 -0.15 -49.82
CA GLU D 110 -41.83 -1.43 -49.58
C GLU D 110 -42.07 -1.58 -48.08
N VAL D 111 -43.30 -1.90 -47.71
CA VAL D 111 -43.71 -1.98 -46.31
C VAL D 111 -44.31 -3.36 -46.10
N LEU D 112 -43.60 -4.23 -45.38
CA LEU D 112 -44.09 -5.56 -45.06
C LEU D 112 -44.63 -5.58 -43.64
N THR D 113 -45.95 -5.59 -43.50
CA THR D 113 -46.59 -5.67 -42.19
C THR D 113 -46.98 -7.08 -41.81
N THR D 114 -46.94 -8.02 -42.73
CA THR D 114 -47.07 -9.43 -42.45
C THR D 114 -45.84 -10.14 -43.00
N ASP D 115 -45.89 -11.48 -42.99
CA ASP D 115 -44.82 -12.37 -43.45
C ASP D 115 -43.46 -11.92 -42.90
N LEU D 116 -43.47 -11.56 -41.63
CA LEU D 116 -42.31 -10.96 -40.97
C LEU D 116 -41.31 -12.06 -40.60
N ASP D 117 -40.49 -12.46 -41.56
CA ASP D 117 -39.34 -13.34 -41.30
C ASP D 117 -38.10 -12.48 -41.51
N VAL D 118 -37.51 -12.02 -40.41
CA VAL D 118 -36.39 -11.09 -40.48
C VAL D 118 -35.19 -11.76 -41.13
N ASN D 119 -34.96 -13.03 -40.81
CA ASN D 119 -33.79 -13.72 -41.34
C ASN D 119 -33.87 -13.93 -42.84
N LYS D 120 -35.06 -13.86 -43.43
CA LYS D 120 -35.22 -13.98 -44.87
C LYS D 120 -34.83 -12.71 -45.62
N TRP D 121 -34.95 -11.54 -44.99
CA TRP D 121 -34.65 -10.26 -45.63
C TRP D 121 -33.34 -9.66 -45.17
N LEU D 122 -33.03 -9.72 -43.88
CA LEU D 122 -31.78 -9.17 -43.35
C LEU D 122 -30.73 -10.26 -43.32
N THR D 123 -29.53 -9.91 -43.80
CA THR D 123 -28.45 -10.88 -43.94
C THR D 123 -27.78 -11.12 -42.59
N ALA D 124 -27.98 -12.32 -42.04
CA ALA D 124 -27.26 -12.75 -40.86
C ALA D 124 -25.97 -13.46 -41.28
N ILE D 125 -24.93 -13.31 -40.47
CA ILE D 125 -23.62 -13.83 -40.80
C ILE D 125 -23.07 -14.61 -39.61
N ARG D 126 -22.08 -15.44 -39.90
CA ARG D 126 -21.28 -16.12 -38.89
C ARG D 126 -19.85 -15.60 -38.98
N HIS D 127 -19.26 -15.29 -37.83
CA HIS D 127 -17.94 -14.66 -37.85
C HIS D 127 -16.83 -15.69 -37.85
N THR D 128 -16.90 -16.67 -36.96
CA THR D 128 -15.86 -17.67 -36.80
C THR D 128 -16.47 -19.06 -36.84
N PRO D 129 -15.68 -20.07 -37.20
CA PRO D 129 -16.22 -21.44 -37.26
C PRO D 129 -16.67 -21.97 -35.91
N LEU D 130 -16.21 -21.38 -34.81
CA LEU D 130 -16.59 -21.85 -33.48
C LEU D 130 -18.01 -21.47 -33.10
N GLU D 131 -18.67 -20.60 -33.85
CA GLU D 131 -20.02 -20.18 -33.54
C GLU D 131 -21.04 -21.20 -34.08
N THR D 132 -22.23 -21.17 -33.50
CA THR D 132 -23.32 -22.04 -33.90
C THR D 132 -24.47 -21.29 -34.56
N GLU D 133 -24.72 -20.06 -34.15
CA GLU D 133 -25.83 -19.26 -34.67
C GLU D 133 -25.31 -18.25 -35.68
N MET D 134 -26.22 -17.80 -36.55
CA MET D 134 -25.98 -16.70 -37.46
C MET D 134 -26.79 -15.50 -36.99
N THR D 135 -26.11 -14.40 -36.69
CA THR D 135 -26.73 -13.27 -36.02
C THR D 135 -26.73 -12.05 -36.93
N ILE D 136 -27.52 -11.06 -36.54
CA ILE D 136 -27.67 -9.81 -37.27
C ILE D 136 -26.98 -8.72 -36.45
N GLY D 137 -25.88 -8.19 -36.98
CA GLY D 137 -25.16 -7.15 -36.30
C GLY D 137 -24.87 -5.95 -37.18
N SER D 138 -25.82 -5.62 -38.06
CA SER D 138 -25.64 -4.53 -39.00
C SER D 138 -26.59 -3.36 -38.76
N GLY D 139 -27.53 -3.50 -37.83
CA GLY D 139 -28.55 -2.49 -37.60
C GLY D 139 -28.27 -1.66 -36.38
N ILE D 140 -28.64 -0.38 -36.43
CA ILE D 140 -28.46 0.55 -35.33
C ILE D 140 -29.82 0.87 -34.74
N SER D 141 -29.92 0.81 -33.42
CA SER D 141 -31.14 1.21 -32.73
C SER D 141 -31.38 2.70 -32.90
N CYS D 142 -32.64 3.07 -33.00
CA CYS D 142 -33.01 4.47 -33.19
C CYS D 142 -34.19 4.80 -32.30
N VAL D 143 -33.95 5.60 -31.27
CA VAL D 143 -34.97 6.04 -30.33
C VAL D 143 -35.04 7.55 -30.39
N VAL D 144 -36.19 8.09 -30.78
CA VAL D 144 -36.38 9.52 -30.98
C VAL D 144 -37.63 9.95 -30.25
N GLY D 145 -37.56 11.07 -29.53
CA GLY D 145 -38.72 11.68 -28.94
C GLY D 145 -38.87 11.42 -27.46
N PRO D 146 -40.09 11.03 -27.06
CA PRO D 146 -40.40 10.96 -25.62
C PRO D 146 -39.59 9.94 -24.86
N TYR D 147 -39.20 8.83 -25.49
CA TYR D 147 -38.49 7.79 -24.77
C TYR D 147 -37.01 8.12 -24.58
N PHE D 148 -36.53 9.19 -25.19
CA PHE D 148 -35.17 9.66 -24.93
C PHE D 148 -35.18 11.10 -24.47
N ASP D 149 -36.21 11.49 -23.73
CA ASP D 149 -36.31 12.83 -23.13
C ASP D 149 -36.26 13.92 -24.19
N GLY D 150 -36.94 13.68 -25.31
CA GLY D 150 -36.98 14.65 -26.38
C GLY D 150 -35.74 14.72 -27.24
N GLY D 151 -34.75 13.86 -26.99
CA GLY D 151 -33.57 13.83 -27.83
C GLY D 151 -33.62 12.72 -28.85
N SER D 152 -32.46 12.17 -29.21
CA SER D 152 -32.41 11.08 -30.15
C SER D 152 -31.17 10.23 -29.86
N HIS D 153 -31.34 8.91 -29.96
CA HIS D 153 -30.26 7.97 -29.74
C HIS D 153 -30.12 7.06 -30.95
N ILE D 154 -28.88 6.81 -31.35
CA ILE D 154 -28.57 5.82 -32.37
C ILE D 154 -27.39 5.00 -31.88
N GLY D 155 -27.49 3.68 -32.02
CA GLY D 155 -26.42 2.80 -31.57
C GLY D 155 -26.65 1.40 -32.05
N TYR D 156 -25.58 0.62 -32.06
CA TYR D 156 -25.62 -0.75 -32.54
C TYR D 156 -26.11 -1.68 -31.45
N ASN D 157 -26.88 -2.68 -31.86
CA ASN D 157 -27.33 -3.74 -30.95
C ASN D 157 -27.40 -5.03 -31.75
N ARG D 158 -26.70 -6.06 -31.28
CA ARG D 158 -26.71 -7.34 -31.97
C ARG D 158 -27.99 -8.10 -31.66
N MET D 159 -28.61 -8.64 -32.70
CA MET D 159 -29.88 -9.32 -32.59
C MET D 159 -29.78 -10.72 -33.19
N ASN D 160 -30.41 -11.68 -32.52
CA ASN D 160 -30.50 -13.05 -33.01
C ASN D 160 -31.97 -13.42 -33.12
N PHE D 161 -32.49 -13.42 -34.34
CA PHE D 161 -33.91 -13.69 -34.58
C PHE D 161 -34.09 -15.19 -34.75
N ARG D 162 -34.28 -15.88 -33.62
CA ARG D 162 -34.49 -17.32 -33.61
C ARG D 162 -35.94 -17.69 -33.29
N TRP D 163 -36.86 -16.74 -33.43
CA TRP D 163 -38.29 -17.01 -33.28
C TRP D 163 -39.07 -16.31 -34.39
N GLY D 164 -38.46 -16.23 -35.58
CA GLY D 164 -39.14 -15.69 -36.73
C GLY D 164 -39.13 -14.18 -36.79
N ASN D 165 -39.98 -13.55 -35.99
CA ASN D 165 -40.08 -12.09 -35.94
C ASN D 165 -39.75 -11.57 -34.54
N VAL D 166 -39.23 -12.44 -33.68
CA VAL D 166 -38.81 -12.10 -32.33
C VAL D 166 -37.37 -12.52 -32.16
N GLY D 167 -36.52 -11.58 -31.77
CA GLY D 167 -35.11 -11.87 -31.57
C GLY D 167 -34.58 -11.21 -30.32
N THR D 168 -33.43 -11.69 -29.87
CA THR D 168 -32.79 -11.10 -28.71
C THR D 168 -32.24 -9.72 -29.04
N PHE D 169 -32.04 -8.91 -28.02
CA PHE D 169 -31.60 -7.53 -28.16
C PHE D 169 -30.53 -7.27 -27.12
N GLN D 170 -29.27 -7.29 -27.55
CA GLN D 170 -28.14 -7.14 -26.63
C GLN D 170 -27.98 -5.67 -26.25
N ILE D 171 -28.03 -5.39 -24.95
CA ILE D 171 -27.95 -4.04 -24.42
C ILE D 171 -26.79 -3.98 -23.43
N SER D 172 -25.89 -3.03 -23.64
CA SER D 172 -24.79 -2.85 -22.71
C SER D 172 -25.30 -2.23 -21.42
N PRO D 173 -25.01 -2.81 -20.26
CA PRO D 173 -25.38 -2.15 -19.00
C PRO D 173 -24.70 -0.80 -18.87
N GLY D 174 -25.50 0.23 -18.63
CA GLY D 174 -25.02 1.58 -18.51
C GLY D 174 -25.20 2.43 -19.75
N SER D 175 -25.44 1.82 -20.91
CA SER D 175 -25.56 2.55 -22.16
C SER D 175 -26.87 3.34 -22.20
N HIS D 176 -27.10 4.04 -23.31
CA HIS D 176 -28.33 4.80 -23.47
C HIS D 176 -29.54 3.88 -23.49
N MET D 177 -29.47 2.79 -24.25
CA MET D 177 -30.58 1.85 -24.27
C MET D 177 -30.80 1.23 -22.91
N TRP D 178 -29.73 0.99 -22.16
CA TRP D 178 -29.89 0.48 -20.80
C TRP D 178 -30.61 1.49 -19.92
N GLN D 179 -30.29 2.77 -20.07
CA GLN D 179 -30.95 3.78 -19.26
C GLN D 179 -32.42 3.92 -19.63
N VAL D 180 -32.73 3.83 -20.92
CA VAL D 180 -34.12 3.88 -21.35
C VAL D 180 -34.89 2.68 -20.82
N MET D 181 -34.31 1.49 -20.93
CA MET D 181 -34.96 0.28 -20.43
C MET D 181 -35.12 0.31 -18.91
N THR D 182 -34.16 0.89 -18.20
CA THR D 182 -34.27 1.00 -16.75
C THR D 182 -35.36 1.97 -16.35
N GLU D 183 -35.51 3.08 -17.08
CA GLU D 183 -36.57 4.02 -16.76
C GLU D 183 -37.95 3.43 -17.02
N HIS D 184 -38.06 2.52 -17.98
CA HIS D 184 -39.33 1.92 -18.37
C HIS D 184 -39.35 0.43 -18.13
N TYR D 185 -38.59 -0.05 -17.15
CA TYR D 185 -38.51 -1.47 -16.89
C TYR D 185 -39.81 -2.06 -16.36
N LYS D 186 -40.65 -1.25 -15.70
CA LYS D 186 -41.88 -1.73 -15.08
C LYS D 186 -43.12 -1.12 -15.72
N ASP D 187 -42.99 -0.55 -16.91
CA ASP D 187 -44.18 -0.08 -17.59
C ASP D 187 -44.99 -1.25 -18.13
N ASP D 188 -46.23 -0.95 -18.52
CA ASP D 188 -47.11 -1.95 -19.10
C ASP D 188 -46.87 -2.09 -20.59
N GLU D 189 -46.73 -0.97 -21.29
CA GLU D 189 -46.48 -0.98 -22.72
C GLU D 189 -45.00 -1.22 -23.01
N PRO D 190 -44.69 -1.91 -24.10
CA PRO D 190 -43.29 -2.08 -24.51
C PRO D 190 -42.74 -0.77 -25.07
N ILE D 191 -41.42 -0.77 -25.25
CA ILE D 191 -40.72 0.41 -25.76
C ILE D 191 -40.71 0.36 -27.28
N PRO D 192 -41.33 1.31 -27.97
CA PRO D 192 -41.33 1.29 -29.43
C PRO D 192 -40.02 1.87 -29.96
N LEU D 193 -39.33 1.07 -30.77
CA LEU D 193 -38.09 1.49 -31.38
C LEU D 193 -37.96 0.83 -32.75
N THR D 194 -37.01 1.31 -33.53
CA THR D 194 -36.75 0.79 -34.85
C THR D 194 -35.25 0.52 -35.03
N MET D 195 -34.94 -0.49 -35.82
CA MET D 195 -33.57 -0.81 -36.18
C MET D 195 -33.36 -0.47 -37.65
N CYS D 196 -32.37 0.37 -37.92
CA CYS D 196 -32.09 0.85 -39.26
C CYS D 196 -30.84 0.17 -39.81
N PHE D 197 -30.89 -0.17 -41.09
CA PHE D 197 -29.81 -0.86 -41.76
C PHE D 197 -29.38 -0.09 -43.00
N GLY D 198 -28.09 -0.14 -43.30
CA GLY D 198 -27.56 0.62 -44.42
C GLY D 198 -27.78 2.11 -44.31
N VAL D 199 -27.53 2.67 -43.12
CA VAL D 199 -27.83 4.07 -42.85
C VAL D 199 -26.76 4.95 -43.45
N PRO D 200 -26.92 6.28 -43.44
CA PRO D 200 -25.88 7.15 -43.94
C PRO D 200 -24.61 7.00 -43.11
N PRO D 201 -23.44 7.25 -43.70
CA PRO D 201 -22.18 7.03 -42.96
C PRO D 201 -22.05 7.88 -41.71
N SER D 202 -22.59 9.10 -41.70
CA SER D 202 -22.53 9.92 -40.49
C SER D 202 -23.32 9.29 -39.35
N CYS D 203 -24.44 8.64 -39.67
CA CYS D 203 -25.22 7.99 -38.62
C CYS D 203 -24.46 6.79 -38.06
N THR D 204 -23.76 6.04 -38.90
CA THR D 204 -22.90 4.97 -38.40
C THR D 204 -21.80 5.54 -37.51
N TYR D 205 -21.15 6.61 -37.96
CA TYR D 205 -20.10 7.27 -37.20
C TYR D 205 -20.58 7.66 -35.81
N VAL D 206 -21.77 8.25 -35.72
CA VAL D 206 -22.29 8.66 -34.42
C VAL D 206 -22.85 7.49 -33.61
N ALA D 207 -23.35 6.44 -34.26
CA ALA D 207 -23.81 5.27 -33.54
C ALA D 207 -22.65 4.51 -32.92
N GLY D 208 -21.44 4.66 -33.46
CA GLY D 208 -20.28 4.06 -32.85
C GLY D 208 -19.97 4.56 -31.46
N ALA D 209 -20.42 5.77 -31.12
CA ALA D 209 -20.14 6.35 -29.82
C ALA D 209 -20.79 5.53 -28.70
N GLY D 210 -20.23 5.61 -27.50
CA GLY D 210 -20.79 4.92 -26.37
C GLY D 210 -19.99 5.17 -25.12
N PHE D 211 -20.70 5.22 -24.00
CA PHE D 211 -20.09 5.40 -22.68
C PHE D 211 -19.28 6.70 -22.62
N ASP D 212 -19.91 7.78 -23.07
CA ASP D 212 -19.33 9.12 -23.02
C ASP D 212 -20.40 10.09 -22.55
N TYR D 213 -21.14 9.69 -21.52
CA TYR D 213 -22.38 10.34 -21.14
C TYR D 213 -22.17 11.59 -20.30
N ALA D 214 -20.93 11.92 -19.94
CA ALA D 214 -20.67 13.25 -19.42
C ALA D 214 -20.75 14.30 -20.53
N ILE D 215 -20.52 13.88 -21.77
CA ILE D 215 -20.63 14.76 -22.93
C ILE D 215 -21.91 14.51 -23.70
N LEU D 216 -22.32 13.25 -23.82
CA LEU D 216 -23.52 12.85 -24.54
C LEU D 216 -24.48 12.16 -23.59
N PRO D 217 -25.08 12.90 -22.66
CA PRO D 217 -25.99 12.29 -21.69
C PRO D 217 -27.31 11.93 -22.32
N LYS D 218 -28.11 11.18 -21.56
CA LYS D 218 -29.46 10.84 -22.01
C LYS D 218 -30.28 12.10 -22.20
N GLY D 219 -30.91 12.21 -23.36
CA GLY D 219 -31.61 13.42 -23.76
C GLY D 219 -30.87 14.24 -24.79
N CYS D 220 -29.62 13.90 -25.11
CA CYS D 220 -28.90 14.58 -26.16
C CYS D 220 -29.48 14.24 -27.52
N ASP D 221 -28.89 14.81 -28.56
CA ASP D 221 -29.35 14.62 -29.94
C ASP D 221 -28.21 14.00 -30.74
N GLU D 222 -28.14 12.66 -30.72
CA GLU D 222 -27.11 11.97 -31.46
C GLU D 222 -27.33 12.07 -32.96
N ILE D 223 -28.59 12.01 -33.41
CA ILE D 223 -28.87 12.22 -34.82
C ILE D 223 -28.55 13.65 -35.21
N GLY D 224 -28.75 14.60 -34.29
CA GLY D 224 -28.31 15.96 -34.57
C GLY D 224 -26.81 16.05 -34.71
N ILE D 225 -26.07 15.29 -33.91
CA ILE D 225 -24.62 15.27 -34.04
C ILE D 225 -24.21 14.67 -35.38
N ALA D 226 -24.90 13.62 -35.81
CA ALA D 226 -24.61 13.05 -37.13
C ALA D 226 -24.88 14.06 -38.24
N GLY D 227 -25.99 14.79 -38.14
CA GLY D 227 -26.29 15.82 -39.13
C GLY D 227 -25.23 16.90 -39.15
N ALA D 228 -24.79 17.34 -37.98
CA ALA D 228 -23.73 18.35 -37.91
C ALA D 228 -22.43 17.81 -38.49
N ILE D 229 -22.17 16.51 -38.33
CA ILE D 229 -20.96 15.91 -38.87
C ILE D 229 -21.02 15.88 -40.40
N GLN D 230 -22.17 15.54 -40.95
CA GLN D 230 -22.33 15.47 -42.40
C GLN D 230 -22.61 16.83 -43.04
N GLY D 231 -22.80 17.88 -42.24
CA GLY D 231 -23.00 19.20 -42.78
C GLY D 231 -24.41 19.49 -43.24
N SER D 232 -25.37 18.67 -42.86
CA SER D 232 -26.77 18.89 -43.23
C SER D 232 -27.68 18.03 -42.36
N PRO D 233 -28.94 18.42 -42.18
CA PRO D 233 -29.81 17.68 -41.26
C PRO D 233 -30.11 16.28 -41.77
N VAL D 234 -30.21 15.35 -40.83
CA VAL D 234 -30.59 13.98 -41.15
C VAL D 234 -32.11 13.91 -41.24
N ARG D 235 -32.60 13.19 -42.24
CA ARG D 235 -34.03 13.13 -42.50
C ARG D 235 -34.68 12.00 -41.71
N LEU D 236 -35.79 12.32 -41.03
CA LEU D 236 -36.57 11.35 -40.29
C LEU D 236 -37.93 11.18 -40.96
N VAL D 237 -38.58 10.07 -40.65
CA VAL D 237 -39.89 9.75 -41.19
C VAL D 237 -40.68 8.97 -40.15
N LYS D 238 -41.98 9.26 -40.08
CA LYS D 238 -42.84 8.57 -39.14
C LYS D 238 -42.98 7.11 -39.54
N CYS D 239 -42.90 6.22 -38.54
CA CYS D 239 -43.04 4.81 -38.81
C CYS D 239 -44.45 4.47 -39.29
N ARG D 240 -44.61 3.24 -39.78
CA ARG D 240 -45.90 2.82 -40.32
C ARG D 240 -46.78 2.18 -39.26
N THR D 241 -46.22 1.28 -38.45
CA THR D 241 -47.01 0.49 -37.52
C THR D 241 -46.82 0.88 -36.06
N ILE D 242 -45.86 1.73 -35.73
CA ILE D 242 -45.60 2.15 -34.37
C ILE D 242 -45.53 3.67 -34.32
N ASP D 243 -45.54 4.21 -33.10
CA ASP D 243 -45.44 5.64 -32.87
C ASP D 243 -43.98 5.96 -32.59
N ALA D 244 -43.22 6.17 -33.66
CA ALA D 244 -41.79 6.45 -33.55
C ALA D 244 -41.32 7.05 -34.87
N TYR D 245 -40.01 7.23 -34.99
CA TYR D 245 -39.40 7.77 -36.19
C TYR D 245 -38.21 6.92 -36.58
N THR D 246 -37.84 7.00 -37.86
CA THR D 246 -36.73 6.22 -38.38
C THR D 246 -35.90 7.11 -39.31
N LEU D 247 -34.71 6.62 -39.64
CA LEU D 247 -33.88 7.29 -40.64
C LEU D 247 -34.47 7.07 -42.01
N ALA D 248 -34.94 8.14 -42.65
CA ALA D 248 -35.66 8.01 -43.91
C ALA D 248 -34.76 7.49 -45.02
N ASP D 249 -33.46 7.74 -44.94
CA ASP D 249 -32.52 7.39 -46.01
C ASP D 249 -31.80 6.07 -45.75
N ALA D 250 -32.34 5.23 -44.89
CA ALA D 250 -31.76 3.92 -44.63
C ALA D 250 -32.10 2.97 -45.78
N GLU D 251 -31.63 1.73 -45.69
CA GLU D 251 -31.96 0.71 -46.67
C GLU D 251 -32.98 -0.29 -46.18
N TYR D 252 -32.90 -0.69 -44.91
CA TYR D 252 -33.92 -1.52 -44.28
C TYR D 252 -34.30 -0.87 -42.96
N VAL D 253 -35.50 -1.20 -42.49
CA VAL D 253 -35.99 -0.72 -41.20
C VAL D 253 -36.85 -1.80 -40.57
N LEU D 254 -36.59 -2.10 -39.30
CA LEU D 254 -37.40 -3.03 -38.53
C LEU D 254 -38.14 -2.25 -37.45
N GLU D 255 -39.46 -2.16 -37.58
CA GLU D 255 -40.29 -1.53 -36.58
C GLU D 255 -40.82 -2.59 -35.62
N GLY D 256 -40.85 -2.25 -34.34
CA GLY D 256 -41.29 -3.20 -33.35
C GLY D 256 -41.25 -2.62 -31.96
N TYR D 257 -41.31 -3.51 -30.98
CA TYR D 257 -41.33 -3.13 -29.57
C TYR D 257 -40.28 -3.92 -28.81
N LEU D 258 -39.60 -3.25 -27.89
CA LEU D 258 -38.63 -3.89 -27.02
C LEU D 258 -39.31 -4.28 -25.71
N HIS D 259 -39.24 -5.56 -25.38
CA HIS D 259 -39.86 -6.06 -24.16
C HIS D 259 -38.78 -6.26 -23.10
N PRO D 260 -38.62 -5.33 -22.17
CA PRO D 260 -37.52 -5.44 -21.20
C PRO D 260 -37.60 -6.65 -20.30
N ARG D 261 -38.82 -7.04 -19.89
CA ARG D 261 -38.99 -8.15 -18.96
C ARG D 261 -39.10 -9.50 -19.66
N ASP D 262 -39.13 -9.52 -20.99
CA ASP D 262 -39.21 -10.77 -21.75
C ASP D 262 -37.79 -11.12 -22.23
N LYS D 263 -37.03 -11.77 -21.35
CA LYS D 263 -35.65 -12.10 -21.62
C LYS D 263 -35.53 -13.56 -22.04
N ARG D 264 -34.73 -13.79 -23.08
CA ARG D 264 -34.49 -15.13 -23.61
C ARG D 264 -33.00 -15.27 -23.91
N TYR D 265 -32.55 -16.51 -24.08
CA TYR D 265 -31.16 -16.78 -24.33
C TYR D 265 -30.79 -16.49 -25.77
N GLU D 266 -29.53 -16.10 -25.98
CA GLU D 266 -29.10 -15.68 -27.31
C GLU D 266 -28.77 -16.86 -28.21
N THR D 267 -28.38 -17.99 -27.62
CA THR D 267 -28.06 -19.19 -28.37
C THR D 267 -28.83 -20.38 -27.81
N ALA D 268 -29.09 -21.36 -28.69
CA ALA D 268 -29.80 -22.56 -28.25
C ALA D 268 -28.97 -23.36 -27.27
N GLU D 269 -27.66 -23.36 -27.44
CA GLU D 269 -26.78 -24.12 -26.54
C GLU D 269 -26.84 -23.59 -25.13
N SER D 270 -26.67 -22.27 -24.96
CA SER D 270 -26.74 -21.68 -23.63
C SER D 270 -28.14 -21.78 -23.05
N GLU D 271 -29.17 -21.70 -23.91
CA GLU D 271 -30.53 -21.89 -23.45
C GLU D 271 -30.73 -23.29 -22.88
N ALA D 272 -30.15 -24.30 -23.54
CA ALA D 272 -30.21 -25.67 -23.07
C ALA D 272 -29.49 -25.81 -21.74
N ALA D 273 -28.21 -25.45 -21.71
CA ALA D 273 -27.44 -25.56 -20.47
C ALA D 273 -27.87 -24.54 -19.43
N ASP D 274 -28.47 -23.43 -19.84
CA ASP D 274 -29.06 -22.47 -18.91
C ASP D 274 -28.00 -21.77 -18.05
N ILE D 275 -26.92 -21.30 -18.68
CA ILE D 275 -25.91 -20.50 -17.99
C ILE D 275 -25.48 -19.39 -18.94
N GLN D 276 -25.07 -18.26 -18.37
CA GLN D 276 -24.56 -17.14 -19.14
C GLN D 276 -23.06 -17.00 -18.97
N GLY D 277 -22.45 -16.22 -19.85
CA GLY D 277 -21.02 -15.99 -19.80
C GLY D 277 -20.16 -17.07 -20.42
N ARG D 278 -20.76 -18.17 -20.85
CA ARG D 278 -20.03 -19.23 -21.56
C ARG D 278 -20.73 -19.45 -22.89
N PHE D 279 -20.33 -20.52 -23.58
CA PHE D 279 -21.02 -20.89 -24.82
C PHE D 279 -20.93 -19.80 -25.87
N HIS D 280 -19.74 -19.64 -26.47
CA HIS D 280 -19.35 -18.58 -27.38
C HIS D 280 -20.44 -18.10 -28.33
N PHE D 281 -20.52 -16.78 -28.53
CA PHE D 281 -21.53 -16.17 -29.39
C PHE D 281 -20.89 -15.65 -30.67
N HIS D 282 -19.91 -14.76 -30.53
CA HIS D 282 -19.01 -14.38 -31.61
C HIS D 282 -17.98 -13.40 -31.03
N PRO D 283 -16.93 -13.08 -31.77
CA PRO D 283 -15.89 -12.19 -31.23
C PRO D 283 -16.45 -10.84 -30.83
N GLU D 284 -16.02 -10.36 -29.65
CA GLU D 284 -16.46 -9.11 -29.07
C GLU D 284 -15.38 -8.03 -29.15
N TRP D 285 -15.69 -6.86 -28.61
CA TRP D 285 -14.89 -5.67 -28.78
C TRP D 285 -13.55 -5.75 -28.08
N ALA D 286 -13.44 -6.54 -27.01
CA ALA D 286 -12.18 -6.67 -26.29
C ALA D 286 -11.17 -7.55 -27.01
N GLY D 287 -11.50 -8.06 -28.19
CA GLY D 287 -10.59 -8.90 -28.93
C GLY D 287 -10.60 -10.36 -28.57
N TYR D 288 -11.56 -10.79 -27.75
CA TYR D 288 -11.66 -12.18 -27.32
C TYR D 288 -12.86 -12.85 -27.96
N MET D 289 -12.85 -14.18 -27.98
CA MET D 289 -14.02 -14.92 -28.40
C MET D 289 -15.17 -14.68 -27.44
N GLY D 290 -16.38 -14.63 -27.98
CA GLY D 290 -17.52 -14.15 -27.24
C GLY D 290 -18.20 -15.17 -26.36
N LYS D 291 -19.25 -14.71 -25.70
CA LYS D 291 -20.11 -15.52 -24.85
C LYS D 291 -21.56 -15.12 -25.07
N ALA D 292 -22.47 -15.99 -24.63
CA ALA D 292 -23.90 -15.78 -24.81
C ALA D 292 -24.57 -15.49 -23.46
N TYR D 293 -25.56 -14.60 -23.48
CA TYR D 293 -26.26 -14.19 -22.27
C TYR D 293 -27.76 -14.17 -22.55
N LYS D 294 -28.55 -13.96 -21.50
CA LYS D 294 -29.95 -13.63 -21.66
C LYS D 294 -30.07 -12.16 -22.04
N ALA D 295 -31.13 -11.83 -22.76
CA ALA D 295 -31.32 -10.47 -23.25
C ALA D 295 -32.80 -10.23 -23.48
N PRO D 296 -33.24 -8.98 -23.42
CA PRO D 296 -34.63 -8.68 -23.79
C PRO D 296 -34.88 -8.99 -25.26
N THR D 297 -36.16 -9.02 -25.61
CA THR D 297 -36.57 -9.43 -26.94
C THR D 297 -37.14 -8.25 -27.71
N PHE D 298 -36.90 -8.27 -29.02
CA PHE D 298 -37.39 -7.25 -29.94
C PHE D 298 -38.46 -7.87 -30.82
N HIS D 299 -39.70 -7.40 -30.67
CA HIS D 299 -40.84 -7.97 -31.36
C HIS D 299 -41.13 -7.13 -32.60
N VAL D 300 -40.74 -7.65 -33.77
CA VAL D 300 -40.89 -6.90 -35.00
C VAL D 300 -42.35 -6.91 -35.45
N THR D 301 -42.83 -5.77 -35.94
CA THR D 301 -44.17 -5.65 -36.46
C THR D 301 -44.24 -5.13 -37.88
N ALA D 302 -43.10 -4.83 -38.51
CA ALA D 302 -43.09 -4.35 -39.89
C ALA D 302 -41.65 -4.32 -40.37
N ILE D 303 -41.47 -4.63 -41.65
CA ILE D 303 -40.15 -4.62 -42.29
C ILE D 303 -40.22 -3.71 -43.51
N THR D 304 -39.77 -2.48 -43.35
CA THR D 304 -39.73 -1.51 -44.44
C THR D 304 -38.35 -1.54 -45.09
N MET D 305 -38.32 -1.26 -46.38
CA MET D 305 -37.06 -1.28 -47.12
C MET D 305 -37.25 -0.55 -48.44
N ARG D 306 -36.13 -0.28 -49.11
CA ARG D 306 -36.18 0.28 -50.45
C ARG D 306 -36.70 -0.76 -51.44
N ARG D 307 -36.88 -0.34 -52.68
CA ARG D 307 -37.36 -1.21 -53.74
C ARG D 307 -36.44 -2.41 -53.91
N ARG D 308 -37.01 -3.61 -53.81
CA ARG D 308 -36.20 -4.83 -53.77
C ARG D 308 -35.46 -5.08 -55.08
N GLU D 309 -35.87 -4.45 -56.17
CA GLU D 309 -35.12 -4.55 -57.41
C GLU D 309 -33.87 -3.67 -57.39
N SER D 310 -33.84 -2.67 -56.53
CA SER D 310 -32.66 -1.85 -56.35
C SER D 310 -31.59 -2.52 -55.50
N LYS D 311 -31.88 -3.68 -54.92
CA LYS D 311 -30.95 -4.44 -54.08
C LYS D 311 -30.39 -3.57 -52.96
N PRO D 312 -31.19 -3.28 -51.93
CA PRO D 312 -30.71 -2.45 -50.83
C PRO D 312 -29.46 -3.03 -50.17
N ILE D 313 -28.57 -2.14 -49.75
CA ILE D 313 -27.26 -2.51 -49.24
C ILE D 313 -27.33 -2.71 -47.74
N ILE D 314 -26.60 -3.70 -47.24
CA ILE D 314 -26.46 -3.95 -45.82
C ILE D 314 -24.97 -3.95 -45.49
N PHE D 315 -24.65 -3.49 -44.28
CA PHE D 315 -23.26 -3.29 -43.85
C PHE D 315 -22.94 -4.27 -42.72
N PRO D 316 -22.61 -5.52 -43.05
CA PRO D 316 -22.15 -6.45 -42.02
C PRO D 316 -20.65 -6.33 -41.82
N LEU D 317 -20.23 -6.41 -40.56
CA LEU D 317 -18.83 -6.23 -40.22
C LEU D 317 -18.47 -7.07 -39.01
N GLY D 318 -17.29 -7.69 -39.07
CA GLY D 318 -16.77 -8.38 -37.91
C GLY D 318 -16.44 -7.42 -36.80
N VAL D 319 -16.52 -7.92 -35.56
CA VAL D 319 -16.33 -7.05 -34.41
C VAL D 319 -14.87 -6.64 -34.27
N HIS D 320 -13.97 -7.63 -34.24
CA HIS D 320 -12.55 -7.35 -34.05
C HIS D 320 -11.94 -7.02 -35.41
N THR D 321 -12.24 -5.82 -35.88
CA THR D 321 -11.68 -5.29 -37.13
C THR D 321 -11.39 -3.82 -36.96
N ALA D 322 -10.56 -3.28 -37.85
CA ALA D 322 -10.29 -1.85 -37.83
C ALA D 322 -11.55 -1.06 -38.12
N ASP D 323 -12.49 -1.65 -38.86
CA ASP D 323 -13.77 -1.01 -39.14
C ASP D 323 -14.53 -0.67 -37.86
N ASP D 324 -14.85 -1.70 -37.07
CA ASP D 324 -15.56 -1.50 -35.80
C ASP D 324 -14.77 -0.59 -34.87
N ALA D 325 -13.45 -0.77 -34.83
CA ALA D 325 -12.60 0.04 -33.96
C ALA D 325 -12.71 1.53 -34.31
N ASN D 326 -12.63 1.85 -35.60
CA ASN D 326 -12.80 3.23 -36.02
C ASN D 326 -14.19 3.73 -35.64
N ILE D 327 -15.22 2.95 -35.97
CA ILE D 327 -16.61 3.32 -35.77
C ILE D 327 -16.89 3.71 -34.33
N ASP D 328 -16.33 2.98 -33.38
CA ASP D 328 -16.51 3.35 -31.97
C ASP D 328 -15.55 4.44 -31.51
N THR D 329 -14.25 4.20 -31.70
CA THR D 329 -13.25 5.05 -31.06
C THR D 329 -13.19 6.45 -31.63
N SER D 330 -13.77 6.71 -32.81
CA SER D 330 -13.70 8.07 -33.35
C SER D 330 -14.46 9.05 -32.47
N VAL D 331 -15.76 8.80 -32.27
CA VAL D 331 -16.52 9.70 -31.41
C VAL D 331 -16.10 9.54 -29.96
N ARG D 332 -15.59 8.37 -29.57
CA ARG D 332 -15.02 8.27 -28.22
C ARG D 332 -13.88 9.26 -28.02
N GLU D 333 -12.95 9.34 -28.98
CA GLU D 333 -11.85 10.29 -28.90
C GLU D 333 -12.36 11.72 -28.84
N SER D 334 -13.34 12.04 -29.70
CA SER D 334 -13.85 13.40 -29.70
C SER D 334 -14.50 13.76 -28.37
N ALA D 335 -15.22 12.82 -27.76
CA ALA D 335 -15.89 13.13 -26.49
C ALA D 335 -14.88 13.25 -25.35
N ILE D 336 -13.84 12.41 -25.34
CA ILE D 336 -12.82 12.54 -24.31
C ILE D 336 -12.09 13.87 -24.45
N PHE D 337 -11.80 14.28 -25.69
CA PHE D 337 -11.21 15.60 -25.91
C PHE D 337 -12.14 16.70 -25.40
N ALA D 338 -13.44 16.60 -25.65
CA ALA D 338 -14.36 17.62 -25.18
C ALA D 338 -14.39 17.68 -23.67
N LEU D 339 -14.36 16.53 -23.00
CA LEU D 339 -14.36 16.53 -21.54
C LEU D 339 -13.09 17.17 -20.99
N CYS D 340 -11.93 16.80 -21.53
CA CYS D 340 -10.69 17.38 -21.07
C CYS D 340 -10.65 18.89 -21.32
N GLU D 341 -11.22 19.34 -22.43
CA GLU D 341 -11.27 20.78 -22.70
C GLU D 341 -12.21 21.49 -21.75
N ARG D 342 -13.30 20.82 -21.36
CA ARG D 342 -14.22 21.43 -20.39
C ARG D 342 -13.55 21.59 -19.04
N LEU D 343 -12.82 20.57 -18.59
CA LEU D 343 -12.19 20.63 -17.27
C LEU D 343 -11.17 21.76 -17.19
N GLN D 344 -10.27 21.83 -18.16
CA GLN D 344 -9.28 22.90 -18.22
C GLN D 344 -8.85 23.08 -19.67
N PRO D 345 -9.32 24.13 -20.33
CA PRO D 345 -9.03 24.29 -21.77
C PRO D 345 -7.58 24.58 -22.04
N GLY D 346 -7.12 24.11 -23.20
CA GLY D 346 -5.79 24.44 -23.68
C GLY D 346 -4.69 23.50 -23.27
N ILE D 347 -4.97 22.53 -22.41
CA ILE D 347 -3.92 21.62 -21.93
C ILE D 347 -3.82 20.38 -22.79
N VAL D 348 -4.95 19.75 -23.11
CA VAL D 348 -4.94 18.55 -23.94
C VAL D 348 -4.76 18.95 -25.39
N GLN D 349 -3.77 18.36 -26.05
CA GLN D 349 -3.46 18.66 -27.44
C GLN D 349 -4.04 17.67 -28.41
N ASN D 350 -4.25 16.42 -27.99
CA ASN D 350 -4.72 15.38 -28.88
C ASN D 350 -5.16 14.19 -28.07
N VAL D 351 -6.15 13.47 -28.59
CA VAL D 351 -6.66 12.25 -27.97
C VAL D 351 -6.71 11.17 -29.05
N HIS D 352 -6.28 9.96 -28.69
CA HIS D 352 -6.24 8.87 -29.64
C HIS D 352 -6.58 7.57 -28.94
N ILE D 353 -7.52 6.82 -29.52
CA ILE D 353 -7.83 5.48 -29.05
C ILE D 353 -7.36 4.50 -30.11
N PRO D 354 -6.18 3.91 -29.96
CA PRO D 354 -5.66 3.02 -31.01
C PRO D 354 -6.48 1.75 -31.13
N TYR D 355 -6.32 1.11 -32.28
CA TYR D 355 -7.00 -0.16 -32.55
C TYR D 355 -6.68 -1.19 -31.47
N CYS D 356 -5.43 -1.21 -31.00
CA CYS D 356 -4.99 -2.20 -30.04
C CYS D 356 -5.60 -2.02 -28.65
N MET D 357 -6.40 -0.99 -28.43
CA MET D 357 -6.87 -0.67 -27.09
C MET D 357 -8.36 -0.91 -26.88
N THR D 358 -8.98 -1.81 -27.65
CA THR D 358 -10.22 -2.44 -27.20
C THR D 358 -11.34 -1.46 -26.91
N ASP D 359 -12.05 -1.04 -27.97
CA ASP D 359 -12.68 0.29 -28.11
C ASP D 359 -13.03 0.95 -26.79
N TRP D 360 -13.67 0.22 -25.87
CA TRP D 360 -14.02 0.77 -24.57
C TRP D 360 -12.94 0.51 -23.52
N GLY D 361 -11.76 0.07 -23.93
CA GLY D 361 -10.76 -0.38 -22.99
C GLY D 361 -9.79 0.69 -22.52
N GLY D 362 -9.30 1.51 -23.43
CA GLY D 362 -8.30 2.49 -23.06
C GLY D 362 -8.27 3.66 -24.02
N CYS D 363 -7.37 4.59 -23.73
CA CYS D 363 -7.19 5.78 -24.55
C CYS D 363 -5.84 6.39 -24.25
N ILE D 364 -5.43 7.32 -25.10
CA ILE D 364 -4.19 8.06 -24.92
C ILE D 364 -4.49 9.54 -25.10
N ILE D 365 -4.07 10.36 -24.13
CA ILE D 365 -4.22 11.80 -24.20
C ILE D 365 -2.84 12.43 -24.21
N GLN D 366 -2.68 13.48 -24.99
CA GLN D 366 -1.43 14.21 -25.11
C GLN D 366 -1.62 15.60 -24.51
N VAL D 367 -0.87 15.89 -23.45
CA VAL D 367 -1.02 17.14 -22.71
C VAL D 367 0.25 17.97 -22.87
N LYS D 368 0.06 19.29 -22.85
CA LYS D 368 1.16 20.23 -22.89
C LYS D 368 1.01 21.20 -21.72
N LYS D 369 1.94 21.15 -20.79
CA LYS D 369 1.92 22.02 -19.62
C LYS D 369 2.58 23.35 -19.98
N ARG D 370 1.82 24.45 -19.86
CA ARG D 370 2.33 25.75 -20.28
C ARG D 370 3.07 26.47 -19.17
N ASN D 371 2.78 26.15 -17.91
CA ASN D 371 3.45 26.78 -16.79
C ASN D 371 3.37 25.86 -15.59
N GLN D 372 4.00 26.25 -14.49
CA GLN D 372 4.05 25.43 -13.30
C GLN D 372 2.70 25.25 -12.64
N ILE D 373 1.76 26.18 -12.83
CA ILE D 373 0.44 26.08 -12.24
C ILE D 373 -0.43 25.05 -12.95
N GLU D 374 0.01 24.52 -14.08
CA GLU D 374 -0.73 23.49 -14.80
C GLU D 374 -0.19 22.09 -14.54
N GLU D 375 0.91 21.96 -13.81
CA GLU D 375 1.43 20.65 -13.48
C GLU D 375 0.44 19.90 -12.59
N GLY D 376 0.11 18.68 -12.98
CA GLY D 376 -0.85 17.88 -12.25
C GLY D 376 -2.21 17.76 -12.91
N TRP D 377 -2.50 18.58 -13.92
CA TRP D 377 -3.78 18.49 -14.59
C TRP D 377 -3.94 17.18 -15.35
N GLN D 378 -2.83 16.56 -15.77
CA GLN D 378 -2.93 15.28 -16.46
C GLN D 378 -3.51 14.21 -15.55
N ARG D 379 -3.27 14.30 -14.25
CA ARG D 379 -3.83 13.31 -13.33
C ARG D 379 -5.32 13.53 -13.13
N ASN D 380 -5.75 14.79 -13.04
CA ASN D 380 -7.18 15.07 -13.03
C ASN D 380 -7.84 14.56 -14.29
N PHE D 381 -7.20 14.75 -15.45
CA PHE D 381 -7.75 14.28 -16.70
C PHE D 381 -7.86 12.76 -16.72
N LEU D 382 -6.82 12.07 -16.25
CA LEU D 382 -6.85 10.61 -16.23
C LEU D 382 -7.95 10.10 -15.31
N ALA D 383 -8.06 10.67 -14.11
CA ALA D 383 -9.09 10.23 -13.18
C ALA D 383 -10.48 10.49 -13.74
N ALA D 384 -10.70 11.68 -14.33
CA ALA D 384 -12.00 11.99 -14.88
C ALA D 384 -12.34 11.09 -16.06
N ILE D 385 -11.36 10.76 -16.89
CA ILE D 385 -11.60 9.89 -18.03
C ILE D 385 -11.94 8.48 -17.56
N LEU D 386 -11.21 7.98 -16.56
CA LEU D 386 -11.48 6.64 -16.06
C LEU D 386 -12.83 6.57 -15.36
N ALA D 387 -13.25 7.65 -14.69
CA ALA D 387 -14.51 7.64 -13.98
C ALA D 387 -15.71 7.89 -14.87
N CYS D 388 -15.57 8.71 -15.90
CA CYS D 388 -16.69 9.07 -16.76
C CYS D 388 -16.79 8.19 -18.00
N SER D 389 -15.90 7.22 -18.16
CA SER D 389 -15.95 6.25 -19.25
C SER D 389 -15.99 4.89 -18.59
N GLN D 390 -17.20 4.35 -18.42
CA GLN D 390 -17.43 3.15 -17.63
C GLN D 390 -16.62 1.96 -18.14
N GLY D 391 -15.85 1.36 -17.25
CA GLY D 391 -15.10 0.16 -17.57
C GLY D 391 -13.81 0.39 -18.33
N MET D 392 -13.42 1.64 -18.54
CA MET D 392 -12.12 1.89 -19.17
C MET D 392 -11.01 1.40 -18.27
N ARG D 393 -10.08 0.64 -18.86
CA ARG D 393 -9.09 -0.08 -18.08
C ARG D 393 -7.71 0.59 -18.07
N LEU D 394 -7.36 1.32 -19.12
CA LEU D 394 -6.00 1.85 -19.22
C LEU D 394 -6.03 3.18 -19.94
N ALA D 395 -5.84 4.26 -19.19
CA ALA D 395 -5.68 5.59 -19.76
C ALA D 395 -4.25 6.04 -19.57
N ILE D 396 -3.65 6.57 -20.64
CA ILE D 396 -2.25 6.97 -20.63
C ILE D 396 -2.16 8.43 -21.05
N ALA D 397 -1.37 9.21 -20.31
CA ALA D 397 -1.10 10.60 -20.63
C ALA D 397 0.36 10.74 -21.01
N VAL D 398 0.62 11.43 -22.12
CA VAL D 398 1.97 11.63 -22.63
C VAL D 398 2.16 13.10 -22.96
N SER D 399 3.42 13.49 -23.13
CA SER D 399 3.75 14.88 -23.40
C SER D 399 3.68 15.17 -24.90
N GLU D 400 3.94 16.43 -25.26
CA GLU D 400 3.76 16.87 -26.64
C GLU D 400 4.88 16.46 -27.57
N ASP D 401 5.99 15.92 -27.05
CA ASP D 401 7.09 15.44 -27.87
C ASP D 401 6.96 13.96 -28.16
N VAL D 402 5.73 13.47 -28.22
CA VAL D 402 5.43 12.05 -28.35
C VAL D 402 4.53 11.85 -29.55
N ASP D 403 4.80 10.81 -30.33
CA ASP D 403 3.94 10.45 -31.45
C ASP D 403 2.78 9.61 -30.93
N ILE D 404 1.60 10.23 -30.82
CA ILE D 404 0.48 9.57 -30.16
C ILE D 404 -0.05 8.40 -30.97
N TYR D 405 0.27 8.32 -32.26
CA TYR D 405 -0.25 7.27 -33.12
C TYR D 405 0.69 6.06 -33.22
N SER D 406 1.85 6.12 -32.60
CA SER D 406 2.81 5.02 -32.63
C SER D 406 2.80 4.31 -31.30
N MET D 407 2.43 3.03 -31.31
CA MET D 407 2.46 2.26 -30.07
C MET D 407 3.87 2.02 -29.57
N ASP D 408 4.85 2.00 -30.48
CA ASP D 408 6.25 1.91 -30.06
C ASP D 408 6.66 3.14 -29.26
N ASP D 409 6.21 4.32 -29.70
CA ASP D 409 6.58 5.54 -28.99
C ASP D 409 5.89 5.61 -27.63
N ILE D 410 4.66 5.10 -27.55
CA ILE D 410 3.97 5.00 -26.27
C ILE D 410 4.69 4.03 -25.34
N MET D 411 5.16 2.90 -25.88
CA MET D 411 5.92 1.96 -25.06
C MET D 411 7.23 2.58 -24.59
N TRP D 412 7.87 3.39 -25.42
CA TRP D 412 9.07 4.10 -25.00
C TRP D 412 8.76 5.05 -23.85
N CYS D 413 7.65 5.78 -23.94
CA CYS D 413 7.24 6.66 -22.85
C CYS D 413 6.97 5.87 -21.58
N LEU D 414 6.33 4.71 -21.71
CA LEU D 414 6.08 3.86 -20.55
C LEU D 414 7.38 3.38 -19.93
N THR D 415 8.38 3.11 -20.76
CA THR D 415 9.65 2.58 -20.26
C THR D 415 10.45 3.66 -19.56
N THR D 416 10.43 4.89 -20.08
CA THR D 416 11.37 5.89 -19.61
C THR D 416 10.75 7.00 -18.76
N ARG D 417 9.43 7.17 -18.79
CA ARG D 417 8.83 8.33 -18.16
C ARG D 417 7.79 8.00 -17.09
N VAL D 418 7.77 6.77 -16.60
CA VAL D 418 6.77 6.34 -15.62
C VAL D 418 7.48 5.96 -14.33
N ASN D 419 7.19 6.69 -13.26
CA ASN D 419 7.61 6.31 -11.92
C ASN D 419 6.61 5.28 -11.41
N PRO D 420 6.99 4.01 -11.24
CA PRO D 420 5.99 3.00 -10.87
C PRO D 420 5.40 3.21 -9.48
N GLN D 421 6.01 4.03 -8.64
CA GLN D 421 5.51 4.24 -7.29
C GLN D 421 4.53 5.40 -7.18
N THR D 422 4.53 6.33 -8.15
CA THR D 422 3.68 7.50 -8.07
C THR D 422 2.91 7.80 -9.35
N ASP D 423 3.27 7.19 -10.48
CA ASP D 423 2.71 7.56 -11.78
C ASP D 423 1.65 6.58 -12.28
N ILE D 424 1.22 5.65 -11.46
CA ILE D 424 0.23 4.65 -11.86
C ILE D 424 -0.99 4.86 -10.97
N LEU D 425 -2.04 5.43 -11.54
CA LEU D 425 -3.26 5.69 -10.79
C LEU D 425 -4.18 4.48 -10.82
N ASN D 426 -4.86 4.26 -9.70
CA ASN D 426 -5.90 3.23 -9.58
C ASN D 426 -7.11 3.87 -8.93
N PRO D 427 -7.85 4.68 -9.69
CA PRO D 427 -8.77 5.64 -9.06
C PRO D 427 -9.98 5.00 -8.37
N LEU D 428 -10.66 4.06 -9.03
CA LEU D 428 -11.97 3.61 -8.57
C LEU D 428 -12.02 2.08 -8.53
N PRO D 429 -11.31 1.47 -7.59
CA PRO D 429 -11.46 0.03 -7.39
C PRO D 429 -12.83 -0.30 -6.83
N GLY D 430 -13.48 -1.30 -7.43
CA GLY D 430 -14.81 -1.67 -7.03
C GLY D 430 -15.93 -0.93 -7.74
N GLY D 431 -15.61 -0.10 -8.73
CA GLY D 431 -16.61 0.60 -9.51
C GLY D 431 -17.19 -0.29 -10.59
N ARG D 432 -17.91 0.35 -11.51
CA ARG D 432 -18.53 -0.36 -12.62
C ARG D 432 -17.49 -0.63 -13.69
N GLY D 433 -17.50 -1.87 -14.19
CA GLY D 433 -16.62 -2.25 -15.28
C GLY D 433 -17.39 -2.71 -16.50
N GLN D 434 -16.72 -3.45 -17.38
CA GLN D 434 -17.35 -4.01 -18.57
C GLN D 434 -17.32 -5.52 -18.45
N THR D 435 -18.49 -6.16 -18.56
CA THR D 435 -18.57 -7.59 -18.36
C THR D 435 -17.83 -8.36 -19.46
N PHE D 436 -17.67 -7.75 -20.63
CA PHE D 436 -17.05 -8.45 -21.76
C PHE D 436 -15.53 -8.52 -21.65
N MET D 437 -14.93 -7.90 -20.64
CA MET D 437 -13.50 -8.06 -20.42
C MET D 437 -13.26 -9.33 -19.61
N PRO D 438 -12.53 -10.31 -20.15
CA PRO D 438 -12.33 -11.56 -19.41
C PRO D 438 -11.62 -11.38 -18.09
N ALA D 439 -10.69 -10.43 -18.00
CA ALA D 439 -10.01 -10.18 -16.73
C ALA D 439 -10.98 -9.71 -15.67
N GLU D 440 -12.00 -8.95 -16.07
CA GLU D 440 -13.02 -8.51 -15.13
C GLU D 440 -14.04 -9.60 -14.89
N ARG D 441 -14.47 -10.26 -15.95
CA ARG D 441 -15.50 -11.30 -15.84
C ARG D 441 -15.03 -12.49 -15.02
N MET D 442 -13.73 -12.76 -14.98
CA MET D 442 -13.20 -13.85 -14.18
C MET D 442 -13.25 -13.55 -12.68
N THR D 443 -13.51 -12.31 -12.30
CA THR D 443 -13.69 -11.95 -10.89
C THR D 443 -15.01 -12.42 -10.33
N SER D 444 -15.90 -12.96 -11.17
CA SER D 444 -17.16 -13.51 -10.69
C SER D 444 -16.94 -14.73 -9.79
N GLY D 445 -15.82 -15.41 -9.95
CA GLY D 445 -15.51 -16.57 -9.12
C GLY D 445 -16.36 -17.77 -9.48
N ASP D 446 -17.21 -18.20 -8.55
CA ASP D 446 -18.10 -19.33 -8.76
C ASP D 446 -19.54 -18.92 -9.02
N LYS D 447 -19.79 -17.63 -9.19
CA LYS D 447 -21.12 -17.13 -9.50
C LYS D 447 -21.33 -17.09 -11.01
N GLN D 448 -22.51 -16.66 -11.43
CA GLN D 448 -22.76 -16.43 -12.85
C GLN D 448 -21.85 -15.33 -13.37
N TRP D 449 -21.23 -15.56 -14.52
CA TRP D 449 -20.28 -14.61 -15.09
C TRP D 449 -21.04 -13.55 -15.88
N THR D 450 -21.78 -12.72 -15.16
CA THR D 450 -22.56 -11.64 -15.74
C THR D 450 -22.14 -10.31 -15.09
N ALA D 451 -22.83 -9.24 -15.46
CA ALA D 451 -22.52 -7.92 -14.90
C ALA D 451 -22.93 -7.79 -13.45
N SER D 452 -23.72 -8.73 -12.92
CA SER D 452 -24.15 -8.65 -11.52
C SER D 452 -23.11 -9.22 -10.57
N ASN D 453 -22.08 -9.89 -11.07
CA ASN D 453 -21.10 -10.55 -10.22
C ASN D 453 -19.67 -10.11 -10.47
N THR D 454 -19.39 -9.43 -11.57
CA THR D 454 -18.03 -8.97 -11.83
C THR D 454 -17.63 -7.90 -10.83
N GLN D 455 -16.33 -7.81 -10.55
CA GLN D 455 -15.78 -6.82 -9.62
C GLN D 455 -14.63 -6.11 -10.31
N PHE D 456 -14.87 -4.86 -10.68
CA PHE D 456 -13.87 -4.06 -11.39
C PHE D 456 -12.65 -3.82 -10.51
N GLU D 457 -11.47 -3.85 -11.12
CA GLU D 457 -10.22 -3.67 -10.40
C GLU D 457 -9.84 -2.21 -10.21
N GLY D 458 -10.53 -1.28 -10.86
CA GLY D 458 -10.36 0.14 -10.62
C GLY D 458 -9.73 0.91 -11.77
N GLY D 459 -9.36 0.23 -12.85
CA GLY D 459 -8.70 0.91 -13.95
C GLY D 459 -7.27 1.24 -13.64
N MET D 460 -6.58 1.75 -14.66
CA MET D 460 -5.16 2.04 -14.56
C MET D 460 -4.86 3.31 -15.33
N GLY D 461 -4.55 4.39 -14.59
CA GLY D 461 -4.15 5.62 -15.23
C GLY D 461 -2.65 5.83 -15.12
N ILE D 462 -1.97 5.87 -16.25
CA ILE D 462 -0.51 5.96 -16.28
C ILE D 462 -0.13 7.37 -16.70
N ASP D 463 0.54 8.09 -15.81
CA ASP D 463 1.01 9.44 -16.07
C ASP D 463 2.44 9.35 -16.60
N ALA D 464 2.56 9.23 -17.91
CA ALA D 464 3.86 9.15 -18.57
C ALA D 464 4.30 10.49 -19.14
N THR D 465 3.89 11.58 -18.51
CA THR D 465 4.27 12.91 -18.98
C THR D 465 5.57 13.36 -18.32
N VAL D 466 6.19 14.36 -18.91
CA VAL D 466 7.41 14.95 -18.38
C VAL D 466 7.02 15.98 -17.32
N PRO D 467 7.64 15.96 -16.14
CA PRO D 467 7.33 17.00 -15.15
C PRO D 467 7.74 18.37 -15.66
N TYR D 468 6.93 19.37 -15.33
CA TYR D 468 7.21 20.73 -15.79
C TYR D 468 8.50 21.24 -15.17
N GLY D 469 9.31 21.91 -15.99
CA GLY D 469 10.60 22.40 -15.56
C GLY D 469 11.74 21.43 -15.75
N TYR D 470 11.46 20.21 -16.22
CA TYR D 470 12.48 19.22 -16.51
C TYR D 470 12.47 18.85 -17.99
N GLU D 471 12.00 19.77 -18.84
CA GLU D 471 11.92 19.49 -20.26
C GLU D 471 13.29 19.40 -20.91
N SER D 472 14.32 19.99 -20.29
CA SER D 472 15.67 19.89 -20.83
C SER D 472 16.29 18.54 -20.52
N ASP D 473 15.96 17.95 -19.36
CA ASP D 473 16.50 16.66 -19.00
C ASP D 473 15.78 15.52 -19.71
N PHE D 474 14.51 15.71 -20.07
CA PHE D 474 13.73 14.71 -20.79
C PHE D 474 13.64 15.03 -22.28
N HIS D 475 14.68 15.65 -22.83
CA HIS D 475 14.63 16.11 -24.21
C HIS D 475 15.10 15.01 -25.16
N ARG D 476 14.23 14.59 -26.07
CA ARG D 476 14.57 13.73 -27.20
C ARG D 476 15.22 14.57 -28.28
N PRO D 477 16.55 14.54 -28.42
CA PRO D 477 17.24 15.76 -28.87
C PRO D 477 16.90 16.25 -30.27
N VAL D 478 17.53 15.69 -31.31
CA VAL D 478 17.02 15.61 -32.66
C VAL D 478 18.19 15.06 -33.49
N TYR D 479 17.92 14.27 -34.51
CA TYR D 479 19.01 14.03 -35.44
C TYR D 479 18.86 14.94 -36.66
N GLY D 480 20.00 15.26 -37.27
CA GLY D 480 20.00 16.20 -38.38
C GLY D 480 19.49 15.62 -39.68
N VAL D 481 18.22 15.21 -39.69
CA VAL D 481 17.64 14.60 -40.89
C VAL D 481 17.19 15.63 -41.91
N ASP D 482 17.17 16.91 -41.55
CA ASP D 482 16.82 17.98 -42.46
C ASP D 482 18.03 18.72 -43.00
N LEU D 483 19.21 18.43 -42.46
CA LEU D 483 20.44 19.13 -42.82
C LEU D 483 21.22 18.42 -43.93
N VAL D 484 20.79 17.23 -44.33
CA VAL D 484 21.49 16.45 -45.35
C VAL D 484 20.46 15.89 -46.31
N LYS D 485 20.82 15.82 -47.59
CA LYS D 485 19.92 15.35 -48.61
C LYS D 485 20.44 14.05 -49.22
N PRO D 486 19.68 12.97 -49.15
CA PRO D 486 20.19 11.68 -49.64
C PRO D 486 20.47 11.68 -51.13
N GLU D 487 19.84 12.57 -51.90
CA GLU D 487 20.09 12.61 -53.34
C GLU D 487 21.53 13.03 -53.65
N ASN D 488 22.15 13.79 -52.75
CA ASN D 488 23.53 14.22 -52.99
C ASN D 488 24.51 13.06 -52.85
N PHE D 489 24.10 11.98 -52.17
CA PHE D 489 25.00 10.88 -51.87
C PHE D 489 24.67 9.61 -52.65
N PHE D 490 23.40 9.27 -52.79
CA PHE D 490 22.98 8.07 -53.48
C PHE D 490 22.03 8.41 -54.61
N ASP D 491 21.82 7.46 -55.50
CA ASP D 491 20.86 7.58 -56.58
C ASP D 491 19.47 7.16 -56.10
N ALA D 492 18.48 7.38 -56.97
CA ALA D 492 17.09 7.14 -56.57
C ALA D 492 16.85 5.67 -56.30
N LYS D 493 17.54 4.80 -57.03
CA LYS D 493 17.34 3.35 -56.90
C LYS D 493 17.72 2.86 -55.51
N ASP D 494 18.90 3.26 -55.03
CA ASP D 494 19.34 2.82 -53.71
C ASP D 494 18.50 3.45 -52.61
N ILE D 495 18.07 4.69 -52.81
CA ILE D 495 17.23 5.36 -51.83
C ILE D 495 15.90 4.63 -51.70
N ASP D 496 15.30 4.23 -52.83
CA ASP D 496 14.06 3.48 -52.78
C ASP D 496 14.25 2.12 -52.13
N LYS D 497 15.37 1.45 -52.39
CA LYS D 497 15.63 0.18 -51.73
C LYS D 497 15.68 0.36 -50.21
N MET D 498 16.50 1.30 -49.74
CA MET D 498 16.64 1.52 -48.31
C MET D 498 15.31 1.93 -47.68
N LYS D 499 14.54 2.78 -48.37
CA LYS D 499 13.25 3.17 -47.85
C LYS D 499 12.27 2.01 -47.80
N SER D 500 12.33 1.10 -48.80
CA SER D 500 11.43 -0.03 -48.82
C SER D 500 11.75 -1.00 -47.69
N ARG D 501 13.00 -1.04 -47.25
CA ARG D 501 13.32 -1.92 -46.13
C ARG D 501 12.90 -1.36 -44.76
N MET D 502 12.28 -0.19 -44.71
CA MET D 502 11.93 0.45 -43.44
C MET D 502 10.45 0.27 -43.13
N ALA D 503 10.16 0.02 -41.85
CA ALA D 503 8.77 -0.11 -41.39
C ALA D 503 8.74 -0.03 -39.87
N GLY D 504 7.63 0.47 -39.35
CA GLY D 504 7.41 0.50 -37.92
C GLY D 504 7.82 1.80 -37.25
N TRP D 505 8.49 1.68 -36.09
CA TRP D 505 8.90 2.87 -35.34
C TRP D 505 9.90 3.72 -36.11
N VAL D 506 10.68 3.11 -36.99
CA VAL D 506 11.70 3.85 -37.72
C VAL D 506 11.07 4.85 -38.66
N LEU D 507 9.84 4.59 -39.13
CA LEU D 507 9.17 5.55 -39.99
C LEU D 507 8.83 6.82 -39.22
N SER D 508 8.43 6.68 -37.96
CA SER D 508 8.14 7.85 -37.13
C SER D 508 9.42 8.54 -36.70
N LEU D 509 10.46 7.76 -36.38
CA LEU D 509 11.71 8.35 -35.90
C LEU D 509 12.43 9.10 -37.02
N ALA D 510 12.46 8.52 -38.22
CA ALA D 510 13.19 9.13 -39.33
C ALA D 510 12.55 10.46 -39.74
N ARG D 511 10.92 10.58 -39.73
CA ARG D 511 10.20 11.82 -40.07
C ARG D 511 10.62 12.96 -39.16
N THR D 512 10.68 12.69 -37.85
CA THR D 512 11.05 13.72 -36.88
C THR D 512 12.54 13.75 -36.58
N GLY D 513 13.31 12.78 -37.07
CA GLY D 513 14.72 12.70 -36.71
C GLY D 513 14.92 12.53 -35.23
N ARG D 514 14.02 11.82 -34.57
CA ARG D 514 14.00 11.75 -33.11
C ARG D 514 14.25 10.32 -32.63
N GLU E 1 -35.21 55.88 -16.24
CA GLU E 1 -34.27 54.78 -16.09
C GLU E 1 -33.99 54.50 -14.62
N ARG E 2 -35.03 54.31 -13.82
CA ARG E 2 -34.86 54.12 -12.39
C ARG E 2 -35.74 53.00 -11.84
N VAL E 3 -35.80 51.86 -12.53
CA VAL E 3 -36.53 50.71 -12.01
C VAL E 3 -35.82 49.42 -12.38
N GLY E 4 -35.32 48.69 -11.39
CA GLY E 4 -34.77 47.37 -11.60
C GLY E 4 -35.88 46.34 -11.61
N GLU E 5 -35.75 45.36 -12.49
CA GLU E 5 -36.95 44.63 -12.87
C GLU E 5 -37.24 43.57 -11.80
N LYS E 6 -36.41 42.54 -11.70
CA LYS E 6 -36.33 41.69 -10.51
C LYS E 6 -35.04 42.00 -9.75
N ASP E 7 -34.92 43.23 -9.27
CA ASP E 7 -33.65 43.72 -8.75
C ASP E 7 -33.54 43.46 -7.24
N LEU E 8 -32.47 43.98 -6.65
CA LEU E 8 -32.25 43.81 -5.21
C LEU E 8 -33.28 44.57 -4.40
N ARG E 9 -33.73 45.73 -4.90
CA ARG E 9 -34.72 46.51 -4.17
C ARG E 9 -36.06 45.79 -4.10
N ALA E 10 -36.44 45.11 -5.18
CA ALA E 10 -37.66 44.31 -5.15
C ALA E 10 -37.53 43.17 -4.15
N ALA E 11 -36.35 42.56 -4.05
CA ALA E 11 -36.12 41.52 -3.05
C ALA E 11 -36.23 42.09 -1.65
N LEU E 12 -35.72 43.29 -1.43
CA LEU E 12 -35.84 43.94 -0.13
C LEU E 12 -37.31 44.20 0.21
N GLU E 13 -38.08 44.65 -0.77
CA GLU E 13 -39.50 44.88 -0.55
C GLU E 13 -40.22 43.58 -0.21
N TRP E 14 -39.86 42.49 -0.89
CA TRP E 14 -40.46 41.20 -0.60
C TRP E 14 -40.11 40.73 0.81
N PHE E 15 -38.83 40.89 1.20
CA PHE E 15 -38.42 40.55 2.55
C PHE E 15 -39.19 41.35 3.59
N ARG E 16 -39.36 42.65 3.34
CA ARG E 16 -40.09 43.49 4.28
C ARG E 16 -41.54 43.06 4.37
N SER E 17 -42.15 42.70 3.24
CA SER E 17 -43.54 42.24 3.25
C SER E 17 -43.69 40.92 4.00
N LYS E 18 -42.70 40.03 3.89
CA LYS E 18 -42.76 38.76 4.60
C LYS E 18 -42.31 38.87 6.05
N GLY E 19 -41.85 40.03 6.49
CA GLY E 19 -41.35 40.18 7.84
C GLY E 19 -39.96 39.63 8.06
N TYR E 20 -39.19 39.38 7.00
CA TYR E 20 -37.87 38.79 7.09
C TYR E 20 -36.76 39.82 7.11
N LEU E 21 -37.09 41.10 7.06
CA LEU E 21 -36.10 42.17 6.97
C LEU E 21 -35.94 42.85 8.32
N VAL E 22 -34.69 43.05 8.73
CA VAL E 22 -34.36 43.75 9.97
C VAL E 22 -33.59 45.00 9.60
N GLU E 23 -34.18 46.16 9.88
CA GLU E 23 -33.58 47.44 9.54
C GLU E 23 -33.04 48.13 10.79
N THR E 24 -32.16 49.10 10.55
CA THR E 24 -31.62 49.91 11.62
C THR E 24 -31.05 51.19 11.02
N ASN E 25 -31.21 52.29 11.75
CA ASN E 25 -30.71 53.58 11.32
C ASN E 25 -29.42 53.99 12.03
N LYS E 26 -29.01 53.23 13.04
CA LYS E 26 -27.74 53.51 13.71
C LYS E 26 -26.59 53.35 12.73
N GLU E 27 -25.64 54.28 12.80
CA GLU E 27 -24.50 54.23 11.89
C GLU E 27 -23.62 53.04 12.20
N VAL E 28 -23.43 52.18 11.22
CA VAL E 28 -22.58 51.00 11.35
C VAL E 28 -21.21 51.32 10.77
N ASN E 29 -20.16 50.85 11.44
CA ASN E 29 -18.81 51.09 10.99
C ASN E 29 -18.39 49.95 10.07
N PRO E 30 -17.94 50.23 8.85
CA PRO E 30 -17.49 49.14 7.96
C PRO E 30 -16.27 48.40 8.50
N ASP E 31 -15.59 49.01 9.47
CA ASP E 31 -14.39 48.42 10.07
C ASP E 31 -14.81 47.59 11.27
N LEU E 32 -14.93 46.27 11.06
CA LEU E 32 -15.12 45.26 12.10
C LEU E 32 -16.54 45.17 12.66
N GLU E 33 -17.43 46.06 12.23
CA GLU E 33 -18.77 46.06 12.83
C GLU E 33 -19.77 45.30 11.96
N ILE E 34 -19.70 45.48 10.64
CA ILE E 34 -20.64 44.78 9.76
C ILE E 34 -20.41 43.28 9.82
N THR E 35 -19.15 42.85 9.67
CA THR E 35 -18.86 41.43 9.73
C THR E 35 -19.08 40.88 11.13
N GLY E 36 -18.82 41.69 12.16
CA GLY E 36 -19.08 41.25 13.52
C GLY E 36 -20.55 40.98 13.76
N LEU E 37 -21.42 41.90 13.33
CA LEU E 37 -22.86 41.70 13.48
C LEU E 37 -23.33 40.54 12.62
N GLN E 38 -22.74 40.35 11.45
CA GLN E 38 -23.13 39.24 10.59
C GLN E 38 -22.76 37.90 11.24
N LYS E 39 -21.61 37.85 11.91
CA LYS E 39 -21.20 36.61 12.57
C LYS E 39 -21.98 36.38 13.86
N ILE E 40 -22.41 37.45 14.52
CA ILE E 40 -23.23 37.27 15.71
C ILE E 40 -24.57 36.65 15.36
N PHE E 41 -25.08 36.92 14.16
CA PHE E 41 -26.34 36.37 13.68
C PHE E 41 -26.11 35.51 12.44
N ASP E 42 -25.08 34.66 12.49
CA ASP E 42 -24.72 33.83 11.36
C ASP E 42 -25.87 32.91 10.96
N GLY E 43 -26.21 32.92 9.67
CA GLY E 43 -27.30 32.11 9.19
C GLY E 43 -28.67 32.61 9.56
N SER E 44 -28.84 33.92 9.71
CA SER E 44 -30.11 34.48 10.13
C SER E 44 -30.69 35.41 9.07
N LEU E 45 -31.76 36.12 9.42
CA LEU E 45 -32.45 36.98 8.47
C LEU E 45 -31.54 38.07 7.93
N PRO E 46 -31.93 38.68 6.81
CA PRO E 46 -31.12 39.78 6.24
C PRO E 46 -31.19 41.02 7.10
N MET E 47 -30.07 41.73 7.19
CA MET E 47 -29.97 42.97 7.94
C MET E 47 -29.67 44.11 6.99
N LEU E 48 -30.42 45.20 7.10
CA LEU E 48 -30.25 46.37 6.24
C LEU E 48 -29.79 47.54 7.10
N PHE E 49 -28.60 48.05 6.80
CA PHE E 49 -28.05 49.21 7.51
C PHE E 49 -28.24 50.44 6.63
N ASN E 50 -29.08 51.37 7.09
CA ASN E 50 -29.38 52.56 6.31
C ASN E 50 -28.28 53.61 6.37
N ASN E 51 -27.45 53.60 7.41
CA ASN E 51 -26.40 54.58 7.58
C ASN E 51 -25.07 53.87 7.77
N VAL E 52 -24.15 54.08 6.83
CA VAL E 52 -22.82 53.50 6.87
C VAL E 52 -21.82 54.61 7.16
N LYS E 53 -20.91 54.36 8.09
CA LYS E 53 -19.95 55.38 8.51
C LYS E 53 -19.04 55.77 7.35
N ASP E 54 -18.95 57.08 7.09
CA ASP E 54 -18.13 57.67 6.04
C ASP E 54 -18.64 57.36 4.65
N MET E 55 -19.88 56.88 4.52
CA MET E 55 -20.49 56.59 3.22
C MET E 55 -21.92 57.11 3.25
N PRO E 56 -22.10 58.42 3.14
CA PRO E 56 -23.46 58.98 3.27
C PRO E 56 -24.38 58.63 2.11
N HIS E 57 -23.86 58.08 1.03
CA HIS E 57 -24.66 57.77 -0.16
C HIS E 57 -25.01 56.30 -0.26
N ALA E 58 -24.51 55.46 0.65
CA ALA E 58 -24.61 54.02 0.51
C ALA E 58 -25.42 53.40 1.63
N ARG E 59 -26.17 52.36 1.28
CA ARG E 59 -26.81 51.48 2.25
C ARG E 59 -26.16 50.10 2.14
N ALA E 60 -26.08 49.40 3.26
CA ALA E 60 -25.43 48.11 3.31
C ALA E 60 -26.41 47.06 3.82
N ILE E 61 -26.51 45.96 3.07
CA ILE E 61 -27.31 44.81 3.47
C ILE E 61 -26.38 43.62 3.66
N THR E 62 -26.71 42.78 4.63
CA THR E 62 -25.89 41.61 4.95
C THR E 62 -26.81 40.47 5.38
N ASN E 63 -26.27 39.25 5.30
CA ASN E 63 -27.03 38.05 5.61
C ASN E 63 -28.21 37.89 4.65
N LEU E 64 -28.03 38.34 3.41
CA LEU E 64 -29.09 38.23 2.42
C LEU E 64 -29.39 36.76 2.10
N PHE E 65 -28.35 35.94 1.97
CA PHE E 65 -28.50 34.50 1.76
C PHE E 65 -28.16 33.71 3.01
N GLY E 66 -28.20 34.35 4.18
CA GLY E 66 -27.79 33.68 5.41
C GLY E 66 -28.67 32.51 5.76
N ASP E 67 -29.98 32.64 5.57
CA ASP E 67 -30.93 31.56 5.84
C ASP E 67 -31.36 30.97 4.49
N ILE E 68 -31.05 29.69 4.29
CA ILE E 68 -31.40 29.06 3.02
C ILE E 68 -32.90 28.94 2.86
N ARG E 69 -33.64 28.91 3.97
CA ARG E 69 -35.09 28.81 3.88
C ARG E 69 -35.71 30.06 3.27
N VAL E 70 -35.24 31.24 3.69
CA VAL E 70 -35.78 32.47 3.13
C VAL E 70 -35.38 32.63 1.68
N VAL E 71 -34.18 32.15 1.32
CA VAL E 71 -33.76 32.18 -0.08
C VAL E 71 -34.67 31.28 -0.92
N GLU E 72 -34.94 30.07 -0.44
CA GLU E 72 -35.81 29.16 -1.17
C GLU E 72 -37.22 29.74 -1.28
N GLU E 73 -37.69 30.42 -0.25
CA GLU E 73 -39.00 31.06 -0.33
C GLU E 73 -39.00 32.21 -1.32
N LEU E 74 -37.89 32.95 -1.40
CA LEU E 74 -37.79 34.05 -2.34
C LEU E 74 -37.81 33.56 -3.78
N PHE E 75 -37.13 32.44 -4.04
CA PHE E 75 -37.07 31.90 -5.40
C PHE E 75 -38.19 30.90 -5.68
N GLY E 76 -39.05 30.62 -4.72
CA GLY E 76 -40.19 29.77 -4.97
C GLY E 76 -39.92 28.29 -4.95
N TRP E 77 -39.03 27.83 -4.07
CA TRP E 77 -38.71 26.42 -3.95
C TRP E 77 -39.25 25.88 -2.63
N GLU E 78 -39.67 24.61 -2.66
CA GLU E 78 -40.29 23.99 -1.49
C GLU E 78 -39.25 23.64 -0.43
N ASN E 79 -38.13 23.08 -0.85
CA ASN E 79 -37.09 22.63 0.08
C ASN E 79 -35.78 22.53 -0.68
N SER E 80 -34.74 22.02 0.00
CA SER E 80 -33.41 22.00 -0.61
C SER E 80 -33.34 21.04 -1.78
N LEU E 81 -34.04 19.91 -1.69
CA LEU E 81 -34.03 18.95 -2.80
C LEU E 81 -34.72 19.53 -4.03
N ASP E 82 -35.87 20.17 -3.82
CA ASP E 82 -36.56 20.84 -4.91
C ASP E 82 -35.68 21.93 -5.51
N ARG E 83 -34.97 22.67 -4.66
CA ARG E 83 -34.06 23.70 -5.15
C ARG E 83 -32.96 23.10 -6.01
N VAL E 84 -32.38 21.99 -5.56
CA VAL E 84 -31.29 21.36 -6.31
C VAL E 84 -31.78 20.89 -7.68
N LYS E 85 -32.94 20.24 -7.70
CA LYS E 85 -33.44 19.73 -8.98
C LYS E 85 -33.84 20.86 -9.91
N LYS E 86 -34.51 21.89 -9.39
CA LYS E 86 -34.91 23.02 -10.24
C LYS E 86 -33.69 23.77 -10.77
N VAL E 87 -32.64 23.90 -9.95
CA VAL E 87 -31.47 24.61 -10.41
C VAL E 87 -30.71 23.79 -11.43
N ALA E 88 -30.71 22.46 -11.31
CA ALA E 88 -30.13 21.63 -12.36
C ALA E 88 -30.88 21.81 -13.67
N ARG E 89 -32.21 21.78 -13.60
CA ARG E 89 -33.01 22.02 -14.81
C ARG E 89 -32.73 23.39 -15.41
N ALA E 90 -32.58 24.41 -14.56
CA ALA E 90 -32.24 25.74 -15.05
C ALA E 90 -30.87 25.77 -15.69
N ILE E 91 -29.92 24.99 -15.14
CA ILE E 91 -28.60 24.91 -15.74
C ILE E 91 -28.70 24.32 -17.14
N ASP E 92 -29.58 23.35 -17.34
CA ASP E 92 -29.73 22.78 -18.67
C ASP E 92 -30.61 23.61 -19.60
N HIS E 93 -31.29 24.65 -19.09
CA HIS E 93 -32.18 25.48 -19.91
C HIS E 93 -32.01 26.95 -19.54
N PRO E 94 -30.98 27.60 -20.06
CA PRO E 94 -30.76 29.02 -19.74
C PRO E 94 -31.70 29.92 -20.52
N LEU E 95 -31.97 31.09 -19.93
CA LEU E 95 -32.75 32.14 -20.58
C LEU E 95 -31.79 33.19 -21.12
N LYS E 96 -31.85 33.44 -22.42
CA LYS E 96 -30.93 34.38 -23.05
C LYS E 96 -31.17 35.78 -22.49
N PRO E 97 -30.12 36.46 -22.03
CA PRO E 97 -30.31 37.81 -21.48
C PRO E 97 -30.72 38.80 -22.55
N VAL E 98 -31.48 39.81 -22.14
CA VAL E 98 -31.99 40.84 -23.05
C VAL E 98 -31.17 42.11 -22.86
N ILE E 99 -30.91 42.80 -23.96
CA ILE E 99 -30.15 44.05 -23.94
C ILE E 99 -31.13 45.22 -24.01
N ILE E 100 -30.95 46.19 -23.12
CA ILE E 100 -31.79 47.37 -23.08
C ILE E 100 -30.96 48.59 -23.42
N GLY E 101 -31.64 49.71 -23.64
CA GLY E 101 -30.96 50.92 -24.04
C GLY E 101 -30.18 51.55 -22.90
N GLN E 102 -29.15 52.32 -23.28
CA GLN E 102 -28.29 52.97 -22.31
C GLN E 102 -29.00 54.05 -21.49
N ASP E 103 -30.19 54.48 -21.92
CA ASP E 103 -30.92 55.55 -21.25
C ASP E 103 -32.05 55.02 -20.37
N GLU E 104 -32.23 53.70 -20.31
CA GLU E 104 -33.23 53.11 -19.43
C GLU E 104 -32.63 52.15 -18.43
N ALA E 105 -31.30 52.05 -18.35
CA ALA E 105 -30.66 51.17 -17.40
C ALA E 105 -30.59 51.88 -16.04
N PRO E 106 -31.18 51.32 -14.99
CA PRO E 106 -31.13 52.02 -13.68
C PRO E 106 -29.73 52.23 -13.15
N VAL E 107 -28.78 51.37 -13.52
CA VAL E 107 -27.43 51.46 -12.98
C VAL E 107 -26.60 52.54 -13.65
N GLN E 108 -27.12 53.17 -14.69
CA GLN E 108 -26.38 54.21 -15.42
C GLN E 108 -27.02 55.58 -15.26
N GLU E 109 -27.71 55.84 -14.15
CA GLU E 109 -28.26 57.17 -13.91
C GLU E 109 -27.13 58.18 -13.69
N GLU E 110 -26.07 57.76 -13.03
CA GLU E 110 -24.90 58.59 -12.79
C GLU E 110 -23.67 57.90 -13.36
N VAL E 111 -22.91 58.61 -14.17
CA VAL E 111 -21.76 58.06 -14.87
C VAL E 111 -20.56 58.93 -14.53
N LEU E 112 -19.64 58.40 -13.72
CA LEU E 112 -18.43 59.11 -13.37
C LEU E 112 -17.26 58.59 -14.21
N THR E 113 -16.84 59.38 -15.20
CA THR E 113 -15.71 59.03 -16.03
C THR E 113 -14.41 59.67 -15.57
N THR E 114 -14.47 60.62 -14.66
CA THR E 114 -13.30 61.14 -13.98
C THR E 114 -13.52 60.99 -12.49
N ASP E 115 -12.63 61.61 -11.71
CA ASP E 115 -12.62 61.56 -10.24
C ASP E 115 -12.84 60.15 -9.72
N LEU E 116 -12.16 59.20 -10.36
CA LEU E 116 -12.36 57.78 -10.11
C LEU E 116 -11.60 57.38 -8.85
N ASP E 117 -12.21 57.61 -7.70
CA ASP E 117 -11.73 57.08 -6.43
C ASP E 117 -12.73 56.01 -5.99
N VAL E 118 -12.37 54.75 -6.22
CA VAL E 118 -13.30 53.65 -5.95
C VAL E 118 -13.61 53.55 -4.46
N ASN E 119 -12.60 53.76 -3.63
CA ASN E 119 -12.79 53.63 -2.18
C ASN E 119 -13.71 54.70 -1.62
N LYS E 120 -13.90 55.80 -2.33
CA LYS E 120 -14.82 56.85 -1.89
C LYS E 120 -16.28 56.49 -2.15
N TRP E 121 -16.56 55.68 -3.16
CA TRP E 121 -17.93 55.32 -3.51
C TRP E 121 -18.31 53.91 -3.10
N LEU E 122 -17.42 52.94 -3.26
CA LEU E 122 -17.69 51.56 -2.88
C LEU E 122 -17.20 51.32 -1.45
N THR E 123 -18.06 50.68 -0.66
CA THR E 123 -17.76 50.47 0.75
C THR E 123 -16.79 49.31 0.94
N ALA E 124 -15.57 49.63 1.34
CA ALA E 124 -14.61 48.62 1.74
C ALA E 124 -14.74 48.35 3.24
N ILE E 125 -14.50 47.10 3.62
CA ILE E 125 -14.71 46.66 5.00
C ILE E 125 -13.47 45.91 5.48
N ARG E 126 -13.36 45.80 6.80
CA ARG E 126 -12.38 44.95 7.45
C ARG E 126 -13.12 43.85 8.19
N HIS E 127 -12.64 42.62 8.04
CA HIS E 127 -13.37 41.48 8.61
C HIS E 127 -12.95 41.21 10.04
N THR E 128 -11.65 41.13 10.30
CA THR E 128 -11.13 40.78 11.60
C THR E 128 -10.10 41.82 12.03
N PRO E 129 -9.87 41.97 13.34
CA PRO E 129 -8.89 42.95 13.81
C PRO E 129 -7.47 42.66 13.36
N LEU E 130 -7.17 41.42 12.97
CA LEU E 130 -5.83 41.05 12.54
C LEU E 130 -5.47 41.58 11.17
N GLU E 131 -6.43 42.11 10.41
CA GLU E 131 -6.16 42.63 9.08
C GLU E 131 -5.65 44.05 9.16
N THR E 132 -4.97 44.47 8.09
CA THR E 132 -4.43 45.81 7.98
C THR E 132 -5.12 46.64 6.91
N GLU E 133 -5.59 46.02 5.84
CA GLU E 133 -6.23 46.71 4.73
C GLU E 133 -7.74 46.55 4.80
N MET E 134 -8.44 47.50 4.17
CA MET E 134 -9.87 47.42 3.96
C MET E 134 -10.13 47.13 2.48
N THR E 135 -10.80 46.02 2.21
CA THR E 135 -10.92 45.52 0.85
C THR E 135 -12.37 45.55 0.40
N ILE E 136 -12.56 45.39 -0.91
CA ILE E 136 -13.87 45.39 -1.54
C ILE E 136 -14.17 43.97 -1.99
N GLY E 137 -15.15 43.33 -1.35
CA GLY E 137 -15.51 41.98 -1.70
C GLY E 137 -17.00 41.81 -1.93
N SER E 138 -17.63 42.83 -2.52
CA SER E 138 -19.07 42.81 -2.75
C SER E 138 -19.43 42.78 -4.22
N GLY E 139 -18.46 42.89 -5.12
CA GLY E 139 -18.72 42.98 -6.55
C GLY E 139 -18.46 41.66 -7.26
N ILE E 140 -19.25 41.40 -8.30
CA ILE E 140 -19.11 40.19 -9.11
C ILE E 140 -18.58 40.58 -10.48
N SER E 141 -17.57 39.85 -10.94
CA SER E 141 -17.05 40.07 -12.28
C SER E 141 -18.11 39.67 -13.32
N CYS E 142 -18.13 40.41 -14.42
CA CYS E 142 -19.10 40.14 -15.48
C CYS E 142 -18.40 40.23 -16.83
N VAL E 143 -18.25 39.09 -17.49
CA VAL E 143 -17.62 39.00 -18.80
C VAL E 143 -18.64 38.40 -19.75
N VAL E 144 -19.01 39.17 -20.78
CA VAL E 144 -20.04 38.79 -21.72
C VAL E 144 -19.51 38.97 -23.13
N GLY E 145 -19.75 37.99 -23.99
CA GLY E 145 -19.46 38.13 -25.40
C GLY E 145 -18.19 37.43 -25.85
N PRO E 146 -17.37 38.15 -26.60
CA PRO E 146 -16.22 37.50 -27.26
C PRO E 146 -15.19 36.95 -26.29
N TYR E 147 -15.00 37.58 -25.14
CA TYR E 147 -13.97 37.12 -24.21
C TYR E 147 -14.40 35.88 -23.43
N PHE E 148 -15.65 35.47 -23.54
CA PHE E 148 -16.08 34.22 -22.94
C PHE E 148 -16.70 33.30 -23.98
N ASP E 149 -16.19 33.36 -25.21
CA ASP E 149 -16.61 32.48 -26.28
C ASP E 149 -18.11 32.62 -26.58
N GLY E 150 -18.59 33.86 -26.55
CA GLY E 150 -19.99 34.11 -26.82
C GLY E 150 -20.94 33.80 -25.69
N GLY E 151 -20.43 33.38 -24.53
CA GLY E 151 -21.28 33.12 -23.39
C GLY E 151 -21.27 34.27 -22.41
N SER E 152 -21.44 33.98 -21.13
CA SER E 152 -21.41 35.00 -20.10
C SER E 152 -20.93 34.38 -18.80
N HIS E 153 -20.09 35.12 -18.08
CA HIS E 153 -19.57 34.69 -16.79
C HIS E 153 -19.87 35.74 -15.73
N ILE E 154 -20.28 35.29 -14.56
CA ILE E 154 -20.43 36.14 -13.39
C ILE E 154 -19.81 35.42 -12.20
N GLY E 155 -19.03 36.15 -11.42
CA GLY E 155 -18.38 35.55 -10.27
C GLY E 155 -17.74 36.63 -9.41
N TYR E 156 -17.50 36.26 -8.16
CA TYR E 156 -16.93 37.17 -7.19
C TYR E 156 -15.42 37.24 -7.33
N ASN E 157 -14.86 38.43 -7.13
CA ASN E 157 -13.42 38.63 -7.10
C ASN E 157 -13.12 39.73 -6.10
N ARG E 158 -12.27 39.44 -5.12
CA ARG E 158 -11.93 40.43 -4.11
C ARG E 158 -10.91 41.41 -4.67
N MET E 159 -11.15 42.69 -4.43
CA MET E 159 -10.32 43.75 -4.96
C MET E 159 -9.86 44.67 -3.84
N ASN E 160 -8.61 45.09 -3.93
CA ASN E 160 -8.03 46.05 -2.98
C ASN E 160 -7.52 47.24 -3.78
N PHE E 161 -8.28 48.34 -3.75
CA PHE E 161 -7.95 49.54 -4.52
C PHE E 161 -7.03 50.40 -3.67
N ARG E 162 -5.73 50.13 -3.75
CA ARG E 162 -4.73 50.90 -3.04
C ARG E 162 -3.92 51.82 -3.95
N TRP E 163 -4.42 52.10 -5.15
CA TRP E 163 -3.81 53.06 -6.06
C TRP E 163 -4.87 53.95 -6.68
N GLY E 164 -5.91 54.24 -5.90
CA GLY E 164 -6.95 55.16 -6.33
C GLY E 164 -7.99 54.54 -7.24
N ASN E 165 -7.63 54.32 -8.51
CA ASN E 165 -8.53 53.71 -9.48
C ASN E 165 -7.94 52.41 -10.02
N VAL E 166 -6.87 51.93 -9.39
CA VAL E 166 -6.24 50.67 -9.77
C VAL E 166 -6.16 49.80 -8.52
N GLY E 167 -6.70 48.59 -8.61
CA GLY E 167 -6.70 47.67 -7.49
C GLY E 167 -6.36 46.26 -7.94
N THR E 168 -5.99 45.44 -6.96
CA THR E 168 -5.70 44.05 -7.24
C THR E 168 -6.98 43.30 -7.58
N PHE E 169 -6.82 42.18 -8.28
CA PHE E 169 -7.93 41.38 -8.76
C PHE E 169 -7.60 39.92 -8.50
N GLN E 170 -8.20 39.37 -7.44
CA GLN E 170 -7.89 38.00 -7.02
C GLN E 170 -8.62 37.01 -7.93
N ILE E 171 -7.87 36.13 -8.58
CA ILE E 171 -8.40 35.15 -9.52
C ILE E 171 -8.00 33.75 -9.04
N SER E 172 -8.97 32.88 -8.91
CA SER E 172 -8.69 31.51 -8.54
C SER E 172 -8.05 30.78 -9.72
N PRO E 173 -6.91 30.13 -9.53
CA PRO E 173 -6.36 29.31 -10.62
C PRO E 173 -7.31 28.19 -11.00
N GLY E 174 -7.63 28.12 -12.29
CA GLY E 174 -8.55 27.14 -12.81
C GLY E 174 -9.95 27.65 -13.06
N SER E 175 -10.32 28.78 -12.47
CA SER E 175 -11.67 29.31 -12.60
C SER E 175 -11.91 29.86 -14.00
N HIS E 176 -13.12 30.38 -14.22
CA HIS E 176 -13.44 30.95 -15.52
C HIS E 176 -12.57 32.16 -15.83
N MET E 177 -12.41 33.06 -14.86
CA MET E 177 -11.56 34.22 -15.07
C MET E 177 -10.11 33.79 -15.30
N TRP E 178 -9.66 32.74 -14.62
CA TRP E 178 -8.32 32.23 -14.87
C TRP E 178 -8.19 31.72 -16.30
N GLN E 179 -9.22 31.04 -16.81
CA GLN E 179 -9.15 30.53 -18.18
C GLN E 179 -9.15 31.67 -19.18
N VAL E 180 -9.96 32.70 -18.93
CA VAL E 180 -9.97 33.86 -19.82
C VAL E 180 -8.62 34.56 -19.81
N MET E 181 -8.05 34.76 -18.62
CA MET E 181 -6.75 35.41 -18.51
C MET E 181 -5.65 34.57 -19.14
N THR E 182 -5.74 33.25 -19.04
CA THR E 182 -4.74 32.38 -19.67
C THR E 182 -4.84 32.43 -21.19
N GLU E 183 -6.06 32.48 -21.73
CA GLU E 183 -6.20 32.57 -23.17
C GLU E 183 -5.68 33.90 -23.72
N HIS E 184 -5.74 34.96 -22.92
CA HIS E 184 -5.33 36.30 -23.34
C HIS E 184 -4.17 36.82 -22.51
N TYR E 185 -3.33 35.92 -22.00
CA TYR E 185 -2.22 36.34 -21.15
C TYR E 185 -1.15 37.11 -21.91
N LYS E 186 -1.03 36.91 -23.22
CA LYS E 186 0.03 37.55 -24.00
C LYS E 186 -0.55 38.48 -25.06
N ASP E 187 -1.80 38.89 -24.92
CA ASP E 187 -2.33 39.87 -25.84
C ASP E 187 -1.76 41.25 -25.53
N ASP E 188 -1.94 42.17 -26.48
CA ASP E 188 -1.49 43.54 -26.29
C ASP E 188 -2.53 44.37 -25.55
N GLU E 189 -3.80 44.21 -25.90
CA GLU E 189 -4.87 44.92 -25.25
C GLU E 189 -5.25 44.25 -23.94
N PRO E 190 -5.67 45.01 -22.94
CA PRO E 190 -6.17 44.42 -21.70
C PRO E 190 -7.56 43.83 -21.91
N ILE E 191 -8.01 43.07 -20.92
CA ILE E 191 -9.30 42.41 -20.97
C ILE E 191 -10.35 43.37 -20.43
N PRO E 192 -11.33 43.78 -21.24
CA PRO E 192 -12.38 44.68 -20.75
C PRO E 192 -13.44 43.91 -19.97
N LEU E 193 -13.65 44.31 -18.72
CA LEU E 193 -14.66 43.67 -17.89
C LEU E 193 -15.22 44.72 -16.95
N THR E 194 -16.33 44.36 -16.29
CA THR E 194 -17.00 45.23 -15.35
C THR E 194 -17.29 44.48 -14.07
N MET E 195 -17.28 45.21 -12.96
CA MET E 195 -17.63 44.66 -11.65
C MET E 195 -18.96 45.28 -11.22
N CYS E 196 -19.93 44.43 -10.94
CA CYS E 196 -21.28 44.87 -10.60
C CYS E 196 -21.52 44.69 -9.11
N PHE E 197 -22.21 45.65 -8.51
CA PHE E 197 -22.48 45.64 -7.08
C PHE E 197 -23.97 45.79 -6.84
N GLY E 198 -24.46 45.15 -5.79
CA GLY E 198 -25.89 45.16 -5.51
C GLY E 198 -26.72 44.58 -6.62
N VAL E 199 -26.31 43.45 -7.17
CA VAL E 199 -26.96 42.86 -8.34
C VAL E 199 -28.22 42.14 -7.91
N PRO E 200 -29.04 41.66 -8.84
CA PRO E 200 -30.23 40.90 -8.46
C PRO E 200 -29.82 39.63 -7.74
N PRO E 201 -30.69 39.11 -6.86
CA PRO E 201 -30.31 37.93 -6.07
C PRO E 201 -29.99 36.70 -6.90
N SER E 202 -30.67 36.52 -8.04
CA SER E 202 -30.35 35.38 -8.89
C SER E 202 -28.94 35.47 -9.45
N CYS E 203 -28.47 36.69 -9.76
CA CYS E 203 -27.12 36.84 -10.26
C CYS E 203 -26.10 36.52 -9.17
N THR E 204 -26.38 36.90 -7.92
CA THR E 204 -25.52 36.50 -6.82
C THR E 204 -25.50 34.98 -6.67
N TYR E 205 -26.69 34.37 -6.71
CA TYR E 205 -26.82 32.91 -6.60
C TYR E 205 -25.97 32.21 -7.65
N VAL E 206 -26.02 32.67 -8.90
CA VAL E 206 -25.23 32.04 -9.96
C VAL E 206 -23.75 32.41 -9.90
N ALA E 207 -23.42 33.61 -9.40
CA ALA E 207 -22.01 33.98 -9.26
C ALA E 207 -21.34 33.16 -8.17
N GLY E 208 -22.12 32.65 -7.21
CA GLY E 208 -21.55 31.77 -6.21
C GLY E 208 -20.96 30.48 -6.75
N ALA E 209 -21.40 30.05 -7.93
CA ALA E 209 -20.92 28.81 -8.51
C ALA E 209 -19.43 28.91 -8.84
N GLY E 210 -18.76 27.77 -8.88
CA GLY E 210 -17.35 27.74 -9.23
C GLY E 210 -16.82 26.33 -9.23
N PHE E 211 -15.88 26.09 -10.14
CA PHE E 211 -15.20 24.79 -10.24
C PHE E 211 -16.20 23.66 -10.47
N ASP E 212 -17.08 23.88 -11.45
CA ASP E 212 -18.06 22.88 -11.87
C ASP E 212 -18.11 22.87 -13.39
N TYR E 213 -16.93 22.90 -14.01
CA TYR E 213 -16.80 23.20 -15.43
C TYR E 213 -17.08 21.99 -16.32
N ALA E 214 -17.32 20.82 -15.76
CA ALA E 214 -17.89 19.73 -16.55
C ALA E 214 -19.35 20.02 -16.89
N ILE E 215 -20.01 20.81 -16.06
CA ILE E 215 -21.39 21.21 -16.29
C ILE E 215 -21.49 22.64 -16.80
N LEU E 216 -20.65 23.53 -16.29
CA LEU E 216 -20.63 24.94 -16.66
C LEU E 216 -19.26 25.28 -17.25
N PRO E 217 -18.94 24.78 -18.43
CA PRO E 217 -17.64 25.05 -19.03
C PRO E 217 -17.54 26.47 -19.55
N LYS E 218 -16.33 26.85 -19.92
CA LYS E 218 -16.10 28.16 -20.52
C LYS E 218 -16.87 28.27 -21.82
N GLY E 219 -17.63 29.34 -21.96
CA GLY E 219 -18.55 29.51 -23.07
C GLY E 219 -20.00 29.30 -22.71
N CYS E 220 -20.29 28.84 -21.50
CA CYS E 220 -21.67 28.70 -21.05
C CYS E 220 -22.28 30.08 -20.81
N ASP E 221 -23.54 30.08 -20.39
CA ASP E 221 -24.29 31.31 -20.15
C ASP E 221 -24.72 31.33 -18.69
N GLU E 222 -23.84 31.85 -17.83
CA GLU E 222 -24.17 31.93 -16.41
C GLU E 222 -25.25 32.96 -16.14
N ILE E 223 -25.23 34.08 -16.86
CA ILE E 223 -26.32 35.05 -16.73
C ILE E 223 -27.62 34.45 -17.25
N GLY E 224 -27.55 33.61 -18.28
CA GLY E 224 -28.73 32.89 -18.71
C GLY E 224 -29.25 31.94 -17.64
N ILE E 225 -28.34 31.31 -16.90
CA ILE E 225 -28.76 30.44 -15.81
C ILE E 225 -29.43 31.26 -14.71
N ALA E 226 -28.88 32.44 -14.41
CA ALA E 226 -29.52 33.31 -13.42
C ALA E 226 -30.92 33.72 -13.87
N GLY E 227 -31.06 34.08 -15.15
CA GLY E 227 -32.38 34.42 -15.66
C GLY E 227 -33.35 33.28 -15.56
N ALA E 228 -32.91 32.06 -15.91
CA ALA E 228 -33.77 30.90 -15.78
C ALA E 228 -34.14 30.63 -14.32
N ILE E 229 -33.22 30.93 -13.41
CA ILE E 229 -33.50 30.74 -11.98
C ILE E 229 -34.56 31.72 -11.50
N GLN E 230 -34.47 32.97 -11.94
CA GLN E 230 -35.42 33.99 -11.53
C GLN E 230 -36.70 33.98 -12.36
N GLY E 231 -36.78 33.15 -13.39
CA GLY E 231 -37.99 33.04 -14.18
C GLY E 231 -38.18 34.11 -15.21
N SER E 232 -37.14 34.87 -15.53
CA SER E 232 -37.23 35.92 -16.54
C SER E 232 -35.83 36.35 -16.95
N PRO E 233 -35.66 36.90 -18.16
CA PRO E 233 -34.31 37.23 -18.63
C PRO E 233 -33.69 38.36 -17.82
N VAL E 234 -32.38 38.25 -17.62
CA VAL E 234 -31.62 39.30 -16.95
C VAL E 234 -31.28 40.38 -17.97
N ARG E 235 -31.41 41.63 -17.56
CA ARG E 235 -31.21 42.76 -18.47
C ARG E 235 -29.76 43.18 -18.50
N LEU E 236 -29.23 43.36 -19.70
CA LEU E 236 -27.89 43.84 -19.93
C LEU E 236 -27.93 45.22 -20.57
N VAL E 237 -26.81 45.94 -20.45
CA VAL E 237 -26.70 47.28 -21.01
C VAL E 237 -25.26 47.49 -21.45
N LYS E 238 -25.09 48.18 -22.58
CA LYS E 238 -23.76 48.46 -23.09
C LYS E 238 -23.05 49.45 -22.16
N CYS E 239 -21.78 49.17 -21.89
CA CYS E 239 -21.00 50.04 -21.02
C CYS E 239 -20.80 51.41 -21.68
N ARG E 240 -20.31 52.35 -20.88
CA ARG E 240 -20.12 53.72 -21.37
C ARG E 240 -18.72 53.93 -21.96
N THR E 241 -17.69 53.44 -21.27
CA THR E 241 -16.31 53.73 -21.65
C THR E 241 -15.57 52.54 -22.25
N ILE E 242 -16.12 51.34 -22.18
CA ILE E 242 -15.48 50.15 -22.70
C ILE E 242 -16.46 49.41 -23.60
N ASP E 243 -15.94 48.44 -24.34
CA ASP E 243 -16.74 47.60 -25.23
C ASP E 243 -17.09 46.33 -24.46
N ALA E 244 -18.17 46.40 -23.70
CA ALA E 244 -18.61 45.27 -22.88
C ALA E 244 -20.05 45.51 -22.47
N TYR E 245 -20.57 44.64 -21.60
CA TYR E 245 -21.93 44.74 -21.10
C TYR E 245 -21.92 44.57 -19.60
N THR E 246 -22.98 45.08 -18.96
CA THR E 246 -23.11 45.02 -17.50
C THR E 246 -24.54 44.66 -17.15
N LEU E 247 -24.74 44.28 -15.89
CA LEU E 247 -26.08 44.06 -15.38
C LEU E 247 -26.78 45.40 -15.21
N ALA E 248 -27.83 45.63 -16.00
CA ALA E 248 -28.48 46.93 -16.02
C ALA E 248 -29.15 47.26 -14.68
N ASP E 249 -29.56 46.24 -13.93
CA ASP E 249 -30.31 46.44 -12.70
C ASP E 249 -29.43 46.38 -11.45
N ALA E 250 -28.12 46.58 -11.62
CA ALA E 250 -27.22 46.60 -10.48
C ALA E 250 -27.33 47.95 -9.76
N GLU E 251 -26.57 48.13 -8.69
CA GLU E 251 -26.53 49.39 -7.96
C GLU E 251 -25.27 50.20 -8.26
N TYR E 252 -24.12 49.54 -8.37
CA TYR E 252 -22.89 50.17 -8.80
C TYR E 252 -22.28 49.33 -9.91
N VAL E 253 -21.45 49.97 -10.73
CA VAL E 253 -20.73 49.29 -11.79
C VAL E 253 -19.36 49.94 -11.94
N LEU E 254 -18.33 49.12 -12.01
CA LEU E 254 -16.97 49.59 -12.28
C LEU E 254 -16.53 49.07 -13.64
N GLU E 255 -16.39 49.98 -14.59
CA GLU E 255 -15.88 49.63 -15.90
C GLU E 255 -14.38 49.86 -15.94
N GLY E 256 -13.67 48.94 -16.61
CA GLY E 256 -12.23 49.04 -16.66
C GLY E 256 -11.63 47.90 -17.45
N TYR E 257 -10.33 47.72 -17.27
CA TYR E 257 -9.57 46.71 -17.98
C TYR E 257 -8.74 45.89 -16.99
N LEU E 258 -8.69 44.59 -17.21
CA LEU E 258 -7.87 43.69 -16.42
C LEU E 258 -6.52 43.51 -17.10
N HIS E 259 -5.45 43.82 -16.38
CA HIS E 259 -4.09 43.70 -16.91
C HIS E 259 -3.47 42.43 -16.36
N PRO E 260 -3.45 41.33 -17.13
CA PRO E 260 -2.94 40.07 -16.59
C PRO E 260 -1.47 40.10 -16.20
N ARG E 261 -0.64 40.81 -16.96
CA ARG E 261 0.79 40.84 -16.71
C ARG E 261 1.20 41.93 -15.74
N ASP E 262 0.28 42.78 -15.30
CA ASP E 262 0.57 43.84 -14.34
C ASP E 262 0.12 43.36 -12.97
N LYS E 263 1.00 42.61 -12.31
CA LYS E 263 0.71 42.01 -11.02
C LYS E 263 1.34 42.83 -9.90
N ARG E 264 0.55 43.05 -8.84
CA ARG E 264 1.00 43.79 -7.66
C ARG E 264 0.53 43.06 -6.42
N TYR E 265 1.12 43.42 -5.29
CA TYR E 265 0.79 42.77 -4.03
C TYR E 265 -0.53 43.29 -3.47
N GLU E 266 -1.22 42.42 -2.74
CA GLU E 266 -2.55 42.77 -2.25
C GLU E 266 -2.48 43.63 -1.00
N THR E 267 -1.42 43.50 -0.21
CA THR E 267 -1.24 44.29 1.00
C THR E 267 0.12 44.97 1.00
N ALA E 268 0.20 46.10 1.69
CA ALA E 268 1.46 46.82 1.78
C ALA E 268 2.50 46.02 2.55
N GLU E 269 2.07 45.26 3.54
CA GLU E 269 3.01 44.47 4.34
C GLU E 269 3.69 43.40 3.51
N SER E 270 2.90 42.62 2.76
CA SER E 270 3.48 41.58 1.91
C SER E 270 4.30 42.19 0.78
N GLU E 271 3.87 43.36 0.28
CA GLU E 271 4.65 44.05 -0.74
C GLU E 271 6.02 44.45 -0.20
N ALA E 272 6.06 44.92 1.05
CA ALA E 272 7.33 45.27 1.69
C ALA E 272 8.19 44.03 1.85
N ALA E 273 7.68 43.01 2.55
CA ALA E 273 8.46 41.80 2.75
C ALA E 273 8.64 40.99 1.48
N ASP E 274 7.76 41.16 0.50
CA ASP E 274 7.92 40.55 -0.82
C ASP E 274 7.83 39.02 -0.77
N ILE E 275 6.83 38.50 -0.08
CA ILE E 275 6.55 37.07 -0.07
C ILE E 275 5.05 36.87 -0.13
N GLN E 276 4.61 35.76 -0.72
CA GLN E 276 3.20 35.42 -0.79
C GLN E 276 2.89 34.25 0.15
N GLY E 277 1.60 34.06 0.40
CA GLY E 277 1.15 32.99 1.27
C GLY E 277 1.21 33.28 2.74
N ARG E 278 1.77 34.42 3.14
CA ARG E 278 1.79 34.84 4.54
C ARG E 278 1.15 36.21 4.62
N PHE E 279 1.26 36.84 5.79
CA PHE E 279 0.78 38.21 5.93
C PHE E 279 -0.72 38.33 5.66
N HIS E 280 -1.52 37.85 6.62
CA HIS E 280 -2.97 37.68 6.55
C HIS E 280 -3.71 38.78 5.79
N PHE E 281 -4.69 38.37 4.99
CA PHE E 281 -5.47 39.30 4.17
C PHE E 281 -6.89 39.44 4.73
N HIS E 282 -7.61 38.33 4.84
CA HIS E 282 -8.84 38.23 5.61
C HIS E 282 -9.30 36.77 5.55
N PRO E 283 -10.29 36.39 6.36
CA PRO E 283 -10.73 34.99 6.39
C PRO E 283 -11.20 34.51 5.02
N GLU E 284 -10.77 33.31 4.65
CA GLU E 284 -11.08 32.68 3.37
C GLU E 284 -12.10 31.56 3.51
N TRP E 285 -12.40 30.92 2.38
CA TRP E 285 -13.50 29.97 2.29
C TRP E 285 -13.25 28.69 3.07
N ALA E 286 -11.99 28.31 3.28
CA ALA E 286 -11.69 27.11 4.02
C ALA E 286 -11.86 27.26 5.53
N GLY E 287 -12.29 28.43 5.99
CA GLY E 287 -12.49 28.66 7.41
C GLY E 287 -11.26 29.09 8.17
N TYR E 288 -10.16 29.40 7.49
CA TYR E 288 -8.91 29.80 8.12
C TYR E 288 -8.66 31.28 7.87
N MET E 289 -7.80 31.86 8.71
CA MET E 289 -7.34 33.22 8.47
C MET E 289 -6.55 33.27 7.17
N GLY E 290 -6.68 34.38 6.46
CA GLY E 290 -6.20 34.46 5.10
C GLY E 290 -4.74 34.82 4.95
N LYS E 291 -4.32 34.90 3.70
CA LYS E 291 -2.97 35.29 3.30
C LYS E 291 -3.06 36.20 2.08
N ALA E 292 -1.97 36.91 1.81
CA ALA E 292 -1.90 37.86 0.71
C ALA E 292 -0.97 37.35 -0.38
N TYR E 293 -1.33 37.62 -1.62
CA TYR E 293 -0.58 37.16 -2.79
C TYR E 293 -0.44 38.31 -3.78
N LYS E 294 0.36 38.09 -4.82
CA LYS E 294 0.35 38.96 -5.97
C LYS E 294 -0.86 38.63 -6.85
N ALA E 295 -1.34 39.62 -7.58
CA ALA E 295 -2.54 39.45 -8.37
C ALA E 295 -2.52 40.47 -9.50
N PRO E 296 -3.19 40.17 -10.61
CA PRO E 296 -3.34 41.17 -11.67
C PRO E 296 -4.12 42.38 -11.18
N THR E 297 -4.06 43.46 -11.96
CA THR E 297 -4.64 44.72 -11.56
C THR E 297 -5.84 45.06 -12.44
N PHE E 298 -6.83 45.70 -11.83
CA PHE E 298 -8.03 46.14 -12.51
C PHE E 298 -8.01 47.66 -12.60
N HIS E 299 -7.92 48.18 -13.83
CA HIS E 299 -7.78 49.60 -14.07
C HIS E 299 -9.16 50.18 -14.38
N VAL E 300 -9.74 50.88 -13.40
CA VAL E 300 -11.08 51.41 -13.56
C VAL E 300 -11.05 52.64 -14.45
N THR E 301 -12.04 52.76 -15.33
CA THR E 301 -12.18 53.91 -16.21
C THR E 301 -13.53 54.60 -16.10
N ALA E 302 -14.44 54.11 -15.26
CA ALA E 302 -15.74 54.74 -15.09
C ALA E 302 -16.45 54.08 -13.92
N ILE E 303 -17.21 54.88 -13.17
CA ILE E 303 -17.97 54.40 -12.02
C ILE E 303 -19.42 54.80 -12.22
N THR E 304 -20.23 53.88 -12.73
CA THR E 304 -21.65 54.09 -12.92
C THR E 304 -22.42 53.60 -11.71
N MET E 305 -23.54 54.25 -11.42
CA MET E 305 -24.34 53.89 -10.26
C MET E 305 -25.73 54.51 -10.42
N ARG E 306 -26.65 54.07 -9.57
CA ARG E 306 -27.97 54.67 -9.49
C ARG E 306 -27.86 56.08 -8.90
N ARG E 307 -29.00 56.77 -8.88
CA ARG E 307 -29.07 58.13 -8.34
C ARG E 307 -28.62 58.16 -6.89
N ARG E 308 -27.61 58.99 -6.59
CA ARG E 308 -26.97 58.97 -5.28
C ARG E 308 -27.93 59.38 -4.16
N GLU E 309 -29.03 60.06 -4.48
CA GLU E 309 -30.03 60.38 -3.48
C GLU E 309 -30.88 59.16 -3.12
N SER E 310 -30.92 58.17 -4.00
CA SER E 310 -31.61 56.92 -3.72
C SER E 310 -30.82 55.98 -2.82
N LYS E 311 -29.56 56.34 -2.50
CA LYS E 311 -28.68 55.54 -1.65
C LYS E 311 -28.58 54.10 -2.15
N PRO E 312 -27.84 53.87 -3.23
CA PRO E 312 -27.72 52.51 -3.77
C PRO E 312 -27.16 51.54 -2.74
N ILE E 313 -27.65 50.31 -2.78
CA ILE E 313 -27.34 49.30 -1.78
C ILE E 313 -26.11 48.51 -2.21
N ILE E 314 -25.29 48.16 -1.24
CA ILE E 314 -24.13 47.29 -1.45
C ILE E 314 -24.24 46.12 -0.50
N PHE E 315 -23.75 44.95 -0.94
CA PHE E 315 -23.89 43.70 -0.21
C PHE E 315 -22.53 43.22 0.25
N PRO E 316 -22.02 43.75 1.36
CA PRO E 316 -20.77 43.22 1.93
C PRO E 316 -21.06 42.06 2.86
N LEU E 317 -20.20 41.04 2.79
CA LEU E 317 -20.41 39.84 3.58
C LEU E 317 -19.08 39.23 3.95
N GLY E 318 -18.98 38.76 5.20
CA GLY E 318 -17.82 38.02 5.61
C GLY E 318 -17.72 36.69 4.89
N VAL E 319 -16.50 36.21 4.73
CA VAL E 319 -16.28 34.99 3.95
C VAL E 319 -16.78 33.77 4.71
N HIS E 320 -16.34 33.58 5.95
CA HIS E 320 -16.72 32.42 6.74
C HIS E 320 -18.05 32.70 7.42
N THR E 321 -19.11 32.66 6.62
CA THR E 321 -20.47 32.84 7.12
C THR E 321 -21.38 31.90 6.36
N ALA E 322 -22.57 31.66 6.93
CA ALA E 322 -23.56 30.86 6.23
C ALA E 322 -24.00 31.51 4.94
N ASP E 323 -23.91 32.85 4.87
CA ASP E 323 -24.25 33.58 3.65
C ASP E 323 -23.37 33.14 2.47
N ASP E 324 -22.06 33.31 2.62
CA ASP E 324 -21.11 32.91 1.57
C ASP E 324 -21.23 31.42 1.26
N ALA E 325 -21.40 30.61 2.31
CA ALA E 325 -21.50 29.16 2.13
C ALA E 325 -22.69 28.81 1.26
N ASN E 326 -23.86 29.40 1.55
CA ASN E 326 -25.02 29.17 0.71
C ASN E 326 -24.76 29.63 -0.72
N ILE E 327 -24.24 30.85 -0.86
CA ILE E 327 -24.02 31.48 -2.16
C ILE E 327 -23.17 30.60 -3.07
N ASP E 328 -22.14 29.97 -2.54
CA ASP E 328 -21.34 29.06 -3.36
C ASP E 328 -21.94 27.67 -3.49
N THR E 329 -22.23 27.03 -2.35
CA THR E 329 -22.56 25.62 -2.36
C THR E 329 -23.90 25.32 -2.99
N SER E 330 -24.79 26.31 -3.18
CA SER E 330 -26.08 26.00 -3.78
C SER E 330 -25.91 25.53 -5.22
N VAL E 331 -25.31 26.36 -6.07
CA VAL E 331 -25.11 25.94 -7.44
C VAL E 331 -24.06 24.84 -7.52
N ARG E 332 -23.13 24.78 -6.57
CA ARG E 332 -22.24 23.63 -6.54
C ARG E 332 -23.01 22.31 -6.40
N GLU E 333 -23.96 22.26 -5.46
CA GLU E 333 -24.79 21.08 -5.28
C GLU E 333 -25.56 20.75 -6.54
N SER E 334 -26.16 21.78 -7.15
CA SER E 334 -26.94 21.52 -8.36
C SER E 334 -26.08 20.98 -9.49
N ALA E 335 -24.84 21.48 -9.63
CA ALA E 335 -23.99 21.00 -10.71
C ALA E 335 -23.48 19.59 -10.45
N ILE E 336 -23.17 19.27 -9.19
CA ILE E 336 -22.76 17.91 -8.87
C ILE E 336 -23.90 16.94 -9.12
N PHE E 337 -25.12 17.33 -8.77
CA PHE E 337 -26.28 16.51 -9.07
C PHE E 337 -26.42 16.30 -10.57
N ALA E 338 -26.24 17.37 -11.36
CA ALA E 338 -26.36 17.24 -12.81
C ALA E 338 -25.31 16.30 -13.37
N LEU E 339 -24.08 16.37 -12.86
CA LEU E 339 -23.03 15.47 -13.33
C LEU E 339 -23.35 14.02 -13.01
N CYS E 340 -23.78 13.76 -11.77
CA CYS E 340 -24.11 12.38 -11.38
C CYS E 340 -25.28 11.86 -12.19
N GLU E 341 -26.25 12.73 -12.51
CA GLU E 341 -27.37 12.30 -13.34
C GLU E 341 -26.94 12.03 -14.77
N ARG E 342 -25.96 12.79 -15.28
CA ARG E 342 -25.46 12.53 -16.61
C ARG E 342 -24.75 11.19 -16.69
N LEU E 343 -23.94 10.88 -15.68
CA LEU E 343 -23.18 9.64 -15.71
C LEU E 343 -24.10 8.42 -15.69
N GLN E 344 -25.05 8.39 -14.76
CA GLN E 344 -26.03 7.31 -14.69
C GLN E 344 -27.28 7.85 -14.02
N PRO E 345 -28.34 8.10 -14.79
CA PRO E 345 -29.53 8.73 -14.20
C PRO E 345 -30.27 7.81 -13.25
N GLY E 346 -30.89 8.42 -12.24
CA GLY E 346 -31.76 7.71 -11.34
C GLY E 346 -31.10 7.13 -10.10
N ILE E 347 -29.79 7.22 -9.99
CA ILE E 347 -29.09 6.64 -8.85
C ILE E 347 -28.91 7.64 -7.72
N VAL E 348 -28.47 8.86 -8.04
CA VAL E 348 -28.28 9.88 -7.03
C VAL E 348 -29.62 10.49 -6.66
N GLN E 349 -29.94 10.49 -5.37
CA GLN E 349 -31.21 11.01 -4.89
C GLN E 349 -31.11 12.43 -4.37
N ASN E 350 -29.94 12.85 -3.89
CA ASN E 350 -29.79 14.16 -3.29
C ASN E 350 -28.31 14.47 -3.15
N VAL E 351 -27.98 15.76 -3.25
CA VAL E 351 -26.62 16.24 -3.06
C VAL E 351 -26.67 17.41 -2.09
N HIS E 352 -25.72 17.44 -1.16
CA HIS E 352 -25.69 18.47 -0.13
C HIS E 352 -24.25 18.83 0.18
N ILE E 353 -23.96 20.13 0.16
CA ILE E 353 -22.67 20.63 0.61
C ILE E 353 -22.90 21.41 1.89
N PRO E 354 -22.67 20.80 3.05
CA PRO E 354 -22.96 21.49 4.31
C PRO E 354 -22.02 22.66 4.56
N TYR E 355 -22.46 23.55 5.44
CA TYR E 355 -21.67 24.71 5.81
C TYR E 355 -20.29 24.28 6.33
N CYS E 356 -20.22 23.19 7.07
CA CYS E 356 -18.99 22.74 7.68
C CYS E 356 -17.97 22.19 6.67
N MET E 357 -18.31 22.14 5.39
CA MET E 357 -17.44 21.49 4.42
C MET E 357 -16.80 22.44 3.43
N THR E 358 -16.60 23.72 3.79
CA THR E 358 -15.58 24.53 3.14
C THR E 358 -15.75 24.66 1.63
N ASP E 359 -16.63 25.58 1.22
CA ASP E 359 -17.44 25.51 0.01
C ASP E 359 -16.86 24.63 -1.10
N TRP E 360 -15.57 24.81 -1.41
CA TRP E 360 -14.92 24.00 -2.42
C TRP E 360 -14.25 22.76 -1.83
N GLY E 361 -14.53 22.43 -0.58
CA GLY E 361 -13.79 21.39 0.09
C GLY E 361 -14.38 20.00 -0.02
N GLY E 362 -15.70 19.88 0.13
CA GLY E 362 -16.30 18.57 0.13
C GLY E 362 -17.77 18.62 -0.25
N CYS E 363 -18.38 17.45 -0.28
CA CYS E 363 -19.79 17.31 -0.61
C CYS E 363 -20.29 15.98 -0.10
N ILE E 364 -21.61 15.82 -0.11
CA ILE E 364 -22.26 14.57 0.27
C ILE E 364 -23.29 14.23 -0.79
N ILE E 365 -23.22 13.01 -1.31
CA ILE E 365 -24.20 12.52 -2.28
C ILE E 365 -24.93 11.35 -1.67
N GLN E 366 -26.21 11.26 -1.95
CA GLN E 366 -27.07 10.19 -1.46
C GLN E 366 -27.51 9.35 -2.65
N VAL E 367 -27.13 8.07 -2.63
CA VAL E 367 -27.38 7.17 -3.75
C VAL E 367 -28.34 6.07 -3.30
N LYS E 368 -29.14 5.61 -4.25
CA LYS E 368 -30.05 4.49 -4.03
C LYS E 368 -29.81 3.45 -5.12
N LYS E 369 -29.34 2.28 -4.73
CA LYS E 369 -29.07 1.20 -5.66
C LYS E 369 -30.35 0.41 -5.89
N ARG E 370 -30.81 0.36 -7.13
CA ARG E 370 -32.08 -0.28 -7.43
C ARG E 370 -31.94 -1.77 -7.71
N ASN E 371 -30.75 -2.21 -8.14
CA ASN E 371 -30.52 -3.62 -8.41
C ASN E 371 -29.03 -3.89 -8.30
N GLN E 372 -28.66 -5.16 -8.46
CA GLN E 372 -27.27 -5.57 -8.30
C GLN E 372 -26.36 -5.00 -9.38
N ILE E 373 -26.90 -4.68 -10.57
CA ILE E 373 -26.09 -4.13 -11.64
C ILE E 373 -25.73 -2.68 -11.41
N GLU E 374 -26.30 -2.04 -10.39
CA GLU E 374 -25.96 -0.66 -10.05
C GLU E 374 -24.98 -0.56 -8.89
N GLU E 375 -24.62 -1.68 -8.27
CA GLU E 375 -23.65 -1.64 -7.19
C GLU E 375 -22.29 -1.23 -7.74
N GLY E 376 -21.68 -0.23 -7.10
CA GLY E 376 -20.41 0.30 -7.54
C GLY E 376 -20.49 1.65 -8.22
N TRP E 377 -21.68 2.10 -8.59
CA TRP E 377 -21.81 3.40 -9.24
C TRP E 377 -21.45 4.55 -8.30
N GLN E 378 -21.59 4.34 -6.99
CA GLN E 378 -21.24 5.39 -6.05
C GLN E 378 -19.75 5.70 -6.10
N ARG E 379 -18.93 4.68 -6.42
CA ARG E 379 -17.49 4.92 -6.51
C ARG E 379 -17.14 5.68 -7.79
N ASN E 380 -17.80 5.36 -8.90
CA ASN E 380 -17.66 6.17 -10.10
C ASN E 380 -18.06 7.60 -9.84
N PHE E 381 -19.17 7.80 -9.12
CA PHE E 381 -19.62 9.15 -8.81
C PHE E 381 -18.61 9.89 -7.95
N LEU E 382 -18.08 9.22 -6.93
CA LEU E 382 -17.09 9.86 -6.07
C LEU E 382 -15.83 10.24 -6.84
N ALA E 383 -15.33 9.33 -7.67
CA ALA E 383 -14.13 9.63 -8.45
C ALA E 383 -14.37 10.77 -9.42
N ALA E 384 -15.53 10.76 -10.10
CA ALA E 384 -15.83 11.82 -11.06
C ALA E 384 -15.99 13.15 -10.36
N ILE E 385 -16.60 13.16 -9.18
CA ILE E 385 -16.79 14.41 -8.45
C ILE E 385 -15.45 14.95 -7.97
N LEU E 386 -14.57 14.07 -7.48
CA LEU E 386 -13.27 14.53 -7.01
C LEU E 386 -12.42 15.02 -8.17
N ALA E 387 -12.55 14.41 -9.35
CA ALA E 387 -11.73 14.80 -10.48
C ALA E 387 -12.25 16.03 -11.21
N CYS E 388 -13.57 16.21 -11.28
CA CYS E 388 -14.16 17.32 -12.01
C CYS E 388 -14.45 18.54 -11.14
N SER E 389 -14.14 18.47 -9.85
CA SER E 389 -14.27 19.60 -8.94
C SER E 389 -12.88 19.83 -8.33
N GLN E 390 -12.13 20.74 -8.92
CA GLN E 390 -10.72 20.93 -8.61
C GLN E 390 -10.49 21.23 -7.14
N GLY E 391 -9.63 20.44 -6.51
CA GLY E 391 -9.25 20.67 -5.13
C GLY E 391 -10.24 20.20 -4.09
N MET E 392 -11.31 19.52 -4.51
CA MET E 392 -12.23 18.95 -3.53
C MET E 392 -11.52 17.88 -2.72
N ARG E 393 -11.65 17.97 -1.40
CA ARG E 393 -10.86 17.14 -0.50
C ARG E 393 -11.61 15.95 0.08
N LEU E 394 -12.93 16.03 0.22
CA LEU E 394 -13.67 14.97 0.91
C LEU E 394 -15.05 14.85 0.31
N ALA E 395 -15.27 13.80 -0.47
CA ALA E 395 -16.58 13.46 -0.99
C ALA E 395 -17.08 12.22 -0.29
N ILE E 396 -18.34 12.24 0.16
CA ILE E 396 -18.92 11.14 0.92
C ILE E 396 -20.20 10.70 0.22
N ALA E 397 -20.36 9.39 0.07
CA ALA E 397 -21.57 8.81 -0.49
C ALA E 397 -22.28 8.02 0.61
N VAL E 398 -23.59 8.23 0.73
CA VAL E 398 -24.39 7.57 1.75
C VAL E 398 -25.64 7.00 1.08
N SER E 399 -26.31 6.12 1.80
CA SER E 399 -27.50 5.44 1.29
C SER E 399 -28.75 6.29 1.55
N GLU E 400 -29.90 5.80 1.08
CA GLU E 400 -31.13 6.56 1.13
C GLU E 400 -31.79 6.58 2.50
N ASP E 401 -31.32 5.77 3.45
CA ASP E 401 -31.86 5.76 4.80
C ASP E 401 -31.05 6.67 5.72
N VAL E 402 -30.49 7.73 5.16
CA VAL E 402 -29.58 8.63 5.85
C VAL E 402 -30.10 10.04 5.72
N ASP E 403 -30.03 10.81 6.81
CA ASP E 403 -30.41 12.21 6.78
C ASP E 403 -29.21 13.02 6.29
N ILE E 404 -29.26 13.45 5.03
CA ILE E 404 -28.09 14.07 4.42
C ILE E 404 -27.78 15.43 5.03
N TYR E 405 -28.73 16.05 5.74
CA TYR E 405 -28.52 17.38 6.29
C TYR E 405 -28.02 17.36 7.73
N SER E 406 -27.89 16.18 8.33
CA SER E 406 -27.41 16.06 9.70
C SER E 406 -25.99 15.55 9.69
N MET E 407 -25.06 16.36 10.22
CA MET E 407 -23.68 15.92 10.30
C MET E 407 -23.50 14.79 11.29
N ASP E 408 -24.37 14.71 12.31
CA ASP E 408 -24.32 13.57 13.22
C ASP E 408 -24.66 12.28 12.51
N ASP E 409 -25.64 12.33 11.61
CA ASP E 409 -26.03 11.12 10.89
C ASP E 409 -24.94 10.71 9.90
N ILE E 410 -24.26 11.68 9.31
CA ILE E 410 -23.11 11.38 8.45
C ILE E 410 -21.98 10.77 9.26
N MET E 411 -21.73 11.29 10.46
CA MET E 411 -20.71 10.69 11.32
C MET E 411 -21.08 9.28 11.72
N TRP E 412 -22.37 9.02 11.95
CA TRP E 412 -22.80 7.66 12.23
C TRP E 412 -22.52 6.74 11.05
N CYS E 413 -22.82 7.20 9.85
CA CYS E 413 -22.52 6.42 8.64
C CYS E 413 -21.02 6.16 8.52
N LEU E 414 -20.20 7.16 8.81
CA LEU E 414 -18.76 6.99 8.77
C LEU E 414 -18.30 5.96 9.79
N THR E 415 -18.95 5.94 10.96
CA THR E 415 -18.53 5.03 12.02
C THR E 415 -18.93 3.59 11.71
N THR E 416 -20.11 3.40 11.11
CA THR E 416 -20.65 2.04 11.02
C THR E 416 -20.63 1.45 9.61
N ARG E 417 -20.45 2.26 8.56
CA ARG E 417 -20.63 1.76 7.21
C ARG E 417 -19.40 1.93 6.33
N VAL E 418 -18.23 2.18 6.90
CA VAL E 418 -17.02 2.42 6.12
C VAL E 418 -16.01 1.32 6.45
N ASN E 419 -15.65 0.54 5.43
CA ASN E 419 -14.54 -0.39 5.53
C ASN E 419 -13.26 0.39 5.27
N PRO E 420 -12.40 0.60 6.26
CA PRO E 420 -11.23 1.46 6.05
C PRO E 420 -10.25 0.92 5.04
N GLN E 421 -10.33 -0.37 4.69
CA GLN E 421 -9.38 -0.96 3.76
C GLN E 421 -9.84 -0.89 2.31
N THR E 422 -11.13 -0.70 2.06
CA THR E 422 -11.65 -0.70 0.70
C THR E 422 -12.59 0.46 0.39
N ASP E 423 -13.08 1.18 1.39
CA ASP E 423 -14.12 2.19 1.19
C ASP E 423 -13.60 3.61 1.21
N ILE E 424 -12.29 3.80 1.21
CA ILE E 424 -11.70 5.13 1.23
C ILE E 424 -10.91 5.30 -0.07
N LEU E 425 -11.44 6.09 -0.99
CA LEU E 425 -10.79 6.32 -2.27
C LEU E 425 -9.80 7.47 -2.18
N ASN E 426 -8.69 7.32 -2.90
CA ASN E 426 -7.69 8.37 -3.04
C ASN E 426 -7.36 8.48 -4.52
N PRO E 427 -8.26 9.08 -5.30
CA PRO E 427 -8.23 8.89 -6.76
C PRO E 427 -7.04 9.54 -7.45
N LEU E 428 -6.74 10.80 -7.16
CA LEU E 428 -5.80 11.58 -7.97
C LEU E 428 -4.75 12.25 -7.08
N PRO E 429 -3.84 11.47 -6.50
CA PRO E 429 -2.72 12.08 -5.79
C PRO E 429 -1.78 12.79 -6.76
N GLY E 430 -1.41 14.01 -6.42
CA GLY E 430 -0.57 14.81 -7.28
C GLY E 430 -1.29 15.65 -8.30
N GLY E 431 -2.62 15.67 -8.25
CA GLY E 431 -3.41 16.51 -9.14
C GLY E 431 -3.46 17.95 -8.66
N ARG E 432 -4.38 18.70 -9.27
CA ARG E 432 -4.56 20.10 -8.91
C ARG E 432 -5.39 20.21 -7.64
N GLY E 433 -4.94 21.05 -6.71
CA GLY E 433 -5.67 21.32 -5.50
C GLY E 433 -6.06 22.77 -5.36
N GLN E 434 -6.37 23.20 -4.14
CA GLN E 434 -6.70 24.58 -3.85
C GLN E 434 -5.62 25.16 -2.94
N THR E 435 -5.01 26.26 -3.36
CA THR E 435 -3.91 26.84 -2.60
C THR E 435 -4.36 27.34 -1.24
N PHE E 436 -5.64 27.70 -1.10
CA PHE E 436 -6.13 28.29 0.13
C PHE E 436 -6.36 27.26 1.22
N MET E 437 -6.19 25.97 0.94
CA MET E 437 -6.26 24.97 2.00
C MET E 437 -4.91 24.87 2.69
N PRO E 438 -4.82 25.14 3.99
CA PRO E 438 -3.50 25.11 4.66
C PRO E 438 -2.85 23.75 4.63
N ALA E 439 -3.62 22.67 4.68
CA ALA E 439 -3.04 21.33 4.59
C ALA E 439 -2.36 21.12 3.26
N GLU E 440 -2.92 21.70 2.19
CA GLU E 440 -2.29 21.58 0.88
C GLU E 440 -1.15 22.59 0.73
N ARG E 441 -1.38 23.82 1.19
CA ARG E 441 -0.38 24.88 1.04
C ARG E 441 0.88 24.59 1.84
N MET E 442 0.78 23.83 2.93
CA MET E 442 1.95 23.46 3.70
C MET E 442 2.83 22.44 3.01
N THR E 443 2.36 21.83 1.92
CA THR E 443 3.17 20.93 1.12
C THR E 443 4.19 21.66 0.26
N SER E 444 4.15 23.00 0.23
CA SER E 444 5.16 23.77 -0.49
C SER E 444 6.54 23.60 0.12
N GLY E 445 6.63 23.26 1.40
CA GLY E 445 7.89 23.06 2.04
C GLY E 445 8.64 24.36 2.30
N ASP E 446 9.78 24.54 1.64
CA ASP E 446 10.58 25.75 1.78
C ASP E 446 10.46 26.66 0.57
N LYS E 447 9.54 26.38 -0.35
CA LYS E 447 9.30 27.21 -1.51
C LYS E 447 8.24 28.27 -1.18
N GLN E 448 7.94 29.11 -2.15
CA GLN E 448 6.83 30.05 -2.01
C GLN E 448 5.52 29.29 -1.86
N TRP E 449 4.70 29.69 -0.89
CA TRP E 449 3.44 29.00 -0.61
C TRP E 449 2.36 29.54 -1.53
N THR E 450 2.50 29.20 -2.81
CA THR E 450 1.56 29.60 -3.85
C THR E 450 1.06 28.34 -4.57
N ALA E 451 0.24 28.56 -5.61
CA ALA E 451 -0.30 27.44 -6.38
C ALA E 451 0.76 26.75 -7.23
N SER E 452 1.93 27.36 -7.40
CA SER E 452 2.98 26.75 -8.20
C SER E 452 3.80 25.72 -7.44
N ASN E 453 3.65 25.66 -6.11
CA ASN E 453 4.46 24.77 -5.30
C ASN E 453 3.66 23.79 -4.45
N THR E 454 2.36 23.99 -4.31
CA THR E 454 1.55 23.06 -3.52
C THR E 454 1.47 21.70 -4.23
N GLN E 455 1.31 20.66 -3.43
CA GLN E 455 1.19 19.29 -3.96
C GLN E 455 -0.03 18.63 -3.34
N PHE E 456 -1.07 18.48 -4.16
CA PHE E 456 -2.33 17.91 -3.70
C PHE E 456 -2.15 16.46 -3.26
N GLU E 457 -2.84 16.08 -2.19
CA GLU E 457 -2.73 14.73 -1.64
C GLU E 457 -3.64 13.73 -2.33
N GLY E 458 -4.57 14.18 -3.18
CA GLY E 458 -5.36 13.31 -4.00
C GLY E 458 -6.84 13.26 -3.65
N GLY E 459 -7.26 13.96 -2.61
CA GLY E 459 -8.64 13.92 -2.20
C GLY E 459 -8.98 12.64 -1.46
N MET E 460 -10.20 12.60 -0.95
CA MET E 460 -10.65 11.47 -0.14
C MET E 460 -12.10 11.19 -0.46
N GLY E 461 -12.36 10.07 -1.13
CA GLY E 461 -13.72 9.66 -1.40
C GLY E 461 -14.12 8.51 -0.49
N ILE E 462 -15.12 8.74 0.35
CA ILE E 462 -15.55 7.77 1.35
C ILE E 462 -16.86 7.16 0.90
N ASP E 463 -16.84 5.86 0.64
CA ASP E 463 -18.03 5.11 0.24
C ASP E 463 -18.68 4.54 1.50
N ALA E 464 -19.58 5.33 2.09
CA ALA E 464 -20.30 4.91 3.29
C ALA E 464 -21.69 4.39 2.97
N THR E 465 -21.87 3.79 1.80
CA THR E 465 -23.15 3.25 1.40
C THR E 465 -23.28 1.80 1.85
N VAL E 466 -24.52 1.32 1.88
CA VAL E 466 -24.80 -0.07 2.21
C VAL E 466 -24.64 -0.91 0.95
N PRO E 467 -23.93 -2.04 1.01
CA PRO E 467 -23.82 -2.90 -0.17
C PRO E 467 -25.18 -3.45 -0.55
N TYR E 468 -25.42 -3.56 -1.85
CA TYR E 468 -26.70 -4.06 -2.33
C TYR E 468 -26.90 -5.51 -1.92
N GLY E 469 -28.11 -5.83 -1.49
CA GLY E 469 -28.43 -7.15 -1.01
C GLY E 469 -28.20 -7.35 0.48
N TYR E 470 -27.65 -6.35 1.17
CA TYR E 470 -27.45 -6.41 2.62
C TYR E 470 -28.27 -5.34 3.32
N GLU E 471 -29.37 -4.91 2.70
CA GLU E 471 -30.19 -3.86 3.27
C GLU E 471 -30.93 -4.33 4.53
N SER E 472 -31.10 -5.63 4.71
CA SER E 472 -31.74 -6.14 5.91
C SER E 472 -30.77 -6.15 7.09
N ASP E 473 -29.49 -6.39 6.82
CA ASP E 473 -28.50 -6.40 7.89
C ASP E 473 -28.08 -4.99 8.31
N PHE E 474 -28.17 -4.02 7.40
CA PHE E 474 -27.85 -2.63 7.69
C PHE E 474 -29.10 -1.80 7.92
N HIS E 475 -30.15 -2.41 8.46
CA HIS E 475 -31.43 -1.72 8.60
C HIS E 475 -31.50 -0.97 9.94
N ARG E 476 -31.68 0.35 9.85
CA ARG E 476 -32.00 1.19 11.01
C ARG E 476 -33.48 1.06 11.31
N PRO E 477 -33.85 0.28 12.32
CA PRO E 477 -35.14 -0.42 12.23
C PRO E 477 -36.38 0.45 12.14
N VAL E 478 -36.91 0.91 13.27
CA VAL E 478 -37.73 2.12 13.41
C VAL E 478 -38.21 2.10 14.86
N TYR E 479 -38.37 3.26 15.48
CA TYR E 479 -39.13 3.21 16.72
C TYR E 479 -40.56 3.66 16.46
N GLY E 480 -41.48 3.15 17.27
CA GLY E 480 -42.89 3.42 17.06
C GLY E 480 -43.31 4.81 17.49
N VAL E 481 -42.76 5.83 16.83
CA VAL E 481 -43.08 7.21 17.17
C VAL E 481 -44.40 7.68 16.57
N ASP E 482 -44.96 6.92 15.64
CA ASP E 482 -46.25 7.25 15.03
C ASP E 482 -47.40 6.46 15.64
N LEU E 483 -47.10 5.47 16.49
CA LEU E 483 -48.11 4.59 17.05
C LEU E 483 -48.61 5.06 18.41
N VAL E 484 -48.02 6.11 18.97
CA VAL E 484 -48.40 6.62 20.28
C VAL E 484 -48.48 8.13 20.20
N LYS E 485 -49.43 8.71 20.93
CA LYS E 485 -49.65 10.14 20.91
C LYS E 485 -49.35 10.73 22.27
N PRO E 486 -48.40 11.67 22.36
CA PRO E 486 -48.04 12.20 23.70
C PRO E 486 -49.16 12.93 24.39
N GLU E 487 -50.16 13.43 23.64
CA GLU E 487 -51.28 14.13 24.27
C GLU E 487 -52.11 13.20 25.14
N ASN E 488 -52.10 11.90 24.83
CA ASN E 488 -52.88 10.96 25.63
C ASN E 488 -52.24 10.74 26.99
N PHE E 489 -50.96 11.05 27.14
CA PHE E 489 -50.22 10.76 28.37
C PHE E 489 -49.87 12.01 29.17
N PHE E 490 -49.44 13.08 28.50
CA PHE E 490 -49.05 14.31 29.17
C PHE E 490 -49.88 15.48 28.65
N ASP E 491 -49.83 16.58 29.39
CA ASP E 491 -50.47 17.82 28.97
C ASP E 491 -49.53 18.61 28.08
N ALA E 492 -50.05 19.70 27.51
CA ALA E 492 -49.29 20.48 26.54
C ALA E 492 -48.07 21.12 27.18
N LYS E 493 -48.18 21.49 28.45
CA LYS E 493 -47.09 22.17 29.15
C LYS E 493 -45.86 21.27 29.27
N ASP E 494 -46.05 20.04 29.71
CA ASP E 494 -44.92 19.13 29.86
C ASP E 494 -44.35 18.73 28.51
N ILE E 495 -45.22 18.59 27.50
CA ILE E 495 -44.75 18.24 26.17
C ILE E 495 -43.87 19.36 25.62
N ASP E 496 -44.28 20.62 25.81
CA ASP E 496 -43.46 21.74 25.35
C ASP E 496 -42.14 21.81 26.11
N LYS E 497 -42.16 21.51 27.41
CA LYS E 497 -40.90 21.50 28.16
C LYS E 497 -39.93 20.45 27.60
N MET E 498 -40.41 19.22 27.45
CA MET E 498 -39.57 18.15 26.94
C MET E 498 -39.08 18.45 25.52
N LYS E 499 -39.95 19.01 24.69
CA LYS E 499 -39.53 19.37 23.34
C LYS E 499 -38.51 20.49 23.34
N SER E 500 -38.65 21.46 24.26
CA SER E 500 -37.70 22.56 24.32
C SER E 500 -36.33 22.08 24.77
N ARG E 501 -36.27 21.01 25.55
CA ARG E 501 -34.97 20.49 25.95
C ARG E 501 -34.26 19.68 24.86
N MET E 502 -34.85 19.55 23.67
CA MET E 502 -34.27 18.71 22.62
C MET E 502 -33.59 19.57 21.56
N ALA E 503 -32.44 19.09 21.07
CA ALA E 503 -31.70 19.77 20.02
C ALA E 503 -30.66 18.83 19.45
N GLY E 504 -30.36 19.01 18.17
CA GLY E 504 -29.30 18.26 17.52
C GLY E 504 -29.76 17.01 16.79
N TRP E 505 -29.03 15.91 16.97
CA TRP E 505 -29.36 14.67 16.27
C TRP E 505 -30.70 14.10 16.72
N VAL E 506 -31.11 14.41 17.96
CA VAL E 506 -32.36 13.86 18.47
C VAL E 506 -33.55 14.42 17.71
N LEU E 507 -33.43 15.62 17.15
CA LEU E 507 -34.51 16.18 16.35
C LEU E 507 -34.72 15.37 15.08
N SER E 508 -33.63 14.92 14.48
CA SER E 508 -33.74 14.09 13.27
C SER E 508 -34.18 12.68 13.63
N LEU E 509 -33.69 12.14 14.74
CA LEU E 509 -34.03 10.77 15.11
C LEU E 509 -35.48 10.65 15.55
N ALA E 510 -35.97 11.63 16.31
CA ALA E 510 -37.34 11.56 16.83
C ALA E 510 -38.36 11.66 15.69
N ARG E 511 -38.04 12.68 14.45
CA ARG E 511 -38.93 12.81 13.28
C ARG E 511 -39.13 11.48 12.58
N THR E 512 -38.04 10.75 12.36
CA THR E 512 -38.10 9.46 11.68
C THR E 512 -38.25 8.28 12.62
N GLY E 513 -38.15 8.50 13.94
CA GLY E 513 -38.17 7.40 14.87
C GLY E 513 -37.04 6.42 14.65
N ARG E 514 -35.89 6.91 14.20
CA ARG E 514 -34.80 6.06 13.77
C ARG E 514 -33.56 6.22 14.65
N GLU F 1 -36.54 -1.68 57.28
CA GLU F 1 -35.70 -1.91 56.13
C GLU F 1 -36.34 -1.36 54.85
N ARG F 2 -36.73 -0.09 54.89
CA ARG F 2 -37.43 0.50 53.75
C ARG F 2 -36.93 1.89 53.42
N VAL F 3 -35.61 2.08 53.38
CA VAL F 3 -35.04 3.36 52.95
C VAL F 3 -33.75 3.13 52.19
N GLY F 4 -33.74 3.49 50.89
CA GLY F 4 -32.53 3.47 50.11
C GLY F 4 -31.77 4.77 50.30
N GLU F 5 -30.45 4.65 50.36
CA GLU F 5 -29.70 5.73 51.00
C GLU F 5 -29.52 6.87 49.99
N LYS F 6 -28.71 6.66 48.95
CA LYS F 6 -28.76 7.48 47.73
C LYS F 6 -29.39 6.68 46.60
N ASP F 7 -30.65 6.31 46.77
CA ASP F 7 -31.29 5.34 45.89
C ASP F 7 -31.98 6.03 44.73
N LEU F 8 -32.70 5.25 43.93
CA LEU F 8 -33.42 5.79 42.77
C LEU F 8 -34.57 6.69 43.22
N ARG F 9 -35.21 6.36 44.34
CA ARG F 9 -36.33 7.16 44.81
C ARG F 9 -35.87 8.54 45.25
N ALA F 10 -34.70 8.63 45.88
CA ALA F 10 -34.15 9.94 46.22
C ALA F 10 -33.84 10.74 44.97
N ALA F 11 -33.35 10.09 43.92
CA ALA F 11 -33.11 10.78 42.66
C ALA F 11 -34.41 11.28 42.05
N LEU F 12 -35.48 10.49 42.15
CA LEU F 12 -36.78 10.92 41.66
C LEU F 12 -37.27 12.13 42.45
N GLU F 13 -37.07 12.13 43.76
CA GLU F 13 -37.47 13.27 44.58
C GLU F 13 -36.68 14.51 44.20
N TRP F 14 -35.38 14.35 43.93
CA TRP F 14 -34.57 15.49 43.51
C TRP F 14 -35.02 16.02 42.16
N PHE F 15 -35.32 15.13 41.22
CA PHE F 15 -35.83 15.54 39.92
C PHE F 15 -37.14 16.30 40.07
N ARG F 16 -38.04 15.80 40.92
CA ARG F 16 -39.31 16.49 41.14
C ARG F 16 -39.10 17.86 41.76
N SER F 17 -38.16 17.97 42.70
CA SER F 17 -37.87 19.26 43.32
C SER F 17 -37.29 20.25 42.31
N LYS F 18 -36.46 19.76 41.39
CA LYS F 18 -35.87 20.63 40.38
C LYS F 18 -36.82 20.91 39.21
N GLY F 19 -37.98 20.27 39.18
CA GLY F 19 -38.88 20.41 38.05
C GLY F 19 -38.51 19.64 36.82
N TYR F 20 -37.63 18.65 36.95
CA TYR F 20 -37.14 17.87 35.81
C TYR F 20 -37.93 16.59 35.60
N LEU F 21 -38.93 16.32 36.42
CA LEU F 21 -39.67 15.07 36.37
C LEU F 21 -41.02 15.28 35.70
N VAL F 22 -41.36 14.39 34.77
CA VAL F 22 -42.64 14.41 34.07
C VAL F 22 -43.38 13.13 34.42
N GLU F 23 -44.50 13.27 35.12
CA GLU F 23 -45.28 12.12 35.58
C GLU F 23 -46.54 11.99 34.75
N THR F 24 -47.13 10.79 34.80
CA THR F 24 -48.40 10.52 34.15
C THR F 24 -49.02 9.30 34.79
N ASN F 25 -50.34 9.31 34.91
CA ASN F 25 -51.08 8.19 35.47
C ASN F 25 -51.77 7.35 34.42
N LYS F 26 -51.75 7.77 33.16
CA LYS F 26 -52.32 6.95 32.09
C LYS F 26 -51.54 5.65 31.97
N GLU F 27 -52.26 4.55 31.77
CA GLU F 27 -51.62 3.26 31.66
C GLU F 27 -50.81 3.18 30.37
N VAL F 28 -49.51 2.92 30.51
CA VAL F 28 -48.62 2.77 29.38
C VAL F 28 -48.44 1.30 29.09
N ASN F 29 -48.42 0.96 27.80
CA ASN F 29 -48.27 -0.43 27.39
C ASN F 29 -46.79 -0.73 27.21
N PRO F 30 -46.25 -1.75 27.87
CA PRO F 30 -44.83 -2.09 27.69
C PRO F 30 -44.50 -2.52 26.27
N ASP F 31 -45.52 -2.86 25.49
CA ASP F 31 -45.37 -3.30 24.11
C ASP F 31 -45.44 -2.09 23.19
N LEU F 32 -44.27 -1.57 22.80
CA LEU F 32 -44.10 -0.54 21.77
C LEU F 32 -44.44 0.87 22.22
N GLU F 33 -44.94 1.04 23.46
CA GLU F 33 -45.37 2.38 23.86
C GLU F 33 -44.30 3.07 24.69
N ILE F 34 -43.65 2.36 25.60
CA ILE F 34 -42.61 2.98 26.42
C ILE F 34 -41.44 3.42 25.54
N THR F 35 -40.93 2.53 24.70
CA THR F 35 -39.82 2.88 23.84
C THR F 35 -40.25 3.91 22.79
N GLY F 36 -41.49 3.84 22.34
CA GLY F 36 -41.98 4.86 21.41
C GLY F 36 -41.99 6.24 22.02
N LEU F 37 -42.51 6.36 23.24
CA LEU F 37 -42.51 7.66 23.91
C LEU F 37 -41.10 8.12 24.23
N GLN F 38 -40.21 7.17 24.56
CA GLN F 38 -38.82 7.55 24.84
C GLN F 38 -38.14 8.08 23.58
N LYS F 39 -38.44 7.48 22.43
CA LYS F 39 -37.83 7.95 21.19
C LYS F 39 -38.46 9.25 20.71
N ILE F 40 -39.74 9.48 21.02
CA ILE F 40 -40.36 10.74 20.65
C ILE F 40 -39.72 11.89 21.40
N PHE F 41 -39.25 11.64 22.62
CA PHE F 41 -38.59 12.65 23.45
C PHE F 41 -37.14 12.25 23.73
N ASP F 42 -36.44 11.79 22.70
CA ASP F 42 -35.06 11.31 22.84
C ASP F 42 -34.16 12.42 23.37
N GLY F 43 -33.42 12.10 24.42
CA GLY F 43 -32.53 13.07 25.02
C GLY F 43 -33.22 14.13 25.84
N SER F 44 -34.37 13.82 26.44
CA SER F 44 -35.14 14.80 27.19
C SER F 44 -35.27 14.40 28.65
N LEU F 45 -36.10 15.12 29.39
CA LEU F 45 -36.24 14.91 30.82
C LEU F 45 -36.74 13.49 31.12
N PRO F 46 -36.58 13.05 32.37
CA PRO F 46 -37.05 11.71 32.75
C PRO F 46 -38.58 11.67 32.80
N MET F 47 -39.13 10.54 32.38
CA MET F 47 -40.57 10.31 32.40
C MET F 47 -40.88 9.17 33.37
N LEU F 48 -41.85 9.39 34.24
CA LEU F 48 -42.27 8.40 35.23
C LEU F 48 -43.68 7.96 34.93
N PHE F 49 -43.85 6.68 34.64
CA PHE F 49 -45.16 6.09 34.38
C PHE F 49 -45.63 5.35 35.62
N ASN F 50 -46.68 5.86 36.25
CA ASN F 50 -47.18 5.28 37.49
C ASN F 50 -47.99 4.01 37.26
N ASN F 51 -48.56 3.83 36.08
CA ASN F 51 -49.40 2.67 35.78
C ASN F 51 -48.87 1.98 34.54
N VAL F 52 -48.43 0.73 34.69
CA VAL F 52 -47.92 -0.07 33.60
C VAL F 52 -48.92 -1.19 33.31
N LYS F 53 -49.23 -1.38 32.04
CA LYS F 53 -50.25 -2.36 31.65
C LYS F 53 -49.82 -3.77 32.05
N ASP F 54 -50.69 -4.48 32.75
CA ASP F 54 -50.49 -5.84 33.22
C ASP F 54 -49.42 -5.94 34.30
N MET F 55 -49.04 -4.83 34.91
CA MET F 55 -48.06 -4.82 36.00
C MET F 55 -48.56 -3.87 37.07
N PRO F 56 -49.55 -4.29 37.85
CA PRO F 56 -50.14 -3.39 38.85
C PRO F 56 -49.22 -3.04 40.00
N HIS F 57 -48.09 -3.74 40.15
CA HIS F 57 -47.18 -3.51 41.26
C HIS F 57 -45.96 -2.69 40.86
N ALA F 58 -45.81 -2.34 39.59
CA ALA F 58 -44.59 -1.75 39.08
C ALA F 58 -44.82 -0.35 38.56
N ARG F 59 -43.82 0.51 38.76
CA ARG F 59 -43.73 1.80 38.11
C ARG F 59 -42.53 1.78 37.16
N ALA F 60 -42.65 2.51 36.06
CA ALA F 60 -41.62 2.54 35.04
C ALA F 60 -41.14 3.96 34.83
N ILE F 61 -39.82 4.14 34.86
CA ILE F 61 -39.19 5.42 34.57
C ILE F 61 -38.31 5.24 33.34
N THR F 62 -38.24 6.27 32.51
CA THR F 62 -37.47 6.23 31.29
C THR F 62 -36.86 7.61 31.04
N ASN F 63 -35.82 7.63 30.21
CA ASN F 63 -35.08 8.86 29.91
C ASN F 63 -34.44 9.43 31.18
N LEU F 64 -34.04 8.54 32.09
CA LEU F 64 -33.41 8.98 33.32
C LEU F 64 -32.07 9.66 33.04
N PHE F 65 -31.27 9.09 32.14
CA PHE F 65 -30.02 9.69 31.70
C PHE F 65 -30.13 10.30 30.32
N GLY F 66 -31.35 10.61 29.87
CA GLY F 66 -31.52 11.12 28.52
C GLY F 66 -30.85 12.45 28.28
N ASP F 67 -30.91 13.35 29.25
CA ASP F 67 -30.27 14.65 29.16
C ASP F 67 -29.01 14.62 30.03
N ILE F 68 -27.85 14.79 29.40
CA ILE F 68 -26.60 14.73 30.14
C ILE F 68 -26.49 15.91 31.10
N ARG F 69 -27.18 17.01 30.80
CA ARG F 69 -27.13 18.18 31.68
C ARG F 69 -27.78 17.89 33.02
N VAL F 70 -28.94 17.23 33.01
CA VAL F 70 -29.62 16.93 34.27
C VAL F 70 -28.84 15.87 35.05
N VAL F 71 -28.18 14.95 34.34
CA VAL F 71 -27.34 13.97 35.02
C VAL F 71 -26.17 14.66 35.71
N GLU F 72 -25.51 15.58 35.00
CA GLU F 72 -24.39 16.31 35.59
C GLU F 72 -24.84 17.14 36.78
N GLU F 73 -26.05 17.71 36.70
CA GLU F 73 -26.57 18.47 37.82
C GLU F 73 -26.89 17.56 39.00
N LEU F 74 -27.38 16.35 38.71
CA LEU F 74 -27.68 15.40 39.78
C LEU F 74 -26.42 14.96 40.50
N PHE F 75 -25.34 14.73 39.76
CA PHE F 75 -24.09 14.30 40.37
C PHE F 75 -23.18 15.45 40.77
N GLY F 76 -23.59 16.69 40.53
CA GLY F 76 -22.82 17.83 41.00
C GLY F 76 -21.63 18.19 40.15
N TRP F 77 -21.75 18.07 38.83
CA TRP F 77 -20.69 18.44 37.91
C TRP F 77 -21.08 19.69 37.12
N GLU F 78 -20.07 20.51 36.82
CA GLU F 78 -20.33 21.78 36.15
C GLU F 78 -20.62 21.57 34.67
N ASN F 79 -19.87 20.71 34.00
CA ASN F 79 -20.02 20.50 32.57
C ASN F 79 -19.40 19.15 32.22
N SER F 80 -19.35 18.82 30.93
CA SER F 80 -18.91 17.50 30.51
C SER F 80 -17.43 17.29 30.80
N LEU F 81 -16.62 18.35 30.65
CA LEU F 81 -15.19 18.21 30.93
C LEU F 81 -14.94 17.97 32.41
N ASP F 82 -15.64 18.73 33.26
CA ASP F 82 -15.55 18.51 34.70
C ASP F 82 -16.01 17.10 35.06
N ARG F 83 -17.07 16.63 34.41
CA ARG F 83 -17.55 15.27 34.66
C ARG F 83 -16.49 14.24 34.29
N VAL F 84 -15.86 14.42 33.13
CA VAL F 84 -14.84 13.47 32.67
C VAL F 84 -13.68 13.42 33.66
N LYS F 85 -13.20 14.60 34.08
CA LYS F 85 -12.05 14.63 34.98
C LYS F 85 -12.40 14.06 36.35
N LYS F 86 -13.57 14.42 36.88
CA LYS F 86 -13.98 13.91 38.19
C LYS F 86 -14.20 12.40 38.14
N VAL F 87 -14.74 11.88 37.03
CA VAL F 87 -14.97 10.44 36.95
C VAL F 87 -13.66 9.71 36.79
N ALA F 88 -12.68 10.29 36.10
CA ALA F 88 -11.35 9.68 36.06
C ALA F 88 -10.74 9.61 37.46
N ARG F 89 -10.83 10.72 38.21
CA ARG F 89 -10.33 10.72 39.58
C ARG F 89 -11.04 9.67 40.43
N ALA F 90 -12.36 9.53 40.25
CA ALA F 90 -13.11 8.51 40.97
C ALA F 90 -12.66 7.11 40.58
N ILE F 91 -12.33 6.92 39.30
CA ILE F 91 -11.83 5.63 38.85
C ILE F 91 -10.52 5.30 39.56
N ASP F 92 -9.68 6.30 39.78
CA ASP F 92 -8.44 6.03 40.48
C ASP F 92 -8.59 5.98 42.00
N HIS F 93 -9.75 6.34 42.55
CA HIS F 93 -9.96 6.34 44.00
C HIS F 93 -11.35 5.79 44.32
N PRO F 94 -11.50 4.47 44.33
CA PRO F 94 -12.81 3.88 44.65
C PRO F 94 -13.11 3.92 46.13
N LEU F 95 -14.40 3.94 46.45
CA LEU F 95 -14.89 3.85 47.82
C LEU F 95 -15.35 2.42 48.08
N LYS F 96 -14.76 1.77 49.08
CA LYS F 96 -15.08 0.38 49.37
C LYS F 96 -16.56 0.26 49.77
N PRO F 97 -17.32 -0.64 49.16
CA PRO F 97 -18.73 -0.77 49.52
C PRO F 97 -18.89 -1.33 50.93
N VAL F 98 -19.99 -0.94 51.58
CA VAL F 98 -20.28 -1.35 52.94
C VAL F 98 -21.37 -2.42 52.90
N ILE F 99 -21.24 -3.41 53.78
CA ILE F 99 -22.21 -4.49 53.88
C ILE F 99 -23.15 -4.22 55.04
N ILE F 100 -24.45 -4.34 54.80
CA ILE F 100 -25.46 -4.12 55.82
C ILE F 100 -26.18 -5.43 56.10
N GLY F 101 -26.97 -5.42 57.17
CA GLY F 101 -27.65 -6.64 57.58
C GLY F 101 -28.80 -6.99 56.65
N GLN F 102 -29.14 -8.28 56.62
CA GLN F 102 -30.19 -8.78 55.76
C GLN F 102 -31.57 -8.27 56.15
N ASP F 103 -31.72 -7.70 57.35
CA ASP F 103 -33.02 -7.24 57.83
C ASP F 103 -33.20 -5.74 57.70
N GLU F 104 -32.20 -5.02 57.16
CA GLU F 104 -32.31 -3.59 56.93
C GLU F 104 -32.10 -3.23 55.46
N ALA F 105 -31.99 -4.22 54.57
CA ALA F 105 -31.85 -3.95 53.15
C ALA F 105 -33.23 -3.68 52.55
N PRO F 106 -33.45 -2.51 51.96
CA PRO F 106 -34.78 -2.22 51.40
C PRO F 106 -35.20 -3.18 50.30
N VAL F 107 -34.24 -3.76 49.58
CA VAL F 107 -34.58 -4.62 48.45
C VAL F 107 -34.98 -6.02 48.88
N GLN F 108 -34.88 -6.34 50.16
CA GLN F 108 -35.23 -7.66 50.66
C GLN F 108 -36.45 -7.64 51.58
N GLU F 109 -37.36 -6.68 51.38
CA GLU F 109 -38.60 -6.67 52.16
C GLU F 109 -39.47 -7.85 51.80
N GLU F 110 -39.48 -8.25 50.53
CA GLU F 110 -40.23 -9.39 50.06
C GLU F 110 -39.26 -10.35 49.37
N VAL F 111 -39.31 -11.62 49.77
CA VAL F 111 -38.38 -12.63 49.28
C VAL F 111 -39.22 -13.78 48.73
N LEU F 112 -39.23 -13.92 47.41
CA LEU F 112 -39.94 -15.02 46.76
C LEU F 112 -38.96 -16.11 46.38
N THR F 113 -38.98 -17.21 47.13
CA THR F 113 -38.13 -18.36 46.83
C THR F 113 -38.84 -19.44 46.04
N THR F 114 -40.16 -19.36 45.92
CA THR F 114 -40.92 -20.19 45.01
C THR F 114 -41.71 -19.28 44.09
N ASP F 115 -42.61 -19.87 43.32
CA ASP F 115 -43.48 -19.20 42.34
C ASP F 115 -42.68 -18.22 41.48
N LEU F 116 -41.50 -18.68 41.07
CA LEU F 116 -40.53 -17.84 40.36
C LEU F 116 -40.93 -17.72 38.90
N ASP F 117 -41.83 -16.79 38.62
CA ASP F 117 -42.16 -16.39 37.25
C ASP F 117 -41.62 -14.96 37.08
N VAL F 118 -40.46 -14.84 36.44
CA VAL F 118 -39.80 -13.56 36.34
C VAL F 118 -40.64 -12.59 35.50
N ASN F 119 -41.25 -13.10 34.43
CA ASN F 119 -42.02 -12.24 33.55
C ASN F 119 -43.27 -11.66 34.22
N LYS F 120 -43.73 -12.28 35.30
CA LYS F 120 -44.86 -11.76 36.05
C LYS F 120 -44.51 -10.58 36.93
N TRP F 121 -43.27 -10.48 37.40
CA TRP F 121 -42.83 -9.42 38.29
C TRP F 121 -41.99 -8.36 37.60
N LEU F 122 -41.08 -8.76 36.72
CA LEU F 122 -40.22 -7.82 36.01
C LEU F 122 -40.86 -7.47 34.68
N THR F 123 -40.88 -6.17 34.37
CA THR F 123 -41.56 -5.68 33.18
C THR F 123 -40.69 -5.91 31.94
N ALA F 124 -41.12 -6.82 31.09
CA ALA F 124 -40.51 -7.00 29.78
C ALA F 124 -41.20 -6.11 28.77
N ILE F 125 -40.43 -5.62 27.79
CA ILE F 125 -40.91 -4.66 26.83
C ILE F 125 -40.54 -5.13 25.42
N ARG F 126 -41.25 -4.57 24.44
CA ARG F 126 -40.91 -4.72 23.03
C ARG F 126 -40.52 -3.36 22.50
N HIS F 127 -39.42 -3.31 21.73
CA HIS F 127 -38.90 -2.03 21.29
C HIS F 127 -39.52 -1.59 19.97
N THR F 128 -39.55 -2.47 18.99
CA THR F 128 -40.03 -2.17 17.66
C THR F 128 -41.06 -3.20 17.23
N PRO F 129 -41.95 -2.84 16.30
CA PRO F 129 -42.97 -3.81 15.85
C PRO F 129 -42.39 -5.02 15.15
N LEU F 130 -41.16 -4.94 14.67
CA LEU F 130 -40.53 -6.06 13.96
C LEU F 130 -40.10 -7.19 14.90
N GLU F 131 -40.12 -6.97 16.21
CA GLU F 131 -39.71 -8.00 17.15
C GLU F 131 -40.86 -8.94 17.45
N THR F 132 -40.51 -10.13 17.92
CA THR F 132 -41.49 -11.15 18.29
C THR F 132 -41.55 -11.42 19.79
N GLU F 133 -40.42 -11.29 20.49
CA GLU F 133 -40.34 -11.56 21.91
C GLU F 133 -40.34 -10.26 22.70
N MET F 134 -40.74 -10.37 23.96
CA MET F 134 -40.63 -9.29 24.93
C MET F 134 -39.53 -9.64 25.92
N THR F 135 -38.52 -8.79 26.00
CA THR F 135 -37.30 -9.11 26.73
C THR F 135 -37.13 -8.17 27.92
N ILE F 136 -36.23 -8.56 28.82
CA ILE F 136 -35.91 -7.79 30.02
C ILE F 136 -34.52 -7.20 29.84
N GLY F 137 -34.46 -5.88 29.72
CA GLY F 137 -33.20 -5.20 29.55
C GLY F 137 -33.00 -4.07 30.53
N SER F 138 -33.49 -4.23 31.75
CA SER F 138 -33.41 -3.19 32.77
C SER F 138 -32.51 -3.56 33.94
N GLY F 139 -32.01 -4.78 33.99
CA GLY F 139 -31.23 -5.26 35.12
C GLY F 139 -29.75 -5.28 34.83
N ILE F 140 -28.95 -5.01 35.87
CA ILE F 140 -27.49 -5.00 35.76
C ILE F 140 -26.95 -6.20 36.52
N SER F 141 -26.04 -6.93 35.88
CA SER F 141 -25.37 -8.03 36.54
C SER F 141 -24.49 -7.51 37.67
N CYS F 142 -24.41 -8.29 38.75
CA CYS F 142 -23.61 -7.89 39.91
C CYS F 142 -22.83 -9.10 40.40
N VAL F 143 -21.52 -9.07 40.21
CA VAL F 143 -20.62 -10.12 40.66
C VAL F 143 -19.63 -9.51 41.64
N VAL F 144 -19.65 -9.99 42.87
CA VAL F 144 -18.82 -9.44 43.95
C VAL F 144 -18.09 -10.59 44.63
N GLY F 145 -16.80 -10.39 44.90
CA GLY F 145 -16.05 -11.31 45.71
C GLY F 145 -15.15 -12.25 44.91
N PRO F 146 -15.23 -13.54 45.24
CA PRO F 146 -14.25 -14.49 44.68
C PRO F 146 -14.34 -14.65 43.18
N TYR F 147 -15.52 -14.53 42.59
CA TYR F 147 -15.66 -14.75 41.16
C TYR F 147 -15.18 -13.57 40.34
N PHE F 148 -14.85 -12.44 40.98
CA PHE F 148 -14.24 -11.33 40.27
C PHE F 148 -12.91 -10.94 40.92
N ASP F 149 -12.20 -11.94 41.42
CA ASP F 149 -10.86 -11.74 41.99
C ASP F 149 -10.88 -10.74 43.14
N GLY F 150 -11.91 -10.84 43.98
CA GLY F 150 -12.01 -9.94 45.12
C GLY F 150 -12.50 -8.55 44.81
N GLY F 151 -12.83 -8.26 43.56
CA GLY F 151 -13.37 -6.96 43.20
C GLY F 151 -14.87 -6.99 43.06
N SER F 152 -15.42 -6.15 42.20
CA SER F 152 -16.86 -6.11 41.97
C SER F 152 -17.12 -5.65 40.54
N HIS F 153 -18.11 -6.28 39.91
CA HIS F 153 -18.51 -5.95 38.56
C HIS F 153 -19.99 -5.64 38.53
N ILE F 154 -20.36 -4.60 37.79
CA ILE F 154 -21.76 -4.29 37.51
C ILE F 154 -21.87 -3.95 36.03
N GLY F 155 -22.88 -4.51 35.37
CA GLY F 155 -23.07 -4.27 33.96
C GLY F 155 -24.40 -4.80 33.51
N TYR F 156 -24.85 -4.29 32.37
CA TYR F 156 -26.14 -4.66 31.81
C TYR F 156 -26.02 -5.96 31.03
N ASN F 157 -27.06 -6.79 31.10
CA ASN F 157 -27.16 -8.00 30.30
C ASN F 157 -28.63 -8.21 29.97
N ARG F 158 -28.93 -8.33 28.69
CA ARG F 158 -30.31 -8.54 28.27
C ARG F 158 -30.70 -10.00 28.47
N MET F 159 -31.88 -10.21 29.04
CA MET F 159 -32.35 -11.53 29.38
C MET F 159 -33.74 -11.75 28.78
N ASN F 160 -33.96 -12.96 28.27
CA ASN F 160 -35.26 -13.38 27.75
C ASN F 160 -35.70 -14.61 28.51
N PHE F 161 -36.63 -14.44 29.44
CA PHE F 161 -37.10 -15.52 30.29
C PHE F 161 -38.25 -16.21 29.58
N ARG F 162 -37.92 -17.18 28.73
CA ARG F 162 -38.92 -17.96 28.00
C ARG F 162 -39.05 -19.38 28.53
N TRP F 163 -38.57 -19.64 29.75
CA TRP F 163 -38.76 -20.92 30.40
C TRP F 163 -39.15 -20.70 31.87
N GLY F 164 -39.91 -19.64 32.12
CA GLY F 164 -40.43 -19.38 33.44
C GLY F 164 -39.45 -18.72 34.38
N ASN F 165 -38.49 -19.50 34.89
CA ASN F 165 -37.47 -18.99 35.79
C ASN F 165 -36.08 -19.18 35.21
N VAL F 166 -36.01 -19.55 33.93
CA VAL F 166 -34.76 -19.72 33.21
C VAL F 166 -34.81 -18.87 31.96
N GLY F 167 -33.82 -18.00 31.79
CA GLY F 167 -33.77 -17.13 30.64
C GLY F 167 -32.35 -17.04 30.08
N THR F 168 -32.27 -16.56 28.85
CA THR F 168 -30.97 -16.37 28.22
C THR F 168 -30.24 -15.20 28.86
N PHE F 169 -28.92 -15.21 28.72
CA PHE F 169 -28.05 -14.23 29.34
C PHE F 169 -27.03 -13.78 28.30
N GLN F 170 -27.26 -12.60 27.71
CA GLN F 170 -26.41 -12.10 26.64
C GLN F 170 -25.12 -11.55 27.22
N ILE F 171 -23.99 -12.09 26.78
CA ILE F 171 -22.66 -11.71 27.27
C ILE F 171 -21.82 -11.27 26.09
N SER F 172 -21.26 -10.07 26.19
CA SER F 172 -20.37 -9.58 25.15
C SER F 172 -19.04 -10.33 25.21
N PRO F 173 -18.57 -10.90 24.10
CA PRO F 173 -17.24 -11.52 24.10
C PRO F 173 -16.18 -10.48 24.42
N GLY F 174 -15.35 -10.78 25.42
CA GLY F 174 -14.30 -9.90 25.87
C GLY F 174 -14.64 -9.09 27.11
N SER F 175 -15.91 -8.99 27.47
CA SER F 175 -16.34 -8.18 28.60
C SER F 175 -15.94 -8.85 29.91
N HIS F 176 -16.28 -8.20 31.03
CA HIS F 176 -15.97 -8.76 32.34
C HIS F 176 -16.70 -10.07 32.57
N MET F 177 -18.00 -10.11 32.24
CA MET F 177 -18.74 -11.36 32.38
C MET F 177 -18.19 -12.44 31.48
N TRP F 178 -17.73 -12.07 30.28
CA TRP F 178 -17.10 -13.05 29.41
C TRP F 178 -15.83 -13.60 30.03
N GLN F 179 -15.04 -12.74 30.67
CA GLN F 179 -13.80 -13.22 31.29
C GLN F 179 -14.10 -14.13 32.47
N VAL F 180 -15.11 -13.79 33.26
CA VAL F 180 -15.51 -14.63 34.38
C VAL F 180 -16.00 -15.99 33.88
N MET F 181 -16.84 -15.98 32.85
CA MET F 181 -17.36 -17.23 32.29
C MET F 181 -16.26 -18.06 31.66
N THR F 182 -15.27 -17.41 31.04
CA THR F 182 -14.15 -18.14 30.46
C THR F 182 -13.27 -18.77 31.53
N GLU F 183 -13.05 -18.07 32.65
CA GLU F 183 -12.26 -18.66 33.72
C GLU F 183 -12.96 -19.85 34.36
N HIS F 184 -14.29 -19.85 34.37
CA HIS F 184 -15.08 -20.91 35.01
C HIS F 184 -15.94 -21.66 34.00
N TYR F 185 -15.48 -21.74 32.75
CA TYR F 185 -16.26 -22.40 31.71
C TYR F 185 -16.37 -23.91 31.92
N LYS F 186 -15.41 -24.52 32.61
CA LYS F 186 -15.39 -25.97 32.78
C LYS F 186 -15.52 -26.37 34.24
N ASP F 187 -16.00 -25.46 35.09
CA ASP F 187 -16.25 -25.86 36.46
C ASP F 187 -17.51 -26.72 36.54
N ASP F 188 -17.67 -27.38 37.69
CA ASP F 188 -18.86 -28.19 37.93
C ASP F 188 -20.02 -27.36 38.45
N GLU F 189 -19.74 -26.44 39.37
CA GLU F 189 -20.77 -25.58 39.91
C GLU F 189 -21.03 -24.41 38.98
N PRO F 190 -22.27 -23.93 38.92
CA PRO F 190 -22.58 -22.73 38.15
C PRO F 190 -22.05 -21.48 38.85
N ILE F 191 -22.08 -20.37 38.11
CA ILE F 191 -21.59 -19.10 38.63
C ILE F 191 -22.72 -18.40 39.35
N PRO F 192 -22.62 -18.15 40.66
CA PRO F 192 -23.69 -17.45 41.38
C PRO F 192 -23.59 -15.95 41.15
N LEU F 193 -24.67 -15.37 40.65
CA LEU F 193 -24.72 -13.93 40.42
C LEU F 193 -26.16 -13.47 40.62
N THR F 194 -26.32 -12.15 40.69
CA THR F 194 -27.63 -11.54 40.88
C THR F 194 -27.82 -10.41 39.87
N MET F 195 -29.06 -10.22 39.46
CA MET F 195 -29.44 -9.12 38.58
C MET F 195 -30.26 -8.11 39.37
N CYS F 196 -29.80 -6.87 39.39
CA CYS F 196 -30.43 -5.81 40.17
C CYS F 196 -31.19 -4.87 39.26
N PHE F 197 -32.36 -4.44 39.72
CA PHE F 197 -33.24 -3.56 38.95
C PHE F 197 -33.57 -2.33 39.76
N GLY F 198 -33.72 -1.21 39.07
CA GLY F 198 -33.99 0.06 39.75
C GLY F 198 -32.90 0.44 40.73
N VAL F 199 -31.64 0.32 40.31
CA VAL F 199 -30.50 0.53 41.20
C VAL F 199 -30.24 2.03 41.35
N PRO F 200 -29.35 2.44 42.25
CA PRO F 200 -29.04 3.86 42.36
C PRO F 200 -28.44 4.38 41.06
N PRO F 201 -28.61 5.67 40.77
CA PRO F 201 -28.13 6.20 39.49
C PRO F 201 -26.63 6.06 39.28
N SER F 202 -25.83 6.15 40.35
CA SER F 202 -24.39 5.97 40.19
C SER F 202 -24.06 4.55 39.76
N CYS F 203 -24.81 3.56 40.23
CA CYS F 203 -24.56 2.19 39.81
C CYS F 203 -24.91 2.00 38.34
N THR F 204 -25.98 2.64 37.86
CA THR F 204 -26.27 2.62 36.44
C THR F 204 -25.16 3.28 35.64
N TYR F 205 -24.70 4.44 36.10
CA TYR F 205 -23.62 5.17 35.45
C TYR F 205 -22.38 4.30 35.29
N VAL F 206 -22.00 3.58 36.36
CA VAL F 206 -20.82 2.73 36.29
C VAL F 206 -21.07 1.44 35.53
N ALA F 207 -22.30 0.91 35.54
CA ALA F 207 -22.61 -0.28 34.77
C ALA F 207 -22.59 0.00 33.28
N GLY F 208 -22.79 1.26 32.88
CA GLY F 208 -22.67 1.62 31.49
C GLY F 208 -21.29 1.40 30.91
N ALA F 209 -20.26 1.41 31.74
CA ALA F 209 -18.88 1.24 31.26
C ALA F 209 -18.70 -0.13 30.63
N GLY F 210 -17.73 -0.23 29.74
CA GLY F 210 -17.42 -1.49 29.10
C GLY F 210 -16.27 -1.37 28.13
N PHE F 211 -15.47 -2.43 28.05
CA PHE F 211 -14.35 -2.50 27.12
C PHE F 211 -13.36 -1.36 27.36
N ASP F 212 -12.99 -1.19 28.63
CA ASP F 212 -12.00 -0.20 29.04
C ASP F 212 -11.08 -0.85 30.06
N TYR F 213 -10.66 -2.08 29.77
CA TYR F 213 -10.03 -2.95 30.76
C TYR F 213 -8.55 -2.67 30.96
N ALA F 214 -7.97 -1.74 30.20
CA ALA F 214 -6.66 -1.22 30.57
C ALA F 214 -6.76 -0.32 31.80
N ILE F 215 -7.93 0.27 32.02
CA ILE F 215 -8.18 1.10 33.19
C ILE F 215 -9.02 0.38 34.23
N LEU F 216 -9.99 -0.41 33.78
CA LEU F 216 -10.88 -1.16 34.67
C LEU F 216 -10.73 -2.65 34.38
N PRO F 217 -9.59 -3.24 34.73
CA PRO F 217 -9.37 -4.66 34.46
C PRO F 217 -10.19 -5.54 35.39
N LYS F 218 -10.21 -6.83 35.07
CA LYS F 218 -10.88 -7.80 35.93
C LYS F 218 -10.22 -7.82 37.30
N GLY F 219 -11.03 -7.72 38.35
CA GLY F 219 -10.54 -7.55 39.71
C GLY F 219 -10.67 -6.14 40.24
N CYS F 220 -11.05 -5.18 39.41
CA CYS F 220 -11.28 -3.82 39.89
C CYS F 220 -12.56 -3.77 40.73
N ASP F 221 -12.88 -2.58 41.21
CA ASP F 221 -14.04 -2.37 42.06
C ASP F 221 -14.96 -1.37 41.38
N GLU F 222 -15.84 -1.88 40.53
CA GLU F 222 -16.78 -1.02 39.82
C GLU F 222 -17.82 -0.43 40.77
N ILE F 223 -18.28 -1.22 41.74
CA ILE F 223 -19.19 -0.68 42.75
C ILE F 223 -18.47 0.36 43.60
N GLY F 224 -17.17 0.16 43.84
CA GLY F 224 -16.40 1.20 44.51
C GLY F 224 -16.32 2.48 43.69
N ILE F 225 -16.21 2.35 42.38
CA ILE F 225 -16.21 3.51 41.51
C ILE F 225 -17.56 4.22 41.57
N ALA F 226 -18.64 3.46 41.59
CA ALA F 226 -19.97 4.07 41.72
C ALA F 226 -20.10 4.80 43.04
N GLY F 227 -19.62 4.20 44.13
CA GLY F 227 -19.65 4.87 45.42
C GLY F 227 -18.85 6.16 45.42
N ALA F 228 -17.67 6.12 44.81
CA ALA F 228 -16.85 7.34 44.72
C ALA F 228 -17.54 8.40 43.87
N ILE F 229 -18.29 7.97 42.85
CA ILE F 229 -19.00 8.92 42.00
C ILE F 229 -20.13 9.58 42.78
N GLN F 230 -20.85 8.81 43.58
CA GLN F 230 -21.97 9.36 44.34
C GLN F 230 -21.52 10.00 45.65
N GLY F 231 -20.24 9.92 46.00
CA GLY F 231 -19.75 10.58 47.19
C GLY F 231 -19.99 9.83 48.48
N SER F 232 -20.34 8.54 48.40
CA SER F 232 -20.58 7.74 49.59
C SER F 232 -20.60 6.27 49.22
N PRO F 233 -20.30 5.37 50.16
CA PRO F 233 -20.21 3.95 49.81
C PRO F 233 -21.56 3.37 49.41
N VAL F 234 -21.52 2.46 48.44
CA VAL F 234 -22.71 1.74 48.03
C VAL F 234 -22.95 0.58 48.98
N ARG F 235 -24.20 0.37 49.36
CA ARG F 235 -24.54 -0.64 50.36
C ARG F 235 -24.79 -1.99 49.69
N LEU F 236 -24.16 -3.03 50.25
CA LEU F 236 -24.34 -4.40 49.79
C LEU F 236 -25.06 -5.20 50.87
N VAL F 237 -25.64 -6.32 50.45
CA VAL F 237 -26.36 -7.21 51.37
C VAL F 237 -26.19 -8.64 50.88
N LYS F 238 -26.03 -9.55 51.83
CA LYS F 238 -25.90 -10.96 51.49
C LYS F 238 -27.19 -11.50 50.90
N CYS F 239 -27.07 -12.28 49.83
CA CYS F 239 -28.25 -12.85 49.20
C CYS F 239 -28.93 -13.85 50.13
N ARG F 240 -30.13 -14.25 49.74
CA ARG F 240 -30.91 -15.17 50.56
C ARG F 240 -30.66 -16.62 50.21
N THR F 241 -30.63 -16.95 48.91
CA THR F 241 -30.56 -18.33 48.47
C THR F 241 -29.22 -18.73 47.87
N ILE F 242 -28.33 -17.77 47.61
CA ILE F 242 -27.03 -18.05 47.02
C ILE F 242 -25.95 -17.38 47.86
N ASP F 243 -24.70 -17.75 47.59
CA ASP F 243 -23.54 -17.18 48.26
C ASP F 243 -23.01 -16.05 47.40
N ALA F 244 -23.58 -14.85 47.58
CA ALA F 244 -23.20 -13.70 46.79
C ALA F 244 -23.71 -12.45 47.50
N TYR F 245 -23.57 -11.30 46.85
CA TYR F 245 -24.03 -10.03 47.39
C TYR F 245 -24.80 -9.28 46.33
N THR F 246 -25.65 -8.35 46.77
CA THR F 246 -26.48 -7.56 45.87
C THR F 246 -26.48 -6.12 46.34
N LEU F 247 -26.96 -5.24 45.46
CA LEU F 247 -27.16 -3.85 45.84
C LEU F 247 -28.37 -3.75 46.76
N ALA F 248 -28.13 -3.35 48.01
CA ALA F 248 -29.18 -3.36 49.01
C ALA F 248 -30.28 -2.36 48.68
N ASP F 249 -29.95 -1.28 47.97
CA ASP F 249 -30.90 -0.20 47.70
C ASP F 249 -31.54 -0.32 46.34
N ALA F 250 -31.54 -1.50 45.74
CA ALA F 250 -32.20 -1.72 44.46
C ALA F 250 -33.71 -1.84 44.69
N GLU F 251 -34.45 -2.03 43.60
CA GLU F 251 -35.90 -2.24 43.67
C GLU F 251 -36.30 -3.69 43.48
N TYR F 252 -35.64 -4.40 42.56
CA TYR F 252 -35.83 -5.83 42.39
C TYR F 252 -34.46 -6.48 42.37
N VAL F 253 -34.43 -7.77 42.69
CA VAL F 253 -33.20 -8.56 42.64
C VAL F 253 -33.55 -9.97 42.23
N LEU F 254 -32.81 -10.51 41.26
CA LEU F 254 -32.95 -11.89 40.83
C LEU F 254 -31.69 -12.65 41.22
N GLU F 255 -31.83 -13.56 42.17
CA GLU F 255 -30.73 -14.43 42.57
C GLU F 255 -30.81 -15.74 41.79
N GLY F 256 -29.65 -16.22 41.38
CA GLY F 256 -29.61 -17.44 40.59
C GLY F 256 -28.20 -17.83 40.22
N TYR F 257 -28.09 -18.71 39.24
CA TYR F 257 -26.82 -19.24 38.80
C TYR F 257 -26.73 -19.12 37.29
N LEU F 258 -25.55 -18.74 36.79
CA LEU F 258 -25.28 -18.67 35.37
C LEU F 258 -24.64 -19.99 34.92
N HIS F 259 -25.28 -20.64 33.95
CA HIS F 259 -24.78 -21.90 33.42
C HIS F 259 -24.07 -21.65 32.10
N PRO F 260 -22.74 -21.58 32.10
CA PRO F 260 -22.02 -21.23 30.86
C PRO F 260 -22.21 -22.24 29.74
N ARG F 261 -22.27 -23.52 30.06
CA ARG F 261 -22.36 -24.57 29.04
C ARG F 261 -23.80 -24.89 28.65
N ASP F 262 -24.79 -24.29 29.32
CA ASP F 262 -26.19 -24.51 29.00
C ASP F 262 -26.67 -23.34 28.14
N LYS F 263 -26.41 -23.44 26.85
CA LYS F 263 -26.73 -22.38 25.90
C LYS F 263 -28.02 -22.70 25.17
N ARG F 264 -28.88 -21.68 25.03
CA ARG F 264 -30.16 -21.79 24.34
C ARG F 264 -30.35 -20.56 23.48
N TYR F 265 -31.29 -20.66 22.54
CA TYR F 265 -31.55 -19.56 21.62
C TYR F 265 -32.37 -18.47 22.29
N GLU F 266 -32.16 -17.24 21.83
CA GLU F 266 -32.80 -16.10 22.47
C GLU F 266 -34.24 -15.92 21.99
N THR F 267 -34.55 -16.36 20.78
CA THR F 267 -35.90 -16.26 20.24
C THR F 267 -36.36 -17.61 19.73
N ALA F 268 -37.68 -17.82 19.74
CA ALA F 268 -38.24 -19.07 19.26
C ALA F 268 -38.01 -19.24 17.76
N GLU F 269 -38.03 -18.13 17.01
CA GLU F 269 -37.84 -18.21 15.57
C GLU F 269 -36.44 -18.69 15.22
N SER F 270 -35.41 -18.09 15.83
CA SER F 270 -34.05 -18.53 15.56
C SER F 270 -33.81 -19.94 16.09
N GLU F 271 -34.45 -20.29 17.20
CA GLU F 271 -34.36 -21.65 17.73
C GLU F 271 -34.91 -22.65 16.73
N ALA F 272 -36.03 -22.31 16.09
CA ALA F 272 -36.64 -23.15 15.08
C ALA F 272 -35.71 -23.28 13.88
N ALA F 273 -35.34 -22.15 13.27
CA ALA F 273 -34.47 -22.20 12.12
C ALA F 273 -33.04 -22.60 12.48
N ASP F 274 -32.62 -22.41 13.72
CA ASP F 274 -31.33 -22.90 14.21
C ASP F 274 -30.16 -22.20 13.54
N ILE F 275 -30.20 -20.87 13.45
CA ILE F 275 -29.09 -20.08 12.95
C ILE F 275 -28.97 -18.83 13.81
N GLN F 276 -27.76 -18.32 13.95
CA GLN F 276 -27.53 -17.09 14.69
C GLN F 276 -27.19 -15.95 13.74
N GLY F 277 -27.25 -14.72 14.25
CA GLY F 277 -26.93 -13.55 13.48
C GLY F 277 -28.05 -13.04 12.60
N ARG F 278 -29.17 -13.76 12.52
CA ARG F 278 -30.35 -13.30 11.79
C ARG F 278 -31.53 -13.31 12.75
N PHE F 279 -32.73 -13.11 12.21
CA PHE F 279 -33.93 -13.21 13.03
C PHE F 279 -33.95 -12.17 14.15
N HIS F 280 -34.18 -10.92 13.79
CA HIS F 280 -34.08 -9.72 14.63
C HIS F 280 -34.53 -9.92 16.07
N PHE F 281 -33.78 -9.34 17.01
CA PHE F 281 -34.06 -9.46 18.44
C PHE F 281 -34.60 -8.14 18.98
N HIS F 282 -33.81 -7.08 18.84
CA HIS F 282 -34.26 -5.70 19.03
C HIS F 282 -33.09 -4.78 18.68
N PRO F 283 -33.33 -3.48 18.58
CA PRO F 283 -32.25 -2.55 18.19
C PRO F 283 -31.07 -2.61 19.15
N GLU F 284 -29.87 -2.63 18.59
CA GLU F 284 -28.62 -2.72 19.32
C GLU F 284 -27.86 -1.40 19.32
N TRP F 285 -26.69 -1.43 19.96
CA TRP F 285 -25.94 -0.21 20.26
C TRP F 285 -25.38 0.45 19.01
N ALA F 286 -25.13 -0.30 17.94
CA ALA F 286 -24.60 0.28 16.71
C ALA F 286 -25.65 1.04 15.91
N GLY F 287 -26.88 1.13 16.39
CA GLY F 287 -27.92 1.84 15.69
C GLY F 287 -28.66 1.03 14.64
N TYR F 288 -28.43 -0.28 14.58
CA TYR F 288 -29.08 -1.14 13.60
C TYR F 288 -30.09 -2.04 14.27
N MET F 289 -31.00 -2.58 13.48
CA MET F 289 -31.92 -3.59 13.98
C MET F 289 -31.14 -4.84 14.37
N GLY F 290 -31.59 -5.49 15.43
CA GLY F 290 -30.82 -6.54 16.06
C GLY F 290 -30.93 -7.91 15.44
N LYS F 291 -30.21 -8.85 16.05
CA LYS F 291 -30.22 -10.25 15.68
C LYS F 291 -30.21 -11.10 16.95
N ALA F 292 -30.55 -12.37 16.79
CA ALA F 292 -30.65 -13.30 17.90
C ALA F 292 -29.54 -14.34 17.81
N TYR F 293 -29.01 -14.73 18.98
CA TYR F 293 -27.91 -15.68 19.07
C TYR F 293 -28.22 -16.70 20.16
N LYS F 294 -27.37 -17.71 20.26
CA LYS F 294 -27.37 -18.58 21.43
C LYS F 294 -26.65 -17.88 22.57
N ALA F 295 -27.02 -18.22 23.79
CA ALA F 295 -26.47 -17.57 24.96
C ALA F 295 -26.60 -18.50 26.15
N PRO F 296 -25.73 -18.35 27.15
CA PRO F 296 -25.90 -19.12 28.38
C PRO F 296 -27.19 -18.75 29.08
N THR F 297 -27.57 -19.59 30.04
CA THR F 297 -28.84 -19.45 30.72
C THR F 297 -28.64 -19.02 32.16
N PHE F 298 -29.59 -18.22 32.66
CA PHE F 298 -29.59 -17.74 34.03
C PHE F 298 -30.74 -18.41 34.77
N HIS F 299 -30.41 -19.24 35.75
CA HIS F 299 -31.39 -20.03 36.48
C HIS F 299 -31.73 -19.31 37.77
N VAL F 300 -32.90 -18.68 37.80
CA VAL F 300 -33.31 -17.88 38.95
C VAL F 300 -33.75 -18.81 40.08
N THR F 301 -33.36 -18.46 41.31
CA THR F 301 -33.76 -19.21 42.49
C THR F 301 -34.45 -18.37 43.54
N ALA F 302 -34.61 -17.07 43.32
CA ALA F 302 -35.29 -16.20 44.28
C ALA F 302 -35.50 -14.84 43.63
N ILE F 303 -36.62 -14.21 43.97
CA ILE F 303 -36.98 -12.90 43.46
C ILE F 303 -37.25 -12.00 44.66
N THR F 304 -36.26 -11.20 45.04
CA THR F 304 -36.39 -10.25 46.13
C THR F 304 -36.78 -8.88 45.57
N MET F 305 -37.52 -8.13 46.36
CA MET F 305 -37.98 -6.81 45.91
C MET F 305 -38.45 -6.02 47.14
N ARG F 306 -38.66 -4.73 46.94
CA ARG F 306 -39.26 -3.89 47.96
C ARG F 306 -40.73 -4.26 48.15
N ARG F 307 -41.36 -3.63 49.13
CA ARG F 307 -42.77 -3.87 49.44
C ARG F 307 -43.64 -3.57 48.22
N ARG F 308 -44.42 -4.57 47.81
CA ARG F 308 -45.16 -4.47 46.56
C ARG F 308 -46.23 -3.37 46.58
N GLU F 309 -46.62 -2.91 47.77
CA GLU F 309 -47.53 -1.78 47.86
C GLU F 309 -46.83 -0.46 47.58
N SER F 310 -45.50 -0.42 47.73
CA SER F 310 -44.72 0.76 47.39
C SER F 310 -44.48 0.89 45.89
N LYS F 311 -44.87 -0.10 45.09
CA LYS F 311 -44.72 -0.09 43.65
C LYS F 311 -43.27 0.17 43.26
N PRO F 312 -42.38 -0.82 43.41
CA PRO F 312 -40.97 -0.62 43.07
C PRO F 312 -40.79 -0.22 41.61
N ILE F 313 -39.82 0.65 41.38
CA ILE F 313 -39.59 1.26 40.07
C ILE F 313 -38.64 0.41 39.25
N ILE F 314 -38.91 0.32 37.96
CA ILE F 314 -38.03 -0.35 37.01
C ILE F 314 -37.68 0.65 35.91
N PHE F 315 -36.45 0.52 35.38
CA PHE F 315 -35.90 1.46 34.42
C PHE F 315 -35.73 0.77 33.08
N PRO F 316 -36.79 0.66 32.28
CA PRO F 316 -36.65 0.14 30.92
C PRO F 316 -36.30 1.26 29.95
N LEU F 317 -35.41 0.94 29.01
CA LEU F 317 -34.93 1.95 28.07
C LEU F 317 -34.61 1.30 26.74
N GLY F 318 -34.97 1.98 25.66
CA GLY F 318 -34.57 1.54 24.34
C GLY F 318 -33.08 1.67 24.15
N VAL F 319 -32.53 0.81 23.29
CA VAL F 319 -31.09 0.76 23.13
C VAL F 319 -30.60 2.00 22.38
N HIS F 320 -31.17 2.28 21.22
CA HIS F 320 -30.74 3.41 20.40
C HIS F 320 -31.44 4.66 20.87
N THR F 321 -30.99 5.16 22.02
CA THR F 321 -31.50 6.39 22.60
C THR F 321 -30.34 7.16 23.22
N ALA F 322 -30.56 8.46 23.45
CA ALA F 322 -29.56 9.25 24.14
C ALA F 322 -29.32 8.74 25.56
N ASP F 323 -30.33 8.11 26.15
CA ASP F 323 -30.19 7.53 27.49
C ASP F 323 -29.09 6.48 27.52
N ASP F 324 -29.24 5.41 26.72
CA ASP F 324 -28.24 4.36 26.65
C ASP F 324 -26.89 4.89 26.24
N ALA F 325 -26.88 5.83 25.29
CA ALA F 325 -25.63 6.41 24.81
C ALA F 325 -24.88 7.11 25.94
N ASN F 326 -25.58 7.93 26.72
CA ASN F 326 -24.95 8.57 27.87
C ASN F 326 -24.45 7.53 28.85
N ILE F 327 -25.30 6.56 29.19
CA ILE F 327 -25.01 5.54 30.19
C ILE F 327 -23.72 4.81 29.88
N ASP F 328 -23.48 4.47 28.62
CA ASP F 328 -22.22 3.82 28.26
C ASP F 328 -21.06 4.80 28.07
N THR F 329 -21.26 5.80 27.21
CA THR F 329 -20.15 6.62 26.77
C THR F 329 -19.60 7.52 27.86
N SER F 330 -20.33 7.75 28.97
CA SER F 330 -19.78 8.62 30.00
C SER F 330 -18.53 8.02 30.62
N VAL F 331 -18.66 6.83 31.20
CA VAL F 331 -17.48 6.21 31.79
C VAL F 331 -16.50 5.77 30.71
N ARG F 332 -16.98 5.50 29.48
CA ARG F 332 -16.02 5.25 28.41
C ARG F 332 -15.11 6.45 28.19
N GLU F 333 -15.69 7.66 28.12
CA GLU F 333 -14.90 8.87 27.95
C GLU F 333 -13.92 9.04 29.10
N SER F 334 -14.39 8.83 30.33
CA SER F 334 -13.50 9.01 31.48
C SER F 334 -12.34 8.03 31.44
N ALA F 335 -12.58 6.78 31.02
CA ALA F 335 -11.51 5.79 30.99
C ALA F 335 -10.52 6.07 29.88
N ILE F 336 -11.01 6.52 28.72
CA ILE F 336 -10.10 6.89 27.64
C ILE F 336 -9.24 8.07 28.05
N PHE F 337 -9.83 9.04 28.73
CA PHE F 337 -9.05 10.15 29.25
C PHE F 337 -7.99 9.67 30.23
N ALA F 338 -8.36 8.75 31.12
CA ALA F 338 -7.39 8.22 32.08
C ALA F 338 -6.23 7.52 31.38
N LEU F 339 -6.54 6.73 30.34
CA LEU F 339 -5.48 6.04 29.61
C LEU F 339 -4.54 7.03 28.93
N CYS F 340 -5.10 8.03 28.25
CA CYS F 340 -4.26 9.01 27.58
C CYS F 340 -3.42 9.79 28.58
N GLU F 341 -3.96 10.07 29.77
CA GLU F 341 -3.18 10.76 30.79
C GLU F 341 -2.08 9.87 31.34
N ARG F 342 -2.32 8.57 31.43
CA ARG F 342 -1.29 7.65 31.90
C ARG F 342 -0.14 7.58 30.89
N LEU F 343 -0.46 7.52 29.60
CA LEU F 343 0.59 7.41 28.59
C LEU F 343 1.50 8.63 28.58
N GLN F 344 0.91 9.81 28.53
CA GLN F 344 1.67 11.06 28.58
C GLN F 344 0.78 12.15 29.15
N PRO F 345 0.99 12.54 30.40
CA PRO F 345 0.07 13.50 31.03
C PRO F 345 0.18 14.89 30.43
N GLY F 346 -0.94 15.60 30.42
CA GLY F 346 -0.97 16.99 30.03
C GLY F 346 -1.22 17.26 28.56
N ILE F 347 -1.29 16.23 27.73
CA ILE F 347 -1.47 16.43 26.30
C ILE F 347 -2.94 16.40 25.91
N VAL F 348 -3.69 15.41 26.41
CA VAL F 348 -5.11 15.32 26.09
C VAL F 348 -5.88 16.31 26.94
N GLN F 349 -6.68 17.15 26.29
CA GLN F 349 -7.46 18.17 26.98
C GLN F 349 -8.90 17.76 27.22
N ASN F 350 -9.46 16.89 26.39
CA ASN F 350 -10.86 16.51 26.52
C ASN F 350 -11.11 15.27 25.68
N VAL F 351 -12.05 14.46 26.13
CA VAL F 351 -12.48 13.27 25.41
C VAL F 351 -13.99 13.29 25.32
N HIS F 352 -14.53 12.95 24.15
CA HIS F 352 -15.97 12.98 23.94
C HIS F 352 -16.37 11.83 23.04
N ILE F 353 -17.37 11.07 23.47
CA ILE F 353 -17.97 10.04 22.62
C ILE F 353 -19.38 10.50 22.27
N PRO F 354 -19.59 11.09 21.10
CA PRO F 354 -20.90 11.62 20.76
C PRO F 354 -21.93 10.52 20.57
N TYR F 355 -23.20 10.92 20.66
CA TYR F 355 -24.30 9.99 20.46
C TYR F 355 -24.21 9.29 19.11
N CYS F 356 -23.78 10.02 18.08
CA CYS F 356 -23.72 9.48 16.73
C CYS F 356 -22.63 8.44 16.53
N MET F 357 -21.83 8.15 17.55
CA MET F 357 -20.68 7.28 17.36
C MET F 357 -20.80 5.93 18.06
N THR F 358 -22.02 5.43 18.29
CA THR F 358 -22.23 3.99 18.46
C THR F 358 -21.44 3.39 19.62
N ASP F 359 -21.96 3.53 20.84
CA ASP F 359 -21.22 3.67 22.09
C ASP F 359 -19.82 3.05 22.06
N TRP F 360 -19.71 1.82 21.57
CA TRP F 360 -18.41 1.15 21.47
C TRP F 360 -17.74 1.38 20.12
N GLY F 361 -18.26 2.30 19.31
CA GLY F 361 -17.79 2.44 17.95
C GLY F 361 -16.65 3.42 17.75
N GLY F 362 -16.72 4.58 18.39
CA GLY F 362 -15.71 5.58 18.16
C GLY F 362 -15.60 6.54 19.31
N CYS F 363 -14.68 7.50 19.16
CA CYS F 363 -14.46 8.52 20.18
C CYS F 363 -13.71 9.68 19.53
N ILE F 364 -13.66 10.79 20.25
CA ILE F 364 -12.93 11.98 19.84
C ILE F 364 -12.07 12.45 21.00
N ILE F 365 -10.79 12.65 20.73
CA ILE F 365 -9.87 13.17 21.73
C ILE F 365 -9.33 14.50 21.24
N GLN F 366 -9.16 15.43 22.17
CA GLN F 366 -8.65 16.77 21.87
C GLN F 366 -7.28 16.91 22.52
N VAL F 367 -6.26 17.12 21.71
CA VAL F 367 -4.89 17.18 22.18
C VAL F 367 -4.33 18.58 21.96
N LYS F 368 -3.43 18.97 22.85
CA LYS F 368 -2.72 20.24 22.75
C LYS F 368 -1.23 19.97 22.84
N LYS F 369 -0.51 20.23 21.76
CA LYS F 369 0.93 20.02 21.72
C LYS F 369 1.62 21.26 22.28
N ARG F 370 2.40 21.07 23.35
CA ARG F 370 3.01 22.20 24.02
C ARG F 370 4.37 22.56 23.43
N ASN F 371 5.05 21.60 22.80
CA ASN F 371 6.35 21.85 22.20
C ASN F 371 6.58 20.82 21.10
N GLN F 372 7.71 20.96 20.40
CA GLN F 372 8.01 20.09 19.27
C GLN F 372 8.27 18.65 19.70
N ILE F 373 8.69 18.41 20.94
CA ILE F 373 8.94 17.05 21.41
C ILE F 373 7.66 16.29 21.69
N GLU F 374 6.51 16.96 21.67
CA GLU F 374 5.23 16.29 21.87
C GLU F 374 4.50 16.00 20.57
N GLU F 375 5.02 16.44 19.43
CA GLU F 375 4.41 16.14 18.16
C GLU F 375 4.47 14.64 17.89
N GLY F 376 3.33 14.05 17.56
CA GLY F 376 3.24 12.63 17.32
C GLY F 376 2.57 11.85 18.43
N TRP F 377 2.38 12.45 19.60
CA TRP F 377 1.72 11.73 20.69
C TRP F 377 0.26 11.42 20.39
N GLN F 378 -0.37 12.22 19.52
CA GLN F 378 -1.76 11.95 19.17
C GLN F 378 -1.88 10.61 18.44
N ARG F 379 -0.84 10.22 17.70
CA ARG F 379 -0.89 8.94 16.99
C ARG F 379 -0.72 7.78 17.97
N ASN F 380 0.17 7.93 18.94
CA ASN F 380 0.26 6.94 20.02
C ASN F 380 -1.06 6.80 20.74
N PHE F 381 -1.71 7.94 21.03
CA PHE F 381 -2.99 7.91 21.72
C PHE F 381 -4.05 7.19 20.89
N LEU F 382 -4.10 7.49 19.58
CA LEU F 382 -5.08 6.85 18.71
C LEU F 382 -4.85 5.35 18.64
N ALA F 383 -3.60 4.93 18.46
CA ALA F 383 -3.31 3.50 18.39
C ALA F 383 -3.63 2.80 19.70
N ALA F 384 -3.27 3.41 20.83
CA ALA F 384 -3.56 2.80 22.12
C ALA F 384 -5.06 2.72 22.38
N ILE F 385 -5.81 3.74 21.96
CA ILE F 385 -7.25 3.71 22.17
C ILE F 385 -7.89 2.65 21.30
N LEU F 386 -7.44 2.53 20.05
CA LEU F 386 -8.03 1.52 19.17
C LEU F 386 -7.68 0.11 19.63
N ALA F 387 -6.49 -0.07 20.21
CA ALA F 387 -6.07 -1.40 20.63
C ALA F 387 -6.64 -1.79 21.98
N CYS F 388 -6.81 -0.85 22.91
CA CYS F 388 -7.28 -1.16 24.25
C CYS F 388 -8.78 -1.02 24.40
N SER F 389 -9.50 -0.65 23.35
CA SER F 389 -10.95 -0.58 23.34
C SER F 389 -11.42 -1.49 22.21
N GLN F 390 -11.75 -2.74 22.57
CA GLN F 390 -12.02 -3.79 21.59
C GLN F 390 -13.13 -3.43 20.63
N GLY F 391 -12.83 -3.51 19.34
CA GLY F 391 -13.83 -3.27 18.33
C GLY F 391 -14.13 -1.82 18.01
N MET F 392 -13.40 -0.88 18.62
CA MET F 392 -13.58 0.51 18.28
C MET F 392 -13.18 0.76 16.83
N ARG F 393 -14.06 1.42 16.08
CA ARG F 393 -13.90 1.52 14.63
C ARG F 393 -13.34 2.86 14.17
N LEU F 394 -13.57 3.95 14.91
CA LEU F 394 -13.19 5.26 14.42
C LEU F 394 -12.79 6.15 15.59
N ALA F 395 -11.49 6.39 15.75
CA ALA F 395 -10.98 7.32 16.74
C ALA F 395 -10.44 8.54 16.01
N ILE F 396 -10.79 9.73 16.47
CA ILE F 396 -10.41 10.98 15.83
C ILE F 396 -9.71 11.85 16.85
N ALA F 397 -8.59 12.43 16.46
CA ALA F 397 -7.84 13.38 17.28
C ALA F 397 -7.91 14.75 16.63
N VAL F 398 -8.22 15.77 17.43
CA VAL F 398 -8.36 17.14 16.96
C VAL F 398 -7.58 18.05 17.89
N SER F 399 -7.34 19.28 17.42
CA SER F 399 -6.55 20.24 18.17
C SER F 399 -7.45 21.03 19.13
N GLU F 400 -6.84 21.92 19.89
CA GLU F 400 -7.54 22.62 20.96
C GLU F 400 -8.42 23.76 20.47
N ASP F 401 -8.32 24.14 19.19
CA ASP F 401 -9.17 25.19 18.62
C ASP F 401 -10.40 24.60 17.95
N VAL F 402 -10.87 23.48 18.46
CA VAL F 402 -11.95 22.71 17.86
C VAL F 402 -13.02 22.51 18.91
N ASP F 403 -14.28 22.64 18.51
CA ASP F 403 -15.42 22.37 19.40
C ASP F 403 -15.69 20.88 19.36
N ILE F 404 -15.28 20.16 20.42
CA ILE F 404 -15.35 18.70 20.40
C ILE F 404 -16.78 18.19 20.43
N TYR F 405 -17.74 19.03 20.82
CA TYR F 405 -19.12 18.58 20.94
C TYR F 405 -19.95 18.85 19.68
N SER F 406 -19.38 19.48 18.68
CA SER F 406 -20.08 19.79 17.44
C SER F 406 -19.59 18.84 16.35
N MET F 407 -20.50 18.03 15.82
CA MET F 407 -20.12 17.13 14.73
C MET F 407 -19.82 17.90 13.45
N ASP F 408 -20.40 19.08 13.28
CA ASP F 408 -20.06 19.91 12.14
C ASP F 408 -18.61 20.37 12.22
N ASP F 409 -18.15 20.72 13.42
CA ASP F 409 -16.77 21.19 13.57
C ASP F 409 -15.80 20.04 13.37
N ILE F 410 -16.18 18.83 13.79
CA ILE F 410 -15.37 17.65 13.54
C ILE F 410 -15.30 17.36 12.04
N MET F 411 -16.43 17.50 11.34
CA MET F 411 -16.43 17.31 9.90
C MET F 411 -15.55 18.36 9.20
N TRP F 412 -15.56 19.59 9.71
CA TRP F 412 -14.67 20.61 9.16
C TRP F 412 -13.20 20.23 9.36
N CYS F 413 -12.86 19.71 10.54
CA CYS F 413 -11.50 19.24 10.78
C CYS F 413 -11.14 18.10 9.84
N LEU F 414 -12.08 17.18 9.61
CA LEU F 414 -11.84 16.08 8.69
C LEU F 414 -11.60 16.59 7.27
N THR F 415 -12.33 17.65 6.90
CA THR F 415 -12.22 18.16 5.54
C THR F 415 -10.91 18.90 5.34
N THR F 416 -10.45 19.65 6.35
CA THR F 416 -9.36 20.58 6.10
C THR F 416 -8.03 20.16 6.74
N ARG F 417 -8.03 19.23 7.70
CA ARG F 417 -6.82 18.94 8.45
C ARG F 417 -6.37 17.49 8.37
N VAL F 418 -6.85 16.72 7.41
CA VAL F 418 -6.51 15.31 7.30
C VAL F 418 -5.78 15.08 5.98
N ASN F 419 -4.52 14.66 6.07
CA ASN F 419 -3.78 14.19 4.91
C ASN F 419 -4.18 12.73 4.68
N PRO F 420 -4.89 12.42 3.60
CA PRO F 420 -5.39 11.04 3.42
C PRO F 420 -4.30 10.02 3.24
N GLN F 421 -3.07 10.44 2.93
CA GLN F 421 -1.98 9.50 2.70
C GLN F 421 -1.20 9.17 3.95
N THR F 422 -1.26 10.01 4.99
CA THR F 422 -0.47 9.80 6.19
C THR F 422 -1.26 9.95 7.49
N ASP F 423 -2.47 10.51 7.46
CA ASP F 423 -3.19 10.85 8.67
C ASP F 423 -4.31 9.87 9.00
N ILE F 424 -4.39 8.74 8.30
CA ILE F 424 -5.43 7.75 8.54
C ILE F 424 -4.74 6.47 8.98
N LEU F 425 -4.84 6.17 10.27
CA LEU F 425 -4.22 4.98 10.82
C LEU F 425 -5.14 3.77 10.69
N ASN F 426 -4.53 2.61 10.42
CA ASN F 426 -5.22 1.33 10.39
C ASN F 426 -4.39 0.36 11.22
N PRO F 427 -4.46 0.47 12.54
CA PRO F 427 -3.42 -0.14 13.38
C PRO F 427 -3.45 -1.66 13.43
N LEU F 428 -4.62 -2.27 13.62
CA LEU F 428 -4.71 -3.69 13.94
C LEU F 428 -5.72 -4.39 13.04
N PRO F 429 -5.40 -4.54 11.76
CA PRO F 429 -6.25 -5.36 10.89
C PRO F 429 -6.18 -6.82 11.28
N GLY F 430 -7.33 -7.44 11.39
CA GLY F 430 -7.41 -8.83 11.81
C GLY F 430 -7.50 -9.04 13.31
N GLY F 431 -7.62 -7.97 14.09
CA GLY F 431 -7.79 -8.09 15.52
C GLY F 431 -9.23 -8.41 15.90
N ARG F 432 -9.51 -8.26 17.18
CA ARG F 432 -10.85 -8.49 17.70
C ARG F 432 -11.75 -7.30 17.41
N GLY F 433 -12.95 -7.58 16.93
CA GLY F 433 -13.93 -6.54 16.68
C GLY F 433 -15.19 -6.75 17.50
N GLN F 434 -16.28 -6.12 17.08
CA GLN F 434 -17.58 -6.27 17.73
C GLN F 434 -18.53 -6.95 16.74
N THR F 435 -19.13 -8.06 17.16
CA THR F 435 -19.97 -8.83 16.25
C THR F 435 -21.23 -8.05 15.87
N PHE F 436 -21.66 -7.11 16.71
CA PHE F 436 -22.90 -6.39 16.45
C PHE F 436 -22.75 -5.29 15.41
N MET F 437 -21.56 -5.05 14.90
CA MET F 437 -21.39 -4.11 13.80
C MET F 437 -21.65 -4.84 12.49
N PRO F 438 -22.65 -4.43 11.71
CA PRO F 438 -22.96 -5.16 10.47
C PRO F 438 -21.82 -5.15 9.47
N ALA F 439 -21.04 -4.08 9.41
CA ALA F 439 -19.89 -4.05 8.51
C ALA F 439 -18.88 -5.12 8.87
N GLU F 440 -18.71 -5.39 10.16
CA GLU F 440 -17.81 -6.44 10.60
C GLU F 440 -18.46 -7.81 10.47
N ARG F 441 -19.73 -7.92 10.87
CA ARG F 441 -20.43 -9.20 10.85
C ARG F 441 -20.62 -9.73 9.43
N MET F 442 -20.67 -8.85 8.43
CA MET F 442 -20.78 -9.28 7.05
C MET F 442 -19.51 -9.90 6.51
N THR F 443 -18.39 -9.77 7.23
CA THR F 443 -17.14 -10.42 6.86
C THR F 443 -17.16 -11.91 7.13
N SER F 444 -18.20 -12.42 7.79
CA SER F 444 -18.33 -13.86 8.00
C SER F 444 -18.49 -14.62 6.70
N GLY F 445 -18.99 -13.96 5.65
CA GLY F 445 -19.15 -14.61 4.37
C GLY F 445 -20.30 -15.61 4.36
N ASP F 446 -19.98 -16.88 4.18
CA ASP F 446 -20.99 -17.93 4.15
C ASP F 446 -20.99 -18.76 5.44
N LYS F 447 -20.27 -18.33 6.46
CA LYS F 447 -20.24 -19.00 7.75
C LYS F 447 -21.34 -18.43 8.64
N GLN F 448 -21.43 -18.96 9.86
CA GLN F 448 -22.33 -18.38 10.85
C GLN F 448 -21.87 -16.98 11.21
N TRP F 449 -22.82 -16.05 11.24
CA TRP F 449 -22.52 -14.63 11.50
C TRP F 449 -22.43 -14.40 13.00
N THR F 450 -21.40 -14.97 13.60
CA THR F 450 -21.13 -14.85 15.03
C THR F 450 -19.73 -14.28 15.23
N ALA F 451 -19.31 -14.18 16.50
CA ALA F 451 -18.00 -13.67 16.82
C ALA F 451 -16.87 -14.62 16.43
N SER F 452 -17.19 -15.87 16.12
CA SER F 452 -16.17 -16.83 15.72
C SER F 452 -15.76 -16.72 14.26
N ASN F 453 -16.53 -15.97 13.46
CA ASN F 453 -16.26 -15.90 12.03
C ASN F 453 -16.03 -14.48 11.51
N THR F 454 -16.35 -13.45 12.29
CA THR F 454 -16.12 -12.10 11.84
C THR F 454 -14.63 -11.81 11.73
N GLN F 455 -14.28 -10.90 10.83
CA GLN F 455 -12.88 -10.51 10.61
C GLN F 455 -12.79 -8.98 10.66
N PHE F 456 -12.23 -8.46 11.75
CA PHE F 456 -12.13 -7.03 11.94
C PHE F 456 -11.23 -6.40 10.88
N GLU F 457 -11.61 -5.20 10.43
CA GLU F 457 -10.87 -4.51 9.40
C GLU F 457 -9.69 -3.70 9.94
N GLY F 458 -9.59 -3.52 11.25
CA GLY F 458 -8.45 -2.91 11.87
C GLY F 458 -8.70 -1.57 12.50
N GLY F 459 -9.91 -1.04 12.40
CA GLY F 459 -10.19 0.27 12.95
C GLY F 459 -9.63 1.38 12.08
N MET F 460 -9.97 2.60 12.46
CA MET F 460 -9.59 3.77 11.69
C MET F 460 -9.26 4.90 12.64
N GLY F 461 -7.98 5.25 12.74
CA GLY F 461 -7.55 6.37 13.54
C GLY F 461 -7.22 7.56 12.67
N ILE F 462 -7.96 8.65 12.82
CA ILE F 462 -7.81 9.83 11.97
C ILE F 462 -7.12 10.91 12.78
N ASP F 463 -5.93 11.30 12.35
CA ASP F 463 -5.16 12.36 12.99
C ASP F 463 -5.50 13.67 12.31
N ALA F 464 -6.53 14.35 12.81
CA ALA F 464 -6.96 15.64 12.27
C ALA F 464 -6.42 16.81 13.08
N THR F 465 -5.25 16.65 13.68
CA THR F 465 -4.65 17.71 14.47
C THR F 465 -3.77 18.59 13.59
N VAL F 466 -3.47 19.78 14.10
CA VAL F 466 -2.58 20.72 13.42
C VAL F 466 -1.14 20.34 13.76
N PRO F 467 -0.25 20.25 12.78
CA PRO F 467 1.16 19.98 13.09
C PRO F 467 1.76 21.11 13.91
N TYR F 468 2.62 20.74 14.86
CA TYR F 468 3.23 21.74 15.72
C TYR F 468 4.13 22.67 14.90
N GLY F 469 4.07 23.97 15.20
CA GLY F 469 4.81 24.96 14.47
C GLY F 469 4.08 25.53 13.27
N TYR F 470 2.90 25.02 12.95
CA TYR F 470 2.08 25.53 11.86
C TYR F 470 0.76 26.07 12.38
N GLU F 471 0.74 26.50 13.63
CA GLU F 471 -0.49 27.01 14.23
C GLU F 471 -0.91 28.34 13.64
N SER F 472 0.02 29.07 13.04
CA SER F 472 -0.35 30.34 12.40
C SER F 472 -1.01 30.11 11.04
N ASP F 473 -0.58 29.05 10.33
CA ASP F 473 -1.16 28.76 9.03
C ASP F 473 -2.51 28.07 9.16
N PHE F 474 -2.73 27.33 10.25
CA PHE F 474 -4.01 26.66 10.50
C PHE F 474 -4.88 27.42 11.48
N HIS F 475 -4.77 28.75 11.47
CA HIS F 475 -5.47 29.56 12.46
C HIS F 475 -6.88 29.92 11.98
N ARG F 476 -7.89 29.50 12.74
CA ARG F 476 -9.27 29.95 12.56
C ARG F 476 -9.43 31.31 13.20
N PRO F 477 -9.44 32.39 12.41
CA PRO F 477 -8.89 33.65 12.93
C PRO F 477 -9.59 34.26 14.13
N VAL F 478 -10.67 35.00 13.91
CA VAL F 478 -11.76 35.24 14.85
C VAL F 478 -12.65 36.29 14.20
N TYR F 479 -13.95 36.24 14.42
CA TYR F 479 -14.70 37.43 14.05
C TYR F 479 -14.98 38.26 15.28
N GLY F 480 -15.11 39.58 15.07
CA GLY F 480 -15.27 40.50 16.17
C GLY F 480 -16.66 40.48 16.78
N VAL F 481 -17.05 39.33 17.35
CA VAL F 481 -18.37 39.19 17.94
C VAL F 481 -18.45 39.77 19.36
N ASP F 482 -17.32 40.11 19.95
CA ASP F 482 -17.28 40.72 21.27
C ASP F 482 -17.06 42.22 21.21
N LEU F 483 -16.78 42.77 20.02
CA LEU F 483 -16.48 44.17 19.85
C LEU F 483 -17.70 45.00 19.49
N VAL F 484 -18.84 44.37 19.25
CA VAL F 484 -20.05 45.07 18.85
C VAL F 484 -21.22 44.50 19.63
N LYS F 485 -22.17 45.35 20.00
CA LYS F 485 -23.31 44.94 20.79
C LYS F 485 -24.58 45.09 19.99
N PRO F 486 -25.33 44.01 19.78
CA PRO F 486 -26.54 44.11 18.94
C PRO F 486 -27.60 45.03 19.50
N GLU F 487 -27.59 45.28 20.81
CA GLU F 487 -28.60 46.18 21.39
C GLU F 487 -28.42 47.61 20.89
N ASN F 488 -27.20 47.99 20.51
CA ASN F 488 -26.97 49.34 20.02
C ASN F 488 -27.58 49.55 18.64
N PHE F 489 -27.86 48.46 17.92
CA PHE F 489 -28.33 48.56 16.54
C PHE F 489 -29.79 48.14 16.37
N PHE F 490 -30.21 47.08 17.03
CA PHE F 490 -31.57 46.58 16.92
C PHE F 490 -32.23 46.53 18.29
N ASP F 491 -33.55 46.39 18.29
CA ASP F 491 -34.32 46.22 19.51
C ASP F 491 -34.36 44.74 19.89
N ALA F 492 -34.92 44.47 21.08
CA ALA F 492 -34.91 43.11 21.60
C ALA F 492 -35.74 42.18 20.74
N LYS F 493 -36.81 42.69 20.14
CA LYS F 493 -37.71 41.88 19.35
C LYS F 493 -37.01 41.30 18.12
N ASP F 494 -36.29 42.15 17.37
CA ASP F 494 -35.61 41.69 16.18
C ASP F 494 -34.44 40.76 16.54
N ILE F 495 -33.77 41.07 17.65
CA ILE F 495 -32.66 40.21 18.09
C ILE F 495 -33.18 38.82 18.44
N ASP F 496 -34.31 38.74 19.13
CA ASP F 496 -34.88 37.43 19.44
C ASP F 496 -35.33 36.70 18.18
N LYS F 497 -35.89 37.42 17.20
CA LYS F 497 -36.26 36.76 15.95
C LYS F 497 -35.03 36.15 15.27
N MET F 498 -33.98 36.96 15.09
CA MET F 498 -32.77 36.48 14.43
C MET F 498 -32.14 35.33 15.19
N LYS F 499 -32.13 35.41 16.52
CA LYS F 499 -31.57 34.32 17.32
C LYS F 499 -32.42 33.06 17.22
N SER F 500 -33.74 33.21 17.13
CA SER F 500 -34.61 32.04 17.02
C SER F 500 -34.43 31.34 15.68
N ARG F 501 -34.03 32.08 14.65
CA ARG F 501 -33.80 31.43 13.37
C ARG F 501 -32.46 30.69 13.29
N MET F 502 -31.67 30.67 14.36
CA MET F 502 -30.34 30.07 14.33
C MET F 502 -30.35 28.70 14.99
N ALA F 503 -29.61 27.76 14.40
CA ALA F 503 -29.48 26.42 14.95
C ALA F 503 -28.32 25.70 14.27
N GLY F 504 -27.68 24.81 15.02
CA GLY F 504 -26.63 23.98 14.46
C GLY F 504 -25.22 24.51 14.65
N TRP F 505 -24.42 24.44 13.58
CA TRP F 505 -23.03 24.88 13.67
C TRP F 505 -22.93 26.38 13.93
N VAL F 506 -23.93 27.14 13.50
CA VAL F 506 -23.88 28.59 13.67
C VAL F 506 -23.92 28.98 15.14
N LEU F 507 -24.53 28.14 15.98
CA LEU F 507 -24.56 28.42 17.40
C LEU F 507 -23.16 28.33 18.01
N SER F 508 -22.37 27.36 17.53
CA SER F 508 -20.99 27.23 18.01
C SER F 508 -20.11 28.32 17.40
N LEU F 509 -20.33 28.63 16.12
CA LEU F 509 -19.48 29.62 15.46
C LEU F 509 -19.72 31.02 16.00
N ALA F 510 -20.99 31.37 16.24
CA ALA F 510 -21.32 32.72 16.70
C ALA F 510 -20.76 32.98 18.10
N ARG F 511 -20.80 31.75 19.19
CA ARG F 511 -20.26 31.88 20.55
C ARG F 511 -18.79 32.25 20.52
N THR F 512 -18.01 31.57 19.67
CA THR F 512 -16.58 31.82 19.57
C THR F 512 -16.23 32.85 18.50
N GLY F 513 -17.17 33.27 17.69
CA GLY F 513 -16.87 34.15 16.57
C GLY F 513 -15.89 33.53 15.60
N ARG F 514 -15.95 32.22 15.43
CA ARG F 514 -14.96 31.50 14.66
C ARG F 514 -15.56 30.85 13.42
#